data_7WE8
#
_entry.id   7WE8
#
_cell.length_a   1.00
_cell.length_b   1.00
_cell.length_c   1.00
_cell.angle_alpha   90.00
_cell.angle_beta   90.00
_cell.angle_gamma   90.00
#
_symmetry.space_group_name_H-M   'P 1'
#
loop_
_entity.id
_entity.type
_entity.pdbx_description
1 polymer 'Spike glycoprotein'
2 polymer 'Heavy chain of Fab 265'
3 polymer 'Light chain of Fab 265'
4 branched 2-acetamido-2-deoxy-beta-D-glucopyranose-(1-4)-2-acetamido-2-deoxy-beta-D-glucopyranose
5 branched beta-D-mannopyranose-(1-4)-2-acetamido-2-deoxy-beta-D-glucopyranose-(1-4)-2-acetamido-2-deoxy-beta-D-glucopyranose
6 non-polymer 2-acetamido-2-deoxy-beta-D-glucopyranose
#
loop_
_entity_poly.entity_id
_entity_poly.type
_entity_poly.pdbx_seq_one_letter_code
_entity_poly.pdbx_strand_id
1 'polypeptide(L)'
;MFVFLVLLPLVSSQCVNLTTRTQLPPAYTNSFTRGVYYPDKVFRSSVLHSTQDLFLPFFSNVTWFHVISGTNGTKRFDNP
VLPFNDGVYFASIEKSNIIRGWIFGTTLDSKTQSLLIVNNATNVVIKVCEFQFCNDPFLDHKNNKSWMESEFRVYSSANN
CTFEYVSQPFLMDLEGKQGNFKNLREFVFKNIDGYFKIYSKHTPILVREPEDLPQGFSALEPLVDLPIGINITRFQTLLA
LHRSYLTPGDSSSGWTAGAAAYYVGYLQPRTFLLKYNENGTITDAVDCALDPLSETKCTLKSFTVEKGIYQTSNFRVQPT
ESIVRFPNITNLCPFDEVFNATRFASVYAWNRKRISNCVADYSVLYNLAPFFTFKCYGVSPTKLNDLCFTNVYADSFVIR
GDEVRQIAPGQTGNIADYNYKLPDDFTGCVIAWNSNKLDSKVSGNYNYLYRLFRKSNLKPFERDISTEIYQAGNKPCNGV
AGFNCYFPLRSYSFRPTYGVGHQPYRVVVLSFELLHAPATVCGPKKSTNLVKNKCVNFNFNGLKGTGVLTESNKKFLPFQ
QFGRDIADTTDAVRDPQTLEILDITPCSFGGVSVITPGTNTSNQVAVLYQGVNCTEVPVAIHADQLTPTWRVYSTGSNVF
QTRAGCLIGAEYVNNSYECDIPIGAGICASYQTQTKSHRRARSVASQSIIAYTMSLGAENSVAYSNNSIAIPTNFTISVT
TEILPVSMTKTSVDCTMYICGDSTECSNLLLQYGSFCTQLKRALTGIAVEQDKNTQEVFAQVKQIYKTPPIKYFGGFNFS
QILPDPSKPSKRSFIEDLLFNKVTLADAGFIKQYGDCLGDIAARDLICAQKFKGLTVLPPLLTDEMIAQYTSALLAGTIT
SGWTFGAGAALQIPFAMQMAYRFNGIGVTQNVLYENQKLIANQFNSAIGKIQDSLSSTASALGKLQDVVNHNAQALNTLV
KQLSSKFGAISSVLNDIFSRLDKVEAEVQIDRLITGRLQSLQTYVTQQLIRAAEIRASANLAATKMSECVLGQSKRVDFC
GKGYHLMSFPQSAPHGVVFLHVTYVPAQEKNFTTAPAICHDGKAHFPREGVFVSNGTHWFVTQRNFYEPQIITTDNTFVS
GNCDVVIGIVNNTVYDPLQPELDSFKEELDKYFKNHTSPDVDLGDISGINASVVNIQKEIDRLNEVAKNLNESLIDLQEL
GKYEQYIKWPWYIWLGFIAGLIAIVMVTIMLCCMTSCCSCLKGCCSCGSCCKFDEDDSEPVLKGVKLHYT
;
A,B,C
2 'polypeptide(L)'
;QITLKESGPTLVKPTQTLTLTCNFSGFSLNTYGVGVGWIRQPPGKALEWLALIYWDGDERYGPFFKNKVTIAKDTSKNQV
VLTMTNMDPVDTATYYCARHLIPTIFDYWGQGTLVTVSS
;
H
3 'polypeptide(L)'
;SALTQPASVSGSPGQSITISCTGTSSDVGGSNYVSWYQHHPDRAPKLLIYEVTNRPSGVSNRFSGSKSANTASLTISGLQ
AEDEADYYCSSYTTTSTHILFGGGTKLTV
;
L
#
# COMPACT_ATOMS: atom_id res chain seq x y z
N GLN A 14 -53.14 -47.27 -0.32
CA GLN A 14 -54.59 -47.14 -0.17
C GLN A 14 -54.98 -45.72 0.22
N CYS A 15 -56.02 -45.19 -0.44
CA CYS A 15 -56.49 -43.83 -0.19
C CYS A 15 -57.98 -43.78 -0.45
N VAL A 16 -58.59 -42.69 0.03
CA VAL A 16 -60.02 -42.43 -0.17
C VAL A 16 -60.16 -41.05 -0.79
N ASN A 17 -60.98 -40.96 -1.84
CA ASN A 17 -61.27 -39.67 -2.47
C ASN A 17 -62.23 -38.86 -1.60
N LEU A 18 -61.67 -38.11 -0.64
CA LEU A 18 -62.51 -37.27 0.20
C LEU A 18 -63.24 -36.21 -0.62
N THR A 19 -62.53 -35.58 -1.55
CA THR A 19 -63.08 -34.53 -2.42
C THR A 19 -63.79 -33.45 -1.59
N THR A 20 -64.93 -32.98 -2.09
CA THR A 20 -65.76 -31.94 -1.46
C THR A 20 -64.91 -30.88 -0.77
N ARG A 21 -63.91 -30.38 -1.50
CA ARG A 21 -62.88 -29.54 -0.93
C ARG A 21 -63.44 -28.21 -0.44
N THR A 22 -63.50 -28.05 0.89
CA THR A 22 -63.87 -26.78 1.51
C THR A 22 -62.66 -25.85 1.55
N GLN A 23 -62.18 -25.50 0.36
CA GLN A 23 -60.96 -24.71 0.21
C GLN A 23 -61.29 -23.23 0.44
N LEU A 24 -60.96 -22.73 1.63
CA LEU A 24 -61.10 -21.33 1.95
C LEU A 24 -59.88 -20.55 1.47
N PRO A 25 -60.02 -19.24 1.26
CA PRO A 25 -58.87 -18.44 0.83
C PRO A 25 -57.74 -18.49 1.85
N PRO A 26 -56.49 -18.45 1.40
CA PRO A 26 -55.36 -18.59 2.33
C PRO A 26 -55.33 -17.45 3.34
N ALA A 27 -54.96 -17.78 4.57
CA ALA A 27 -54.76 -16.75 5.58
C ALA A 27 -53.37 -16.15 5.44
N TYR A 28 -53.26 -14.86 5.77
CA TYR A 28 -51.98 -14.17 5.72
C TYR A 28 -51.78 -13.37 7.00
N THR A 29 -50.60 -13.52 7.61
CA THR A 29 -50.28 -12.85 8.86
C THR A 29 -48.92 -12.19 8.75
N ASN A 30 -48.72 -11.10 9.49
CA ASN A 30 -47.42 -10.45 9.50
C ASN A 30 -46.51 -11.07 10.58
N SER A 31 -45.29 -11.37 10.19
CA SER A 31 -44.33 -12.06 11.05
C SER A 31 -43.50 -11.00 11.80
N PHE A 32 -43.74 -10.87 13.10
CA PHE A 32 -43.18 -9.76 13.86
C PHE A 32 -41.69 -9.95 14.12
N THR A 33 -41.32 -11.01 14.86
CA THR A 33 -39.92 -11.18 15.22
C THR A 33 -39.43 -12.63 15.04
N ARG A 34 -40.13 -13.46 14.29
CA ARG A 34 -39.73 -14.84 14.11
C ARG A 34 -38.62 -14.94 13.07
N GLY A 35 -37.96 -16.09 13.05
CA GLY A 35 -36.91 -16.36 12.08
C GLY A 35 -35.49 -16.18 12.57
N VAL A 36 -35.29 -15.96 13.87
CA VAL A 36 -33.97 -15.77 14.44
C VAL A 36 -33.51 -17.09 15.04
N TYR A 37 -32.22 -17.40 14.87
CA TYR A 37 -31.65 -18.62 15.41
C TYR A 37 -30.16 -18.36 15.67
N TYR A 38 -29.39 -19.43 15.84
CA TYR A 38 -27.95 -19.31 16.03
C TYR A 38 -27.26 -19.64 14.72
N PRO A 39 -26.75 -18.65 13.98
CA PRO A 39 -26.15 -18.96 12.67
C PRO A 39 -24.85 -19.73 12.75
N ASP A 40 -24.13 -19.62 13.85
CA ASP A 40 -22.82 -20.24 13.98
C ASP A 40 -22.75 -21.06 15.25
N LYS A 41 -21.83 -22.03 15.25
CA LYS A 41 -21.55 -22.87 16.40
C LYS A 41 -20.44 -22.26 17.26
N VAL A 42 -20.62 -20.98 17.61
CA VAL A 42 -19.58 -20.18 18.24
C VAL A 42 -20.18 -19.45 19.45
N PHE A 43 -19.37 -19.32 20.50
CA PHE A 43 -19.77 -18.64 21.72
C PHE A 43 -19.32 -17.19 21.69
N ARG A 44 -20.27 -16.27 21.89
CA ARG A 44 -19.99 -14.85 22.00
C ARG A 44 -20.76 -14.30 23.20
N SER A 45 -20.11 -13.43 23.97
CA SER A 45 -20.65 -12.96 25.24
C SER A 45 -20.74 -11.44 25.23
N SER A 46 -21.97 -10.92 25.31
CA SER A 46 -22.22 -9.49 25.45
C SER A 46 -21.58 -8.68 24.32
N VAL A 47 -21.78 -9.13 23.09
CA VAL A 47 -21.24 -8.47 21.91
C VAL A 47 -22.36 -8.31 20.89
N LEU A 48 -22.44 -7.11 20.30
CA LEU A 48 -23.34 -6.85 19.19
C LEU A 48 -22.66 -7.30 17.90
N HIS A 49 -23.25 -8.30 17.24
CA HIS A 49 -22.60 -8.93 16.09
C HIS A 49 -23.50 -8.82 14.86
N SER A 50 -22.93 -8.38 13.76
CA SER A 50 -23.64 -8.26 12.50
C SER A 50 -23.36 -9.48 11.62
N THR A 51 -24.40 -10.03 11.02
CA THR A 51 -24.27 -11.24 10.22
C THR A 51 -25.20 -11.13 9.02
N GLN A 52 -24.90 -11.90 7.98
CA GLN A 52 -25.78 -12.02 6.83
C GLN A 52 -25.98 -13.51 6.52
N ASP A 53 -27.22 -13.88 6.22
CA ASP A 53 -27.57 -15.27 5.99
C ASP A 53 -28.87 -15.31 5.20
N LEU A 54 -29.50 -16.49 5.17
CA LEU A 54 -30.87 -16.64 4.68
C LEU A 54 -31.81 -16.44 5.87
N PHE A 55 -32.65 -15.42 5.79
CA PHE A 55 -33.49 -15.05 6.92
C PHE A 55 -34.92 -14.79 6.47
N LEU A 56 -35.81 -14.70 7.46
CA LEU A 56 -37.20 -14.34 7.27
C LEU A 56 -37.39 -12.89 7.69
N PRO A 57 -37.71 -11.99 6.77
CA PRO A 57 -37.86 -10.58 7.14
C PRO A 57 -39.03 -10.36 8.08
N PHE A 58 -38.90 -9.35 8.93
CA PHE A 58 -39.97 -9.01 9.86
C PHE A 58 -41.16 -8.42 9.11
N PHE A 59 -42.35 -8.63 9.67
CA PHE A 59 -43.61 -8.14 9.10
C PHE A 59 -43.84 -8.69 7.69
N SER A 60 -43.34 -9.88 7.43
CA SER A 60 -43.59 -10.55 6.16
C SER A 60 -44.91 -11.31 6.22
N ASN A 61 -45.44 -11.65 5.04
CA ASN A 61 -46.74 -12.30 4.94
C ASN A 61 -46.56 -13.81 5.02
N VAL A 62 -46.56 -14.33 6.24
CA VAL A 62 -46.58 -15.76 6.47
C VAL A 62 -47.96 -16.30 6.10
N THR A 63 -47.98 -17.44 5.41
CA THR A 63 -49.23 -18.03 4.93
C THR A 63 -49.74 -19.03 5.96
N TRP A 64 -50.96 -18.81 6.43
CA TRP A 64 -51.55 -19.57 7.52
C TRP A 64 -52.76 -20.35 7.00
N PHE A 65 -52.77 -21.65 7.30
CA PHE A 65 -53.90 -22.53 7.02
C PHE A 65 -54.44 -23.10 8.32
N HIS A 66 -55.76 -23.13 8.43
CA HIS A 66 -56.47 -23.66 9.59
C HIS A 66 -57.38 -24.80 9.15
N VAL A 67 -57.35 -25.89 9.90
CA VAL A 67 -58.17 -27.07 9.64
C VAL A 67 -59.13 -27.25 10.81
N ILE A 68 -60.41 -27.46 10.52
CA ILE A 68 -61.41 -27.70 11.55
C ILE A 68 -62.12 -29.03 11.29
N LYS A 75 -66.05 -31.62 7.49
CA LYS A 75 -66.46 -30.24 7.25
C LYS A 75 -65.32 -29.42 6.67
N ARG A 76 -64.64 -28.69 7.53
CA ARG A 76 -63.52 -27.84 7.11
C ARG A 76 -62.25 -28.67 7.04
N PHE A 77 -61.53 -28.56 5.92
CA PHE A 77 -60.30 -29.32 5.74
C PHE A 77 -59.44 -28.57 4.72
N ASP A 78 -58.36 -27.94 5.20
CA ASP A 78 -57.51 -27.08 4.38
C ASP A 78 -56.05 -27.48 4.60
N ASN A 79 -55.56 -28.38 3.75
CA ASN A 79 -54.15 -28.77 3.78
C ASN A 79 -53.65 -29.12 2.39
N PRO A 80 -53.68 -28.18 1.44
CA PRO A 80 -53.22 -28.49 0.09
C PRO A 80 -51.71 -28.32 -0.04
N VAL A 81 -51.20 -28.77 -1.19
CA VAL A 81 -49.79 -28.59 -1.49
C VAL A 81 -49.49 -27.13 -1.74
N LEU A 82 -48.31 -26.68 -1.31
CA LEU A 82 -47.91 -25.28 -1.42
C LEU A 82 -46.51 -25.19 -2.02
N PRO A 83 -46.21 -24.11 -2.73
CA PRO A 83 -44.91 -24.01 -3.42
C PRO A 83 -43.78 -23.66 -2.46
N PHE A 84 -42.68 -24.40 -2.59
CA PHE A 84 -41.47 -24.19 -1.78
C PHE A 84 -40.47 -23.33 -2.55
N ASN A 85 -39.70 -22.53 -1.81
CA ASN A 85 -38.63 -21.74 -2.43
C ASN A 85 -37.62 -21.34 -1.37
N ASP A 86 -36.43 -21.95 -1.44
CA ASP A 86 -35.23 -21.50 -0.74
C ASP A 86 -35.46 -21.37 0.77
N GLY A 87 -35.72 -22.52 1.39
CA GLY A 87 -35.83 -22.57 2.84
C GLY A 87 -37.17 -22.08 3.35
N VAL A 88 -37.69 -22.71 4.41
CA VAL A 88 -38.99 -22.37 4.95
C VAL A 88 -38.93 -22.30 6.46
N TYR A 89 -39.88 -21.57 7.03
CA TYR A 89 -40.10 -21.48 8.47
C TYR A 89 -41.51 -21.99 8.75
N PHE A 90 -41.60 -23.09 9.47
CA PHE A 90 -42.88 -23.73 9.77
C PHE A 90 -43.23 -23.50 11.24
N ALA A 91 -44.46 -23.05 11.48
CA ALA A 91 -44.97 -22.86 12.84
C ALA A 91 -46.26 -23.65 12.97
N SER A 92 -46.37 -24.43 14.04
CA SER A 92 -47.57 -25.19 14.35
C SER A 92 -48.06 -24.78 15.72
N ILE A 93 -49.30 -24.31 15.79
CA ILE A 93 -49.91 -23.88 17.04
C ILE A 93 -50.95 -24.93 17.40
N GLU A 94 -50.65 -25.73 18.42
CA GLU A 94 -51.45 -26.91 18.72
C GLU A 94 -51.57 -27.11 20.22
N LYS A 95 -52.54 -27.94 20.59
CA LYS A 95 -52.73 -28.41 21.96
C LYS A 95 -52.98 -29.91 22.04
N SER A 96 -53.33 -30.56 20.92
CA SER A 96 -53.71 -31.97 20.94
C SER A 96 -52.97 -32.82 19.91
N ASN A 97 -51.84 -32.33 19.38
CA ASN A 97 -50.98 -33.10 18.47
C ASN A 97 -51.75 -33.53 17.22
N ILE A 98 -52.13 -32.52 16.44
CA ILE A 98 -52.81 -32.77 15.17
C ILE A 98 -51.82 -32.97 14.03
N ILE A 99 -50.86 -32.06 13.89
CA ILE A 99 -49.90 -32.12 12.79
C ILE A 99 -48.85 -33.19 13.10
N ARG A 100 -48.65 -34.10 12.15
CA ARG A 100 -47.74 -35.22 12.35
C ARG A 100 -46.50 -35.17 11.46
N GLY A 101 -46.51 -34.39 10.39
CA GLY A 101 -45.36 -34.36 9.51
C GLY A 101 -45.52 -33.37 8.37
N TRP A 102 -44.71 -33.58 7.35
CA TRP A 102 -44.59 -32.66 6.23
C TRP A 102 -44.30 -33.41 4.93
N ILE A 103 -44.75 -32.82 3.83
CA ILE A 103 -44.46 -33.26 2.48
C ILE A 103 -43.68 -32.14 1.80
N PHE A 104 -42.65 -32.49 1.03
CA PHE A 104 -41.83 -31.51 0.34
C PHE A 104 -41.37 -32.11 -0.98
N GLY A 105 -41.03 -31.25 -1.92
CA GLY A 105 -40.49 -31.72 -3.18
C GLY A 105 -40.76 -30.74 -4.30
N THR A 106 -40.83 -31.26 -5.52
CA THR A 106 -41.05 -30.45 -6.71
C THR A 106 -42.25 -30.91 -7.54
N THR A 107 -42.44 -32.21 -7.69
CA THR A 107 -43.53 -32.75 -8.50
C THR A 107 -44.39 -33.76 -7.75
N LEU A 108 -43.79 -34.55 -6.85
CA LEU A 108 -44.54 -35.41 -5.94
C LEU A 108 -45.35 -36.47 -6.68
N ASP A 109 -44.92 -36.86 -7.89
CA ASP A 109 -45.73 -37.71 -8.76
C ASP A 109 -44.92 -38.90 -9.26
N SER A 110 -44.22 -39.58 -8.35
CA SER A 110 -43.55 -40.86 -8.59
C SER A 110 -42.42 -40.78 -9.60
N LYS A 111 -41.97 -39.58 -9.97
CA LYS A 111 -40.85 -39.42 -10.88
C LYS A 111 -39.68 -38.66 -10.30
N THR A 112 -39.91 -37.78 -9.32
CA THR A 112 -38.84 -37.06 -8.65
C THR A 112 -38.87 -37.38 -7.16
N GLN A 113 -37.68 -37.51 -6.57
CA GLN A 113 -37.59 -37.80 -5.14
C GLN A 113 -38.21 -36.66 -4.34
N SER A 114 -38.81 -37.02 -3.21
CA SER A 114 -39.59 -36.06 -2.44
C SER A 114 -39.42 -36.33 -0.95
N LEU A 115 -39.40 -35.25 -0.18
CA LEU A 115 -39.22 -35.34 1.26
C LEU A 115 -40.54 -35.68 1.96
N LEU A 116 -40.46 -36.62 2.90
CA LEU A 116 -41.59 -37.00 3.73
C LEU A 116 -41.10 -37.12 5.16
N ILE A 117 -41.71 -36.36 6.06
CA ILE A 117 -41.37 -36.41 7.49
C ILE A 117 -42.64 -36.77 8.25
N VAL A 118 -42.53 -37.76 9.15
CA VAL A 118 -43.68 -38.20 9.94
C VAL A 118 -43.23 -38.47 11.36
N ASN A 119 -44.04 -38.05 12.33
CA ASN A 119 -43.82 -38.33 13.74
C ASN A 119 -45.11 -38.81 14.42
N ASN A 120 -45.89 -39.63 13.70
CA ASN A 120 -47.24 -39.95 14.15
C ASN A 120 -47.25 -40.65 15.51
N ALA A 121 -46.68 -41.84 15.59
CA ALA A 121 -46.82 -42.66 16.80
C ALA A 121 -45.48 -42.98 17.46
N THR A 122 -44.57 -43.65 16.77
CA THR A 122 -43.42 -44.28 17.43
C THR A 122 -42.19 -43.38 17.45
N ASN A 123 -41.70 -43.01 16.27
CA ASN A 123 -40.42 -42.31 16.15
C ASN A 123 -40.56 -41.23 15.08
N VAL A 124 -39.46 -40.56 14.76
CA VAL A 124 -39.42 -39.65 13.63
C VAL A 124 -38.88 -40.40 12.42
N VAL A 125 -39.56 -40.30 11.30
CA VAL A 125 -39.16 -40.96 10.06
C VAL A 125 -39.05 -39.90 8.98
N ILE A 126 -37.94 -39.94 8.22
CA ILE A 126 -37.71 -39.03 7.12
C ILE A 126 -37.25 -39.84 5.91
N LYS A 127 -37.95 -39.66 4.79
CA LYS A 127 -37.62 -40.34 3.55
C LYS A 127 -37.57 -39.34 2.41
N VAL A 128 -36.79 -39.68 1.38
CA VAL A 128 -36.74 -38.91 0.14
C VAL A 128 -36.95 -39.91 -0.99
N CYS A 129 -38.15 -39.93 -1.55
CA CYS A 129 -38.52 -40.92 -2.54
C CYS A 129 -39.62 -40.38 -3.43
N GLU A 130 -39.74 -40.97 -4.62
CA GLU A 130 -40.73 -40.55 -5.61
C GLU A 130 -42.02 -41.34 -5.42
N PHE A 131 -42.83 -40.86 -4.49
CA PHE A 131 -44.10 -41.49 -4.20
C PHE A 131 -45.17 -41.10 -5.22
N GLN A 132 -46.13 -42.00 -5.44
CA GLN A 132 -47.30 -41.71 -6.26
C GLN A 132 -48.47 -41.48 -5.30
N PHE A 133 -48.54 -40.24 -4.79
CA PHE A 133 -49.60 -39.88 -3.87
C PHE A 133 -50.96 -39.89 -4.57
N CYS A 134 -51.99 -40.17 -3.80
CA CYS A 134 -53.36 -40.18 -4.31
C CYS A 134 -53.89 -38.75 -4.35
N ASN A 135 -55.18 -38.60 -4.66
CA ASN A 135 -55.77 -37.27 -4.71
C ASN A 135 -55.78 -36.61 -3.35
N ASP A 136 -56.31 -37.31 -2.33
CA ASP A 136 -56.42 -36.78 -0.97
C ASP A 136 -55.97 -37.82 0.04
N PRO A 137 -54.66 -38.04 0.16
CA PRO A 137 -54.17 -38.87 1.27
C PRO A 137 -54.38 -38.18 2.61
N PHE A 138 -54.65 -38.98 3.64
CA PHE A 138 -54.87 -38.45 4.97
C PHE A 138 -54.56 -39.50 6.01
N LEU A 139 -54.42 -39.06 7.28
CA LEU A 139 -54.10 -40.01 8.37
C LEU A 139 -55.35 -40.20 9.24
N ASP A 140 -56.02 -39.10 9.60
CA ASP A 140 -57.28 -39.20 10.41
C ASP A 140 -58.43 -39.59 9.50
N HIS A 141 -59.34 -38.65 9.22
CA HIS A 141 -60.66 -38.98 8.64
C HIS A 141 -61.10 -40.33 9.19
N LYS A 142 -61.19 -40.46 10.51
CA LYS A 142 -61.59 -41.74 11.15
C LYS A 142 -62.91 -41.53 11.91
N ASN A 143 -63.76 -42.56 11.95
CA ASN A 143 -65.05 -42.44 12.61
C ASN A 143 -64.90 -42.17 14.10
N ASN A 144 -63.94 -42.82 14.75
CA ASN A 144 -63.75 -42.65 16.19
C ASN A 144 -63.33 -41.23 16.51
N LYS A 145 -63.85 -40.70 17.61
CA LYS A 145 -63.47 -39.36 18.05
C LYS A 145 -61.99 -39.30 18.41
N SER A 146 -61.50 -40.31 19.14
CA SER A 146 -60.07 -40.39 19.40
C SER A 146 -59.29 -40.63 18.11
N TRP A 147 -59.90 -41.35 17.17
CA TRP A 147 -59.44 -41.58 15.80
C TRP A 147 -58.11 -42.32 15.73
N MET A 148 -57.70 -42.71 14.53
CA MET A 148 -56.51 -43.50 14.31
C MET A 148 -55.89 -43.11 12.97
N GLU A 149 -54.72 -43.66 12.71
CA GLU A 149 -54.02 -43.39 11.45
C GLU A 149 -54.61 -44.20 10.30
N SER A 150 -55.85 -43.87 9.92
CA SER A 150 -56.49 -44.53 8.79
C SER A 150 -55.71 -44.27 7.51
N GLU A 151 -55.59 -45.31 6.68
CA GLU A 151 -54.79 -45.26 5.47
C GLU A 151 -53.35 -44.85 5.80
N PHE A 152 -52.69 -45.71 6.57
CA PHE A 152 -51.37 -45.38 7.11
C PHE A 152 -50.36 -45.11 6.01
N ARG A 153 -50.26 -46.00 5.03
CA ARG A 153 -49.28 -45.85 3.95
C ARG A 153 -49.89 -44.97 2.87
N VAL A 154 -49.74 -43.65 3.03
CA VAL A 154 -50.29 -42.70 2.08
C VAL A 154 -49.66 -42.85 0.70
N TYR A 155 -48.45 -43.39 0.63
CA TYR A 155 -47.76 -43.60 -0.64
C TYR A 155 -47.95 -45.05 -1.07
N SER A 156 -48.33 -45.24 -2.34
CA SER A 156 -48.63 -46.57 -2.85
C SER A 156 -47.43 -47.28 -3.45
N SER A 157 -46.30 -46.61 -3.62
CA SER A 157 -45.15 -47.23 -4.27
C SER A 157 -43.88 -46.47 -3.89
N ALA A 158 -42.75 -47.11 -4.19
CA ALA A 158 -41.43 -46.51 -3.99
C ALA A 158 -40.54 -47.05 -5.12
N ASN A 159 -40.39 -46.25 -6.19
CA ASN A 159 -39.75 -46.74 -7.41
C ASN A 159 -38.28 -47.03 -7.19
N ASN A 160 -37.49 -46.00 -6.89
CA ASN A 160 -36.05 -46.17 -6.68
C ASN A 160 -35.52 -45.07 -5.75
N CYS A 161 -35.35 -45.43 -4.48
CA CYS A 161 -34.95 -44.48 -3.47
C CYS A 161 -34.25 -45.20 -2.33
N THR A 162 -33.21 -44.56 -1.79
CA THR A 162 -32.42 -45.14 -0.71
C THR A 162 -32.15 -44.08 0.37
N PHE A 163 -32.95 -43.02 0.39
CA PHE A 163 -32.75 -41.90 1.32
C PHE A 163 -33.78 -42.09 2.45
N GLU A 164 -33.39 -42.81 3.49
CA GLU A 164 -34.30 -43.10 4.59
C GLU A 164 -33.56 -42.95 5.92
N TYR A 165 -34.30 -42.53 6.95
CA TYR A 165 -33.78 -42.60 8.31
C TYR A 165 -34.91 -42.51 9.30
N VAL A 166 -34.67 -43.06 10.49
CA VAL A 166 -35.61 -43.05 11.61
C VAL A 166 -34.82 -42.74 12.88
N SER A 167 -35.37 -41.89 13.73
CA SER A 167 -34.67 -41.45 14.93
C SER A 167 -35.68 -41.17 16.04
N GLN A 168 -35.17 -40.61 17.14
CA GLN A 168 -35.94 -40.45 18.37
C GLN A 168 -37.10 -39.49 18.17
N PRO A 169 -38.19 -39.67 18.92
CA PRO A 169 -39.39 -38.86 18.72
C PRO A 169 -39.23 -37.47 19.31
N PHE A 170 -40.28 -36.67 19.14
CA PHE A 170 -40.36 -35.31 19.66
C PHE A 170 -41.52 -35.20 20.63
N LEU A 171 -41.52 -34.12 21.41
CA LEU A 171 -42.61 -33.86 22.35
C LEU A 171 -43.93 -33.73 21.59
N MET A 172 -44.97 -34.41 22.08
CA MET A 172 -46.25 -34.44 21.41
C MET A 172 -47.36 -34.56 22.45
N ASP A 173 -48.60 -34.59 21.97
CA ASP A 173 -49.78 -34.62 22.82
C ASP A 173 -50.65 -35.82 22.44
N LEU A 174 -51.79 -35.94 23.13
CA LEU A 174 -52.70 -37.07 22.94
C LEU A 174 -54.13 -36.58 22.85
N GLU A 175 -55.00 -37.42 22.27
CA GLU A 175 -56.44 -37.21 22.21
C GLU A 175 -56.81 -36.03 21.31
N GLY A 176 -58.09 -35.96 20.92
CA GLY A 176 -58.57 -34.86 20.11
C GLY A 176 -59.13 -33.73 20.96
N LYS A 177 -58.39 -32.63 21.05
CA LYS A 177 -58.76 -31.48 21.87
C LYS A 177 -58.74 -30.22 21.02
N GLN A 178 -59.72 -29.35 21.25
CA GLN A 178 -59.90 -28.14 20.44
C GLN A 178 -59.81 -26.92 21.36
N GLY A 179 -59.05 -25.92 20.92
CA GLY A 179 -58.96 -24.66 21.63
C GLY A 179 -57.88 -24.65 22.70
N ASN A 180 -57.59 -23.45 23.18
CA ASN A 180 -56.61 -23.22 24.24
C ASN A 180 -55.25 -23.82 23.87
N PHE A 181 -54.78 -23.48 22.67
CA PHE A 181 -53.51 -23.97 22.16
C PHE A 181 -52.36 -23.52 23.04
N LYS A 182 -51.74 -24.46 23.76
CA LYS A 182 -50.66 -24.16 24.69
C LYS A 182 -49.29 -24.56 24.16
N ASN A 183 -49.20 -25.02 22.92
CA ASN A 183 -47.92 -25.41 22.33
C ASN A 183 -47.72 -24.71 21.00
N LEU A 184 -46.48 -24.29 20.74
CA LEU A 184 -46.15 -23.63 19.49
C LEU A 184 -44.78 -24.10 19.06
N ARG A 185 -44.71 -24.92 18.02
CA ARG A 185 -43.46 -25.48 17.53
C ARG A 185 -43.03 -24.72 16.29
N GLU A 186 -41.82 -24.15 16.31
CA GLU A 186 -41.29 -23.39 15.19
C GLU A 186 -40.00 -24.05 14.72
N PHE A 187 -39.98 -24.49 13.47
CA PHE A 187 -38.85 -25.13 12.85
C PHE A 187 -38.40 -24.29 11.65
N VAL A 188 -37.12 -24.37 11.32
CA VAL A 188 -36.60 -23.77 10.10
C VAL A 188 -35.88 -24.85 9.31
N PHE A 189 -36.22 -24.95 8.02
CA PHE A 189 -35.72 -25.96 7.11
C PHE A 189 -34.98 -25.22 5.99
N LYS A 190 -33.66 -25.26 6.00
CA LYS A 190 -32.87 -24.46 5.07
C LYS A 190 -32.05 -25.36 4.15
N ASN A 191 -31.86 -24.91 2.92
CA ASN A 191 -31.20 -25.69 1.88
C ASN A 191 -29.94 -24.95 1.41
N ILE A 192 -28.79 -25.31 1.99
CA ILE A 192 -27.50 -24.77 1.55
C ILE A 192 -26.93 -25.76 0.54
N ASP A 193 -27.16 -25.46 -0.74
CA ASP A 193 -26.60 -26.22 -1.86
C ASP A 193 -26.89 -27.72 -1.73
N GLY A 194 -28.18 -28.04 -1.56
CA GLY A 194 -28.59 -29.41 -1.41
C GLY A 194 -28.56 -29.90 0.02
N TYR A 195 -27.72 -29.30 0.85
CA TYR A 195 -27.66 -29.67 2.26
C TYR A 195 -28.91 -29.18 2.97
N PHE A 196 -29.71 -30.11 3.48
CA PHE A 196 -30.99 -29.80 4.11
C PHE A 196 -30.78 -29.80 5.62
N LYS A 197 -30.77 -28.61 6.22
CA LYS A 197 -30.56 -28.46 7.65
C LYS A 197 -31.88 -28.14 8.33
N ILE A 198 -32.15 -28.87 9.42
CA ILE A 198 -33.34 -28.68 10.24
C ILE A 198 -32.89 -28.11 11.57
N TYR A 199 -33.43 -26.94 11.92
CA TYR A 199 -33.27 -26.38 13.25
C TYR A 199 -34.66 -26.24 13.87
N SER A 200 -34.74 -26.39 15.20
CA SER A 200 -36.02 -26.54 15.87
C SER A 200 -36.08 -25.69 17.13
N LYS A 201 -37.31 -25.35 17.53
CA LYS A 201 -37.58 -24.71 18.81
C LYS A 201 -39.05 -24.91 19.14
N HIS A 202 -39.39 -24.90 20.43
CA HIS A 202 -40.76 -25.06 20.88
C HIS A 202 -41.03 -24.16 22.07
N THR A 203 -42.20 -23.52 22.07
CA THR A 203 -42.62 -22.63 23.15
C THR A 203 -43.92 -23.14 23.75
N PRO A 204 -43.96 -23.38 25.06
CA PRO A 204 -45.23 -23.77 25.71
C PRO A 204 -46.04 -22.57 26.21
N ILE A 205 -47.13 -22.86 26.90
CA ILE A 205 -47.97 -21.90 27.63
C ILE A 205 -48.30 -20.68 26.80
N LEU A 206 -48.78 -20.89 25.58
CA LEU A 206 -49.21 -19.80 24.70
C LEU A 206 -50.66 -19.47 25.06
N VAL A 207 -50.89 -18.26 25.58
CA VAL A 207 -52.24 -17.80 25.90
C VAL A 207 -52.82 -16.92 24.81
N ARG A 208 -52.04 -16.59 23.77
CA ARG A 208 -52.52 -15.75 22.69
C ARG A 208 -53.56 -16.49 21.85
N GLU A 209 -54.52 -15.73 21.34
CA GLU A 209 -55.53 -16.31 20.47
C GLU A 209 -54.89 -16.76 19.16
N PRO A 210 -55.32 -17.89 18.59
CA PRO A 210 -54.69 -18.39 17.35
C PRO A 210 -54.93 -17.50 16.13
N GLU A 211 -55.82 -16.50 16.24
CA GLU A 211 -56.12 -15.68 15.07
C GLU A 211 -54.90 -14.89 14.60
N ASP A 212 -54.08 -14.40 15.53
CA ASP A 212 -52.92 -13.59 15.19
C ASP A 212 -51.67 -14.15 15.84
N LEU A 213 -50.54 -13.87 15.20
CA LEU A 213 -49.25 -14.30 15.72
C LEU A 213 -48.92 -13.51 16.99
N PRO A 214 -48.41 -14.16 18.03
CA PRO A 214 -48.14 -13.45 19.28
C PRO A 214 -46.89 -12.57 19.19
N GLN A 215 -46.77 -11.67 20.16
CA GLN A 215 -45.66 -10.72 20.23
C GLN A 215 -44.55 -11.34 21.06
N GLY A 216 -43.74 -12.17 20.41
CA GLY A 216 -42.68 -12.89 21.10
C GLY A 216 -41.41 -12.94 20.28
N PHE A 217 -40.29 -12.91 21.00
CA PHE A 217 -38.96 -13.07 20.42
C PHE A 217 -38.27 -14.22 21.14
N SER A 218 -37.78 -15.20 20.37
CA SER A 218 -37.20 -16.40 20.97
C SER A 218 -36.10 -16.94 20.07
N ALA A 219 -34.96 -17.27 20.67
CA ALA A 219 -33.89 -17.91 19.94
C ALA A 219 -34.26 -19.34 19.56
N LEU A 220 -33.65 -19.83 18.49
CA LEU A 220 -33.98 -21.13 17.93
C LEU A 220 -32.70 -21.92 17.69
N GLU A 221 -32.76 -23.23 17.91
CA GLU A 221 -31.56 -24.04 18.06
C GLU A 221 -31.39 -25.04 16.92
N PRO A 222 -30.16 -25.40 16.59
CA PRO A 222 -29.91 -26.30 15.46
C PRO A 222 -29.94 -27.77 15.81
N LEU A 223 -30.47 -28.57 14.89
CA LEU A 223 -30.60 -30.01 15.13
C LEU A 223 -29.81 -30.88 14.17
N VAL A 224 -30.07 -30.83 12.86
CA VAL A 224 -29.65 -31.91 11.96
C VAL A 224 -29.31 -31.34 10.58
N ASP A 225 -28.45 -32.05 9.84
CA ASP A 225 -28.23 -31.83 8.42
C ASP A 225 -28.37 -33.17 7.68
N LEU A 226 -28.81 -33.08 6.42
CA LEU A 226 -29.03 -34.27 5.59
C LEU A 226 -28.65 -33.97 4.15
N PRO A 227 -28.05 -34.94 3.46
CA PRO A 227 -27.68 -34.80 2.02
C PRO A 227 -28.74 -35.22 0.99
N ILE A 228 -29.69 -34.33 0.72
CA ILE A 228 -30.73 -34.65 -0.26
C ILE A 228 -30.29 -34.26 -1.67
N GLY A 229 -30.00 -32.98 -1.89
CA GLY A 229 -29.51 -32.50 -3.18
C GLY A 229 -30.44 -32.75 -4.35
N ILE A 230 -31.71 -32.40 -4.22
CA ILE A 230 -32.72 -32.70 -5.22
C ILE A 230 -33.53 -31.46 -5.55
N ASN A 231 -34.22 -31.52 -6.69
CA ASN A 231 -35.15 -30.46 -7.08
C ASN A 231 -36.34 -30.45 -6.13
N ILE A 232 -36.56 -29.31 -5.47
CA ILE A 232 -37.67 -29.15 -4.53
C ILE A 232 -38.27 -27.78 -4.72
N THR A 233 -39.56 -27.72 -5.08
CA THR A 233 -40.22 -26.44 -5.26
C THR A 233 -41.65 -26.38 -4.73
N ARG A 234 -42.20 -27.46 -4.17
CA ARG A 234 -43.53 -27.38 -3.58
C ARG A 234 -43.66 -28.39 -2.46
N PHE A 235 -44.60 -28.12 -1.54
CA PHE A 235 -44.65 -28.85 -0.29
C PHE A 235 -46.09 -28.92 0.21
N GLN A 236 -46.34 -29.88 1.09
CA GLN A 236 -47.63 -30.00 1.75
C GLN A 236 -47.41 -30.43 3.19
N THR A 237 -48.33 -30.05 4.07
CA THR A 237 -48.26 -30.51 5.44
C THR A 237 -48.90 -31.88 5.58
N LEU A 238 -48.64 -32.53 6.72
CA LEU A 238 -49.28 -33.79 7.07
C LEU A 238 -49.83 -33.67 8.48
N LEU A 239 -51.11 -33.97 8.65
CA LEU A 239 -51.75 -33.88 9.95
C LEU A 239 -52.72 -35.04 10.10
N ALA A 240 -53.40 -35.10 11.24
CA ALA A 240 -54.35 -36.17 11.52
C ALA A 240 -55.39 -35.70 12.52
N SER A 251 -65.90 -42.28 6.75
CA SER A 251 -65.31 -41.51 7.83
C SER A 251 -64.89 -40.12 7.34
N SER A 252 -64.30 -40.08 6.15
CA SER A 252 -63.85 -38.80 5.60
C SER A 252 -65.03 -37.89 5.26
N SER A 253 -66.12 -38.48 4.74
CA SER A 253 -67.27 -37.71 4.31
C SER A 253 -68.09 -37.23 5.51
N GLY A 254 -67.95 -35.95 5.86
CA GLY A 254 -68.74 -35.37 6.93
C GLY A 254 -68.15 -35.60 8.32
N TRP A 255 -66.90 -35.20 8.51
CA TRP A 255 -66.22 -35.34 9.79
C TRP A 255 -65.71 -33.97 10.25
N THR A 256 -66.01 -33.63 11.49
CA THR A 256 -65.53 -32.38 12.08
C THR A 256 -64.23 -32.65 12.83
N ALA A 257 -63.13 -32.06 12.35
CA ALA A 257 -61.82 -32.30 12.93
C ALA A 257 -61.49 -31.20 13.95
N GLY A 258 -60.45 -31.46 14.73
CA GLY A 258 -59.98 -30.47 15.68
C GLY A 258 -59.31 -29.30 15.00
N ALA A 259 -59.23 -28.19 15.75
CA ALA A 259 -58.56 -27.01 15.23
C ALA A 259 -57.08 -27.27 15.03
N ALA A 260 -56.56 -26.86 13.88
CA ALA A 260 -55.15 -27.09 13.53
C ALA A 260 -54.66 -25.87 12.76
N ALA A 261 -53.81 -25.07 13.38
CA ALA A 261 -53.29 -23.84 12.80
C ALA A 261 -51.82 -24.03 12.46
N TYR A 262 -51.47 -23.85 11.19
CA TYR A 262 -50.07 -23.94 10.78
C TYR A 262 -49.72 -22.82 9.81
N TYR A 263 -48.57 -22.21 10.05
CA TYR A 263 -48.04 -21.08 9.29
C TYR A 263 -46.77 -21.52 8.57
N VAL A 264 -46.61 -21.07 7.34
CA VAL A 264 -45.37 -21.30 6.59
C VAL A 264 -44.88 -19.96 6.04
N GLY A 265 -43.60 -19.67 6.25
CA GLY A 265 -42.97 -18.46 5.75
C GLY A 265 -41.72 -18.79 4.97
N TYR A 266 -41.26 -17.82 4.20
CA TYR A 266 -40.15 -18.02 3.28
C TYR A 266 -38.93 -17.22 3.75
N LEU A 267 -37.79 -17.53 3.13
CA LEU A 267 -36.52 -16.91 3.50
C LEU A 267 -35.82 -16.40 2.24
N GLN A 268 -34.93 -15.44 2.43
CA GLN A 268 -34.09 -14.93 1.36
C GLN A 268 -32.85 -14.30 1.98
N PRO A 269 -31.83 -13.99 1.17
CA PRO A 269 -30.61 -13.38 1.73
C PRO A 269 -30.91 -12.04 2.37
N ARG A 270 -30.51 -11.90 3.63
CA ARG A 270 -30.74 -10.71 4.42
C ARG A 270 -29.56 -10.54 5.38
N THR A 271 -29.44 -9.34 5.96
CA THR A 271 -28.42 -9.06 6.96
C THR A 271 -29.08 -8.53 8.21
N PHE A 272 -28.70 -9.09 9.35
CA PHE A 272 -29.26 -8.75 10.66
C PHE A 272 -28.14 -8.38 11.62
N LEU A 273 -28.52 -7.81 12.76
CA LEU A 273 -27.62 -7.58 13.87
C LEU A 273 -28.23 -8.21 15.11
N LEU A 274 -27.41 -8.93 15.87
CA LEU A 274 -27.86 -9.67 17.04
C LEU A 274 -27.14 -9.16 18.28
N LYS A 275 -27.85 -9.15 19.40
CA LYS A 275 -27.30 -8.70 20.68
C LYS A 275 -27.15 -9.91 21.59
N TYR A 276 -25.91 -10.27 21.91
CA TYR A 276 -25.64 -11.31 22.88
C TYR A 276 -25.63 -10.73 24.30
N ASN A 277 -26.00 -11.56 25.26
CA ASN A 277 -25.96 -11.18 26.67
C ASN A 277 -24.71 -11.80 27.32
N GLU A 278 -24.56 -11.56 28.62
CA GLU A 278 -23.41 -12.08 29.33
C GLU A 278 -23.47 -13.60 29.46
N ASN A 279 -24.68 -14.16 29.55
CA ASN A 279 -24.81 -15.61 29.54
C ASN A 279 -24.35 -16.20 28.21
N GLY A 280 -24.73 -15.58 27.10
CA GLY A 280 -24.39 -16.09 25.79
C GLY A 280 -25.60 -16.44 24.95
N THR A 281 -26.75 -15.88 25.31
CA THR A 281 -28.01 -16.16 24.63
C THR A 281 -28.48 -14.92 23.88
N ILE A 282 -29.13 -15.16 22.74
CA ILE A 282 -29.67 -14.07 21.94
C ILE A 282 -30.84 -13.44 22.67
N THR A 283 -30.77 -12.12 22.87
CA THR A 283 -31.84 -11.39 23.54
C THR A 283 -32.61 -10.46 22.63
N ASP A 284 -32.00 -9.99 21.54
CA ASP A 284 -32.70 -9.12 20.60
C ASP A 284 -31.95 -9.10 19.28
N ALA A 285 -32.67 -8.69 18.23
CA ALA A 285 -32.11 -8.59 16.89
C ALA A 285 -32.77 -7.43 16.18
N VAL A 286 -32.04 -6.84 15.23
CA VAL A 286 -32.52 -5.70 14.46
C VAL A 286 -32.18 -5.91 13.00
N ASP A 287 -33.15 -5.62 12.12
CA ASP A 287 -32.91 -5.66 10.70
C ASP A 287 -32.12 -4.44 10.25
N CYS A 288 -31.40 -4.58 9.14
CA CYS A 288 -30.56 -3.51 8.62
C CYS A 288 -31.07 -2.92 7.32
N ALA A 289 -31.85 -3.67 6.53
CA ALA A 289 -32.33 -3.21 5.23
C ALA A 289 -33.85 -3.15 5.17
N LEU A 290 -34.50 -2.88 6.30
CA LEU A 290 -35.96 -2.78 6.35
C LEU A 290 -36.44 -1.34 6.35
N ASP A 291 -35.98 -0.55 7.31
CA ASP A 291 -36.39 0.84 7.46
C ASP A 291 -35.17 1.74 7.61
N PRO A 292 -35.26 3.00 7.21
CA PRO A 292 -34.12 3.91 7.39
C PRO A 292 -33.68 4.04 8.84
N LEU A 293 -34.63 4.03 9.78
CA LEU A 293 -34.26 4.06 11.19
C LEU A 293 -33.50 2.80 11.58
N SER A 294 -33.98 1.64 11.15
CA SER A 294 -33.25 0.41 11.40
C SER A 294 -31.92 0.41 10.64
N GLU A 295 -31.88 1.03 9.47
CA GLU A 295 -30.63 1.11 8.71
C GLU A 295 -29.59 1.90 9.46
N THR A 296 -29.96 3.06 9.99
CA THR A 296 -28.98 3.88 10.72
C THR A 296 -28.67 3.26 12.08
N LYS A 297 -29.59 2.47 12.64
CA LYS A 297 -29.25 1.69 13.83
C LYS A 297 -28.19 0.65 13.51
N CYS A 298 -28.32 -0.03 12.37
CA CYS A 298 -27.37 -1.07 12.00
C CYS A 298 -26.00 -0.48 11.65
N THR A 299 -25.99 0.64 10.91
CA THR A 299 -24.74 1.19 10.41
C THR A 299 -23.87 1.78 11.50
N LEU A 300 -24.40 2.01 12.70
CA LEU A 300 -23.64 2.54 13.82
C LEU A 300 -23.23 1.46 14.81
N LYS A 301 -23.55 0.20 14.49
CA LYS A 301 -23.26 -0.92 15.42
C LYS A 301 -23.92 -0.61 16.77
N SER A 302 -25.06 0.08 16.74
CA SER A 302 -25.77 0.45 18.00
C SER A 302 -27.26 0.05 17.90
N PHE A 303 -28.03 0.36 18.94
CA PHE A 303 -29.50 0.11 18.94
C PHE A 303 -30.23 1.44 19.15
N THR A 304 -29.54 2.45 19.66
CA THR A 304 -30.15 3.79 19.87
C THR A 304 -29.26 4.84 19.20
N VAL A 305 -29.78 6.05 18.95
CA VAL A 305 -29.00 7.04 18.22
C VAL A 305 -29.29 8.42 18.82
N GLU A 306 -28.41 9.36 18.52
CA GLU A 306 -28.53 10.73 19.01
C GLU A 306 -29.13 11.63 17.94
N LYS A 307 -29.62 12.77 18.38
CA LYS A 307 -30.20 13.75 17.46
C LYS A 307 -29.12 14.30 16.54
N GLY A 308 -29.45 14.44 15.27
CA GLY A 308 -28.54 15.00 14.30
C GLY A 308 -28.76 14.40 12.93
N ILE A 309 -27.74 14.54 12.09
CA ILE A 309 -27.74 14.02 10.73
C ILE A 309 -26.71 12.90 10.62
N TYR A 310 -27.10 11.82 9.95
CA TYR A 310 -26.22 10.67 9.79
C TYR A 310 -26.17 10.27 8.32
N GLN A 311 -24.95 10.08 7.80
CA GLN A 311 -24.78 9.56 6.45
C GLN A 311 -25.00 8.05 6.44
N THR A 312 -25.58 7.56 5.35
CA THR A 312 -26.02 6.17 5.28
C THR A 312 -25.64 5.61 3.92
N SER A 313 -26.23 4.46 3.58
CA SER A 313 -25.84 3.69 2.40
C SER A 313 -26.02 4.50 1.12
N ASN A 314 -25.39 4.00 0.06
CA ASN A 314 -25.42 4.64 -1.24
C ASN A 314 -26.83 4.54 -1.85
N PHE A 315 -27.10 5.39 -2.83
CA PHE A 315 -28.43 5.36 -3.52
C PHE A 315 -28.20 5.12 -5.01
N ARG A 316 -28.85 4.09 -5.57
CA ARG A 316 -28.62 3.75 -7.01
C ARG A 316 -29.88 3.12 -7.60
N VAL A 317 -29.96 3.09 -8.94
CA VAL A 317 -31.11 2.50 -9.69
C VAL A 317 -30.62 1.24 -10.40
N GLN A 318 -31.54 0.52 -11.07
CA GLN A 318 -31.16 -0.71 -11.83
C GLN A 318 -31.73 -0.64 -13.24
N PRO A 319 -31.14 -1.35 -14.24
CA PRO A 319 -31.62 -1.27 -15.63
C PRO A 319 -32.98 -1.95 -15.78
N THR A 320 -33.77 -1.43 -16.72
CA THR A 320 -35.09 -1.98 -16.99
C THR A 320 -35.04 -3.27 -17.81
N GLU A 321 -33.99 -3.39 -18.64
CA GLU A 321 -33.84 -4.58 -19.52
C GLU A 321 -32.37 -4.67 -19.97
N SER A 322 -32.12 -5.38 -21.07
CA SER A 322 -30.74 -5.48 -21.62
C SER A 322 -30.80 -5.58 -23.15
N ILE A 323 -29.75 -5.12 -23.84
CA ILE A 323 -29.76 -5.13 -25.34
C ILE A 323 -28.37 -5.57 -25.85
N VAL A 324 -28.32 -6.18 -27.03
CA VAL A 324 -27.03 -6.61 -27.64
C VAL A 324 -27.07 -6.27 -29.13
N ARG A 325 -25.90 -5.97 -29.72
CA ARG A 325 -25.85 -5.63 -31.17
C ARG A 325 -24.59 -6.23 -31.81
N PHE A 326 -24.73 -6.84 -32.99
CA PHE A 326 -23.57 -7.44 -33.71
C PHE A 326 -23.85 -7.41 -35.22
N PRO A 327 -22.81 -7.47 -36.07
CA PRO A 327 -23.01 -7.41 -37.53
C PRO A 327 -24.04 -8.46 -38.00
N ASN A 328 -24.97 -8.06 -38.85
CA ASN A 328 -26.05 -9.00 -39.31
C ASN A 328 -25.61 -9.72 -40.58
N ILE A 329 -24.80 -10.78 -40.45
CA ILE A 329 -24.37 -11.58 -41.63
C ILE A 329 -24.35 -13.06 -41.21
N THR A 330 -24.40 -14.00 -42.15
CA THR A 330 -24.32 -15.39 -41.76
C THR A 330 -23.06 -16.06 -42.32
N ASN A 331 -22.95 -16.14 -43.66
CA ASN A 331 -21.70 -16.33 -44.37
C ASN A 331 -20.71 -17.24 -43.64
N LEU A 332 -21.10 -18.48 -43.36
CA LEU A 332 -20.35 -19.34 -42.45
C LEU A 332 -18.87 -19.37 -42.82
N CYS A 333 -18.01 -19.32 -41.79
CA CYS A 333 -16.58 -19.20 -42.01
C CYS A 333 -16.04 -20.46 -42.69
N PRO A 334 -15.00 -20.31 -43.52
CA PRO A 334 -14.41 -21.47 -44.21
C PRO A 334 -13.33 -22.16 -43.37
N PHE A 335 -13.73 -22.63 -42.18
CA PHE A 335 -12.79 -23.33 -41.31
C PHE A 335 -12.50 -24.74 -41.82
N ASP A 336 -13.53 -25.45 -42.28
CA ASP A 336 -13.43 -26.89 -42.49
C ASP A 336 -12.37 -27.23 -43.53
N GLU A 337 -12.37 -26.53 -44.67
CA GLU A 337 -11.40 -26.85 -45.71
C GLU A 337 -9.98 -26.48 -45.31
N VAL A 338 -9.80 -25.56 -44.37
CA VAL A 338 -8.46 -25.25 -43.88
C VAL A 338 -7.88 -26.43 -43.12
N PHE A 339 -8.67 -26.99 -42.18
CA PHE A 339 -8.19 -28.13 -41.42
C PHE A 339 -8.19 -29.40 -42.28
N ASN A 340 -9.23 -29.60 -43.09
CA ASN A 340 -9.34 -30.78 -43.92
C ASN A 340 -8.60 -30.64 -45.25
N ALA A 341 -7.67 -29.69 -45.35
CA ALA A 341 -6.88 -29.54 -46.57
C ALA A 341 -6.02 -30.77 -46.79
N THR A 342 -6.04 -31.29 -48.03
CA THR A 342 -5.27 -32.49 -48.33
C THR A 342 -3.78 -32.23 -48.46
N ARG A 343 -3.40 -31.00 -48.80
CA ARG A 343 -2.00 -30.64 -49.02
C ARG A 343 -1.56 -29.64 -47.97
N PHE A 344 -0.33 -29.79 -47.49
CA PHE A 344 0.23 -28.93 -46.46
C PHE A 344 1.57 -28.38 -46.93
N ALA A 345 1.79 -27.09 -46.70
CA ALA A 345 3.04 -26.45 -47.09
C ALA A 345 4.17 -26.82 -46.13
N SER A 346 5.39 -26.64 -46.60
CA SER A 346 6.57 -26.93 -45.79
C SER A 346 6.81 -25.82 -44.77
N VAL A 347 7.72 -26.09 -43.84
CA VAL A 347 7.99 -25.16 -42.75
C VAL A 347 8.60 -23.87 -43.29
N TYR A 348 9.58 -23.98 -44.19
CA TYR A 348 10.29 -22.82 -44.69
C TYR A 348 9.39 -21.89 -45.51
N ALA A 349 8.29 -22.41 -46.03
CA ALA A 349 7.36 -21.65 -46.85
C ALA A 349 5.94 -21.76 -46.30
N TRP A 350 5.80 -21.54 -44.99
CA TRP A 350 4.51 -21.68 -44.33
C TRP A 350 3.47 -20.76 -44.98
N ASN A 351 2.29 -21.31 -45.23
CA ASN A 351 1.22 -20.59 -45.88
C ASN A 351 0.36 -19.85 -44.88
N ARG A 352 -0.23 -18.74 -45.32
CA ARG A 352 -1.13 -17.94 -44.50
C ARG A 352 -2.38 -17.64 -45.30
N LYS A 353 -3.55 -17.81 -44.65
CA LYS A 353 -4.83 -17.55 -45.28
C LYS A 353 -5.61 -16.54 -44.44
N ARG A 354 -6.24 -15.59 -45.12
CA ARG A 354 -6.97 -14.52 -44.46
C ARG A 354 -8.44 -14.87 -44.37
N ILE A 355 -8.99 -14.77 -43.15
CA ILE A 355 -10.39 -15.08 -42.88
C ILE A 355 -11.07 -13.79 -42.41
N SER A 356 -12.16 -13.43 -43.08
CA SER A 356 -12.87 -12.20 -42.75
C SER A 356 -14.29 -12.28 -43.27
N ASN A 357 -15.13 -11.39 -42.74
CA ASN A 357 -16.53 -11.24 -43.18
C ASN A 357 -17.29 -12.56 -43.07
N CYS A 358 -17.14 -13.22 -41.94
CA CYS A 358 -17.83 -14.49 -41.71
C CYS A 358 -18.09 -14.69 -40.23
N VAL A 359 -19.08 -15.53 -39.94
CA VAL A 359 -19.44 -15.88 -38.56
C VAL A 359 -18.78 -17.20 -38.22
N ALA A 360 -18.04 -17.22 -37.11
CA ALA A 360 -17.21 -18.37 -36.75
C ALA A 360 -17.85 -19.13 -35.59
N ASP A 361 -17.92 -20.45 -35.73
CA ASP A 361 -18.34 -21.34 -34.67
C ASP A 361 -17.14 -22.19 -34.26
N TYR A 362 -16.79 -22.13 -32.98
CA TYR A 362 -15.61 -22.83 -32.48
C TYR A 362 -15.94 -24.17 -31.84
N SER A 363 -17.22 -24.47 -31.60
CA SER A 363 -17.59 -25.77 -31.06
C SER A 363 -17.23 -26.88 -32.05
N VAL A 364 -17.50 -26.67 -33.34
CA VAL A 364 -17.15 -27.68 -34.34
C VAL A 364 -15.64 -27.82 -34.44
N LEU A 365 -14.91 -26.71 -34.30
CA LEU A 365 -13.46 -26.78 -34.29
C LEU A 365 -12.95 -27.59 -33.10
N TYR A 366 -13.55 -27.39 -31.93
CA TYR A 366 -13.16 -28.15 -30.74
C TYR A 366 -13.70 -29.57 -30.75
N ASN A 367 -14.79 -29.82 -31.49
CA ASN A 367 -15.43 -31.13 -31.45
C ASN A 367 -14.53 -32.25 -31.93
N LEU A 368 -13.51 -31.94 -32.72
CA LEU A 368 -12.59 -32.97 -33.19
C LEU A 368 -11.79 -33.53 -32.01
N ALA A 369 -11.68 -34.85 -31.95
CA ALA A 369 -11.11 -35.55 -30.80
C ALA A 369 -9.59 -35.54 -30.71
N PRO A 370 -8.85 -35.94 -31.77
CA PRO A 370 -7.45 -36.35 -31.56
C PRO A 370 -6.45 -35.22 -31.38
N PHE A 371 -6.90 -34.00 -31.07
CA PHE A 371 -5.96 -32.93 -30.77
C PHE A 371 -5.04 -33.33 -29.61
N PHE A 372 -3.75 -33.03 -29.77
CA PHE A 372 -2.76 -33.33 -28.75
C PHE A 372 -2.26 -32.11 -27.99
N THR A 373 -2.37 -30.91 -28.57
CA THR A 373 -1.94 -29.69 -27.93
C THR A 373 -2.92 -28.58 -28.25
N PHE A 374 -3.49 -27.96 -27.22
CA PHE A 374 -4.45 -26.88 -27.41
C PHE A 374 -4.43 -26.00 -26.16
N LYS A 375 -3.78 -24.85 -26.26
CA LYS A 375 -3.70 -23.89 -25.16
C LYS A 375 -3.57 -22.50 -25.77
N CYS A 376 -4.24 -21.53 -25.15
CA CYS A 376 -4.28 -20.17 -25.69
C CYS A 376 -3.76 -19.18 -24.65
N TYR A 377 -3.18 -18.10 -25.16
CA TYR A 377 -2.42 -17.15 -24.34
C TYR A 377 -3.24 -15.93 -23.95
N GLY A 378 -3.74 -15.19 -24.94
CA GLY A 378 -4.43 -13.95 -24.66
C GLY A 378 -5.86 -14.08 -24.19
N VAL A 379 -6.49 -15.24 -24.43
CA VAL A 379 -7.86 -15.49 -24.04
C VAL A 379 -7.99 -16.94 -23.59
N SER A 380 -9.19 -17.30 -23.15
CA SER A 380 -9.52 -18.68 -22.83
C SER A 380 -10.39 -19.26 -23.92
N PRO A 381 -10.14 -20.50 -24.36
CA PRO A 381 -10.88 -21.03 -25.52
C PRO A 381 -12.39 -21.09 -25.32
N THR A 382 -12.86 -21.32 -24.10
CA THR A 382 -14.29 -21.47 -23.87
C THR A 382 -15.07 -20.20 -24.16
N LYS A 383 -14.42 -19.03 -24.10
CA LYS A 383 -15.09 -17.76 -24.33
C LYS A 383 -14.90 -17.24 -25.76
N LEU A 384 -14.30 -18.05 -26.65
CA LEU A 384 -14.16 -17.62 -28.03
C LEU A 384 -15.48 -17.55 -28.77
N ASN A 385 -16.56 -18.07 -28.17
CA ASN A 385 -17.85 -18.06 -28.83
C ASN A 385 -18.36 -16.65 -29.08
N ASP A 386 -18.18 -15.75 -28.13
CA ASP A 386 -18.65 -14.37 -28.25
C ASP A 386 -17.45 -13.44 -28.10
N LEU A 387 -16.74 -13.23 -29.21
CA LEU A 387 -15.59 -12.32 -29.23
C LEU A 387 -15.38 -11.87 -30.67
N CYS A 388 -15.79 -10.64 -30.98
CA CYS A 388 -15.57 -10.10 -32.32
C CYS A 388 -14.12 -9.69 -32.50
N PHE A 389 -13.59 -9.95 -33.69
CA PHE A 389 -12.23 -9.56 -34.05
C PHE A 389 -12.25 -8.84 -35.39
N THR A 390 -11.29 -7.92 -35.55
CA THR A 390 -11.18 -7.18 -36.80
C THR A 390 -10.86 -8.11 -37.96
N ASN A 391 -9.90 -9.01 -37.76
CA ASN A 391 -9.52 -9.99 -38.79
C ASN A 391 -8.73 -11.10 -38.12
N VAL A 392 -8.90 -12.31 -38.65
CA VAL A 392 -8.22 -13.50 -38.16
C VAL A 392 -7.58 -14.21 -39.33
N TYR A 393 -6.33 -14.63 -39.17
CA TYR A 393 -5.63 -15.36 -40.21
C TYR A 393 -4.94 -16.57 -39.61
N ALA A 394 -4.81 -17.63 -40.42
CA ALA A 394 -4.27 -18.88 -39.97
C ALA A 394 -3.02 -19.24 -40.76
N ASP A 395 -2.07 -19.89 -40.09
CA ASP A 395 -0.83 -20.34 -40.69
C ASP A 395 -0.73 -21.85 -40.55
N SER A 396 -0.29 -22.52 -41.62
CA SER A 396 -0.27 -23.97 -41.66
C SER A 396 1.06 -24.47 -42.20
N PHE A 397 1.50 -25.61 -41.67
CA PHE A 397 2.71 -26.29 -42.12
C PHE A 397 2.72 -27.67 -41.48
N VAL A 398 3.79 -28.43 -41.76
CA VAL A 398 3.99 -29.76 -41.20
C VAL A 398 5.36 -29.80 -40.52
N ILE A 399 5.38 -30.10 -39.23
CA ILE A 399 6.60 -30.14 -38.45
C ILE A 399 6.67 -31.44 -37.67
N ARG A 400 7.88 -31.89 -37.39
CA ARG A 400 8.08 -33.09 -36.59
C ARG A 400 7.64 -32.86 -35.15
N GLY A 401 7.05 -33.88 -34.54
CA GLY A 401 6.52 -33.75 -33.19
C GLY A 401 7.57 -33.47 -32.14
N ASP A 402 8.84 -33.75 -32.42
CA ASP A 402 9.90 -33.52 -31.45
C ASP A 402 10.18 -32.04 -31.22
N GLU A 403 9.72 -31.16 -32.10
CA GLU A 403 10.01 -29.74 -32.01
C GLU A 403 8.76 -28.88 -31.88
N VAL A 404 7.62 -29.48 -31.55
CA VAL A 404 6.39 -28.70 -31.38
C VAL A 404 6.51 -27.73 -30.21
N ARG A 405 7.37 -28.03 -29.23
CA ARG A 405 7.55 -27.13 -28.09
C ARG A 405 8.16 -25.80 -28.48
N GLN A 406 8.89 -25.75 -29.60
CA GLN A 406 9.50 -24.51 -30.06
C GLN A 406 8.48 -23.52 -30.61
N ILE A 407 7.24 -23.94 -30.83
CA ILE A 407 6.22 -23.05 -31.37
C ILE A 407 5.87 -21.97 -30.36
N ALA A 408 5.84 -22.32 -29.07
CA ALA A 408 5.48 -21.36 -28.04
C ALA A 408 6.48 -20.20 -28.03
N PRO A 409 6.02 -18.98 -27.75
CA PRO A 409 6.94 -17.83 -27.76
C PRO A 409 8.01 -17.96 -26.68
N GLY A 410 9.19 -17.42 -26.96
CA GLY A 410 10.29 -17.47 -26.04
C GLY A 410 11.19 -18.69 -26.17
N GLN A 411 11.08 -19.44 -27.26
CA GLN A 411 11.88 -20.63 -27.47
C GLN A 411 12.98 -20.37 -28.50
N THR A 412 13.95 -21.28 -28.53
CA THR A 412 15.06 -21.21 -29.47
C THR A 412 15.29 -22.59 -30.06
N GLY A 413 15.88 -22.61 -31.24
CA GLY A 413 16.15 -23.85 -31.93
C GLY A 413 16.30 -23.63 -33.42
N ASN A 414 16.46 -24.74 -34.13
CA ASN A 414 16.68 -24.68 -35.58
C ASN A 414 15.48 -24.09 -36.30
N ILE A 415 14.27 -24.52 -35.93
CA ILE A 415 13.07 -24.06 -36.62
C ILE A 415 12.50 -22.77 -36.03
N ALA A 416 12.80 -22.47 -34.77
CA ALA A 416 12.30 -21.25 -34.13
C ALA A 416 13.18 -20.04 -34.42
N ASP A 417 14.30 -20.22 -35.11
CA ASP A 417 15.21 -19.13 -35.42
C ASP A 417 15.38 -18.89 -36.91
N TYR A 418 15.33 -19.95 -37.73
CA TYR A 418 15.55 -19.83 -39.16
C TYR A 418 14.31 -20.11 -40.00
N ASN A 419 13.24 -20.62 -39.41
CA ASN A 419 12.06 -21.01 -40.17
C ASN A 419 10.80 -20.26 -39.76
N TYR A 420 10.51 -20.20 -38.45
CA TYR A 420 9.25 -19.61 -37.99
C TYR A 420 9.47 -19.08 -36.58
N LYS A 421 9.59 -17.77 -36.46
CA LYS A 421 9.73 -17.11 -35.17
C LYS A 421 8.42 -16.42 -34.80
N LEU A 422 7.98 -16.64 -33.56
CA LEU A 422 6.70 -16.13 -33.09
C LEU A 422 6.93 -14.97 -32.13
N PRO A 423 6.22 -13.85 -32.30
CA PRO A 423 6.47 -12.68 -31.44
C PRO A 423 6.16 -12.96 -29.98
N ASP A 424 6.87 -12.26 -29.10
CA ASP A 424 6.73 -12.49 -27.67
C ASP A 424 5.30 -12.20 -27.19
N ASP A 425 4.72 -11.10 -27.65
CA ASP A 425 3.33 -10.79 -27.36
C ASP A 425 2.46 -11.42 -28.44
N PHE A 426 1.65 -12.41 -28.05
CA PHE A 426 0.91 -13.22 -29.01
C PHE A 426 -0.52 -13.39 -28.55
N THR A 427 -1.46 -13.14 -29.46
CA THR A 427 -2.88 -13.37 -29.21
C THR A 427 -3.36 -14.48 -30.13
N GLY A 428 -4.46 -15.11 -29.75
CA GLY A 428 -4.87 -16.34 -30.39
C GLY A 428 -4.05 -17.50 -29.87
N CYS A 429 -4.12 -18.62 -30.59
CA CYS A 429 -3.41 -19.82 -30.15
C CYS A 429 -3.24 -20.78 -31.32
N VAL A 430 -2.66 -21.94 -31.00
CA VAL A 430 -2.18 -22.91 -31.98
C VAL A 430 -2.86 -24.24 -31.73
N ILE A 431 -3.06 -25.00 -32.81
CA ILE A 431 -3.63 -26.34 -32.76
C ILE A 431 -2.70 -27.28 -33.51
N ALA A 432 -2.31 -28.37 -32.86
CA ALA A 432 -1.43 -29.35 -33.46
C ALA A 432 -1.94 -30.75 -33.13
N TRP A 433 -1.76 -31.67 -34.07
CA TRP A 433 -2.17 -33.06 -33.87
C TRP A 433 -1.34 -33.95 -34.78
N ASN A 434 -1.26 -35.22 -34.41
CA ASN A 434 -0.45 -36.18 -35.15
C ASN A 434 -1.09 -36.52 -36.49
N SER A 435 -0.29 -36.50 -37.55
CA SER A 435 -0.72 -36.93 -38.89
C SER A 435 0.33 -37.92 -39.39
N ASN A 436 0.15 -39.19 -39.02
CA ASN A 436 1.04 -40.26 -39.46
C ASN A 436 0.41 -41.20 -40.47
N LYS A 437 -0.92 -41.33 -40.46
CA LYS A 437 -1.58 -42.22 -41.41
C LYS A 437 -1.56 -41.64 -42.82
N LEU A 438 -1.51 -40.31 -42.95
CA LEU A 438 -1.64 -39.66 -44.25
C LEU A 438 -0.29 -39.21 -44.81
N ASP A 439 0.45 -38.40 -44.07
CA ASP A 439 1.64 -37.76 -44.62
C ASP A 439 2.77 -38.75 -44.84
N SER A 440 3.03 -39.63 -43.85
CA SER A 440 4.16 -40.52 -43.94
C SER A 440 3.93 -41.59 -45.01
N LYS A 441 5.03 -42.12 -45.53
CA LYS A 441 4.99 -43.16 -46.55
C LYS A 441 5.85 -44.33 -46.11
N VAL A 442 5.53 -45.51 -46.64
CA VAL A 442 6.24 -46.73 -46.24
C VAL A 442 7.71 -46.64 -46.63
N SER A 443 7.98 -46.16 -47.84
CA SER A 443 9.35 -45.92 -48.27
C SER A 443 9.93 -44.60 -47.83
N GLY A 444 9.17 -43.79 -47.11
CA GLY A 444 9.62 -42.50 -46.64
C GLY A 444 9.17 -41.36 -47.54
N ASN A 445 9.08 -40.17 -46.94
CA ASN A 445 8.70 -38.97 -47.64
C ASN A 445 9.87 -37.99 -47.63
N TYR A 446 10.20 -37.46 -48.80
CA TYR A 446 11.36 -36.59 -48.96
C TYR A 446 11.04 -35.25 -49.59
N ASN A 447 9.76 -34.93 -49.82
CA ASN A 447 9.38 -33.67 -50.45
C ASN A 447 9.28 -32.52 -49.46
N TYR A 448 9.49 -32.76 -48.18
CA TYR A 448 9.43 -31.73 -47.15
C TYR A 448 10.82 -31.18 -46.90
N LEU A 449 10.93 -29.86 -46.79
CA LEU A 449 12.21 -29.18 -46.65
C LEU A 449 12.18 -28.26 -45.43
N TYR A 450 13.36 -28.03 -44.87
CA TYR A 450 13.51 -27.15 -43.72
C TYR A 450 14.89 -26.49 -43.78
N ARG A 451 14.94 -25.20 -43.46
CA ARG A 451 16.21 -24.49 -43.48
C ARG A 451 17.06 -24.85 -42.27
N LEU A 452 18.37 -25.00 -42.49
CA LEU A 452 19.34 -25.22 -41.44
C LEU A 452 20.27 -24.04 -41.19
N PHE A 453 20.69 -23.34 -42.25
CA PHE A 453 21.73 -22.33 -42.15
C PHE A 453 21.18 -20.98 -42.56
N ARG A 454 21.46 -19.96 -41.75
CA ARG A 454 21.12 -18.59 -42.07
C ARG A 454 22.15 -17.69 -41.40
N LYS A 455 22.35 -16.50 -41.97
CA LYS A 455 23.40 -15.62 -41.48
C LYS A 455 23.06 -15.05 -40.11
N SER A 456 21.78 -14.90 -39.79
CA SER A 456 21.38 -14.35 -38.51
C SER A 456 19.94 -14.78 -38.21
N ASN A 457 19.57 -14.68 -36.94
CA ASN A 457 18.21 -14.97 -36.54
C ASN A 457 17.24 -13.98 -37.18
N LEU A 458 16.15 -14.50 -37.72
CA LEU A 458 15.19 -13.70 -38.46
C LEU A 458 14.14 -13.10 -37.55
N LYS A 459 13.63 -11.95 -37.97
CA LYS A 459 12.61 -11.24 -37.20
C LYS A 459 11.30 -12.02 -37.20
N PRO A 460 10.46 -11.82 -36.17
CA PRO A 460 9.23 -12.61 -36.08
C PRO A 460 8.33 -12.42 -37.30
N PHE A 461 7.64 -13.50 -37.66
CA PHE A 461 6.71 -13.53 -38.79
C PHE A 461 7.41 -13.19 -40.11
N GLU A 462 8.35 -14.05 -40.48
CA GLU A 462 9.01 -13.99 -41.78
C GLU A 462 8.57 -15.18 -42.63
N ARG A 463 8.20 -14.90 -43.88
CA ARG A 463 7.62 -15.90 -44.76
C ARG A 463 8.47 -16.17 -45.99
N ASP A 464 9.12 -15.16 -46.55
CA ASP A 464 9.88 -15.32 -47.78
C ASP A 464 11.09 -16.23 -47.56
N ILE A 465 11.50 -16.92 -48.62
CA ILE A 465 12.63 -17.84 -48.59
C ILE A 465 13.48 -17.62 -49.82
N SER A 466 14.80 -17.71 -49.65
CA SER A 466 15.75 -17.59 -50.74
C SER A 466 16.61 -18.85 -50.77
N THR A 467 16.75 -19.45 -51.95
CA THR A 467 17.47 -20.71 -52.12
C THR A 467 18.89 -20.51 -52.62
N GLU A 468 19.49 -19.36 -52.34
CA GLU A 468 20.86 -19.12 -52.77
C GLU A 468 21.83 -19.96 -51.95
N ILE A 469 23.03 -20.15 -52.50
CA ILE A 469 24.03 -20.99 -51.86
C ILE A 469 24.55 -20.33 -50.59
N TYR A 470 24.88 -21.16 -49.61
CA TYR A 470 25.41 -20.69 -48.32
C TYR A 470 26.85 -21.13 -48.16
N GLN A 471 27.68 -20.25 -47.63
CA GLN A 471 29.08 -20.53 -47.34
C GLN A 471 29.30 -20.43 -45.84
N ALA A 472 29.83 -21.50 -45.25
CA ALA A 472 30.08 -21.50 -43.80
C ALA A 472 31.39 -20.80 -43.47
N GLY A 473 32.49 -21.23 -44.08
CA GLY A 473 33.78 -20.64 -43.84
C GLY A 473 33.97 -19.34 -44.60
N ASN A 474 35.13 -18.71 -44.36
CA ASN A 474 35.46 -17.45 -45.01
C ASN A 474 35.81 -17.62 -46.48
N LYS A 475 35.99 -18.85 -46.95
CA LYS A 475 36.34 -19.07 -48.35
C LYS A 475 35.18 -18.67 -49.25
N PRO A 476 35.41 -17.81 -50.24
CA PRO A 476 34.34 -17.48 -51.19
C PRO A 476 33.84 -18.72 -51.91
N CYS A 477 32.53 -18.80 -52.10
CA CYS A 477 31.89 -19.98 -52.65
C CYS A 477 30.94 -19.58 -53.76
N ASN A 478 31.05 -20.25 -54.91
CA ASN A 478 30.15 -20.05 -56.03
C ASN A 478 29.84 -21.40 -56.67
N GLY A 479 28.94 -21.39 -57.64
CA GLY A 479 28.58 -22.61 -58.35
C GLY A 479 27.98 -23.67 -57.46
N VAL A 480 28.74 -24.74 -57.23
CA VAL A 480 28.28 -25.89 -56.46
C VAL A 480 28.82 -25.77 -55.04
N ALA A 481 28.16 -26.47 -54.12
CA ALA A 481 28.55 -26.46 -52.72
C ALA A 481 29.73 -27.41 -52.51
N GLY A 482 30.07 -27.66 -51.25
CA GLY A 482 31.18 -28.53 -50.92
C GLY A 482 31.82 -28.21 -49.58
N PHE A 483 33.14 -28.05 -49.58
CA PHE A 483 33.86 -27.71 -48.35
C PHE A 483 33.48 -26.30 -47.92
N ASN A 484 33.01 -26.16 -46.68
CA ASN A 484 32.55 -24.90 -46.09
C ASN A 484 31.33 -24.33 -46.82
N CYS A 485 30.77 -25.06 -47.76
CA CYS A 485 29.57 -24.65 -48.48
C CYS A 485 28.49 -25.69 -48.23
N TYR A 486 27.46 -25.31 -47.48
CA TYR A 486 26.36 -26.20 -47.13
C TYR A 486 25.07 -25.71 -47.75
N PHE A 487 24.30 -26.64 -48.31
CA PHE A 487 23.02 -26.28 -48.89
C PHE A 487 22.10 -25.75 -47.79
N PRO A 488 21.38 -24.64 -48.04
CA PRO A 488 20.62 -24.01 -46.96
C PRO A 488 19.51 -24.87 -46.38
N LEU A 489 19.04 -25.89 -47.10
CA LEU A 489 17.89 -26.67 -46.66
C LEU A 489 18.27 -28.13 -46.51
N ARG A 490 17.30 -28.91 -46.00
CA ARG A 490 17.45 -30.34 -45.80
C ARG A 490 16.06 -30.96 -45.80
N SER A 491 16.00 -32.27 -46.04
CA SER A 491 14.73 -32.97 -46.17
C SER A 491 14.37 -33.73 -44.90
N TYR A 492 13.14 -34.21 -44.87
CA TYR A 492 12.64 -35.13 -43.85
C TYR A 492 12.70 -36.57 -44.33
N SER A 493 12.46 -37.48 -43.39
CA SER A 493 12.25 -38.89 -43.67
C SER A 493 11.21 -39.42 -42.69
N PHE A 494 10.12 -39.96 -43.21
CA PHE A 494 9.00 -40.41 -42.38
C PHE A 494 8.68 -41.86 -42.74
N ARG A 495 8.90 -42.76 -41.79
CA ARG A 495 8.55 -44.16 -41.93
C ARG A 495 7.50 -44.54 -40.89
N PRO A 496 6.57 -45.43 -41.22
CA PRO A 496 5.64 -45.92 -40.18
C PRO A 496 6.35 -46.68 -39.08
N THR A 497 7.56 -47.19 -39.33
CA THR A 497 8.33 -47.91 -38.31
C THR A 497 9.01 -46.97 -37.32
N TYR A 498 9.05 -45.67 -37.58
CA TYR A 498 9.64 -44.74 -36.64
C TYR A 498 8.81 -44.65 -35.37
N GLY A 499 9.48 -44.36 -34.26
CA GLY A 499 8.80 -44.14 -33.01
C GLY A 499 8.21 -42.75 -32.90
N VAL A 500 7.53 -42.51 -31.77
CA VAL A 500 6.97 -41.20 -31.54
C VAL A 500 8.08 -40.15 -31.46
N GLY A 501 7.71 -38.90 -31.73
CA GLY A 501 8.68 -37.83 -31.84
C GLY A 501 9.35 -37.73 -33.18
N HIS A 502 9.02 -38.61 -34.13
CA HIS A 502 9.52 -38.51 -35.49
C HIS A 502 8.43 -38.54 -36.55
N GLN A 503 7.24 -39.01 -36.24
CA GLN A 503 6.15 -38.95 -37.20
C GLN A 503 5.75 -37.50 -37.45
N PRO A 504 5.36 -37.16 -38.68
CA PRO A 504 5.01 -35.77 -38.97
C PRO A 504 3.74 -35.33 -38.24
N TYR A 505 3.67 -34.03 -37.96
CA TYR A 505 2.50 -33.42 -37.33
C TYR A 505 2.05 -32.24 -38.17
N ARG A 506 0.74 -32.00 -38.16
CA ARG A 506 0.14 -30.87 -38.87
C ARG A 506 -0.23 -29.80 -37.87
N VAL A 507 0.21 -28.57 -38.11
CA VAL A 507 0.10 -27.48 -37.16
C VAL A 507 -0.61 -26.31 -37.82
N VAL A 508 -1.60 -25.74 -37.11
CA VAL A 508 -2.29 -24.54 -37.55
C VAL A 508 -2.19 -23.50 -36.43
N VAL A 509 -1.89 -22.27 -36.79
CA VAL A 509 -1.65 -21.18 -35.85
C VAL A 509 -2.64 -20.07 -36.11
N LEU A 510 -3.30 -19.60 -35.06
CA LEU A 510 -4.28 -18.52 -35.14
C LEU A 510 -3.78 -17.31 -34.37
N SER A 511 -4.00 -16.12 -34.93
CA SER A 511 -3.59 -14.88 -34.28
C SER A 511 -4.45 -13.74 -34.80
N PHE A 512 -4.76 -12.79 -33.92
CA PHE A 512 -5.65 -11.69 -34.24
C PHE A 512 -5.49 -10.59 -33.20
N GLU A 513 -5.98 -9.40 -33.54
CA GLU A 513 -6.06 -8.29 -32.61
C GLU A 513 -7.47 -8.19 -32.04
N LEU A 514 -7.60 -7.42 -30.96
CA LEU A 514 -8.80 -7.44 -30.12
C LEU A 514 -9.47 -6.07 -30.12
N LEU A 515 -10.53 -5.92 -30.92
CA LEU A 515 -11.55 -4.89 -30.75
C LEU A 515 -10.95 -3.48 -30.72
N HIS A 516 -10.38 -3.07 -31.86
CA HIS A 516 -9.92 -1.70 -32.00
C HIS A 516 -10.41 -1.08 -33.29
N ALA A 517 -10.66 -1.91 -34.29
CA ALA A 517 -11.21 -1.53 -35.58
C ALA A 517 -12.58 -2.15 -35.78
N PRO A 518 -13.39 -1.61 -36.71
CA PRO A 518 -14.68 -2.25 -37.01
C PRO A 518 -14.53 -3.73 -37.33
N ALA A 519 -15.09 -4.57 -36.46
CA ALA A 519 -14.85 -6.00 -36.54
C ALA A 519 -15.53 -6.62 -37.76
N THR A 520 -14.89 -7.66 -38.30
CA THR A 520 -15.44 -8.43 -39.40
C THR A 520 -15.86 -9.83 -38.98
N VAL A 521 -14.97 -10.57 -38.33
CA VAL A 521 -15.30 -11.89 -37.81
C VAL A 521 -15.97 -11.72 -36.45
N CYS A 522 -17.14 -12.32 -36.29
CA CYS A 522 -17.90 -12.22 -35.05
C CYS A 522 -18.53 -13.57 -34.72
N GLY A 523 -18.80 -13.78 -33.44
CA GLY A 523 -19.38 -15.02 -32.98
C GLY A 523 -20.87 -15.07 -33.20
N PRO A 524 -21.44 -16.26 -32.99
CA PRO A 524 -22.88 -16.46 -33.22
C PRO A 524 -23.69 -16.02 -32.00
N LYS A 525 -24.55 -15.01 -32.20
CA LYS A 525 -25.48 -14.58 -31.17
C LYS A 525 -26.59 -13.77 -31.83
N LYS A 526 -27.78 -13.86 -31.24
CA LYS A 526 -28.94 -13.18 -31.78
C LYS A 526 -28.82 -11.67 -31.59
N SER A 527 -29.31 -10.92 -32.58
CA SER A 527 -29.38 -9.47 -32.50
C SER A 527 -30.79 -9.03 -32.10
N THR A 528 -30.85 -7.96 -31.31
CA THR A 528 -32.10 -7.47 -30.76
C THR A 528 -32.33 -6.03 -31.20
N ASN A 529 -33.46 -5.47 -30.77
CA ASN A 529 -33.84 -4.11 -31.12
C ASN A 529 -33.02 -3.10 -30.31
N LEU A 530 -32.84 -1.91 -30.90
CA LEU A 530 -32.06 -0.83 -30.28
C LEU A 530 -33.02 0.09 -29.54
N VAL A 531 -33.05 -0.03 -28.21
CA VAL A 531 -33.85 0.83 -27.36
C VAL A 531 -33.08 2.13 -27.14
N LYS A 532 -33.76 3.18 -26.68
CA LYS A 532 -33.14 4.48 -26.51
C LYS A 532 -33.70 5.17 -25.28
N ASN A 533 -32.85 5.99 -24.65
CA ASN A 533 -33.24 6.86 -23.55
C ASN A 533 -33.86 6.07 -22.39
N LYS A 534 -33.13 5.05 -21.92
CA LYS A 534 -33.60 4.25 -20.81
C LYS A 534 -32.42 3.46 -20.24
N CYS A 535 -32.43 3.27 -18.93
CA CYS A 535 -31.38 2.51 -18.26
C CYS A 535 -31.41 1.07 -18.71
N VAL A 536 -30.41 0.65 -19.48
CA VAL A 536 -30.36 -0.67 -20.09
C VAL A 536 -28.95 -1.22 -19.94
N ASN A 537 -28.78 -2.47 -20.37
CA ASN A 537 -27.48 -3.15 -20.37
C ASN A 537 -27.13 -3.46 -21.82
N PHE A 538 -26.26 -2.63 -22.40
CA PHE A 538 -25.92 -2.76 -23.81
C PHE A 538 -24.81 -3.78 -24.01
N ASN A 539 -24.60 -4.16 -25.27
CA ASN A 539 -23.50 -5.06 -25.63
C ASN A 539 -23.15 -4.78 -27.09
N PHE A 540 -22.08 -4.04 -27.31
CA PHE A 540 -21.64 -3.64 -28.65
C PHE A 540 -20.32 -4.36 -28.94
N ASN A 541 -20.43 -5.53 -29.56
CA ASN A 541 -19.26 -6.34 -29.92
C ASN A 541 -18.38 -6.63 -28.70
N GLY A 542 -19.04 -6.94 -27.58
CA GLY A 542 -18.34 -7.25 -26.35
C GLY A 542 -18.13 -6.07 -25.42
N LEU A 543 -18.41 -4.85 -25.87
CA LEU A 543 -18.25 -3.65 -25.04
C LEU A 543 -19.41 -3.58 -24.04
N LYS A 544 -19.36 -4.47 -23.06
CA LYS A 544 -20.40 -4.54 -22.04
C LYS A 544 -20.37 -3.30 -21.15
N GLY A 545 -21.51 -3.01 -20.54
CA GLY A 545 -21.60 -1.84 -19.67
C GLY A 545 -23.04 -1.60 -19.25
N THR A 546 -23.29 -0.40 -18.75
CA THR A 546 -24.62 -0.03 -18.28
C THR A 546 -24.76 1.48 -18.32
N GLY A 547 -25.90 1.95 -18.81
CA GLY A 547 -26.15 3.38 -18.86
C GLY A 547 -27.38 3.67 -19.71
N VAL A 548 -27.55 4.95 -20.01
CA VAL A 548 -28.63 5.43 -20.87
C VAL A 548 -28.01 5.97 -22.14
N LEU A 549 -28.58 5.59 -23.28
CA LEU A 549 -28.04 5.92 -24.59
C LEU A 549 -28.88 7.01 -25.24
N THR A 550 -28.22 8.06 -25.70
CA THR A 550 -28.87 9.17 -26.41
C THR A 550 -28.18 9.37 -27.75
N GLU A 551 -28.64 10.38 -28.48
CA GLU A 551 -28.07 10.73 -29.77
C GLU A 551 -27.16 11.95 -29.62
N SER A 552 -26.05 11.93 -30.35
CA SER A 552 -25.06 13.00 -30.29
C SER A 552 -24.74 13.50 -31.69
N ASN A 553 -24.16 14.70 -31.75
CA ASN A 553 -23.78 15.33 -33.00
C ASN A 553 -22.32 15.16 -33.35
N LYS A 554 -21.58 14.35 -32.58
CA LYS A 554 -20.17 14.15 -32.86
C LYS A 554 -19.98 13.47 -34.22
N LYS A 555 -18.91 13.88 -34.91
CA LYS A 555 -18.64 13.44 -36.28
C LYS A 555 -17.45 12.50 -36.27
N PHE A 556 -17.74 11.20 -36.15
CA PHE A 556 -16.69 10.21 -36.30
C PHE A 556 -16.17 10.18 -37.72
N LEU A 557 -14.84 10.06 -37.86
CA LEU A 557 -14.25 9.86 -39.16
C LEU A 557 -14.58 8.46 -39.66
N PRO A 558 -14.46 8.21 -40.97
CA PRO A 558 -14.82 6.89 -41.52
C PRO A 558 -14.17 5.72 -40.80
N PHE A 559 -12.93 5.87 -40.33
CA PHE A 559 -12.25 4.77 -39.65
C PHE A 559 -12.52 4.74 -38.15
N GLN A 560 -12.82 5.89 -37.55
CA GLN A 560 -13.05 5.93 -36.10
C GLN A 560 -14.29 5.12 -35.72
N GLN A 561 -14.19 4.42 -34.60
CA GLN A 561 -15.33 3.64 -34.09
C GLN A 561 -15.65 3.94 -32.64
N PHE A 562 -14.63 4.17 -31.80
CA PHE A 562 -14.83 4.39 -30.37
C PHE A 562 -14.24 5.73 -29.96
N GLY A 563 -14.94 6.42 -29.07
CA GLY A 563 -14.48 7.68 -28.52
C GLY A 563 -14.23 7.55 -27.02
N ARG A 564 -13.07 8.01 -26.59
CA ARG A 564 -12.67 7.93 -25.20
C ARG A 564 -12.76 9.31 -24.54
N ASP A 565 -12.44 9.35 -23.25
CA ASP A 565 -12.49 10.60 -22.49
C ASP A 565 -11.21 10.78 -21.68
N ILE A 566 -11.21 11.73 -20.75
CA ILE A 566 -10.03 11.99 -19.93
C ILE A 566 -9.67 10.76 -19.12
N ALA A 567 -10.67 10.10 -18.53
CA ALA A 567 -10.44 8.91 -17.72
C ALA A 567 -10.15 7.68 -18.55
N ASP A 568 -10.13 7.79 -19.88
CA ASP A 568 -9.83 6.69 -20.79
C ASP A 568 -10.84 5.54 -20.61
N THR A 569 -12.09 5.86 -20.90
CA THR A 569 -13.15 4.86 -20.93
C THR A 569 -14.10 5.18 -22.07
N THR A 570 -14.79 4.15 -22.55
CA THR A 570 -15.64 4.29 -23.72
C THR A 570 -16.93 5.03 -23.37
N ASP A 571 -17.22 6.11 -24.10
CA ASP A 571 -18.47 6.83 -23.93
C ASP A 571 -19.09 7.25 -25.26
N ALA A 572 -18.59 6.73 -26.39
CA ALA A 572 -19.14 7.06 -27.70
C ALA A 572 -18.89 5.87 -28.62
N VAL A 573 -19.96 5.21 -29.07
CA VAL A 573 -19.85 4.03 -29.91
C VAL A 573 -20.76 4.23 -31.12
N ARG A 574 -20.43 3.52 -32.20
CA ARG A 574 -21.20 3.54 -33.43
C ARG A 574 -21.87 2.18 -33.61
N ASP A 575 -23.18 2.20 -33.83
CA ASP A 575 -23.92 0.95 -33.96
C ASP A 575 -23.48 0.21 -35.22
N PRO A 576 -23.10 -1.08 -35.09
CA PRO A 576 -22.59 -1.81 -36.27
C PRO A 576 -23.57 -1.89 -37.43
N GLN A 577 -24.86 -2.05 -37.14
CA GLN A 577 -25.83 -2.24 -38.23
C GLN A 577 -26.20 -0.90 -38.87
N THR A 578 -26.77 0.01 -38.11
CA THR A 578 -27.10 1.34 -38.57
C THR A 578 -26.04 2.31 -38.07
N LEU A 579 -25.38 3.01 -38.99
CA LEU A 579 -24.21 3.82 -38.65
C LEU A 579 -24.66 5.16 -38.11
N GLU A 580 -24.76 5.24 -36.78
CA GLU A 580 -25.05 6.49 -36.08
C GLU A 580 -24.12 6.61 -34.88
N ILE A 581 -23.95 7.84 -34.41
CA ILE A 581 -23.04 8.15 -33.32
C ILE A 581 -23.87 8.28 -32.05
N LEU A 582 -23.87 7.24 -31.23
CA LEU A 582 -24.56 7.28 -29.95
C LEU A 582 -23.65 7.88 -28.88
N ASP A 583 -24.26 8.27 -27.77
CA ASP A 583 -23.54 8.81 -26.62
C ASP A 583 -23.93 8.01 -25.39
N ILE A 584 -22.94 7.61 -24.60
CA ILE A 584 -23.14 6.76 -23.43
C ILE A 584 -22.80 7.55 -22.17
N THR A 585 -23.72 7.55 -21.22
CA THR A 585 -23.52 8.16 -19.92
C THR A 585 -24.12 7.24 -18.86
N PRO A 586 -23.52 7.15 -17.67
CA PRO A 586 -24.02 6.23 -16.66
C PRO A 586 -25.32 6.71 -16.04
N CYS A 587 -26.01 5.77 -15.40
CA CYS A 587 -27.31 6.05 -14.80
C CYS A 587 -27.17 6.96 -13.58
N SER A 588 -28.29 7.53 -13.16
CA SER A 588 -28.30 8.48 -12.06
C SER A 588 -28.02 7.80 -10.73
N PHE A 589 -27.53 8.59 -9.78
CA PHE A 589 -27.21 8.10 -8.44
C PHE A 589 -27.05 9.30 -7.52
N GLY A 590 -26.61 9.04 -6.30
CA GLY A 590 -26.43 10.10 -5.33
C GLY A 590 -26.19 9.52 -3.95
N GLY A 591 -26.26 10.40 -2.96
CA GLY A 591 -26.06 10.00 -1.58
C GLY A 591 -27.33 10.06 -0.75
N VAL A 592 -27.36 9.33 0.37
CA VAL A 592 -28.52 9.27 1.24
C VAL A 592 -28.12 9.69 2.65
N SER A 593 -28.87 10.61 3.23
CA SER A 593 -28.72 11.02 4.62
C SER A 593 -30.08 11.03 5.27
N VAL A 594 -30.12 10.66 6.55
CA VAL A 594 -31.38 10.53 7.30
C VAL A 594 -31.38 11.56 8.43
N ILE A 595 -32.48 12.29 8.53
CA ILE A 595 -32.66 13.25 9.61
C ILE A 595 -33.50 12.60 10.70
N THR A 596 -33.02 12.67 11.94
CA THR A 596 -33.71 12.03 13.04
C THR A 596 -33.33 12.70 14.35
N PRO A 597 -34.29 12.91 15.25
CA PRO A 597 -33.94 13.24 16.64
C PRO A 597 -33.45 12.00 17.38
N GLY A 598 -33.17 12.18 18.66
CA GLY A 598 -32.73 11.07 19.47
C GLY A 598 -33.76 9.95 19.54
N THR A 599 -33.26 8.74 19.77
CA THR A 599 -34.15 7.59 19.88
C THR A 599 -35.11 7.73 21.05
N ASN A 600 -34.71 8.50 22.07
CA ASN A 600 -35.61 8.75 23.20
C ASN A 600 -36.85 9.51 22.75
N THR A 601 -36.69 10.43 21.82
CA THR A 601 -37.80 11.19 21.27
C THR A 601 -38.50 10.32 20.22
N SER A 602 -39.40 10.90 19.44
CA SER A 602 -40.17 10.14 18.46
C SER A 602 -39.25 9.45 17.46
N ASN A 603 -39.81 8.44 16.79
CA ASN A 603 -39.06 7.61 15.85
C ASN A 603 -39.24 8.04 14.40
N GLN A 604 -39.90 9.17 14.16
CA GLN A 604 -40.06 9.66 12.80
C GLN A 604 -38.70 10.07 12.22
N VAL A 605 -38.57 9.89 10.90
CA VAL A 605 -37.33 10.19 10.19
C VAL A 605 -37.66 10.96 8.92
N ALA A 606 -36.62 11.43 8.25
CA ALA A 606 -36.77 12.17 6.99
C ALA A 606 -35.49 11.99 6.20
N VAL A 607 -35.55 11.21 5.12
CA VAL A 607 -34.36 10.90 4.34
C VAL A 607 -34.03 12.06 3.41
N LEU A 608 -32.80 12.08 2.89
CA LEU A 608 -32.35 13.10 1.97
C LEU A 608 -31.62 12.44 0.81
N TYR A 609 -31.70 13.07 -0.36
CA TYR A 609 -31.03 12.58 -1.57
C TYR A 609 -30.12 13.70 -2.08
N GLN A 610 -28.81 13.53 -1.88
CA GLN A 610 -27.87 14.60 -2.17
C GLN A 610 -27.65 14.76 -3.67
N GLY A 611 -27.67 16.01 -4.13
CA GLY A 611 -27.25 16.36 -5.48
C GLY A 611 -27.99 15.68 -6.61
N VAL A 612 -29.31 15.63 -6.53
CA VAL A 612 -30.13 15.02 -7.57
C VAL A 612 -31.39 15.85 -7.75
N ASN A 613 -31.78 16.08 -9.00
CA ASN A 613 -33.06 16.71 -9.28
C ASN A 613 -34.18 15.89 -8.68
N CYS A 614 -35.09 16.55 -7.97
CA CYS A 614 -36.10 15.83 -7.21
C CYS A 614 -37.25 15.34 -8.07
N THR A 615 -37.25 15.64 -9.37
CA THR A 615 -38.23 15.10 -10.30
C THR A 615 -37.78 13.79 -10.93
N GLU A 616 -36.83 13.08 -10.30
CA GLU A 616 -36.29 11.84 -10.85
C GLU A 616 -36.63 10.62 -10.01
N VAL A 617 -36.34 10.63 -8.72
CA VAL A 617 -36.59 9.47 -7.87
C VAL A 617 -38.09 9.23 -7.66
N PRO A 618 -38.99 10.24 -7.70
CA PRO A 618 -40.41 9.89 -7.71
C PRO A 618 -40.84 9.16 -8.97
N VAL A 619 -40.15 9.38 -10.08
CA VAL A 619 -40.43 8.62 -11.30
C VAL A 619 -40.05 7.15 -11.14
N ALA A 620 -39.15 6.84 -10.22
CA ALA A 620 -38.69 5.48 -9.99
C ALA A 620 -39.61 4.68 -9.09
N ILE A 621 -40.88 5.08 -8.97
CA ILE A 621 -41.81 4.36 -8.10
C ILE A 621 -42.26 3.10 -8.82
N HIS A 622 -41.56 2.00 -8.58
CA HIS A 622 -41.88 0.67 -9.09
C HIS A 622 -41.42 -0.34 -8.04
N ALA A 623 -41.25 -1.59 -8.46
CA ALA A 623 -40.76 -2.65 -7.59
C ALA A 623 -39.40 -3.11 -8.07
N ASP A 624 -38.43 -3.12 -7.15
CA ASP A 624 -37.08 -3.64 -7.40
C ASP A 624 -36.38 -2.83 -8.51
N GLN A 625 -36.21 -1.54 -8.25
CA GLN A 625 -35.46 -0.67 -9.14
C GLN A 625 -34.45 0.21 -8.43
N LEU A 626 -34.46 0.27 -7.10
CA LEU A 626 -33.53 1.08 -6.34
C LEU A 626 -32.83 0.25 -5.27
N THR A 627 -31.57 0.58 -5.01
CA THR A 627 -30.81 -0.13 -3.98
C THR A 627 -31.45 -0.05 -2.60
N PRO A 628 -31.91 1.12 -2.11
CA PRO A 628 -32.70 1.11 -0.89
C PRO A 628 -33.98 0.32 -1.06
N THR A 629 -34.38 -0.38 0.00
CA THR A 629 -35.58 -1.19 -0.02
C THR A 629 -36.74 -0.57 0.73
N TRP A 630 -36.51 0.51 1.48
CA TRP A 630 -37.55 1.17 2.25
C TRP A 630 -38.34 2.15 1.39
N ARG A 631 -38.79 1.69 0.23
CA ARG A 631 -39.43 2.55 -0.76
C ARG A 631 -40.82 3.03 -0.33
N VAL A 632 -41.27 2.77 0.90
CA VAL A 632 -42.54 3.33 1.37
C VAL A 632 -42.44 4.84 1.46
N TYR A 633 -41.25 5.38 1.70
CA TYR A 633 -41.04 6.81 1.80
C TYR A 633 -40.81 7.47 0.45
N SER A 634 -40.77 6.71 -0.65
CA SER A 634 -40.80 7.33 -1.96
C SER A 634 -42.09 8.10 -2.16
N THR A 635 -43.22 7.51 -1.75
CA THR A 635 -44.49 8.23 -1.60
C THR A 635 -44.65 8.55 -0.11
N GLY A 636 -43.91 9.56 0.33
CA GLY A 636 -43.90 9.97 1.73
C GLY A 636 -44.70 11.22 1.95
N SER A 637 -44.16 12.12 2.77
CA SER A 637 -44.80 13.40 3.07
C SER A 637 -44.53 14.37 1.93
N ASN A 638 -44.85 15.65 2.15
CA ASN A 638 -44.65 16.68 1.15
C ASN A 638 -43.16 16.85 0.83
N VAL A 639 -42.76 16.50 -0.39
CA VAL A 639 -41.37 16.64 -0.80
C VAL A 639 -41.02 18.12 -0.90
N PHE A 640 -39.80 18.45 -0.51
CA PHE A 640 -39.29 19.82 -0.54
C PHE A 640 -37.95 19.84 -1.25
N GLN A 641 -37.74 20.84 -2.09
CA GLN A 641 -36.54 20.93 -2.92
C GLN A 641 -35.59 21.96 -2.33
N THR A 642 -34.32 21.58 -2.20
CA THR A 642 -33.26 22.45 -1.68
C THR A 642 -32.13 22.51 -2.69
N ARG A 643 -31.07 23.24 -2.32
CA ARG A 643 -29.89 23.35 -3.18
C ARG A 643 -29.01 22.10 -3.13
N ALA A 644 -29.05 21.35 -2.03
CA ALA A 644 -28.25 20.14 -1.87
C ALA A 644 -29.07 18.88 -2.07
N GLY A 645 -30.00 18.91 -3.03
CA GLY A 645 -30.91 17.80 -3.24
C GLY A 645 -32.32 18.17 -2.82
N CYS A 646 -33.12 17.18 -2.44
CA CYS A 646 -34.46 17.46 -1.96
C CYS A 646 -34.76 16.58 -0.75
N LEU A 647 -35.67 17.07 0.08
CA LEU A 647 -35.99 16.45 1.36
C LEU A 647 -37.38 15.81 1.30
N ILE A 648 -37.52 14.67 1.95
CA ILE A 648 -38.78 13.94 2.03
C ILE A 648 -39.13 13.77 3.50
N GLY A 649 -40.31 14.24 3.89
CA GLY A 649 -40.79 14.08 5.24
C GLY A 649 -40.81 15.33 6.11
N ALA A 650 -40.77 16.52 5.51
CA ALA A 650 -40.79 17.76 6.28
C ALA A 650 -41.53 18.83 5.48
N GLU A 651 -42.01 19.83 6.20
CA GLU A 651 -42.73 20.96 5.61
C GLU A 651 -41.94 22.23 5.83
N TYR A 652 -41.84 23.05 4.79
CA TYR A 652 -41.05 24.29 4.82
C TYR A 652 -41.90 25.39 5.45
N VAL A 653 -41.71 25.60 6.75
CA VAL A 653 -42.43 26.64 7.48
C VAL A 653 -41.81 28.00 7.17
N ASN A 654 -42.51 29.07 7.53
CA ASN A 654 -42.07 30.43 7.24
C ASN A 654 -41.17 30.99 8.33
N ASN A 655 -41.55 30.81 9.60
CA ASN A 655 -40.79 31.39 10.70
C ASN A 655 -39.40 30.76 10.78
N SER A 656 -38.48 31.50 11.40
CA SER A 656 -37.08 31.11 11.45
C SER A 656 -36.61 31.02 12.90
N TYR A 657 -35.81 29.99 13.17
CA TYR A 657 -35.17 29.80 14.47
C TYR A 657 -33.68 29.55 14.24
N GLU A 658 -32.94 29.39 15.34
CA GLU A 658 -31.55 29.02 15.25
C GLU A 658 -31.42 27.57 14.77
N CYS A 659 -30.26 27.25 14.19
CA CYS A 659 -30.06 25.94 13.60
C CYS A 659 -30.07 24.83 14.66
N ASP A 660 -30.66 23.70 14.29
CA ASP A 660 -30.64 22.49 15.10
C ASP A 660 -29.93 21.35 14.38
N ILE A 661 -30.36 21.02 13.17
CA ILE A 661 -29.74 19.96 12.37
C ILE A 661 -29.28 20.56 11.04
N PRO A 662 -27.98 20.71 10.82
CA PRO A 662 -27.52 21.34 9.58
C PRO A 662 -27.87 20.51 8.35
N ILE A 663 -28.18 21.21 7.26
CA ILE A 663 -28.49 20.57 5.99
C ILE A 663 -27.54 21.10 4.91
N GLY A 664 -27.60 22.39 4.67
CA GLY A 664 -26.81 23.03 3.64
C GLY A 664 -27.59 24.19 3.04
N ALA A 665 -26.85 25.17 2.52
CA ALA A 665 -27.42 26.36 1.90
C ALA A 665 -28.40 27.07 2.85
N GLY A 666 -28.01 27.17 4.12
CA GLY A 666 -28.79 27.88 5.10
C GLY A 666 -30.14 27.27 5.43
N ILE A 667 -30.19 25.94 5.57
CA ILE A 667 -31.41 25.24 5.97
C ILE A 667 -31.07 24.32 7.14
N CYS A 668 -31.86 24.38 8.20
CA CYS A 668 -31.69 23.51 9.34
C CYS A 668 -33.05 23.00 9.81
N ALA A 669 -33.17 21.68 9.94
CA ALA A 669 -34.40 21.06 10.38
C ALA A 669 -34.44 20.97 11.90
N SER A 670 -35.64 20.74 12.44
CA SER A 670 -35.83 20.64 13.88
C SER A 670 -37.13 19.86 14.13
N TYR A 671 -37.44 19.67 15.41
CA TYR A 671 -38.63 18.96 15.85
C TYR A 671 -39.43 19.88 16.75
N GLN A 672 -40.46 20.52 16.21
CA GLN A 672 -41.28 21.48 16.91
C GLN A 672 -42.66 20.88 17.20
N THR A 673 -43.52 21.69 17.81
CA THR A 673 -44.87 21.27 18.15
C THR A 673 -45.85 21.63 17.04
N SER A 686 -49.08 16.53 19.33
CA SER A 686 -48.94 17.45 18.21
C SER A 686 -47.47 17.83 18.00
N GLN A 687 -46.70 16.91 17.43
CA GLN A 687 -45.29 17.13 17.14
C GLN A 687 -45.00 16.75 15.70
N SER A 688 -44.02 17.42 15.10
CA SER A 688 -43.70 17.20 13.70
C SER A 688 -42.28 17.66 13.41
N ILE A 689 -41.76 17.22 12.27
CA ILE A 689 -40.44 17.61 11.79
C ILE A 689 -40.63 18.71 10.75
N ILE A 690 -39.90 19.81 10.93
CA ILE A 690 -40.03 20.96 10.05
C ILE A 690 -38.65 21.37 9.55
N ALA A 691 -38.64 22.08 8.42
CA ALA A 691 -37.43 22.64 7.83
C ALA A 691 -37.65 24.13 7.60
N TYR A 692 -36.69 24.95 8.01
CA TYR A 692 -36.86 26.39 7.96
C TYR A 692 -35.53 27.02 7.54
N THR A 693 -35.47 28.35 7.66
CA THR A 693 -34.35 29.15 7.20
C THR A 693 -33.61 29.73 8.40
N MET A 694 -32.35 30.12 8.18
CA MET A 694 -31.48 30.58 9.25
C MET A 694 -32.08 31.78 9.98
N SER A 695 -31.69 31.92 11.24
CA SER A 695 -31.99 33.10 12.04
C SER A 695 -30.68 33.64 12.56
N LEU A 696 -30.35 34.87 12.19
CA LEU A 696 -29.06 35.46 12.51
C LEU A 696 -29.06 36.20 13.85
N GLY A 697 -30.15 36.10 14.61
CA GLY A 697 -30.32 36.84 15.83
C GLY A 697 -31.29 38.00 15.66
N ALA A 698 -31.76 38.51 16.80
CA ALA A 698 -32.71 39.60 16.78
C ALA A 698 -32.08 40.86 16.18
N GLU A 699 -32.78 41.47 15.24
CA GLU A 699 -32.30 42.70 14.63
C GLU A 699 -32.45 43.87 15.59
N ASN A 700 -31.49 44.78 15.53
CA ASN A 700 -31.46 45.92 16.44
C ASN A 700 -30.90 47.12 15.70
N SER A 701 -31.28 48.31 16.16
CA SER A 701 -30.78 49.56 15.60
C SER A 701 -30.30 50.45 16.74
N VAL A 702 -29.24 51.21 16.47
CA VAL A 702 -28.66 52.12 17.43
C VAL A 702 -28.88 53.54 16.93
N ALA A 703 -29.50 54.37 17.75
CA ALA A 703 -29.78 55.74 17.36
C ALA A 703 -28.48 56.53 17.31
N TYR A 704 -28.11 56.97 16.12
CA TYR A 704 -26.89 57.74 15.91
C TYR A 704 -27.26 59.20 15.63
N SER A 705 -26.60 60.11 16.34
CA SER A 705 -26.84 61.53 16.21
C SER A 705 -25.52 62.28 16.18
N ASN A 706 -25.54 63.50 15.65
CA ASN A 706 -24.33 64.30 15.57
C ASN A 706 -23.90 64.77 16.95
N ASN A 707 -24.86 65.04 17.86
CA ASN A 707 -24.57 65.52 19.21
C ASN A 707 -25.40 64.75 20.24
N SER A 708 -24.90 63.59 20.66
CA SER A 708 -25.44 62.84 21.78
C SER A 708 -24.50 61.70 22.12
N ILE A 709 -24.57 61.25 23.37
CA ILE A 709 -23.68 60.20 23.87
C ILE A 709 -24.40 59.45 24.99
N ALA A 710 -24.10 58.16 25.10
CA ALA A 710 -24.64 57.32 26.16
C ALA A 710 -23.55 56.99 27.16
N ILE A 711 -23.88 57.07 28.45
CA ILE A 711 -22.93 56.80 29.52
C ILE A 711 -23.57 55.83 30.50
N PRO A 712 -22.94 54.70 30.81
CA PRO A 712 -23.51 53.78 31.79
C PRO A 712 -23.58 54.39 33.17
N THR A 713 -24.64 54.03 33.91
CA THR A 713 -24.85 54.50 35.27
C THR A 713 -24.74 53.39 36.29
N ASN A 714 -24.33 52.19 35.87
CA ASN A 714 -24.24 51.04 36.76
C ASN A 714 -23.34 50.01 36.09
N PHE A 715 -23.18 48.86 36.74
CA PHE A 715 -22.33 47.80 36.21
C PHE A 715 -22.75 46.48 36.80
N THR A 716 -22.17 45.40 36.27
CA THR A 716 -22.40 44.05 36.77
C THR A 716 -21.11 43.25 36.62
N ILE A 717 -21.00 42.20 37.43
CA ILE A 717 -19.85 41.31 37.43
C ILE A 717 -20.32 39.92 37.05
N SER A 718 -19.67 39.33 36.05
CA SER A 718 -20.05 38.01 35.55
C SER A 718 -18.83 37.10 35.52
N VAL A 719 -19.09 35.79 35.57
CA VAL A 719 -18.05 34.78 35.54
C VAL A 719 -18.31 33.86 34.37
N THR A 720 -17.29 33.66 33.52
CA THR A 720 -17.39 32.84 32.33
C THR A 720 -16.36 31.72 32.38
N THR A 721 -16.74 30.54 31.92
CA THR A 721 -15.88 29.37 31.93
C THR A 721 -15.24 29.16 30.55
N GLU A 722 -14.28 28.25 30.51
CA GLU A 722 -13.54 27.94 29.29
C GLU A 722 -12.79 26.64 29.49
N ILE A 723 -12.79 25.80 28.46
CA ILE A 723 -12.21 24.45 28.53
C ILE A 723 -11.27 24.26 27.34
N LEU A 724 -10.10 23.69 27.62
CA LEU A 724 -9.10 23.43 26.59
C LEU A 724 -8.41 22.09 26.84
N PRO A 725 -8.31 21.22 25.85
CA PRO A 725 -7.54 19.99 26.01
C PRO A 725 -6.04 20.29 26.14
N VAL A 726 -5.35 19.44 26.88
CA VAL A 726 -3.93 19.66 27.13
C VAL A 726 -3.11 18.44 26.70
N SER A 727 -3.71 17.25 26.73
CA SER A 727 -2.95 16.04 26.43
C SER A 727 -3.91 14.92 26.07
N MET A 728 -3.35 13.89 25.44
CA MET A 728 -4.07 12.68 25.07
C MET A 728 -3.38 11.46 25.67
N THR A 729 -4.02 10.31 25.53
CA THR A 729 -3.54 9.08 26.16
C THR A 729 -2.25 8.62 25.50
N LYS A 730 -1.18 8.46 26.29
CA LYS A 730 0.05 7.89 25.79
C LYS A 730 -0.14 6.42 25.47
N THR A 731 0.48 5.96 24.38
CA THR A 731 0.30 4.58 23.95
C THR A 731 1.57 4.08 23.27
N SER A 732 1.68 2.76 23.17
CA SER A 732 2.79 2.11 22.49
C SER A 732 2.30 0.76 21.99
N VAL A 733 2.99 0.25 20.96
CA VAL A 733 2.60 -1.00 20.31
C VAL A 733 3.84 -1.82 20.02
N ASP A 734 3.74 -3.13 20.20
CA ASP A 734 4.81 -4.06 19.86
C ASP A 734 4.53 -4.63 18.47
N CYS A 735 5.50 -4.52 17.57
CA CYS A 735 5.31 -4.95 16.20
C CYS A 735 5.23 -6.46 16.09
N THR A 736 6.05 -7.18 16.86
CA THR A 736 6.17 -8.62 16.68
C THR A 736 4.86 -9.34 17.02
N MET A 737 4.29 -9.04 18.19
CA MET A 737 3.10 -9.78 18.63
C MET A 737 1.88 -9.42 17.80
N TYR A 738 1.70 -8.13 17.46
CA TYR A 738 0.50 -7.71 16.75
C TYR A 738 0.40 -8.35 15.39
N ILE A 739 1.50 -8.36 14.63
CA ILE A 739 1.47 -8.87 13.26
C ILE A 739 1.44 -10.39 13.26
N CYS A 740 2.48 -11.01 13.84
CA CYS A 740 2.65 -12.46 13.82
C CYS A 740 3.06 -12.98 15.19
N GLY A 741 2.29 -12.63 16.21
CA GLY A 741 2.50 -13.19 17.53
C GLY A 741 2.47 -14.70 17.56
N ASP A 742 2.95 -15.29 18.66
CA ASP A 742 3.02 -16.74 18.94
C ASP A 742 3.27 -17.56 17.67
N SER A 743 4.22 -17.11 16.85
CA SER A 743 4.52 -17.74 15.57
C SER A 743 6.04 -17.86 15.41
N THR A 744 6.51 -19.05 15.07
CA THR A 744 7.91 -19.28 14.75
C THR A 744 8.19 -19.25 13.25
N GLU A 745 7.17 -18.98 12.44
CA GLU A 745 7.32 -18.91 10.99
C GLU A 745 7.36 -17.49 10.46
N CYS A 746 6.63 -16.57 11.09
CA CYS A 746 6.80 -15.15 10.79
C CYS A 746 8.06 -14.59 11.41
N SER A 747 8.55 -15.21 12.49
CA SER A 747 9.69 -14.67 13.22
C SER A 747 10.89 -14.45 12.31
N ASN A 748 11.27 -15.48 11.56
CA ASN A 748 12.35 -15.30 10.58
C ASN A 748 11.85 -14.56 9.34
N LEU A 749 10.59 -14.77 8.96
CA LEU A 749 10.05 -14.16 7.75
C LEU A 749 9.97 -12.65 7.88
N LEU A 750 9.62 -12.14 9.07
CA LEU A 750 9.43 -10.70 9.22
C LEU A 750 10.73 -9.93 9.02
N LEU A 751 11.87 -10.56 9.30
CA LEU A 751 13.15 -9.88 9.08
C LEU A 751 13.41 -9.63 7.60
N GLN A 752 12.72 -10.35 6.72
CA GLN A 752 12.86 -10.10 5.29
C GLN A 752 12.43 -8.69 4.91
N TYR A 753 11.47 -8.13 5.65
CA TYR A 753 11.08 -6.74 5.43
C TYR A 753 12.02 -5.75 6.10
N GLY A 754 12.87 -6.23 7.00
CA GLY A 754 13.94 -5.40 7.53
C GLY A 754 13.53 -4.40 8.61
N SER A 755 13.48 -3.12 8.25
CA SER A 755 13.40 -2.03 9.21
C SER A 755 12.08 -1.28 9.13
N PHE A 756 10.96 -2.00 9.05
CA PHE A 756 9.65 -1.36 9.14
C PHE A 756 9.22 -1.11 10.57
N CYS A 757 9.04 -2.19 11.35
CA CYS A 757 8.40 -2.03 12.64
C CYS A 757 9.31 -1.45 13.71
N THR A 758 10.62 -1.41 13.48
CA THR A 758 11.50 -0.66 14.36
C THR A 758 11.46 0.83 14.07
N GLN A 759 10.97 1.21 12.88
CA GLN A 759 10.76 2.62 12.58
C GLN A 759 9.51 3.16 13.26
N LEU A 760 8.47 2.33 13.36
CA LEU A 760 7.22 2.76 13.97
C LEU A 760 7.39 3.08 15.45
N LYS A 761 8.18 2.28 16.16
CA LYS A 761 8.38 2.50 17.59
C LYS A 761 9.00 3.87 17.85
N ARG A 762 9.96 4.28 17.02
CA ARG A 762 10.56 5.60 17.18
C ARG A 762 9.54 6.70 16.95
N ALA A 763 8.56 6.48 16.08
CA ALA A 763 7.54 7.49 15.82
C ALA A 763 6.62 7.67 17.02
N LEU A 764 6.13 6.56 17.59
CA LEU A 764 5.21 6.65 18.71
C LEU A 764 5.92 7.07 20.00
N THR A 765 7.15 6.59 20.18
CA THR A 765 7.90 6.97 21.38
C THR A 765 8.15 8.46 21.45
N GLY A 766 8.30 9.12 20.29
CA GLY A 766 8.42 10.57 20.28
C GLY A 766 7.15 11.25 20.75
N ILE A 767 6.00 10.72 20.36
CA ILE A 767 4.72 11.30 20.78
C ILE A 767 4.55 11.17 22.28
N ALA A 768 4.78 9.96 22.82
CA ALA A 768 4.56 9.73 24.24
C ALA A 768 5.49 10.59 25.10
N VAL A 769 6.76 10.69 24.70
CA VAL A 769 7.70 11.54 25.44
C VAL A 769 7.27 13.00 25.38
N GLU A 770 6.85 13.45 24.19
CA GLU A 770 6.46 14.85 24.03
C GLU A 770 5.18 15.17 24.79
N GLN A 771 4.34 14.17 25.07
CA GLN A 771 3.09 14.42 25.77
C GLN A 771 3.33 14.99 27.17
N ASP A 772 4.31 14.44 27.89
CA ASP A 772 4.61 14.95 29.22
C ASP A 772 5.09 16.40 29.18
N LYS A 773 5.73 16.80 28.08
CA LYS A 773 6.25 18.16 27.98
C LYS A 773 5.11 19.19 27.97
N ASN A 774 4.00 18.85 27.33
CA ASN A 774 2.87 19.78 27.25
C ASN A 774 2.37 20.14 28.64
N THR A 775 2.18 19.14 29.51
CA THR A 775 1.77 19.41 30.88
C THR A 775 2.81 20.22 31.64
N GLN A 776 4.08 20.07 31.31
CA GLN A 776 5.13 20.84 31.98
C GLN A 776 5.00 22.33 31.66
N GLU A 777 4.63 22.67 30.43
CA GLU A 777 4.54 24.06 30.00
C GLU A 777 3.28 24.75 30.47
N VAL A 778 2.35 24.03 31.09
CA VAL A 778 1.08 24.60 31.51
C VAL A 778 1.00 24.81 33.02
N PHE A 779 1.76 24.05 33.81
CA PHE A 779 1.67 24.15 35.26
C PHE A 779 3.00 24.52 35.91
N ALA A 780 4.12 24.06 35.35
CA ALA A 780 5.44 24.31 35.94
C ALA A 780 5.97 25.68 35.52
N GLN A 781 5.28 26.71 35.98
CA GLN A 781 5.70 28.10 35.78
C GLN A 781 6.09 28.79 37.07
N VAL A 782 5.90 28.15 38.23
CA VAL A 782 6.30 28.67 39.51
C VAL A 782 7.05 27.58 40.26
N LYS A 783 8.14 27.96 40.92
CA LYS A 783 9.01 27.00 41.60
C LYS A 783 8.89 27.08 43.12
N GLN A 784 7.87 27.76 43.62
CA GLN A 784 7.58 27.84 45.05
C GLN A 784 6.16 27.34 45.29
N ILE A 785 6.03 26.38 46.20
CA ILE A 785 4.73 25.77 46.50
C ILE A 785 4.12 26.58 47.64
N TYR A 786 3.43 27.67 47.29
CA TYR A 786 2.75 28.47 48.29
C TYR A 786 1.53 27.72 48.82
N LYS A 787 1.10 28.11 50.02
CA LYS A 787 -0.06 27.51 50.67
C LYS A 787 -0.98 28.60 51.18
N THR A 788 -2.27 28.26 51.24
CA THR A 788 -3.28 29.22 51.67
C THR A 788 -3.10 29.58 53.14
N PRO A 789 -3.43 30.82 53.53
CA PRO A 789 -3.39 31.18 54.94
C PRO A 789 -4.49 30.47 55.71
N PRO A 790 -4.32 30.30 57.03
CA PRO A 790 -5.35 29.58 57.81
C PRO A 790 -6.72 30.22 57.75
N ILE A 791 -6.78 31.56 57.69
CA ILE A 791 -8.07 32.24 57.68
C ILE A 791 -8.66 32.24 56.28
N LYS A 792 -9.95 32.56 56.20
CA LYS A 792 -10.65 32.72 54.94
C LYS A 792 -11.21 34.12 54.74
N TYR A 793 -10.95 35.04 55.67
CA TYR A 793 -11.42 36.40 55.52
C TYR A 793 -10.64 37.12 54.44
N PHE A 794 -11.38 37.75 53.50
CA PHE A 794 -10.74 38.49 52.42
C PHE A 794 -11.47 39.79 52.11
N GLY A 795 -12.25 40.31 53.05
CA GLY A 795 -13.00 41.53 52.83
C GLY A 795 -14.43 41.32 52.38
N GLY A 796 -15.01 40.14 52.60
CA GLY A 796 -16.36 39.84 52.18
C GLY A 796 -16.45 38.86 51.03
N PHE A 797 -15.41 38.76 50.21
CA PHE A 797 -15.38 37.78 49.12
C PHE A 797 -15.28 36.38 49.69
N ASN A 798 -16.06 35.46 49.14
CA ASN A 798 -16.13 34.08 49.62
C ASN A 798 -15.48 33.16 48.59
N PHE A 799 -14.35 32.57 48.96
CA PHE A 799 -13.57 31.73 48.07
C PHE A 799 -13.66 30.24 48.43
N SER A 800 -14.62 29.86 49.28
CA SER A 800 -14.66 28.49 49.77
C SER A 800 -14.88 27.48 48.66
N GLN A 801 -15.51 27.88 47.56
CA GLN A 801 -15.86 26.93 46.51
C GLN A 801 -14.62 26.38 45.81
N ILE A 802 -13.64 27.24 45.51
CA ILE A 802 -12.51 26.85 44.68
C ILE A 802 -11.24 26.55 45.47
N LEU A 803 -11.17 26.94 46.74
CA LEU A 803 -10.02 26.59 47.54
C LEU A 803 -10.02 25.10 47.87
N PRO A 804 -8.85 24.50 48.05
CA PRO A 804 -8.80 23.06 48.34
C PRO A 804 -9.54 22.71 49.62
N ASP A 805 -10.15 21.52 49.61
CA ASP A 805 -10.96 21.06 50.73
C ASP A 805 -10.21 19.97 51.49
N PRO A 806 -9.67 20.26 52.68
CA PRO A 806 -8.99 19.20 53.44
C PRO A 806 -9.91 18.10 53.93
N SER A 807 -11.22 18.33 53.98
CA SER A 807 -12.14 17.30 54.47
C SER A 807 -12.13 16.07 53.56
N LYS A 808 -12.10 16.29 52.25
CA LYS A 808 -12.06 15.18 51.31
C LYS A 808 -10.75 14.41 51.47
N PRO A 809 -10.76 13.09 51.37
CA PRO A 809 -9.49 12.33 51.43
C PRO A 809 -8.50 12.76 50.36
N SER A 810 -8.97 13.17 49.19
CA SER A 810 -8.11 13.72 48.15
C SER A 810 -8.23 15.24 48.18
N LYS A 811 -7.08 15.92 48.17
CA LYS A 811 -7.03 17.37 48.29
C LYS A 811 -7.47 18.01 46.98
N ARG A 812 -8.78 18.03 46.78
CA ARG A 812 -9.39 18.63 45.59
C ARG A 812 -10.50 19.57 46.01
N SER A 813 -10.64 20.68 45.29
CA SER A 813 -11.72 21.61 45.57
C SER A 813 -13.05 21.04 45.07
N PHE A 814 -14.14 21.71 45.45
CA PHE A 814 -15.47 21.21 45.13
C PHE A 814 -15.80 21.37 43.65
N ILE A 815 -15.27 22.41 43.00
CA ILE A 815 -15.64 22.69 41.61
C ILE A 815 -15.14 21.59 40.69
N GLU A 816 -13.85 21.23 40.81
CA GLU A 816 -13.30 20.22 39.93
C GLU A 816 -13.79 18.81 40.25
N ASP A 817 -14.29 18.59 41.47
CA ASP A 817 -14.83 17.27 41.81
C ASP A 817 -16.06 16.96 40.98
N LEU A 818 -16.84 17.97 40.61
CA LEU A 818 -17.94 17.76 39.67
C LEU A 818 -17.40 17.35 38.30
N LEU A 819 -16.28 17.93 37.89
CA LEU A 819 -15.73 17.65 36.56
C LEU A 819 -15.29 16.19 36.44
N PHE A 820 -14.70 15.64 37.50
CA PHE A 820 -14.19 14.28 37.43
C PHE A 820 -15.31 13.28 37.15
N ASN A 821 -16.46 13.45 37.81
CA ASN A 821 -17.56 12.51 37.61
C ASN A 821 -18.19 12.66 36.23
N LYS A 822 -18.22 13.88 35.70
CA LYS A 822 -18.87 14.13 34.42
C LYS A 822 -18.06 13.66 33.22
N VAL A 823 -16.80 13.27 33.41
CA VAL A 823 -15.95 12.79 32.35
C VAL A 823 -15.74 11.29 32.55
N THR A 824 -16.09 10.50 31.54
CA THR A 824 -16.02 9.05 31.61
C THR A 824 -14.76 8.57 30.90
N LEU A 825 -13.95 7.79 31.62
CA LEU A 825 -12.71 7.25 31.06
C LEU A 825 -12.92 5.82 30.55
N LEU A 846 -12.79 -3.45 31.11
CA LEU A 846 -12.96 -4.62 30.27
C LEU A 846 -12.25 -4.43 28.94
N ILE A 847 -12.42 -3.25 28.34
CA ILE A 847 -11.84 -2.98 27.02
C ILE A 847 -10.33 -3.06 27.08
N CYS A 848 -9.73 -2.59 28.18
CA CYS A 848 -8.28 -2.62 28.31
C CYS A 848 -7.73 -4.02 28.53
N ALA A 849 -8.59 -5.01 28.78
CA ALA A 849 -8.13 -6.37 29.05
C ALA A 849 -7.86 -7.18 27.79
N GLN A 850 -8.38 -6.75 26.64
CA GLN A 850 -8.16 -7.45 25.38
C GLN A 850 -6.99 -6.88 24.58
N LYS A 851 -6.01 -6.29 25.24
CA LYS A 851 -4.85 -5.69 24.59
C LYS A 851 -3.64 -6.62 24.61
N PHE A 852 -3.89 -7.93 24.48
CA PHE A 852 -2.81 -8.91 24.46
C PHE A 852 -1.99 -8.86 23.18
N LYS A 853 -2.42 -8.09 22.18
CA LYS A 853 -1.76 -8.03 20.88
C LYS A 853 -0.60 -7.05 20.84
N GLY A 854 -0.01 -6.73 21.99
CA GLY A 854 1.08 -5.79 22.05
C GLY A 854 0.68 -4.34 22.21
N LEU A 855 -0.62 -4.04 22.24
CA LEU A 855 -1.07 -2.67 22.47
C LEU A 855 -1.04 -2.38 23.96
N THR A 856 -0.39 -1.26 24.32
CA THR A 856 -0.22 -0.88 25.71
C THR A 856 -0.55 0.59 25.88
N VAL A 857 -0.89 0.97 27.11
CA VAL A 857 -1.20 2.34 27.47
C VAL A 857 -0.30 2.71 28.64
N LEU A 858 0.73 3.51 28.35
CA LEU A 858 1.64 3.94 29.41
C LEU A 858 0.96 4.96 30.31
N PRO A 859 1.25 4.93 31.61
CA PRO A 859 0.64 5.89 32.52
C PRO A 859 1.29 7.25 32.41
N PRO A 860 0.56 8.33 32.71
CA PRO A 860 1.17 9.66 32.68
C PRO A 860 2.25 9.81 33.74
N LEU A 861 3.26 10.61 33.42
CA LEU A 861 4.37 10.80 34.36
C LEU A 861 3.90 11.50 35.64
N LEU A 862 3.19 12.62 35.50
CA LEU A 862 2.68 13.35 36.64
C LEU A 862 1.36 12.75 37.09
N THR A 863 1.31 12.26 38.32
CA THR A 863 0.08 11.70 38.85
C THR A 863 -0.97 12.79 39.02
N ASP A 864 -2.24 12.38 39.02
CA ASP A 864 -3.34 13.34 39.00
C ASP A 864 -3.32 14.23 40.24
N GLU A 865 -3.05 13.65 41.41
CA GLU A 865 -3.02 14.43 42.64
C GLU A 865 -1.92 15.50 42.59
N MET A 866 -0.76 15.15 42.03
CA MET A 866 0.36 16.09 41.99
C MET A 866 0.01 17.35 41.21
N ILE A 867 -0.83 17.23 40.18
CA ILE A 867 -1.27 18.40 39.43
C ILE A 867 -2.08 19.32 40.33
N ALA A 868 -2.94 18.75 41.17
CA ALA A 868 -3.79 19.54 42.04
C ALA A 868 -2.98 20.45 42.96
N GLN A 869 -1.79 20.00 43.39
CA GLN A 869 -0.93 20.86 44.19
C GLN A 869 -0.50 22.10 43.42
N TYR A 870 -0.16 21.93 42.14
CA TYR A 870 0.19 23.07 41.30
C TYR A 870 -1.00 24.02 41.16
N THR A 871 -2.19 23.47 40.92
CA THR A 871 -3.38 24.30 40.80
C THR A 871 -3.64 25.07 42.10
N SER A 872 -3.47 24.40 43.25
CA SER A 872 -3.59 25.08 44.53
C SER A 872 -2.51 26.14 44.69
N ALA A 873 -1.30 25.87 44.20
CA ALA A 873 -0.20 26.81 44.38
C ALA A 873 -0.48 28.14 43.67
N LEU A 874 -0.98 28.08 42.44
CA LEU A 874 -1.27 29.32 41.71
C LEU A 874 -2.36 30.12 42.39
N LEU A 875 -3.38 29.44 42.92
CA LEU A 875 -4.48 30.14 43.58
C LEU A 875 -3.99 30.91 44.81
N ALA A 876 -3.09 30.32 45.59
CA ALA A 876 -2.60 30.96 46.80
C ALA A 876 -1.91 32.28 46.49
N GLY A 877 -1.00 32.27 45.50
CA GLY A 877 -0.26 33.47 45.18
C GLY A 877 -1.13 34.58 44.61
N THR A 878 -2.05 34.23 43.72
CA THR A 878 -2.84 35.22 43.01
C THR A 878 -3.88 35.92 43.89
N ILE A 879 -4.15 35.41 45.08
CA ILE A 879 -5.14 36.02 45.97
C ILE A 879 -4.50 36.78 47.12
N THR A 880 -3.24 36.53 47.44
CA THR A 880 -2.55 37.22 48.53
C THR A 880 -1.43 38.13 48.07
N SER A 881 -0.74 37.77 46.99
CA SER A 881 0.43 38.53 46.53
C SER A 881 0.18 39.26 45.23
N GLY A 882 -1.08 39.40 44.82
CA GLY A 882 -1.37 40.07 43.56
C GLY A 882 -0.74 39.37 42.39
N TRP A 883 -0.10 40.15 41.51
CA TRP A 883 0.61 39.62 40.36
C TRP A 883 2.12 39.79 40.47
N THR A 884 2.60 40.30 41.60
CA THR A 884 4.03 40.51 41.77
C THR A 884 4.81 39.21 41.94
N PHE A 885 4.12 38.09 42.21
CA PHE A 885 4.80 36.81 42.38
C PHE A 885 5.14 36.15 41.05
N GLY A 886 4.52 36.57 39.96
CA GLY A 886 4.81 36.03 38.65
C GLY A 886 5.95 36.70 37.92
N ALA A 887 6.61 37.69 38.53
CA ALA A 887 7.71 38.39 37.90
C ALA A 887 8.93 38.53 38.80
N GLY A 888 8.89 37.98 40.02
CA GLY A 888 10.02 38.08 40.93
C GLY A 888 9.67 37.67 42.34
N ALA A 889 10.13 38.43 43.31
CA ALA A 889 9.86 38.11 44.71
C ALA A 889 8.40 38.40 45.05
N ALA A 890 7.75 37.45 45.73
CA ALA A 890 6.37 37.62 46.12
C ALA A 890 6.25 38.74 47.16
N LEU A 891 5.18 39.53 47.03
CA LEU A 891 4.95 40.66 47.92
C LEU A 891 3.49 40.60 48.39
N GLN A 892 3.30 40.55 49.71
CA GLN A 892 1.95 40.50 50.25
C GLN A 892 1.23 41.82 50.02
N ILE A 893 -0.09 41.74 49.93
CA ILE A 893 -0.93 42.90 49.63
C ILE A 893 -2.34 42.61 50.12
N PRO A 894 -3.03 43.57 50.74
CA PRO A 894 -4.43 43.34 51.10
C PRO A 894 -5.29 43.10 49.86
N PHE A 895 -6.20 42.14 49.97
CA PHE A 895 -7.01 41.77 48.80
C PHE A 895 -8.08 42.82 48.51
N ALA A 896 -8.61 43.46 49.56
CA ALA A 896 -9.66 44.45 49.35
C ALA A 896 -9.19 45.64 48.54
N MET A 897 -7.90 45.99 48.64
CA MET A 897 -7.34 47.08 47.85
C MET A 897 -6.67 46.59 46.57
N GLN A 898 -6.36 45.30 46.47
CA GLN A 898 -5.79 44.78 45.23
C GLN A 898 -6.76 44.92 44.08
N MET A 899 -8.05 44.70 44.33
CA MET A 899 -9.06 44.90 43.29
C MET A 899 -9.08 46.34 42.81
N ALA A 900 -8.75 47.29 43.69
CA ALA A 900 -8.68 48.69 43.27
C ALA A 900 -7.60 48.88 42.22
N TYR A 901 -6.48 48.17 42.35
CA TYR A 901 -5.42 48.27 41.35
C TYR A 901 -5.91 47.76 40.00
N ARG A 902 -6.70 46.68 40.01
CA ARG A 902 -7.27 46.17 38.76
C ARG A 902 -8.20 47.19 38.12
N PHE A 903 -9.04 47.85 38.92
CA PHE A 903 -9.92 48.88 38.39
C PHE A 903 -9.12 50.03 37.80
N ASN A 904 -8.02 50.43 38.46
CA ASN A 904 -7.18 51.49 37.94
C ASN A 904 -6.60 51.10 36.58
N GLY A 905 -6.30 49.82 36.39
CA GLY A 905 -5.82 49.37 35.09
C GLY A 905 -6.87 49.51 34.01
N ILE A 906 -8.13 49.24 34.34
CA ILE A 906 -9.21 49.39 33.35
C ILE A 906 -9.36 50.85 32.94
N GLY A 907 -9.32 51.75 33.91
CA GLY A 907 -9.53 53.17 33.64
C GLY A 907 -10.47 53.81 34.63
N VAL A 908 -11.39 53.03 35.18
CA VAL A 908 -12.31 53.53 36.19
C VAL A 908 -11.54 53.86 37.45
N THR A 909 -11.81 55.03 38.03
CA THR A 909 -11.09 55.47 39.21
C THR A 909 -11.31 54.53 40.39
N GLN A 910 -10.28 54.40 41.23
CA GLN A 910 -10.31 53.44 42.33
C GLN A 910 -11.29 53.83 43.43
N ASN A 911 -11.78 55.06 43.44
CA ASN A 911 -12.68 55.49 44.50
C ASN A 911 -14.04 54.80 44.42
N VAL A 912 -14.44 54.37 43.22
CA VAL A 912 -15.75 53.75 43.07
C VAL A 912 -15.81 52.39 43.77
N LEU A 913 -14.69 51.68 43.87
CA LEU A 913 -14.69 50.37 44.51
C LEU A 913 -14.97 50.48 46.00
N TYR A 914 -14.30 51.41 46.67
CA TYR A 914 -14.41 51.51 48.12
C TYR A 914 -15.83 51.85 48.56
N GLU A 915 -16.48 52.76 47.82
CA GLU A 915 -17.84 53.16 48.19
C GLU A 915 -18.90 52.13 47.83
N ASN A 916 -18.54 51.08 47.09
CA ASN A 916 -19.47 50.01 46.75
C ASN A 916 -18.86 48.64 46.98
N GLN A 917 -17.99 48.52 47.99
CA GLN A 917 -17.35 47.24 48.27
C GLN A 917 -18.36 46.17 48.67
N LYS A 918 -19.31 46.53 49.53
CA LYS A 918 -20.30 45.56 50.00
C LYS A 918 -21.18 45.07 48.85
N LEU A 919 -21.59 45.99 47.96
CA LEU A 919 -22.43 45.60 46.84
C LEU A 919 -21.71 44.63 45.92
N ILE A 920 -20.42 44.86 45.67
CA ILE A 920 -19.65 43.99 44.79
C ILE A 920 -19.53 42.59 45.37
N ALA A 921 -19.32 42.50 46.69
CA ALA A 921 -19.10 41.19 47.31
C ALA A 921 -20.29 40.27 47.11
N ASN A 922 -21.50 40.80 47.31
CA ASN A 922 -22.70 39.99 47.10
C ASN A 922 -22.83 39.59 45.63
N GLN A 923 -22.57 40.52 44.72
CA GLN A 923 -22.66 40.22 43.30
C GLN A 923 -21.62 39.19 42.89
N PHE A 924 -20.39 39.32 43.41
CA PHE A 924 -19.34 38.37 43.07
C PHE A 924 -19.62 36.99 43.65
N ASN A 925 -20.02 36.94 44.92
CA ASN A 925 -20.26 35.65 45.57
C ASN A 925 -21.43 34.91 44.91
N SER A 926 -22.48 35.64 44.55
CA SER A 926 -23.62 35.01 43.90
C SER A 926 -23.24 34.41 42.55
N ALA A 927 -22.40 35.12 41.79
CA ALA A 927 -22.00 34.62 40.47
C ALA A 927 -21.23 33.31 40.58
N ILE A 928 -20.34 33.20 41.57
CA ILE A 928 -19.57 31.97 41.76
C ILE A 928 -20.50 30.80 42.06
N GLY A 929 -21.50 31.02 42.91
CA GLY A 929 -22.43 29.96 43.25
C GLY A 929 -23.21 29.45 42.06
N LYS A 930 -23.55 30.33 41.11
CA LYS A 930 -24.28 29.90 39.93
C LYS A 930 -23.46 28.98 39.03
N ILE A 931 -22.12 29.04 39.14
CA ILE A 931 -21.29 28.12 38.38
C ILE A 931 -21.44 26.68 38.85
N GLN A 932 -21.86 26.49 40.11
CA GLN A 932 -21.93 25.14 40.68
C GLN A 932 -22.86 24.24 39.89
N ASP A 933 -24.08 24.70 39.63
CA ASP A 933 -25.06 23.87 38.94
C ASP A 933 -24.97 23.97 37.42
N SER A 934 -24.39 25.06 36.90
CA SER A 934 -24.28 25.22 35.46
C SER A 934 -23.46 24.09 34.83
N LEU A 935 -22.38 23.69 35.49
CA LEU A 935 -21.59 22.56 35.00
C LEU A 935 -22.41 21.28 35.02
N SER A 936 -23.18 21.07 36.08
CA SER A 936 -23.99 19.88 36.23
C SER A 936 -25.40 20.03 35.65
N SER A 937 -25.73 21.19 35.08
CA SER A 937 -27.05 21.38 34.49
C SER A 937 -27.27 20.44 33.31
N THR A 938 -26.27 20.30 32.44
CA THR A 938 -26.39 19.45 31.28
C THR A 938 -25.17 18.55 31.13
N ALA A 939 -25.08 17.82 30.01
CA ALA A 939 -23.96 16.93 29.75
C ALA A 939 -23.10 17.33 28.57
N SER A 940 -23.59 18.20 27.68
CA SER A 940 -22.83 18.63 26.52
C SER A 940 -21.89 19.79 26.81
N ALA A 941 -21.87 20.30 28.05
CA ALA A 941 -20.98 21.41 28.39
C ALA A 941 -19.51 20.98 28.29
N LEU A 942 -19.21 19.73 28.68
CA LEU A 942 -17.85 19.21 28.66
C LEU A 942 -17.57 18.41 27.39
N GLY A 943 -18.17 18.81 26.26
CA GLY A 943 -18.00 18.05 25.04
C GLY A 943 -16.58 18.05 24.52
N LYS A 944 -15.86 19.16 24.71
CA LYS A 944 -14.53 19.30 24.15
C LYS A 944 -13.57 18.25 24.71
N LEU A 945 -13.60 18.01 26.02
CA LEU A 945 -12.78 16.97 26.61
C LEU A 945 -13.34 15.58 26.38
N GLN A 946 -14.67 15.47 26.29
CA GLN A 946 -15.30 14.15 26.25
C GLN A 946 -14.90 13.37 24.99
N ASP A 947 -14.90 14.02 23.83
CA ASP A 947 -14.63 13.33 22.58
C ASP A 947 -13.15 13.14 22.31
N VAL A 948 -12.27 13.71 23.13
CA VAL A 948 -10.84 13.50 22.96
C VAL A 948 -10.49 12.04 23.24
N VAL A 949 -10.98 11.50 24.36
CA VAL A 949 -10.76 10.09 24.65
C VAL A 949 -11.55 9.21 23.70
N ASN A 950 -12.72 9.68 23.26
CA ASN A 950 -13.52 8.91 22.32
C ASN A 950 -12.79 8.72 21.00
N HIS A 951 -12.16 9.79 20.49
CA HIS A 951 -11.47 9.72 19.21
C HIS A 951 -10.21 8.86 19.26
N ASN A 952 -9.73 8.51 20.44
CA ASN A 952 -8.57 7.63 20.58
C ASN A 952 -8.98 6.18 20.78
N ALA A 953 -9.96 5.93 21.65
CA ALA A 953 -10.44 4.57 21.86
C ALA A 953 -11.08 4.03 20.58
N GLN A 954 -11.84 4.86 19.87
CA GLN A 954 -12.46 4.42 18.63
C GLN A 954 -11.42 4.05 17.58
N ALA A 955 -10.30 4.77 17.53
CA ALA A 955 -9.24 4.43 16.59
C ALA A 955 -8.63 3.07 16.93
N LEU A 956 -8.48 2.76 18.22
CA LEU A 956 -7.94 1.48 18.62
C LEU A 956 -8.84 0.33 18.18
N ASN A 957 -10.16 0.49 18.30
CA ASN A 957 -11.08 -0.58 17.96
C ASN A 957 -10.98 -0.96 16.49
N THR A 958 -10.87 0.02 15.61
CA THR A 958 -10.71 -0.28 14.19
C THR A 958 -9.40 -1.01 13.94
N LEU A 959 -8.33 -0.62 14.64
CA LEU A 959 -7.05 -1.29 14.48
C LEU A 959 -7.14 -2.74 14.94
N VAL A 960 -7.82 -3.00 16.06
CA VAL A 960 -7.92 -4.35 16.57
C VAL A 960 -8.73 -5.23 15.63
N LYS A 961 -9.89 -4.74 15.20
CA LYS A 961 -10.76 -5.52 14.32
C LYS A 961 -10.21 -5.71 12.92
N GLN A 962 -9.15 -4.97 12.56
CA GLN A 962 -8.64 -5.02 11.20
C GLN A 962 -8.00 -6.38 10.89
N LEU A 963 -7.35 -6.99 11.88
CA LEU A 963 -6.61 -8.23 11.64
C LEU A 963 -7.51 -9.41 11.29
N SER A 964 -8.83 -9.27 11.47
CA SER A 964 -9.75 -10.34 11.10
C SER A 964 -10.04 -10.38 9.60
N SER A 965 -9.58 -9.40 8.84
CA SER A 965 -9.84 -9.35 7.41
C SER A 965 -8.92 -10.32 6.68
N LYS A 966 -9.50 -11.06 5.71
CA LYS A 966 -8.75 -12.02 4.94
C LYS A 966 -7.86 -11.39 3.88
N PHE A 967 -8.15 -10.15 3.48
CA PHE A 967 -7.44 -9.47 2.39
C PHE A 967 -7.50 -10.28 1.10
N GLY A 968 -8.61 -11.00 0.91
CA GLY A 968 -8.84 -11.76 -0.30
C GLY A 968 -8.11 -13.08 -0.38
N ALA A 969 -7.36 -13.47 0.65
CA ALA A 969 -6.59 -14.70 0.62
C ALA A 969 -7.46 -15.88 1.05
N ILE A 970 -6.82 -17.03 1.30
CA ILE A 970 -7.57 -18.24 1.64
C ILE A 970 -8.25 -18.09 2.99
N SER A 971 -7.52 -17.64 4.01
CA SER A 971 -8.06 -17.57 5.35
C SER A 971 -7.37 -16.45 6.11
N SER A 972 -8.13 -15.80 7.01
CA SER A 972 -7.58 -14.70 7.80
C SER A 972 -6.58 -15.21 8.82
N VAL A 973 -6.93 -16.26 9.56
CA VAL A 973 -6.05 -16.79 10.59
C VAL A 973 -4.82 -17.43 9.95
N LEU A 974 -3.68 -17.29 10.62
CA LEU A 974 -2.39 -17.60 10.00
C LEU A 974 -2.15 -19.10 9.88
N ASN A 975 -2.18 -19.81 11.01
CA ASN A 975 -1.73 -21.20 11.02
C ASN A 975 -2.58 -22.10 10.14
N ASP A 976 -3.83 -21.72 9.89
CA ASP A 976 -4.72 -22.54 9.07
C ASP A 976 -4.24 -22.60 7.62
N ILE A 977 -3.56 -21.55 7.14
CA ILE A 977 -3.14 -21.49 5.74
C ILE A 977 -1.94 -22.38 5.44
N PHE A 978 -1.40 -23.07 6.45
CA PHE A 978 -0.23 -23.93 6.28
C PHE A 978 -0.61 -25.36 5.96
N SER A 979 -1.43 -25.98 6.82
CA SER A 979 -1.81 -27.37 6.63
C SER A 979 -2.62 -27.59 5.36
N ARG A 980 -3.22 -26.53 4.82
CA ARG A 980 -4.06 -26.65 3.63
C ARG A 980 -3.29 -26.45 2.33
N LEU A 981 -1.98 -26.25 2.38
CA LEU A 981 -1.19 -26.00 1.19
C LEU A 981 0.22 -26.51 1.40
N ASP A 982 0.96 -26.62 0.29
CA ASP A 982 2.37 -26.95 0.36
C ASP A 982 3.19 -25.67 0.57
N LYS A 983 4.51 -25.79 0.51
CA LYS A 983 5.42 -24.73 0.93
C LYS A 983 6.07 -24.01 -0.24
N VAL A 984 5.37 -23.80 -1.35
CA VAL A 984 5.90 -23.08 -2.49
C VAL A 984 5.05 -21.87 -2.87
N GLU A 985 3.72 -22.04 -2.92
CA GLU A 985 2.84 -20.91 -3.22
C GLU A 985 2.25 -20.27 -1.97
N ALA A 986 2.65 -20.73 -0.78
CA ALA A 986 2.17 -20.09 0.45
C ALA A 986 2.73 -18.69 0.63
N GLU A 987 3.84 -18.36 -0.04
CA GLU A 987 4.46 -17.06 0.14
C GLU A 987 3.54 -15.93 -0.33
N VAL A 988 2.91 -16.10 -1.49
CA VAL A 988 1.95 -15.10 -1.95
C VAL A 988 0.73 -15.10 -1.04
N GLN A 989 0.40 -16.25 -0.44
CA GLN A 989 -0.73 -16.33 0.47
C GLN A 989 -0.41 -15.86 1.88
N ILE A 990 0.86 -15.66 2.21
CA ILE A 990 1.23 -15.09 3.50
C ILE A 990 1.74 -13.66 3.36
N ASP A 991 2.22 -13.25 2.18
CA ASP A 991 2.63 -11.88 1.97
C ASP A 991 1.46 -10.92 2.14
N ARG A 992 0.29 -11.30 1.63
CA ARG A 992 -0.90 -10.46 1.78
C ARG A 992 -1.32 -10.36 3.24
N LEU A 993 -1.08 -11.40 4.05
CA LEU A 993 -1.41 -11.35 5.46
C LEU A 993 -0.35 -10.66 6.30
N ILE A 994 0.78 -10.29 5.71
CA ILE A 994 1.82 -9.57 6.43
C ILE A 994 1.99 -8.13 5.95
N THR A 995 1.51 -7.79 4.76
CA THR A 995 1.50 -6.40 4.31
C THR A 995 0.24 -5.67 4.79
N GLY A 996 -0.92 -6.31 4.66
CA GLY A 996 -2.15 -5.71 5.15
C GLY A 996 -2.12 -5.48 6.65
N ARG A 997 -1.59 -6.46 7.41
CA ARG A 997 -1.43 -6.28 8.84
C ARG A 997 -0.40 -5.21 9.18
N LEU A 998 0.46 -4.85 8.23
CA LEU A 998 1.45 -3.80 8.41
C LEU A 998 1.00 -2.47 7.83
N GLN A 999 0.39 -2.48 6.64
CA GLN A 999 -0.10 -1.24 6.04
C GLN A 999 -1.19 -0.61 6.88
N SER A 1000 -2.10 -1.43 7.44
CA SER A 1000 -3.13 -0.91 8.31
C SER A 1000 -2.52 -0.26 9.56
N LEU A 1001 -1.50 -0.90 10.13
CA LEU A 1001 -0.81 -0.30 11.27
C LEU A 1001 -0.15 1.02 10.88
N GLN A 1002 0.36 1.10 9.65
CA GLN A 1002 0.94 2.35 9.16
C GLN A 1002 -0.11 3.46 9.12
N THR A 1003 -1.32 3.15 8.67
CA THR A 1003 -2.37 4.16 8.58
C THR A 1003 -2.72 4.70 9.95
N TYR A 1004 -2.82 3.84 10.96
CA TYR A 1004 -3.18 4.29 12.30
C TYR A 1004 -2.13 5.24 12.86
N VAL A 1005 -0.86 4.97 12.63
CA VAL A 1005 0.20 5.82 13.15
C VAL A 1005 0.10 7.23 12.56
N THR A 1006 -0.14 7.31 11.25
CA THR A 1006 -0.28 8.62 10.61
C THR A 1006 -1.42 9.42 11.21
N GLN A 1007 -2.51 8.76 11.59
CA GLN A 1007 -3.61 9.45 12.24
C GLN A 1007 -3.17 10.08 13.56
N GLN A 1008 -2.36 9.36 14.33
CA GLN A 1008 -1.89 9.88 15.62
C GLN A 1008 -1.03 11.13 15.43
N LEU A 1009 -0.19 11.13 14.39
CA LEU A 1009 0.67 12.29 14.15
C LEU A 1009 -0.13 13.55 13.92
N ILE A 1010 -1.22 13.46 13.15
CA ILE A 1010 -2.04 14.64 12.87
C ILE A 1010 -2.65 15.18 14.16
N ARG A 1011 -3.24 14.28 14.96
CA ARG A 1011 -3.88 14.71 16.20
C ARG A 1011 -2.85 15.29 17.18
N ALA A 1012 -1.67 14.69 17.25
CA ALA A 1012 -0.61 15.23 18.10
C ALA A 1012 -0.23 16.64 17.66
N ALA A 1013 -0.19 16.88 16.34
CA ALA A 1013 0.10 18.22 15.84
C ALA A 1013 -1.02 19.21 16.15
N GLU A 1014 -2.20 18.73 16.50
CA GLU A 1014 -3.31 19.60 16.88
C GLU A 1014 -3.29 19.91 18.37
N ILE A 1015 -3.07 18.90 19.20
CA ILE A 1015 -3.00 19.11 20.64
C ILE A 1015 -1.83 20.02 20.99
N ARG A 1016 -0.71 19.88 20.26
CA ARG A 1016 0.44 20.74 20.50
C ARG A 1016 0.08 22.21 20.30
N ALA A 1017 -0.74 22.51 19.28
CA ALA A 1017 -1.17 23.88 19.06
C ALA A 1017 -2.12 24.34 20.15
N SER A 1018 -2.97 23.44 20.66
CA SER A 1018 -3.90 23.81 21.72
C SER A 1018 -3.19 23.99 23.06
N ALA A 1019 -2.20 23.13 23.34
CA ALA A 1019 -1.47 23.23 24.60
C ALA A 1019 -0.73 24.56 24.72
N ASN A 1020 -0.10 25.01 23.63
CA ASN A 1020 0.61 26.28 23.66
C ASN A 1020 -0.33 27.44 23.93
N LEU A 1021 -1.56 27.37 23.42
CA LEU A 1021 -2.54 28.42 23.72
C LEU A 1021 -2.86 28.46 25.21
N ALA A 1022 -2.98 27.28 25.84
CA ALA A 1022 -3.26 27.24 27.26
C ALA A 1022 -2.14 27.88 28.08
N ALA A 1023 -0.89 27.61 27.69
CA ALA A 1023 0.24 28.22 28.39
C ALA A 1023 0.21 29.75 28.25
N THR A 1024 -0.12 30.25 27.06
CA THR A 1024 -0.24 31.69 26.88
C THR A 1024 -1.39 32.25 27.72
N LYS A 1025 -2.51 31.53 27.78
CA LYS A 1025 -3.63 31.98 28.60
C LYS A 1025 -3.23 32.01 30.08
N MET A 1026 -2.51 30.99 30.55
CA MET A 1026 -2.08 30.97 31.94
C MET A 1026 -1.09 32.08 32.23
N SER A 1027 -0.19 32.37 31.29
CA SER A 1027 0.83 33.39 31.53
C SER A 1027 0.27 34.80 31.51
N GLU A 1028 -0.90 35.02 30.92
CA GLU A 1028 -1.47 36.35 30.79
C GLU A 1028 -2.72 36.53 31.64
N CYS A 1029 -3.72 35.66 31.50
CA CYS A 1029 -4.98 35.84 32.22
C CYS A 1029 -4.90 35.44 33.68
N VAL A 1030 -3.76 34.97 34.16
CA VAL A 1030 -3.64 34.54 35.55
C VAL A 1030 -2.59 35.36 36.27
N LEU A 1031 -1.36 35.35 35.77
CA LEU A 1031 -0.25 36.07 36.41
C LEU A 1031 -0.29 37.56 36.16
N GLY A 1032 -1.36 38.08 35.57
CA GLY A 1032 -1.45 39.50 35.33
C GLY A 1032 -2.80 39.87 34.74
N GLN A 1033 -2.90 41.14 34.34
CA GLN A 1033 -4.10 41.66 33.69
C GLN A 1033 -3.79 41.95 32.23
N SER A 1034 -4.60 41.40 31.33
CA SER A 1034 -4.36 41.49 29.90
C SER A 1034 -5.23 42.57 29.29
N LYS A 1035 -4.61 43.44 28.49
CA LYS A 1035 -5.33 44.48 27.78
C LYS A 1035 -5.91 44.02 26.45
N ARG A 1036 -5.54 42.83 25.99
CA ARG A 1036 -6.07 42.32 24.73
C ARG A 1036 -7.56 42.04 24.86
N VAL A 1037 -8.33 42.53 23.90
CA VAL A 1037 -9.78 42.46 23.97
C VAL A 1037 -10.25 41.07 23.57
N ASP A 1038 -11.24 40.55 24.30
CA ASP A 1038 -11.88 39.27 24.01
C ASP A 1038 -10.85 38.14 23.95
N PHE A 1039 -9.89 38.17 24.88
CA PHE A 1039 -8.90 37.12 25.01
C PHE A 1039 -8.98 36.36 26.32
N CYS A 1040 -9.37 37.03 27.41
CA CYS A 1040 -9.52 36.37 28.70
C CYS A 1040 -10.97 36.44 29.15
N GLY A 1041 -11.90 36.18 28.23
CA GLY A 1041 -13.32 36.27 28.51
C GLY A 1041 -13.94 37.51 27.88
N LYS A 1042 -15.25 37.42 27.65
CA LYS A 1042 -15.97 38.52 27.03
C LYS A 1042 -16.08 39.71 27.97
N GLY A 1043 -15.88 40.91 27.42
CA GLY A 1043 -15.90 42.12 28.21
C GLY A 1043 -14.56 42.45 28.81
N TYR A 1044 -14.53 43.52 29.58
CA TYR A 1044 -13.32 43.93 30.27
C TYR A 1044 -12.91 42.87 31.28
N HIS A 1045 -11.61 42.61 31.36
CA HIS A 1045 -11.08 41.51 32.14
C HIS A 1045 -10.43 42.01 33.42
N LEU A 1046 -10.66 41.28 34.51
CA LEU A 1046 -10.08 41.59 35.82
C LEU A 1046 -9.09 40.52 36.27
N MET A 1047 -9.53 39.27 36.36
CA MET A 1047 -8.68 38.18 36.81
C MET A 1047 -9.33 36.86 36.41
N SER A 1048 -8.55 35.79 36.49
CA SER A 1048 -9.03 34.46 36.19
C SER A 1048 -8.38 33.45 37.13
N PHE A 1049 -9.07 32.32 37.33
CA PHE A 1049 -8.57 31.27 38.19
C PHE A 1049 -8.54 29.94 37.45
N PRO A 1050 -7.44 29.20 37.52
CA PRO A 1050 -7.36 27.90 36.86
C PRO A 1050 -7.87 26.76 37.74
N GLN A 1051 -8.39 25.73 37.07
CA GLN A 1051 -8.89 24.54 37.73
C GLN A 1051 -8.47 23.32 36.93
N SER A 1052 -8.02 22.28 37.63
CA SER A 1052 -7.58 21.07 36.98
C SER A 1052 -8.77 20.29 36.42
N ALA A 1053 -8.47 19.41 35.46
CA ALA A 1053 -9.48 18.61 34.80
C ALA A 1053 -8.80 17.41 34.15
N PRO A 1054 -9.53 16.32 33.91
CA PRO A 1054 -8.92 15.18 33.23
C PRO A 1054 -8.52 15.53 31.80
N HIS A 1055 -7.21 15.48 31.54
CA HIS A 1055 -6.65 15.77 30.23
C HIS A 1055 -7.04 17.17 29.75
N GLY A 1056 -7.07 18.12 30.67
CA GLY A 1056 -7.43 19.48 30.29
C GLY A 1056 -7.38 20.40 31.49
N VAL A 1057 -7.65 21.68 31.23
CA VAL A 1057 -7.69 22.71 32.25
C VAL A 1057 -8.94 23.56 32.02
N VAL A 1058 -9.46 24.14 33.10
CA VAL A 1058 -10.66 24.94 33.06
C VAL A 1058 -10.39 26.28 33.73
N PHE A 1059 -10.75 27.36 33.06
CA PHE A 1059 -10.57 28.71 33.58
C PHE A 1059 -11.89 29.28 34.07
N LEU A 1060 -11.78 30.27 34.96
CA LEU A 1060 -12.94 31.01 35.46
C LEU A 1060 -12.62 32.50 35.32
N HIS A 1061 -13.07 33.09 34.22
CA HIS A 1061 -12.78 34.50 33.96
C HIS A 1061 -13.74 35.38 34.75
N VAL A 1062 -13.20 36.45 35.32
CA VAL A 1062 -13.97 37.46 36.04
C VAL A 1062 -13.97 38.72 35.20
N THR A 1063 -15.16 39.16 34.77
CA THR A 1063 -15.29 40.24 33.80
C THR A 1063 -16.21 41.32 34.33
N TYR A 1064 -16.03 42.52 33.80
CA TYR A 1064 -16.79 43.70 34.19
C TYR A 1064 -17.62 44.17 33.00
N VAL A 1065 -18.92 44.31 33.19
CA VAL A 1065 -19.83 44.65 32.11
C VAL A 1065 -20.69 45.85 32.50
N PRO A 1066 -20.74 46.90 31.69
CA PRO A 1066 -21.60 48.05 32.03
C PRO A 1066 -23.07 47.67 32.03
N ALA A 1067 -23.81 48.25 32.98
CA ALA A 1067 -25.25 48.05 33.12
C ALA A 1067 -25.98 49.17 32.38
N GLN A 1068 -27.27 49.34 32.68
CA GLN A 1068 -28.12 50.30 31.98
C GLN A 1068 -27.50 51.69 31.92
N GLU A 1069 -27.91 52.46 30.92
CA GLU A 1069 -27.35 53.78 30.64
C GLU A 1069 -28.49 54.74 30.35
N LYS A 1070 -28.13 55.96 29.95
CA LYS A 1070 -29.12 56.98 29.59
C LYS A 1070 -28.57 57.84 28.47
N ASN A 1071 -29.48 58.45 27.72
CA ASN A 1071 -29.09 59.39 26.67
C ASN A 1071 -28.57 60.69 27.31
N PHE A 1072 -27.75 61.40 26.54
CA PHE A 1072 -27.13 62.62 27.03
C PHE A 1072 -26.81 63.53 25.84
N THR A 1073 -26.51 64.79 26.16
CA THR A 1073 -26.09 65.77 25.17
C THR A 1073 -24.66 66.21 25.48
N THR A 1074 -23.81 66.22 24.45
CA THR A 1074 -22.40 66.47 24.64
C THR A 1074 -21.88 67.44 23.57
N ALA A 1075 -20.76 68.09 23.89
CA ALA A 1075 -20.06 68.98 22.99
C ALA A 1075 -18.58 68.68 23.05
N PRO A 1076 -17.84 68.89 21.96
CA PRO A 1076 -16.42 68.52 21.97
C PRO A 1076 -15.54 69.44 22.80
N ALA A 1077 -15.74 70.75 22.70
CA ALA A 1077 -14.89 71.71 23.38
C ALA A 1077 -15.73 72.86 23.92
N ILE A 1078 -15.10 73.68 24.76
CA ILE A 1078 -15.77 74.80 25.41
C ILE A 1078 -14.91 76.05 25.27
N CYS A 1079 -15.55 77.17 24.94
CA CYS A 1079 -14.89 78.45 24.80
C CYS A 1079 -15.41 79.41 25.86
N HIS A 1080 -14.53 79.83 26.78
CA HIS A 1080 -14.92 80.71 27.87
C HIS A 1080 -14.28 82.08 27.78
N ASP A 1081 -12.96 82.17 27.81
CA ASP A 1081 -12.25 83.43 27.63
C ASP A 1081 -11.77 83.59 26.19
N GLY A 1082 -12.65 83.40 25.22
CA GLY A 1082 -12.27 83.47 23.83
C GLY A 1082 -11.26 82.41 23.43
N LYS A 1083 -11.09 81.40 24.29
CA LYS A 1083 -10.15 80.32 24.07
C LYS A 1083 -10.82 78.98 24.36
N ALA A 1084 -10.35 77.94 23.69
CA ALA A 1084 -10.96 76.63 23.82
C ALA A 1084 -10.33 75.84 24.97
N HIS A 1085 -11.13 74.94 25.54
CA HIS A 1085 -10.67 74.02 26.58
C HIS A 1085 -11.16 72.63 26.25
N PHE A 1086 -10.36 71.62 26.64
CA PHE A 1086 -10.70 70.24 26.40
C PHE A 1086 -10.64 69.44 27.69
N PRO A 1087 -11.45 68.39 27.81
CA PRO A 1087 -11.38 67.55 29.02
C PRO A 1087 -10.05 66.80 29.07
N ARG A 1088 -9.36 66.91 30.21
CA ARG A 1088 -8.06 66.25 30.35
C ARG A 1088 -8.21 64.74 30.30
N GLU A 1089 -9.10 64.19 31.13
CA GLU A 1089 -9.45 62.77 31.08
C GLU A 1089 -10.96 62.68 31.31
N GLY A 1090 -11.72 62.64 30.24
CA GLY A 1090 -13.16 62.56 30.33
C GLY A 1090 -13.81 63.16 29.10
N VAL A 1091 -15.12 63.39 29.20
CA VAL A 1091 -15.91 63.96 28.13
C VAL A 1091 -16.91 64.95 28.71
N PHE A 1092 -17.13 66.03 27.98
CA PHE A 1092 -18.10 67.04 28.40
C PHE A 1092 -19.52 66.51 28.22
N VAL A 1093 -20.39 66.83 29.17
CA VAL A 1093 -21.77 66.35 29.16
C VAL A 1093 -22.65 67.36 29.86
N SER A 1094 -23.91 67.44 29.43
CA SER A 1094 -24.88 68.32 30.04
C SER A 1094 -26.24 67.65 30.06
N ASN A 1095 -26.97 67.83 31.15
CA ASN A 1095 -28.33 67.32 31.29
C ASN A 1095 -29.37 68.30 30.79
N GLY A 1096 -28.97 69.24 29.92
CA GLY A 1096 -29.87 70.24 29.41
C GLY A 1096 -29.90 71.54 30.19
N THR A 1097 -29.33 71.57 31.40
CA THR A 1097 -29.31 72.76 32.22
C THR A 1097 -27.91 73.26 32.53
N HIS A 1098 -27.00 72.37 32.94
CA HIS A 1098 -25.63 72.74 33.23
C HIS A 1098 -24.68 71.74 32.61
N TRP A 1099 -23.47 72.20 32.30
CA TRP A 1099 -22.45 71.36 31.68
C TRP A 1099 -21.57 70.70 32.74
N PHE A 1100 -21.12 69.49 32.43
CA PHE A 1100 -20.31 68.72 33.36
C PHE A 1100 -19.32 67.87 32.59
N VAL A 1101 -18.31 67.38 33.30
CA VAL A 1101 -17.32 66.46 32.75
C VAL A 1101 -17.26 65.23 33.65
N THR A 1102 -17.19 64.05 33.04
CA THR A 1102 -17.28 62.81 33.80
C THR A 1102 -16.40 61.74 33.13
N GLN A 1103 -16.35 60.59 33.78
CA GLN A 1103 -15.56 59.47 33.30
C GLN A 1103 -16.19 58.85 32.06
N ARG A 1104 -15.38 58.07 31.34
CA ARG A 1104 -15.86 57.42 30.12
C ARG A 1104 -16.83 56.29 30.44
N ASN A 1105 -16.49 55.45 31.42
CA ASN A 1105 -17.23 54.22 31.67
C ASN A 1105 -18.11 54.28 32.91
N PHE A 1106 -18.19 55.42 33.58
CA PHE A 1106 -19.06 55.55 34.74
C PHE A 1106 -19.59 56.98 34.79
N TYR A 1107 -20.85 57.12 35.19
CA TYR A 1107 -21.49 58.42 35.29
C TYR A 1107 -21.15 59.04 36.66
N GLU A 1108 -20.33 60.08 36.64
CA GLU A 1108 -19.99 60.82 37.85
C GLU A 1108 -19.76 62.28 37.48
N PRO A 1109 -20.84 63.04 37.31
CA PRO A 1109 -20.69 64.43 36.87
C PRO A 1109 -19.90 65.27 37.85
N GLN A 1110 -19.13 66.21 37.31
CA GLN A 1110 -18.29 67.09 38.10
C GLN A 1110 -18.35 68.49 37.52
N ILE A 1111 -18.10 69.48 38.38
CA ILE A 1111 -18.10 70.87 37.96
C ILE A 1111 -16.90 71.15 37.06
N ILE A 1112 -17.11 71.99 36.04
CA ILE A 1112 -16.01 72.35 35.15
C ILE A 1112 -14.91 73.02 35.95
N THR A 1113 -13.67 72.70 35.60
CA THR A 1113 -12.53 73.12 36.41
C THR A 1113 -11.31 73.25 35.52
N THR A 1114 -10.58 74.36 35.66
CA THR A 1114 -9.36 74.55 34.89
C THR A 1114 -8.33 73.47 35.19
N ASP A 1115 -8.18 73.11 36.47
CA ASP A 1115 -7.32 71.99 36.83
C ASP A 1115 -7.82 70.67 36.28
N ASN A 1116 -9.09 70.58 35.89
CA ASN A 1116 -9.65 69.40 35.26
C ASN A 1116 -9.63 69.47 33.74
N THR A 1117 -9.16 70.59 33.18
CA THR A 1117 -9.11 70.78 31.73
C THR A 1117 -7.76 71.36 31.37
N PHE A 1118 -7.62 71.80 30.12
CA PHE A 1118 -6.41 72.49 29.67
C PHE A 1118 -6.76 73.32 28.44
N VAL A 1119 -6.16 74.50 28.35
CA VAL A 1119 -6.48 75.46 27.30
C VAL A 1119 -5.48 75.29 26.16
N SER A 1120 -5.98 75.43 24.93
CA SER A 1120 -5.13 75.31 23.75
C SER A 1120 -5.79 76.05 22.59
N GLY A 1121 -5.20 77.17 22.18
CA GLY A 1121 -5.63 77.87 20.98
C GLY A 1121 -6.92 78.65 21.09
N ASN A 1122 -7.24 79.40 20.04
CA ASN A 1122 -8.48 80.16 20.00
C ASN A 1122 -9.66 79.23 19.73
N CYS A 1123 -10.85 79.69 20.11
CA CYS A 1123 -12.08 78.91 20.01
C CYS A 1123 -12.87 79.22 18.74
N ASP A 1124 -12.19 79.61 17.67
CA ASP A 1124 -12.84 79.93 16.41
C ASP A 1124 -12.54 78.94 15.30
N VAL A 1125 -11.76 77.89 15.58
CA VAL A 1125 -11.36 76.93 14.56
C VAL A 1125 -12.01 75.57 14.79
N VAL A 1126 -12.22 75.18 16.05
CA VAL A 1126 -12.84 73.89 16.34
C VAL A 1126 -14.33 73.96 16.05
N ILE A 1127 -14.85 72.94 15.38
CA ILE A 1127 -16.26 72.90 15.00
C ILE A 1127 -17.07 72.30 16.15
N GLY A 1128 -18.28 72.83 16.33
CA GLY A 1128 -19.19 72.31 17.33
C GLY A 1128 -18.98 72.82 18.74
N ILE A 1129 -18.14 73.84 18.93
CA ILE A 1129 -17.88 74.34 20.27
C ILE A 1129 -19.11 75.05 20.82
N VAL A 1130 -19.23 75.07 22.14
CA VAL A 1130 -20.41 75.59 22.83
C VAL A 1130 -19.95 76.69 23.79
N ASN A 1131 -20.90 77.47 24.29
CA ASN A 1131 -20.62 78.60 25.15
C ASN A 1131 -20.96 78.26 26.60
N ASN A 1132 -20.01 78.54 27.50
CA ASN A 1132 -20.21 78.45 28.95
C ASN A 1132 -18.97 79.07 29.59
N THR A 1133 -18.97 79.11 30.92
CA THR A 1133 -17.88 79.70 31.68
C THR A 1133 -17.10 78.60 32.39
N VAL A 1134 -15.78 78.63 32.26
CA VAL A 1134 -14.91 77.67 32.93
C VAL A 1134 -14.67 78.19 34.35
N TYR A 1135 -15.31 77.54 35.32
CA TYR A 1135 -15.19 77.96 36.71
C TYR A 1135 -13.75 77.72 37.19
N ASP A 1136 -13.04 78.79 37.47
CA ASP A 1136 -11.64 78.67 37.90
C ASP A 1136 -11.59 78.00 39.26
N PRO A 1137 -10.79 76.93 39.43
CA PRO A 1137 -10.62 76.34 40.76
C PRO A 1137 -9.69 77.15 41.63
N LEU A 1138 -8.78 77.91 40.98
CA LEU A 1138 -7.97 78.86 41.72
C LEU A 1138 -8.82 79.97 42.30
N GLN A 1139 -9.98 80.22 41.70
CA GLN A 1139 -10.84 81.31 42.16
C GLN A 1139 -11.35 81.10 43.59
N PRO A 1140 -11.98 79.96 43.95
CA PRO A 1140 -12.43 79.81 45.35
C PRO A 1140 -11.30 79.87 46.35
N GLU A 1141 -10.12 79.34 45.99
CA GLU A 1141 -8.97 79.42 46.89
C GLU A 1141 -8.62 80.87 47.18
N LEU A 1142 -8.44 81.67 46.13
CA LEU A 1142 -8.16 83.08 46.34
C LEU A 1142 -9.38 83.80 46.92
N ASP A 1143 -10.58 83.45 46.44
CA ASP A 1143 -11.79 84.11 46.94
C ASP A 1143 -11.96 83.91 48.44
N SER A 1144 -11.81 82.67 48.91
CA SER A 1144 -11.88 82.42 50.35
C SER A 1144 -10.80 83.19 51.09
N PHE A 1145 -9.60 83.28 50.51
CA PHE A 1145 -8.56 84.12 51.08
C PHE A 1145 -8.85 85.60 50.84
N LYS A 1146 -9.48 85.93 49.70
CA LYS A 1146 -9.92 87.30 49.49
C LYS A 1146 -11.15 87.65 50.31
N GLU A 1147 -11.96 86.67 50.70
CA GLU A 1147 -12.95 86.91 51.74
C GLU A 1147 -12.26 87.30 53.04
N GLU A 1148 -11.00 86.87 53.21
CA GLU A 1148 -10.17 87.39 54.28
C GLU A 1148 -9.40 88.62 53.82
N LEU A 1149 -8.59 88.48 52.77
CA LEU A 1149 -7.63 89.51 52.41
C LEU A 1149 -8.29 90.79 51.93
N ASP A 1150 -9.19 90.69 50.94
CA ASP A 1150 -9.91 91.88 50.49
C ASP A 1150 -10.73 92.49 51.61
N LYS A 1151 -11.26 91.64 52.50
CA LYS A 1151 -11.88 92.16 53.72
C LYS A 1151 -10.84 92.79 54.64
N TYR A 1152 -9.66 92.18 54.75
CA TYR A 1152 -8.60 92.74 55.59
C TYR A 1152 -8.16 94.10 55.09
N PHE A 1153 -8.03 94.27 53.76
CA PHE A 1153 -7.65 95.56 53.22
C PHE A 1153 -8.68 96.63 53.54
N LYS A 1154 -9.96 96.31 53.36
CA LYS A 1154 -11.01 97.22 53.81
C LYS A 1154 -11.06 97.33 55.33
N ASN A 1155 -10.59 96.30 56.03
CA ASN A 1155 -10.47 96.38 57.49
C ASN A 1155 -9.28 97.21 57.92
N HIS A 1156 -8.20 97.24 57.13
CA HIS A 1156 -6.97 97.90 57.54
C HIS A 1156 -6.72 99.23 56.84
N THR A 1157 -7.15 99.38 55.59
CA THR A 1157 -6.94 100.65 54.90
C THR A 1157 -7.93 101.73 55.37
N SER A 1158 -9.17 101.33 55.68
CA SER A 1158 -10.16 102.32 56.10
C SER A 1158 -9.75 103.09 57.35
N PRO A 1159 -9.21 102.46 58.41
CA PRO A 1159 -8.83 103.34 59.52
C PRO A 1159 -7.52 104.08 59.27
N GLN B 14 46.60 -50.90 11.42
CA GLN B 14 46.97 -51.77 12.53
C GLN B 14 46.66 -51.11 13.87
N CYS B 15 46.09 -51.90 14.79
CA CYS B 15 45.70 -51.40 16.10
C CYS B 15 45.94 -52.49 17.13
N VAL B 16 46.02 -52.07 18.40
CA VAL B 16 46.23 -52.98 19.52
C VAL B 16 45.16 -52.74 20.56
N ASN B 17 44.57 -53.83 21.06
CA ASN B 17 43.57 -53.76 22.14
C ASN B 17 44.27 -53.48 23.47
N LEU B 18 44.79 -52.26 23.59
CA LEU B 18 45.48 -51.88 24.83
C LEU B 18 44.49 -51.80 26.00
N THR B 19 43.35 -51.14 25.79
CA THR B 19 42.30 -50.95 26.81
C THR B 19 42.95 -50.30 28.03
N THR B 20 42.83 -50.89 29.23
CA THR B 20 43.38 -50.37 30.49
C THR B 20 43.27 -48.85 30.59
N ARG B 21 42.08 -48.34 30.26
CA ARG B 21 41.83 -46.91 30.37
C ARG B 21 41.62 -46.51 31.82
N THR B 22 42.15 -45.34 32.17
CA THR B 22 41.95 -44.75 33.50
C THR B 22 41.03 -43.54 33.35
N GLN B 23 40.08 -43.42 34.27
CA GLN B 23 39.05 -42.39 34.20
C GLN B 23 39.25 -41.38 35.32
N LEU B 24 39.09 -40.10 34.98
CA LEU B 24 39.17 -39.00 35.91
C LEU B 24 37.93 -38.12 35.76
N PRO B 25 37.49 -37.47 36.83
CA PRO B 25 36.36 -36.54 36.73
C PRO B 25 36.70 -35.38 35.81
N PRO B 26 35.75 -34.92 35.01
CA PRO B 26 36.02 -33.81 34.09
C PRO B 26 36.00 -32.47 34.80
N ALA B 27 36.66 -31.50 34.17
CA ALA B 27 36.69 -30.14 34.70
C ALA B 27 35.69 -29.27 33.94
N TYR B 28 35.44 -28.08 34.49
CA TYR B 28 34.50 -27.14 33.89
C TYR B 28 35.14 -25.77 33.80
N THR B 29 34.95 -25.11 32.66
CA THR B 29 35.55 -23.80 32.44
C THR B 29 34.55 -22.89 31.75
N ASN B 30 34.64 -21.59 32.04
CA ASN B 30 33.73 -20.61 31.44
C ASN B 30 34.34 -20.05 30.16
N SER B 31 33.69 -20.32 29.03
CA SER B 31 34.11 -19.80 27.73
C SER B 31 33.77 -18.31 27.69
N PHE B 32 34.79 -17.47 27.90
CA PHE B 32 34.56 -16.04 28.09
C PHE B 32 33.96 -15.40 26.84
N THR B 33 34.72 -15.40 25.74
CA THR B 33 34.30 -14.70 24.53
C THR B 33 34.49 -15.50 23.24
N ARG B 34 35.38 -16.49 23.21
CA ARG B 34 35.66 -17.21 21.98
C ARG B 34 34.44 -18.03 21.54
N GLY B 35 34.48 -18.47 20.29
CA GLY B 35 33.40 -19.25 19.73
C GLY B 35 32.57 -18.52 18.70
N VAL B 36 33.21 -17.71 17.86
CA VAL B 36 32.56 -17.01 16.78
C VAL B 36 33.25 -17.34 15.47
N TYR B 37 32.50 -17.22 14.38
CA TYR B 37 33.02 -17.60 13.07
C TYR B 37 32.32 -16.75 12.00
N TYR B 38 32.96 -16.69 10.84
CA TYR B 38 32.40 -15.95 9.72
C TYR B 38 31.12 -16.63 9.24
N PRO B 39 30.00 -15.91 9.12
CA PRO B 39 28.74 -16.56 8.75
C PRO B 39 28.56 -16.75 7.25
N ASP B 40 29.18 -15.89 6.44
CA ASP B 40 28.95 -15.93 5.00
C ASP B 40 30.26 -15.60 4.28
N LYS B 41 30.26 -15.86 2.98
CA LYS B 41 31.46 -15.71 2.14
C LYS B 41 31.41 -14.37 1.40
N VAL B 42 31.35 -13.28 2.17
CA VAL B 42 31.25 -11.93 1.62
C VAL B 42 32.17 -11.01 2.42
N PHE B 43 32.68 -9.99 1.74
CA PHE B 43 33.61 -9.03 2.34
C PHE B 43 32.87 -7.74 2.68
N ARG B 44 33.06 -7.27 3.92
CA ARG B 44 32.44 -6.04 4.40
C ARG B 44 33.48 -5.21 5.13
N SER B 45 33.07 -4.02 5.58
CA SER B 45 33.97 -3.13 6.30
C SER B 45 33.18 -2.02 6.98
N SER B 46 33.52 -1.76 8.24
CA SER B 46 33.01 -0.61 8.99
C SER B 46 31.48 -0.63 9.09
N VAL B 47 30.91 -1.82 9.25
CA VAL B 47 29.47 -1.98 9.44
C VAL B 47 29.21 -2.96 10.57
N LEU B 48 28.00 -2.88 11.12
CA LEU B 48 27.51 -3.81 12.13
C LEU B 48 26.49 -4.73 11.46
N HIS B 49 26.65 -6.04 11.64
CA HIS B 49 25.80 -7.02 11.01
C HIS B 49 25.18 -7.93 12.06
N SER B 50 23.86 -8.11 11.99
CA SER B 50 23.13 -8.94 12.94
C SER B 50 22.67 -10.21 12.22
N THR B 51 23.09 -11.36 12.72
CA THR B 51 22.73 -12.64 12.12
C THR B 51 22.33 -13.63 13.20
N GLN B 52 21.35 -14.47 12.88
CA GLN B 52 20.91 -15.53 13.77
C GLN B 52 21.35 -16.88 13.22
N ASP B 53 21.91 -17.71 14.09
CA ASP B 53 22.45 -19.00 13.67
C ASP B 53 22.85 -19.77 14.91
N LEU B 54 23.28 -21.02 14.69
CA LEU B 54 23.76 -21.87 15.78
C LEU B 54 25.15 -21.40 16.20
N PHE B 55 25.23 -20.77 17.36
CA PHE B 55 26.49 -20.26 17.90
C PHE B 55 26.76 -20.87 19.27
N LEU B 56 27.87 -20.44 19.86
CA LEU B 56 28.27 -20.89 21.19
C LEU B 56 27.84 -19.86 22.22
N PRO B 57 27.01 -20.23 23.20
CA PRO B 57 26.59 -19.25 24.22
C PRO B 57 27.79 -18.70 24.98
N PHE B 58 27.75 -17.40 25.27
CA PHE B 58 28.82 -16.78 26.02
C PHE B 58 28.77 -17.20 27.48
N PHE B 59 29.96 -17.27 28.08
CA PHE B 59 30.12 -17.64 29.49
C PHE B 59 29.48 -19.01 29.78
N SER B 60 29.60 -19.93 28.82
CA SER B 60 29.10 -21.28 28.98
C SER B 60 30.13 -22.15 29.69
N ASN B 61 29.68 -23.27 30.22
CA ASN B 61 30.53 -24.17 31.01
C ASN B 61 30.97 -25.31 30.11
N VAL B 62 32.09 -25.09 29.40
CA VAL B 62 32.66 -26.11 28.55
C VAL B 62 33.39 -27.14 29.41
N THR B 63 33.44 -28.38 28.93
CA THR B 63 34.02 -29.49 29.67
C THR B 63 35.48 -29.68 29.29
N TRP B 64 36.34 -29.80 30.30
CA TRP B 64 37.78 -29.90 30.13
C TRP B 64 38.26 -31.30 30.46
N PHE B 65 39.02 -31.88 29.54
CA PHE B 65 39.63 -33.20 29.71
C PHE B 65 41.14 -33.03 29.61
N HIS B 66 41.85 -33.44 30.66
CA HIS B 66 43.30 -33.39 30.72
C HIS B 66 43.84 -34.81 30.76
N VAL B 67 44.79 -35.10 29.88
CA VAL B 67 45.37 -36.44 29.74
C VAL B 67 46.89 -36.31 29.78
N ILE B 68 47.53 -37.13 30.62
CA ILE B 68 48.98 -37.15 30.70
C ILE B 68 49.57 -37.69 29.39
N LYS B 75 50.36 -43.04 31.15
CA LYS B 75 49.68 -43.11 32.44
C LYS B 75 48.18 -42.85 32.29
N ARG B 76 47.82 -41.89 31.43
CA ARG B 76 46.45 -41.45 31.29
C ARG B 76 45.95 -41.73 29.88
N PHE B 77 44.71 -42.20 29.79
CA PHE B 77 44.05 -42.43 28.50
C PHE B 77 42.60 -41.99 28.61
N ASP B 78 42.12 -41.23 27.63
CA ASP B 78 40.73 -40.77 27.61
C ASP B 78 40.33 -40.48 26.18
N ASN B 79 39.29 -41.16 25.69
CA ASN B 79 38.75 -40.89 24.37
C ASN B 79 37.33 -41.44 24.25
N PRO B 80 36.32 -40.77 24.83
CA PRO B 80 34.95 -41.25 24.70
C PRO B 80 34.32 -40.92 23.36
N VAL B 81 33.03 -41.22 23.21
CA VAL B 81 32.30 -40.95 21.99
C VAL B 81 31.68 -39.56 22.08
N LEU B 82 31.39 -38.97 20.91
CA LEU B 82 30.91 -37.60 20.85
C LEU B 82 29.40 -37.58 20.63
N PRO B 83 28.62 -37.04 21.56
CA PRO B 83 27.18 -36.84 21.30
C PRO B 83 26.95 -35.70 20.33
N PHE B 84 27.15 -35.98 19.04
CA PHE B 84 27.10 -34.93 18.03
C PHE B 84 25.68 -34.39 17.86
N ASN B 85 25.57 -33.07 17.74
CA ASN B 85 24.29 -32.38 17.61
C ASN B 85 24.34 -31.34 16.49
N ASP B 86 24.75 -31.76 15.30
CA ASP B 86 24.79 -30.90 14.10
C ASP B 86 25.71 -29.70 14.31
N GLY B 87 26.84 -29.92 14.99
CA GLY B 87 27.83 -28.88 15.17
C GLY B 87 28.33 -28.81 16.60
N VAL B 88 29.65 -28.93 16.80
CA VAL B 88 30.23 -28.95 18.13
C VAL B 88 31.52 -28.16 18.14
N TYR B 89 31.83 -27.55 19.28
CA TYR B 89 33.03 -26.75 19.46
C TYR B 89 34.06 -27.56 20.24
N PHE B 90 35.31 -27.56 19.79
CA PHE B 90 36.35 -28.38 20.41
C PHE B 90 37.69 -27.68 20.25
N ALA B 91 38.36 -27.42 21.37
CA ALA B 91 39.65 -26.76 21.37
C ALA B 91 40.68 -27.69 21.98
N SER B 92 41.93 -27.54 21.56
CA SER B 92 43.02 -28.39 22.04
C SER B 92 44.28 -27.56 22.22
N ILE B 93 44.94 -27.75 23.36
CA ILE B 93 46.22 -27.11 23.66
C ILE B 93 47.31 -28.17 23.52
N GLU B 94 48.11 -28.07 22.45
CA GLU B 94 49.14 -29.06 22.20
C GLU B 94 50.35 -28.39 21.55
N LYS B 95 51.53 -28.67 22.10
CA LYS B 95 52.79 -28.32 21.48
C LYS B 95 53.53 -29.51 20.90
N SER B 96 53.21 -30.73 21.32
CA SER B 96 53.85 -31.95 20.83
C SER B 96 53.10 -32.58 19.67
N ASN B 97 52.00 -31.97 19.22
CA ASN B 97 51.24 -32.46 18.07
C ASN B 97 50.74 -33.89 18.29
N ILE B 98 49.90 -34.06 19.31
CA ILE B 98 49.34 -35.38 19.59
C ILE B 98 48.17 -35.68 18.64
N ILE B 99 47.15 -34.82 18.63
CA ILE B 99 46.01 -35.03 17.75
C ILE B 99 46.47 -34.88 16.31
N ARG B 100 46.30 -35.92 15.50
CA ARG B 100 46.78 -35.95 14.14
C ARG B 100 45.67 -35.70 13.10
N GLY B 101 44.55 -36.40 13.21
CA GLY B 101 43.50 -36.24 12.22
C GLY B 101 42.11 -36.50 12.76
N TRP B 102 41.23 -36.99 11.89
CA TRP B 102 39.84 -37.20 12.26
C TRP B 102 39.29 -38.34 11.42
N ILE B 103 38.21 -38.95 11.91
CA ILE B 103 37.61 -40.13 11.27
C ILE B 103 36.13 -39.87 11.12
N PHE B 104 35.61 -39.98 9.90
CA PHE B 104 34.19 -39.90 9.66
C PHE B 104 33.60 -41.31 9.59
N GLY B 105 32.29 -41.40 9.81
CA GLY B 105 31.61 -42.67 9.74
C GLY B 105 30.54 -42.84 10.80
N THR B 106 29.44 -43.48 10.44
CA THR B 106 28.35 -43.72 11.38
C THR B 106 28.17 -45.18 11.76
N THR B 107 28.88 -46.10 11.10
CA THR B 107 28.83 -47.51 11.45
C THR B 107 30.19 -48.15 11.63
N LEU B 108 31.25 -47.60 11.02
CA LEU B 108 32.63 -48.06 11.21
C LEU B 108 32.82 -49.52 10.82
N ASP B 109 32.08 -49.98 9.79
CA ASP B 109 32.16 -51.37 9.38
C ASP B 109 32.20 -51.52 7.87
N SER B 110 32.81 -50.56 7.17
CA SER B 110 32.95 -50.56 5.72
C SER B 110 31.60 -50.62 4.99
N LYS B 111 30.54 -50.13 5.64
CA LYS B 111 29.22 -50.08 5.01
C LYS B 111 28.64 -48.68 4.96
N THR B 112 29.36 -47.67 5.45
CA THR B 112 28.90 -46.29 5.41
C THR B 112 30.08 -45.39 5.05
N GLN B 113 29.75 -44.16 4.65
CA GLN B 113 30.75 -43.23 4.19
C GLN B 113 31.71 -42.87 5.33
N SER B 114 32.94 -42.51 4.97
CA SER B 114 33.98 -42.20 5.94
C SER B 114 35.03 -41.34 5.26
N LEU B 115 35.79 -40.62 6.09
CA LEU B 115 36.78 -39.65 5.62
C LEU B 115 38.09 -39.89 6.37
N LEU B 116 39.16 -40.09 5.60
CA LEU B 116 40.50 -40.20 6.17
C LEU B 116 41.27 -38.91 5.88
N ILE B 117 41.61 -38.17 6.94
CA ILE B 117 42.49 -37.02 6.84
C ILE B 117 43.58 -37.17 7.91
N VAL B 118 44.83 -37.05 7.49
CA VAL B 118 45.99 -37.14 8.38
C VAL B 118 46.98 -36.07 7.97
N ASN B 119 47.26 -35.13 8.87
CA ASN B 119 48.25 -34.08 8.62
C ASN B 119 49.61 -34.46 9.19
N ASN B 120 50.06 -35.66 8.80
CA ASN B 120 51.34 -36.17 9.28
C ASN B 120 52.48 -35.26 8.87
N ALA B 121 52.50 -34.83 7.61
CA ALA B 121 53.54 -33.95 7.09
C ALA B 121 52.98 -33.10 5.96
N THR B 122 53.86 -32.62 5.08
CA THR B 122 53.45 -31.78 3.96
C THR B 122 52.30 -32.39 3.18
N ASN B 123 52.22 -33.71 3.10
CA ASN B 123 51.09 -34.39 2.48
C ASN B 123 49.97 -34.50 3.50
N VAL B 124 48.82 -33.91 3.18
CA VAL B 124 47.59 -34.11 3.93
C VAL B 124 46.56 -34.68 2.96
N VAL B 125 46.24 -35.96 3.12
CA VAL B 125 45.35 -36.66 2.21
C VAL B 125 43.94 -36.61 2.77
N ILE B 126 43.00 -36.17 1.95
CA ILE B 126 41.59 -36.13 2.30
C ILE B 126 40.85 -37.10 1.40
N LYS B 127 40.37 -38.20 1.98
CA LYS B 127 39.87 -39.33 1.22
C LYS B 127 38.46 -39.66 1.67
N VAL B 128 37.53 -39.76 0.72
CA VAL B 128 36.13 -40.08 0.99
C VAL B 128 35.86 -41.48 0.44
N CYS B 129 35.55 -42.43 1.32
CA CYS B 129 35.28 -43.79 0.88
C CYS B 129 34.66 -44.54 2.06
N GLU B 130 34.20 -45.77 1.81
CA GLU B 130 33.78 -46.63 2.91
C GLU B 130 35.01 -47.25 3.56
N PHE B 131 35.05 -47.21 4.89
CA PHE B 131 36.23 -47.62 5.63
C PHE B 131 35.83 -48.43 6.85
N GLN B 132 36.57 -49.51 7.11
CA GLN B 132 36.36 -50.38 8.26
C GLN B 132 37.49 -50.14 9.25
N PHE B 133 37.16 -49.52 10.38
CA PHE B 133 38.16 -49.05 11.33
C PHE B 133 38.37 -50.07 12.45
N CYS B 134 39.24 -49.73 13.40
CA CYS B 134 39.43 -50.51 14.61
C CYS B 134 38.37 -50.13 15.64
N ASN B 135 38.54 -50.58 16.88
CA ASN B 135 37.67 -50.17 17.98
C ASN B 135 38.24 -48.99 18.75
N ASP B 136 39.49 -49.09 19.19
CA ASP B 136 40.19 -48.00 19.88
C ASP B 136 41.52 -47.77 19.16
N PRO B 137 41.52 -47.18 17.95
CA PRO B 137 42.77 -47.03 17.17
C PRO B 137 43.79 -46.09 17.83
N PHE B 138 45.07 -46.21 17.44
CA PHE B 138 46.15 -45.35 17.99
C PHE B 138 47.32 -45.32 17.01
N LEU B 139 48.30 -44.45 17.25
CA LEU B 139 49.50 -44.37 16.36
C LEU B 139 50.59 -43.55 17.05
N ASP B 140 51.45 -44.19 17.86
CA ASP B 140 52.49 -43.44 18.62
C ASP B 140 53.55 -44.42 19.16
N HIS B 141 53.21 -45.15 20.22
CA HIS B 141 54.18 -46.07 20.88
C HIS B 141 55.18 -46.64 19.88
N LYS B 142 56.42 -46.15 19.88
CA LYS B 142 57.49 -46.69 18.98
C LYS B 142 58.77 -45.86 19.14
N ASN B 143 59.93 -46.42 18.79
CA ASN B 143 61.23 -45.71 18.97
C ASN B 143 61.17 -44.84 20.23
N ASN B 144 61.02 -45.47 21.40
CA ASN B 144 60.95 -44.73 22.69
C ASN B 144 60.16 -43.42 22.55
N LYS B 145 60.69 -42.33 23.11
CA LYS B 145 59.99 -41.06 23.12
C LYS B 145 59.80 -40.45 21.74
N SER B 146 60.49 -40.96 20.71
CA SER B 146 60.39 -40.37 19.39
C SER B 146 59.00 -40.55 18.81
N TRP B 147 58.55 -39.55 18.05
CA TRP B 147 57.22 -39.53 17.47
C TRP B 147 57.32 -39.71 15.96
N MET B 148 56.63 -40.73 15.44
CA MET B 148 56.60 -40.99 14.00
C MET B 148 55.15 -41.22 13.56
N GLU B 149 54.98 -41.40 12.25
CA GLU B 149 53.66 -41.63 11.66
C GLU B 149 53.36 -43.13 11.65
N SER B 150 53.32 -43.72 12.85
CA SER B 150 53.04 -45.17 12.95
C SER B 150 51.56 -45.46 12.72
N GLU B 151 51.18 -46.73 12.56
CA GLU B 151 49.76 -47.11 12.33
C GLU B 151 49.15 -46.17 11.27
N PHE B 152 49.81 -46.07 10.10
CA PHE B 152 49.30 -45.19 9.01
C PHE B 152 48.06 -45.82 8.37
N ARG B 153 48.05 -47.14 8.21
CA ARG B 153 46.91 -47.82 7.60
C ARG B 153 46.03 -48.41 8.71
N VAL B 154 45.08 -47.59 9.16
CA VAL B 154 44.16 -48.03 10.21
C VAL B 154 43.00 -48.82 9.63
N TYR B 155 42.43 -48.34 8.52
CA TYR B 155 41.31 -49.03 7.91
C TYR B 155 41.75 -50.35 7.28
N SER B 156 40.78 -51.21 7.00
CA SER B 156 41.05 -52.53 6.44
C SER B 156 40.51 -52.69 5.02
N SER B 157 39.23 -52.40 4.79
CA SER B 157 38.60 -52.63 3.50
C SER B 157 37.92 -51.36 3.00
N ALA B 158 38.06 -51.10 1.70
CA ALA B 158 37.42 -49.96 1.05
C ALA B 158 36.35 -50.48 0.10
N ASN B 159 35.10 -50.09 0.34
CA ASN B 159 33.98 -50.62 -0.44
C ASN B 159 33.77 -49.86 -1.73
N ASN B 160 33.41 -48.57 -1.64
CA ASN B 160 33.08 -47.76 -2.83
C ASN B 160 33.70 -46.37 -2.61
N CYS B 161 34.92 -46.20 -3.13
CA CYS B 161 35.65 -44.96 -2.92
C CYS B 161 35.21 -43.91 -3.93
N THR B 162 34.81 -42.74 -3.42
CA THR B 162 34.18 -41.70 -4.24
C THR B 162 35.13 -40.57 -4.59
N PHE B 163 35.70 -39.89 -3.59
CA PHE B 163 36.41 -38.64 -3.80
C PHE B 163 37.80 -38.70 -3.18
N GLU B 164 38.77 -38.13 -3.89
CA GLU B 164 40.15 -38.05 -3.43
C GLU B 164 40.60 -36.60 -3.42
N TYR B 165 41.20 -36.17 -2.31
CA TYR B 165 41.72 -34.81 -2.19
C TYR B 165 43.03 -34.83 -1.42
N VAL B 166 43.90 -33.89 -1.75
CA VAL B 166 45.18 -33.72 -1.08
C VAL B 166 45.33 -32.25 -0.70
N SER B 167 45.68 -31.98 0.55
CA SER B 167 45.81 -30.62 1.06
C SER B 167 47.19 -30.45 1.73
N GLN B 168 47.42 -29.26 2.24
CA GLN B 168 48.66 -28.85 2.88
C GLN B 168 48.52 -28.86 4.40
N PRO B 169 49.61 -29.03 5.15
CA PRO B 169 49.51 -29.13 6.60
C PRO B 169 49.26 -27.78 7.25
N PHE B 170 49.03 -27.84 8.56
CA PHE B 170 48.81 -26.65 9.37
C PHE B 170 50.17 -26.17 9.89
N LEU B 171 50.17 -25.30 10.89
CA LEU B 171 51.42 -24.83 11.49
C LEU B 171 52.03 -25.92 12.36
N MET B 172 52.53 -26.98 11.74
CA MET B 172 53.13 -28.09 12.47
C MET B 172 54.50 -27.73 13.03
N ASP B 173 54.93 -28.52 14.01
CA ASP B 173 56.26 -28.43 14.59
C ASP B 173 56.93 -29.79 14.49
N LEU B 174 58.25 -29.79 14.35
CA LEU B 174 58.99 -31.03 14.17
C LEU B 174 58.93 -31.89 15.43
N GLU B 175 58.65 -33.17 15.24
CA GLU B 175 58.60 -34.18 16.31
C GLU B 175 57.60 -33.69 17.36
N GLY B 176 57.92 -33.76 18.65
CA GLY B 176 57.01 -33.29 19.68
C GLY B 176 57.75 -32.46 20.71
N LYS B 177 57.11 -31.38 21.15
CA LYS B 177 57.68 -30.46 22.11
C LYS B 177 56.78 -30.36 23.33
N GLN B 178 57.36 -30.51 24.51
CA GLN B 178 56.64 -30.37 25.78
C GLN B 178 57.29 -29.28 26.60
N GLY B 179 56.45 -28.42 27.18
CA GLY B 179 56.93 -27.27 27.90
C GLY B 179 56.81 -25.99 27.08
N ASN B 180 56.25 -24.94 27.69
CA ASN B 180 55.95 -23.69 27.00
C ASN B 180 55.08 -23.95 25.76
N PHE B 181 53.87 -24.45 26.05
CA PHE B 181 52.92 -24.79 24.99
C PHE B 181 52.49 -23.51 24.27
N LYS B 182 53.00 -23.31 23.07
CA LYS B 182 52.77 -22.08 22.32
C LYS B 182 51.58 -22.17 21.36
N ASN B 183 50.95 -23.33 21.23
CA ASN B 183 49.91 -23.51 20.24
C ASN B 183 48.56 -23.79 20.90
N LEU B 184 47.50 -23.31 20.24
CA LEU B 184 46.13 -23.62 20.67
C LEU B 184 45.25 -23.67 19.42
N ARG B 185 44.73 -24.86 19.11
CA ARG B 185 43.94 -25.06 17.91
C ARG B 185 42.46 -25.20 18.27
N GLU B 186 41.62 -24.36 17.69
CA GLU B 186 40.18 -24.37 17.95
C GLU B 186 39.46 -24.77 16.66
N PHE B 187 38.68 -25.84 16.72
CA PHE B 187 37.93 -26.36 15.59
C PHE B 187 36.47 -26.44 16.00
N VAL B 188 35.58 -25.86 15.22
CA VAL B 188 34.14 -26.05 15.41
C VAL B 188 33.56 -26.67 14.15
N PHE B 189 32.85 -27.78 14.34
CA PHE B 189 32.36 -28.63 13.27
C PHE B 189 30.90 -28.33 12.99
N LYS B 190 30.59 -28.11 11.71
CA LYS B 190 29.21 -28.01 11.25
C LYS B 190 29.14 -28.59 9.84
N ASN B 191 27.93 -28.90 9.39
CA ASN B 191 27.73 -29.57 8.10
C ASN B 191 26.50 -29.00 7.41
N ILE B 192 26.71 -28.37 6.24
CA ILE B 192 25.60 -27.87 5.42
C ILE B 192 25.83 -28.26 3.97
N ASP B 193 24.85 -28.96 3.39
CA ASP B 193 24.86 -29.33 1.97
C ASP B 193 26.16 -30.05 1.58
N GLY B 194 26.62 -30.94 2.44
CA GLY B 194 27.85 -31.67 2.16
C GLY B 194 29.09 -30.92 2.58
N TYR B 195 29.02 -29.59 2.54
CA TYR B 195 30.10 -28.75 3.03
C TYR B 195 30.33 -29.03 4.50
N PHE B 196 31.47 -29.66 4.80
CA PHE B 196 31.91 -29.98 6.16
C PHE B 196 32.78 -28.84 6.65
N LYS B 197 32.17 -27.87 7.36
CA LYS B 197 32.86 -26.65 7.80
C LYS B 197 33.51 -26.89 9.15
N ILE B 198 34.83 -27.04 9.14
CA ILE B 198 35.63 -26.92 10.37
C ILE B 198 36.11 -25.47 10.42
N TYR B 199 35.29 -24.62 11.05
CA TYR B 199 35.81 -23.28 11.32
C TYR B 199 36.98 -23.45 12.28
N SER B 200 38.18 -23.20 11.79
CA SER B 200 39.41 -23.60 12.45
C SER B 200 40.34 -22.42 12.60
N LYS B 201 40.87 -22.22 13.80
CA LYS B 201 41.77 -21.10 14.06
C LYS B 201 42.85 -21.57 15.02
N HIS B 202 44.10 -21.35 14.65
CA HIS B 202 45.22 -21.72 15.50
C HIS B 202 45.92 -20.47 16.00
N THR B 203 46.10 -20.39 17.31
CA THR B 203 46.83 -19.29 17.93
C THR B 203 48.22 -19.78 18.30
N PRO B 204 49.26 -19.24 17.68
CA PRO B 204 50.63 -19.59 18.04
C PRO B 204 51.20 -18.69 19.12
N ILE B 205 52.41 -19.05 19.57
CA ILE B 205 53.22 -18.31 20.54
C ILE B 205 52.39 -17.78 21.69
N LEU B 206 51.52 -18.63 22.23
CA LEU B 206 50.70 -18.28 23.39
C LEU B 206 51.55 -18.53 24.64
N VAL B 207 52.04 -17.45 25.24
CA VAL B 207 52.94 -17.54 26.38
C VAL B 207 52.16 -17.58 27.69
N ARG B 208 51.68 -18.77 28.05
CA ARG B 208 50.99 -18.96 29.32
C ARG B 208 50.87 -20.46 29.60
N GLU B 209 50.63 -20.78 30.86
CA GLU B 209 50.35 -22.16 31.23
C GLU B 209 48.98 -22.56 30.69
N PRO B 210 48.74 -23.86 30.47
CA PRO B 210 47.44 -24.27 29.93
C PRO B 210 46.27 -23.80 30.80
N GLU B 211 46.19 -24.27 32.04
CA GLU B 211 45.22 -23.82 33.06
C GLU B 211 43.84 -23.76 32.41
N ASP B 212 43.13 -22.64 32.48
CA ASP B 212 41.87 -22.44 31.79
C ASP B 212 42.09 -21.73 30.46
N LEU B 213 40.99 -21.50 29.74
CA LEU B 213 41.08 -20.77 28.48
C LEU B 213 41.61 -19.37 28.74
N PRO B 214 42.40 -18.81 27.82
CA PRO B 214 42.79 -17.41 27.95
C PRO B 214 41.72 -16.47 27.43
N GLN B 215 41.52 -15.38 28.16
CA GLN B 215 40.55 -14.37 27.74
C GLN B 215 41.05 -13.64 26.51
N GLY B 216 40.11 -13.20 25.68
CA GLY B 216 40.47 -12.48 24.46
C GLY B 216 39.35 -12.60 23.43
N PHE B 217 39.75 -12.45 22.17
CA PHE B 217 38.81 -12.47 21.07
C PHE B 217 39.54 -12.90 19.80
N SER B 218 38.88 -13.73 19.00
CA SER B 218 39.44 -14.21 17.74
C SER B 218 38.32 -14.81 16.91
N ALA B 219 38.31 -14.49 15.62
CA ALA B 219 37.33 -15.04 14.70
C ALA B 219 37.83 -16.37 14.13
N LEU B 220 36.88 -17.18 13.66
CA LEU B 220 37.17 -18.50 13.12
C LEU B 220 36.74 -18.54 11.66
N GLU B 221 37.68 -18.26 10.76
CA GLU B 221 37.38 -18.38 9.34
C GLU B 221 37.20 -19.85 8.98
N PRO B 222 36.39 -20.15 7.97
CA PRO B 222 36.36 -21.52 7.46
C PRO B 222 37.65 -21.82 6.72
N LEU B 223 38.54 -22.57 7.37
CA LEU B 223 39.89 -22.72 6.84
C LEU B 223 39.90 -23.66 5.63
N VAL B 224 39.32 -24.84 5.77
CA VAL B 224 39.22 -25.80 4.68
C VAL B 224 37.81 -26.38 4.69
N ASP B 225 37.27 -26.57 3.49
CA ASP B 225 35.96 -27.18 3.32
C ASP B 225 35.97 -28.05 2.07
N LEU B 226 35.06 -29.02 2.04
CA LEU B 226 34.97 -29.92 0.91
C LEU B 226 33.53 -30.35 0.75
N PRO B 227 33.00 -30.34 -0.47
CA PRO B 227 31.63 -30.84 -0.68
C PRO B 227 31.56 -32.35 -0.52
N ILE B 228 31.52 -32.81 0.73
CA ILE B 228 31.52 -34.24 1.00
C ILE B 228 30.29 -34.91 0.42
N GLY B 229 29.12 -34.32 0.61
CA GLY B 229 27.90 -34.87 0.06
C GLY B 229 26.96 -35.38 1.13
N ILE B 230 27.50 -36.03 2.17
CA ILE B 230 26.70 -36.60 3.24
C ILE B 230 26.99 -35.85 4.54
N ASN B 231 25.99 -35.78 5.40
CA ASN B 231 26.12 -35.13 6.69
C ASN B 231 26.58 -36.14 7.75
N ILE B 232 26.59 -35.69 9.00
CA ILE B 232 27.19 -36.43 10.11
C ILE B 232 26.10 -37.04 10.97
N THR B 233 26.28 -38.29 11.35
CA THR B 233 25.66 -38.83 12.55
C THR B 233 26.66 -38.99 13.70
N ARG B 234 27.88 -39.44 13.39
CA ARG B 234 28.92 -39.67 14.38
C ARG B 234 30.29 -39.56 13.72
N PHE B 235 31.30 -39.26 14.53
CA PHE B 235 32.69 -39.21 14.06
C PHE B 235 33.62 -39.36 15.25
N GLN B 236 34.88 -39.68 14.96
CA GLN B 236 35.87 -39.98 15.98
C GLN B 236 37.18 -39.24 15.72
N THR B 237 38.08 -39.30 16.70
CA THR B 237 39.30 -38.51 16.73
C THR B 237 40.53 -39.38 16.46
N LEU B 238 41.49 -38.80 15.75
CA LEU B 238 42.80 -39.41 15.56
C LEU B 238 43.84 -38.68 16.41
N LEU B 239 44.64 -39.44 17.15
CA LEU B 239 45.70 -38.90 17.98
C LEU B 239 46.98 -39.67 17.74
N ALA B 240 48.09 -38.95 17.59
CA ALA B 240 49.39 -39.56 17.35
C ALA B 240 50.27 -39.47 18.60
N SER B 251 54.91 -51.51 24.38
CA SER B 251 55.54 -51.84 23.08
C SER B 251 54.62 -51.40 21.93
N SER B 252 53.81 -52.33 21.41
CA SER B 252 52.86 -51.99 20.32
C SER B 252 51.92 -50.89 20.79
N SER B 253 51.45 -50.97 22.04
CA SER B 253 50.57 -49.92 22.61
C SER B 253 51.09 -49.52 24.00
N GLY B 254 50.63 -48.38 24.52
CA GLY B 254 51.14 -47.88 25.82
C GLY B 254 52.26 -46.88 25.63
N TRP B 255 52.08 -45.64 26.08
CA TRP B 255 53.10 -44.58 25.85
C TRP B 255 53.01 -43.52 26.95
N THR B 256 54.11 -43.27 27.67
CA THR B 256 54.12 -42.17 28.68
C THR B 256 53.96 -40.85 27.92
N ALA B 257 52.72 -40.41 27.69
CA ALA B 257 52.51 -39.22 26.89
C ALA B 257 52.70 -37.95 27.71
N GLY B 258 53.01 -36.86 27.02
CA GLY B 258 53.14 -35.57 27.67
C GLY B 258 51.79 -34.95 27.98
N ALA B 259 51.84 -33.78 28.58
CA ALA B 259 50.62 -33.08 28.98
C ALA B 259 49.78 -32.75 27.76
N ALA B 260 48.48 -33.06 27.85
CA ALA B 260 47.53 -32.78 26.79
C ALA B 260 46.22 -32.30 27.40
N ALA B 261 45.58 -31.32 26.77
CA ALA B 261 44.37 -30.74 27.30
C ALA B 261 43.43 -30.39 26.16
N TYR B 262 42.14 -30.71 26.32
CA TYR B 262 41.18 -30.33 25.31
C TYR B 262 39.82 -30.05 25.96
N TYR B 263 39.10 -29.11 25.34
CA TYR B 263 37.83 -28.60 25.83
C TYR B 263 36.74 -28.86 24.80
N VAL B 264 35.56 -29.26 25.27
CA VAL B 264 34.43 -29.57 24.41
C VAL B 264 33.24 -28.73 24.83
N GLY B 265 32.44 -28.33 23.84
CA GLY B 265 31.27 -27.50 24.09
C GLY B 265 30.22 -27.67 23.04
N TYR B 266 28.97 -27.42 23.42
CA TYR B 266 27.81 -27.54 22.55
C TYR B 266 27.45 -26.19 21.94
N LEU B 267 26.59 -26.24 20.92
CA LEU B 267 26.09 -25.06 20.24
C LEU B 267 24.57 -25.01 20.34
N GLN B 268 24.01 -23.82 20.14
CA GLN B 268 22.57 -23.66 20.11
C GLN B 268 22.24 -22.39 19.33
N PRO B 269 21.01 -22.25 18.83
CA PRO B 269 20.69 -21.09 17.98
C PRO B 269 20.51 -19.81 18.81
N ARG B 270 21.19 -18.75 18.40
CA ARG B 270 21.07 -17.44 19.01
C ARG B 270 21.31 -16.38 17.94
N THR B 271 20.98 -15.13 18.28
CA THR B 271 21.16 -13.98 17.41
C THR B 271 22.35 -13.18 17.91
N PHE B 272 23.33 -12.96 17.03
CA PHE B 272 24.56 -12.27 17.39
C PHE B 272 24.74 -11.04 16.51
N LEU B 273 25.21 -9.96 17.12
CA LEU B 273 25.62 -8.76 16.41
C LEU B 273 27.15 -8.74 16.34
N LEU B 274 27.68 -8.42 15.16
CA LEU B 274 29.09 -8.54 14.88
C LEU B 274 29.59 -7.24 14.26
N LYS B 275 30.76 -6.78 14.71
CA LYS B 275 31.37 -5.56 14.20
C LYS B 275 32.45 -5.90 13.18
N TYR B 276 32.49 -5.11 12.10
CA TYR B 276 33.49 -5.27 11.06
C TYR B 276 34.38 -4.04 11.04
N ASN B 277 35.70 -4.25 11.04
CA ASN B 277 36.62 -3.14 10.96
C ASN B 277 36.81 -2.69 9.51
N GLU B 278 37.50 -1.56 9.35
CA GLU B 278 37.79 -1.06 8.01
C GLU B 278 38.72 -2.00 7.23
N ASN B 279 39.45 -2.86 7.93
CA ASN B 279 40.35 -3.81 7.27
C ASN B 279 39.64 -5.08 6.80
N GLY B 280 38.40 -5.30 7.21
CA GLY B 280 37.62 -6.42 6.73
C GLY B 280 37.55 -7.63 7.63
N THR B 281 38.03 -7.53 8.87
CA THR B 281 38.02 -8.65 9.79
C THR B 281 37.22 -8.31 11.05
N ILE B 282 36.73 -9.35 11.71
CA ILE B 282 35.91 -9.15 12.90
C ILE B 282 36.77 -8.61 14.04
N THR B 283 36.19 -7.67 14.79
CA THR B 283 36.85 -7.09 15.96
C THR B 283 36.10 -7.31 17.25
N ASP B 284 34.76 -7.33 17.21
CA ASP B 284 33.97 -7.52 18.43
C ASP B 284 32.63 -8.12 18.05
N ALA B 285 31.96 -8.69 19.05
CA ALA B 285 30.66 -9.33 18.84
C ALA B 285 29.90 -9.28 20.16
N VAL B 286 28.60 -9.58 20.09
CA VAL B 286 27.73 -9.53 21.26
C VAL B 286 26.51 -10.39 20.97
N ASP B 287 25.95 -10.98 22.01
CA ASP B 287 24.73 -11.77 21.90
C ASP B 287 23.57 -11.05 22.57
N CYS B 288 22.39 -11.18 21.97
CA CYS B 288 21.23 -10.43 22.44
C CYS B 288 20.67 -10.99 23.74
N ALA B 289 20.62 -12.31 23.88
CA ALA B 289 19.89 -12.97 24.97
C ALA B 289 20.79 -13.38 26.12
N LEU B 290 21.81 -12.59 26.45
CA LEU B 290 22.63 -12.87 27.61
C LEU B 290 22.17 -12.09 28.84
N ASP B 291 22.20 -10.77 28.74
CA ASP B 291 21.76 -9.87 29.80
C ASP B 291 21.02 -8.70 29.17
N PRO B 292 20.17 -8.01 29.94
CA PRO B 292 19.40 -6.91 29.34
C PRO B 292 20.25 -5.81 28.73
N LEU B 293 21.46 -5.58 29.25
CA LEU B 293 22.33 -4.56 28.67
C LEU B 293 22.68 -4.88 27.23
N SER B 294 23.09 -6.13 26.97
CA SER B 294 23.37 -6.53 25.60
C SER B 294 22.09 -6.58 24.76
N GLU B 295 20.95 -6.91 25.39
CA GLU B 295 19.68 -6.90 24.68
C GLU B 295 19.37 -5.52 24.12
N THR B 296 19.47 -4.48 24.96
CA THR B 296 19.24 -3.13 24.48
C THR B 296 20.39 -2.61 23.62
N LYS B 297 21.58 -3.19 23.75
CA LYS B 297 22.67 -2.82 22.86
C LYS B 297 22.38 -3.27 21.44
N CYS B 298 21.97 -4.53 21.27
CA CYS B 298 21.68 -5.06 19.95
C CYS B 298 20.32 -4.66 19.42
N THR B 299 19.42 -4.20 20.30
CA THR B 299 18.15 -3.64 19.83
C THR B 299 18.37 -2.31 19.13
N LEU B 300 19.27 -1.49 19.66
CA LEU B 300 19.59 -0.19 19.06
C LEU B 300 20.64 -0.28 17.97
N LYS B 301 21.21 -1.46 17.74
CA LYS B 301 22.25 -1.67 16.73
C LYS B 301 23.46 -0.78 16.98
N SER B 302 23.95 -0.81 18.23
CA SER B 302 25.11 -0.02 18.60
C SER B 302 25.78 -0.68 19.81
N PHE B 303 27.06 -0.35 19.99
CA PHE B 303 27.82 -0.84 21.14
C PHE B 303 27.80 0.14 22.31
N THR B 304 27.14 1.28 22.16
CA THR B 304 27.07 2.28 23.23
C THR B 304 25.61 2.70 23.42
N VAL B 305 25.26 3.03 24.65
CA VAL B 305 23.92 3.47 25.00
C VAL B 305 24.04 4.69 25.91
N GLU B 306 23.17 5.68 25.68
CA GLU B 306 23.13 6.89 26.49
C GLU B 306 22.10 6.74 27.60
N LYS B 307 22.22 7.59 28.61
CA LYS B 307 21.34 7.51 29.77
C LYS B 307 19.88 7.75 29.36
N GLY B 308 18.99 7.00 29.94
CA GLY B 308 17.58 7.11 29.63
C GLY B 308 16.89 5.75 29.74
N ILE B 309 15.63 5.74 29.34
CA ILE B 309 14.80 4.54 29.38
C ILE B 309 14.59 4.05 27.96
N TYR B 310 14.76 2.75 27.75
CA TYR B 310 14.64 2.15 26.43
C TYR B 310 13.71 0.94 26.50
N GLN B 311 13.36 0.41 25.34
CA GLN B 311 12.53 -0.77 25.22
C GLN B 311 13.21 -1.78 24.31
N THR B 312 12.87 -3.05 24.52
CA THR B 312 13.53 -4.16 23.84
C THR B 312 12.47 -5.13 23.35
N SER B 313 12.91 -6.33 22.96
CA SER B 313 11.99 -7.37 22.51
C SER B 313 10.99 -7.68 23.61
N ASN B 314 9.73 -7.84 23.20
CA ASN B 314 8.63 -7.93 24.16
C ASN B 314 8.69 -9.26 24.89
N PHE B 315 8.10 -9.26 26.10
CA PHE B 315 8.11 -10.43 26.98
C PHE B 315 7.04 -11.42 26.57
N ARG B 316 7.37 -12.71 26.66
CA ARG B 316 6.44 -13.75 26.24
C ARG B 316 6.86 -15.08 26.87
N VAL B 317 5.86 -15.85 27.29
CA VAL B 317 6.09 -17.20 27.84
C VAL B 317 5.92 -18.20 26.71
N GLN B 318 6.96 -18.99 26.46
CA GLN B 318 6.94 -19.92 25.35
C GLN B 318 6.16 -21.19 25.69
N PRO B 319 5.55 -21.83 24.69
CA PRO B 319 4.90 -23.12 24.92
C PRO B 319 5.91 -24.21 25.22
N THR B 320 5.42 -25.28 25.88
CA THR B 320 6.32 -26.35 26.30
C THR B 320 6.05 -27.67 25.59
N GLU B 321 4.82 -28.17 25.67
CA GLU B 321 4.52 -29.48 25.10
C GLU B 321 3.65 -29.34 23.84
N SER B 322 3.26 -30.49 23.28
CA SER B 322 2.31 -30.48 22.13
C SER B 322 1.12 -31.40 22.46
N ILE B 323 -0.08 -31.12 21.93
CA ILE B 323 -1.30 -31.92 22.30
C ILE B 323 -2.12 -32.26 21.06
N VAL B 324 -3.02 -33.26 21.15
CA VAL B 324 -3.88 -33.70 20.01
C VAL B 324 -5.32 -33.85 20.49
N ARG B 325 -6.20 -34.46 19.68
CA ARG B 325 -7.67 -34.43 19.93
C ARG B 325 -8.38 -35.63 19.27
N PHE B 326 -9.72 -35.61 19.22
CA PHE B 326 -10.51 -36.74 18.65
C PHE B 326 -10.15 -38.04 19.35
N PRO B 327 -10.40 -38.18 20.67
CA PRO B 327 -9.95 -39.37 21.42
C PRO B 327 -10.82 -40.58 21.20
N ASN B 328 -12.14 -40.40 21.15
CA ASN B 328 -13.07 -41.49 20.89
C ASN B 328 -13.32 -41.58 19.39
N ILE B 329 -13.05 -42.76 18.82
CA ILE B 329 -13.35 -43.05 17.42
C ILE B 329 -14.22 -44.31 17.40
N THR B 330 -15.32 -44.25 16.65
CA THR B 330 -16.26 -45.36 16.57
C THR B 330 -16.72 -45.51 15.13
N ASN B 331 -17.78 -46.30 14.94
CA ASN B 331 -18.41 -46.52 13.64
C ASN B 331 -17.41 -47.10 12.63
N LEU B 332 -16.91 -48.28 12.95
CA LEU B 332 -16.03 -48.99 12.03
C LEU B 332 -16.83 -49.57 10.87
N CYS B 333 -16.23 -49.54 9.68
CA CYS B 333 -16.93 -50.00 8.50
C CYS B 333 -17.05 -51.53 8.50
N PRO B 334 -18.18 -52.07 8.07
CA PRO B 334 -18.36 -53.53 8.08
C PRO B 334 -17.65 -54.23 6.92
N PHE B 335 -16.35 -54.52 7.09
CA PHE B 335 -15.59 -55.21 6.07
C PHE B 335 -15.39 -56.69 6.34
N ASP B 336 -15.64 -57.16 7.57
CA ASP B 336 -15.37 -58.55 7.91
C ASP B 336 -16.22 -59.51 7.07
N GLU B 337 -17.52 -59.24 6.96
CA GLU B 337 -18.37 -60.10 6.16
C GLU B 337 -18.01 -60.05 4.68
N VAL B 338 -17.46 -58.93 4.22
CA VAL B 338 -16.99 -58.86 2.84
C VAL B 338 -15.79 -59.79 2.65
N PHE B 339 -14.86 -59.78 3.61
CA PHE B 339 -13.60 -60.49 3.47
C PHE B 339 -13.60 -61.88 4.11
N ASN B 340 -14.64 -62.23 4.88
CA ASN B 340 -14.60 -63.50 5.60
C ASN B 340 -15.94 -64.25 5.55
N ALA B 341 -16.78 -63.99 4.56
CA ALA B 341 -18.02 -64.74 4.44
C ALA B 341 -17.73 -66.19 4.08
N THR B 342 -18.47 -67.10 4.70
CA THR B 342 -18.25 -68.53 4.47
C THR B 342 -18.54 -68.91 3.02
N ARG B 343 -19.64 -68.39 2.46
CA ARG B 343 -20.04 -68.69 1.10
C ARG B 343 -20.04 -67.41 0.28
N PHE B 344 -19.41 -67.45 -0.90
CA PHE B 344 -19.39 -66.35 -1.84
C PHE B 344 -20.29 -66.66 -3.03
N ALA B 345 -20.55 -65.63 -3.83
CA ALA B 345 -21.36 -65.76 -5.02
C ALA B 345 -20.51 -66.22 -6.21
N SER B 346 -21.19 -66.64 -7.27
CA SER B 346 -20.50 -67.07 -8.47
C SER B 346 -19.92 -65.88 -9.22
N VAL B 347 -19.01 -66.16 -10.14
CA VAL B 347 -18.36 -65.09 -10.89
C VAL B 347 -19.35 -64.41 -11.83
N TYR B 348 -20.25 -65.19 -12.45
CA TYR B 348 -21.25 -64.62 -13.34
C TYR B 348 -22.45 -64.06 -12.59
N ALA B 349 -22.61 -64.39 -11.31
CA ALA B 349 -23.74 -63.94 -10.50
C ALA B 349 -23.23 -63.37 -9.18
N TRP B 350 -22.21 -62.52 -9.27
CA TRP B 350 -21.60 -61.94 -8.09
C TRP B 350 -22.53 -60.91 -7.45
N ASN B 351 -22.24 -60.59 -6.19
CA ASN B 351 -23.02 -59.63 -5.43
C ASN B 351 -22.16 -58.43 -5.06
N ARG B 352 -22.79 -57.25 -5.02
CA ARG B 352 -22.11 -56.01 -4.69
C ARG B 352 -22.83 -55.36 -3.52
N LYS B 353 -22.07 -54.96 -2.50
CA LYS B 353 -22.62 -54.36 -1.29
C LYS B 353 -22.06 -52.95 -1.12
N ARG B 354 -22.89 -52.06 -0.59
CA ARG B 354 -22.51 -50.68 -0.34
C ARG B 354 -22.13 -50.49 1.12
N ILE B 355 -20.96 -49.90 1.35
CA ILE B 355 -20.49 -49.57 2.70
C ILE B 355 -20.23 -48.07 2.75
N SER B 356 -20.82 -47.41 3.73
CA SER B 356 -20.71 -45.96 3.83
C SER B 356 -21.04 -45.54 5.26
N ASN B 357 -20.90 -44.24 5.52
CA ASN B 357 -21.24 -43.64 6.81
C ASN B 357 -20.51 -44.35 7.95
N CYS B 358 -19.20 -44.50 7.78
CA CYS B 358 -18.37 -45.16 8.79
C CYS B 358 -16.92 -44.77 8.58
N VAL B 359 -16.11 -45.05 9.59
CA VAL B 359 -14.66 -44.83 9.54
C VAL B 359 -13.99 -46.18 9.38
N ALA B 360 -13.30 -46.38 8.27
CA ALA B 360 -12.72 -47.67 7.95
C ALA B 360 -11.27 -47.72 8.38
N ASP B 361 -10.92 -48.78 9.13
CA ASP B 361 -9.55 -49.00 9.58
C ASP B 361 -8.87 -49.92 8.57
N TYR B 362 -8.20 -49.31 7.59
CA TYR B 362 -7.51 -50.08 6.56
C TYR B 362 -6.22 -50.69 7.04
N SER B 363 -5.74 -50.33 8.23
CA SER B 363 -4.48 -50.87 8.73
C SER B 363 -4.59 -52.37 8.99
N VAL B 364 -5.67 -52.80 9.65
CA VAL B 364 -5.81 -54.21 10.00
C VAL B 364 -6.00 -55.07 8.76
N LEU B 365 -6.74 -54.57 7.78
CA LEU B 365 -6.92 -55.31 6.53
C LEU B 365 -5.58 -55.45 5.80
N TYR B 366 -4.79 -54.38 5.77
CA TYR B 366 -3.45 -54.46 5.19
C TYR B 366 -2.52 -55.32 6.04
N ASN B 367 -2.73 -55.35 7.36
CA ASN B 367 -1.87 -56.07 8.27
C ASN B 367 -2.19 -57.56 8.37
N LEU B 368 -3.30 -58.02 7.80
CA LEU B 368 -3.65 -59.43 7.91
C LEU B 368 -2.81 -60.21 6.89
N ALA B 369 -2.09 -61.22 7.39
CA ALA B 369 -1.05 -61.87 6.60
C ALA B 369 -1.54 -62.54 5.31
N PRO B 370 -2.57 -63.39 5.30
CA PRO B 370 -2.84 -64.21 4.11
C PRO B 370 -3.46 -63.46 2.95
N PHE B 371 -3.45 -62.12 2.93
CA PHE B 371 -3.84 -61.37 1.75
C PHE B 371 -2.61 -61.14 0.88
N PHE B 372 -2.71 -61.53 -0.40
CA PHE B 372 -1.58 -61.49 -1.32
C PHE B 372 -1.59 -60.23 -2.18
N THR B 373 -2.66 -60.00 -2.92
CA THR B 373 -2.74 -58.87 -3.84
C THR B 373 -3.05 -57.60 -3.07
N PHE B 374 -2.18 -56.59 -3.20
CA PHE B 374 -2.43 -55.28 -2.62
C PHE B 374 -1.68 -54.26 -3.47
N LYS B 375 -2.40 -53.63 -4.40
CA LYS B 375 -1.80 -52.66 -5.32
C LYS B 375 -2.92 -51.77 -5.84
N CYS B 376 -2.89 -50.50 -5.45
CA CYS B 376 -3.97 -49.57 -5.79
C CYS B 376 -3.50 -48.57 -6.83
N TYR B 377 -4.34 -48.35 -7.84
CA TYR B 377 -3.98 -47.60 -9.04
C TYR B 377 -4.41 -46.14 -8.96
N GLY B 378 -5.67 -45.88 -8.62
CA GLY B 378 -6.15 -44.52 -8.48
C GLY B 378 -5.83 -43.85 -7.17
N VAL B 379 -5.31 -44.60 -6.20
CA VAL B 379 -4.95 -44.09 -4.89
C VAL B 379 -3.64 -44.74 -4.46
N SER B 380 -3.16 -44.35 -3.29
CA SER B 380 -1.97 -44.85 -2.61
C SER B 380 -2.36 -45.99 -1.65
N PRO B 381 -1.53 -47.03 -1.54
CA PRO B 381 -1.92 -48.17 -0.68
C PRO B 381 -1.85 -47.87 0.81
N THR B 382 -1.29 -46.72 1.21
CA THR B 382 -1.24 -46.33 2.62
C THR B 382 -1.97 -45.04 2.93
N LYS B 383 -2.43 -44.29 1.92
CA LYS B 383 -3.17 -43.06 2.13
C LYS B 383 -4.67 -43.27 2.29
N LEU B 384 -5.10 -44.49 2.65
CA LEU B 384 -6.50 -44.75 2.91
C LEU B 384 -6.97 -44.20 4.26
N ASN B 385 -6.04 -43.76 5.10
CA ASN B 385 -6.37 -43.20 6.41
C ASN B 385 -6.62 -41.70 6.37
N ASP B 386 -6.43 -41.05 5.21
CA ASP B 386 -6.66 -39.62 5.09
C ASP B 386 -7.39 -39.29 3.80
N LEU B 387 -8.21 -40.21 3.31
CA LEU B 387 -8.97 -40.01 2.08
C LEU B 387 -10.45 -40.19 2.39
N CYS B 388 -11.28 -39.25 1.92
CA CYS B 388 -12.71 -39.28 2.17
C CYS B 388 -13.45 -39.47 0.85
N PHE B 389 -14.45 -40.35 0.87
CA PHE B 389 -15.19 -40.70 -0.34
C PHE B 389 -16.68 -40.73 -0.02
N THR B 390 -17.49 -40.50 -1.06
CA THR B 390 -18.94 -40.55 -0.89
C THR B 390 -19.42 -41.96 -0.56
N ASN B 391 -18.82 -42.97 -1.16
CA ASN B 391 -19.19 -44.35 -0.88
C ASN B 391 -18.04 -45.27 -1.26
N VAL B 392 -18.10 -46.49 -0.76
CA VAL B 392 -17.14 -47.55 -1.10
C VAL B 392 -17.91 -48.73 -1.65
N TYR B 393 -17.52 -49.19 -2.84
CA TYR B 393 -18.18 -50.30 -3.51
C TYR B 393 -17.32 -51.55 -3.38
N ALA B 394 -17.91 -52.62 -2.86
CA ALA B 394 -17.21 -53.88 -2.63
C ALA B 394 -17.80 -54.97 -3.51
N ASP B 395 -16.94 -55.72 -4.18
CA ASP B 395 -17.35 -56.83 -5.03
C ASP B 395 -16.62 -58.08 -4.56
N SER B 396 -17.36 -59.13 -4.22
CA SER B 396 -16.79 -60.37 -3.72
C SER B 396 -17.30 -61.54 -4.54
N PHE B 397 -16.39 -62.47 -4.86
CA PHE B 397 -16.69 -63.64 -5.67
C PHE B 397 -15.49 -64.57 -5.63
N VAL B 398 -15.69 -65.79 -6.10
CA VAL B 398 -14.66 -66.82 -6.12
C VAL B 398 -14.32 -67.16 -7.56
N ILE B 399 -13.03 -67.13 -7.89
CA ILE B 399 -12.54 -67.47 -9.22
C ILE B 399 -11.32 -68.37 -9.08
N ARG B 400 -10.85 -68.87 -10.23
CA ARG B 400 -9.68 -69.72 -10.27
C ARG B 400 -8.41 -68.90 -10.11
N GLY B 401 -7.36 -69.56 -9.60
CA GLY B 401 -6.08 -68.89 -9.43
C GLY B 401 -5.44 -68.48 -10.75
N ASP B 402 -5.65 -69.28 -11.80
CA ASP B 402 -5.08 -68.99 -13.11
C ASP B 402 -5.71 -67.78 -13.78
N GLU B 403 -6.82 -67.27 -13.25
CA GLU B 403 -7.56 -66.17 -13.87
C GLU B 403 -7.55 -64.90 -13.03
N VAL B 404 -6.63 -64.81 -12.06
CA VAL B 404 -6.62 -63.66 -11.15
C VAL B 404 -6.06 -62.43 -11.85
N ARG B 405 -5.04 -62.60 -12.71
CA ARG B 405 -4.37 -61.46 -13.31
C ARG B 405 -5.23 -60.71 -14.32
N GLN B 406 -6.37 -61.26 -14.71
CA GLN B 406 -7.22 -60.65 -15.72
C GLN B 406 -8.14 -59.57 -15.16
N ILE B 407 -8.11 -59.31 -13.86
CA ILE B 407 -8.96 -58.27 -13.26
C ILE B 407 -8.57 -56.90 -13.76
N ALA B 408 -7.31 -56.71 -14.14
CA ALA B 408 -6.83 -55.39 -14.53
C ALA B 408 -7.58 -54.89 -15.76
N PRO B 409 -7.74 -53.57 -15.90
CA PRO B 409 -8.44 -53.03 -17.07
C PRO B 409 -7.74 -53.39 -18.37
N GLY B 410 -8.54 -53.66 -19.39
CA GLY B 410 -8.03 -54.01 -20.70
C GLY B 410 -7.66 -55.47 -20.89
N GLN B 411 -7.77 -56.30 -19.85
CA GLN B 411 -7.45 -57.71 -19.96
C GLN B 411 -8.65 -58.48 -20.53
N THR B 412 -8.39 -59.34 -21.50
CA THR B 412 -9.42 -60.12 -22.17
C THR B 412 -9.17 -61.61 -21.92
N GLY B 413 -10.25 -62.33 -21.68
CA GLY B 413 -10.15 -63.76 -21.43
C GLY B 413 -11.54 -64.35 -21.22
N ASN B 414 -11.56 -65.66 -21.00
CA ASN B 414 -12.83 -66.34 -20.77
C ASN B 414 -13.53 -65.79 -19.53
N ILE B 415 -12.77 -65.58 -18.44
CA ILE B 415 -13.32 -64.94 -17.26
C ILE B 415 -13.56 -63.45 -17.53
N ALA B 416 -12.70 -62.82 -18.31
CA ALA B 416 -12.69 -61.37 -18.47
C ALA B 416 -13.60 -60.89 -19.61
N ASP B 417 -14.31 -61.78 -20.27
CA ASP B 417 -15.22 -61.36 -21.33
C ASP B 417 -16.65 -61.83 -21.11
N TYR B 418 -16.84 -63.02 -20.52
CA TYR B 418 -18.16 -63.55 -20.22
C TYR B 418 -18.49 -63.57 -18.74
N ASN B 419 -17.51 -63.80 -17.89
CA ASN B 419 -17.78 -64.04 -16.46
C ASN B 419 -17.74 -62.76 -15.63
N TYR B 420 -16.71 -61.92 -15.80
CA TYR B 420 -16.58 -60.72 -14.99
C TYR B 420 -15.77 -59.69 -15.76
N LYS B 421 -16.16 -58.41 -15.63
CA LYS B 421 -15.55 -57.34 -16.40
C LYS B 421 -15.28 -56.13 -15.51
N LEU B 422 -14.33 -55.31 -15.95
CA LEU B 422 -14.02 -54.03 -15.36
C LEU B 422 -13.90 -53.00 -16.48
N PRO B 423 -14.15 -51.72 -16.19
CA PRO B 423 -14.04 -50.68 -17.22
C PRO B 423 -12.57 -50.31 -17.45
N ASP B 424 -12.37 -49.39 -18.39
CA ASP B 424 -11.04 -48.93 -18.76
C ASP B 424 -10.56 -47.77 -17.91
N ASP B 425 -11.39 -47.27 -17.00
CA ASP B 425 -11.04 -46.18 -16.10
C ASP B 425 -11.33 -46.58 -14.66
N PHE B 426 -10.92 -47.80 -14.30
CA PHE B 426 -11.14 -48.31 -12.95
C PHE B 426 -10.38 -47.48 -11.93
N THR B 427 -11.07 -47.11 -10.85
CA THR B 427 -10.47 -46.39 -9.73
C THR B 427 -10.69 -47.21 -8.46
N GLY B 428 -9.59 -47.67 -7.87
CA GLY B 428 -9.63 -48.53 -6.71
C GLY B 428 -8.59 -49.63 -6.83
N CYS B 429 -8.78 -50.69 -6.08
CA CYS B 429 -7.85 -51.81 -6.10
C CYS B 429 -8.52 -53.06 -5.55
N VAL B 430 -7.87 -54.20 -5.79
CA VAL B 430 -8.40 -55.51 -5.49
C VAL B 430 -7.43 -56.26 -4.59
N ILE B 431 -7.97 -57.24 -3.86
CA ILE B 431 -7.18 -58.13 -3.00
C ILE B 431 -7.60 -59.56 -3.32
N ALA B 432 -6.62 -60.43 -3.55
CA ALA B 432 -6.87 -61.82 -3.87
C ALA B 432 -6.01 -62.72 -2.99
N TRP B 433 -6.53 -63.91 -2.71
CA TRP B 433 -5.83 -64.87 -1.86
C TRP B 433 -6.32 -66.26 -2.19
N ASN B 434 -5.56 -67.26 -1.72
CA ASN B 434 -5.93 -68.65 -1.94
C ASN B 434 -7.17 -69.01 -1.15
N SER B 435 -8.04 -69.81 -1.76
CA SER B 435 -9.27 -70.25 -1.11
C SER B 435 -9.48 -71.76 -1.24
N ASN B 436 -8.41 -72.51 -1.49
CA ASN B 436 -8.51 -73.97 -1.56
C ASN B 436 -8.68 -74.60 -0.19
N LYS B 437 -8.32 -73.87 0.88
CA LYS B 437 -8.42 -74.43 2.22
C LYS B 437 -9.88 -74.60 2.65
N LEU B 438 -10.72 -73.59 2.36
CA LEU B 438 -12.08 -73.56 2.86
C LEU B 438 -13.12 -73.87 1.80
N ASP B 439 -13.05 -73.23 0.63
CA ASP B 439 -14.08 -73.41 -0.38
C ASP B 439 -14.13 -74.85 -0.89
N SER B 440 -12.98 -75.44 -1.15
CA SER B 440 -12.94 -76.81 -1.66
C SER B 440 -13.33 -77.80 -0.56
N LYS B 441 -13.95 -78.89 -0.98
CA LYS B 441 -14.35 -79.96 -0.08
C LYS B 441 -13.26 -81.03 -0.04
N VAL B 442 -13.52 -82.11 0.70
CA VAL B 442 -12.57 -83.22 0.77
C VAL B 442 -12.46 -83.90 -0.60
N SER B 443 -13.60 -84.17 -1.23
CA SER B 443 -13.64 -84.79 -2.54
C SER B 443 -13.90 -83.85 -3.69
N GLY B 444 -13.86 -82.54 -3.46
CA GLY B 444 -14.10 -81.58 -4.53
C GLY B 444 -15.46 -80.91 -4.42
N ASN B 445 -15.46 -79.59 -4.27
CA ASN B 445 -16.69 -78.81 -4.18
C ASN B 445 -17.07 -78.34 -5.58
N TYR B 446 -18.19 -78.86 -6.10
CA TYR B 446 -18.66 -78.52 -7.43
C TYR B 446 -19.76 -77.47 -7.42
N ASN B 447 -19.99 -76.82 -6.27
CA ASN B 447 -21.02 -75.78 -6.19
C ASN B 447 -20.61 -74.52 -6.93
N TYR B 448 -19.36 -74.40 -7.38
CA TYR B 448 -18.89 -73.24 -8.10
C TYR B 448 -18.87 -73.54 -9.60
N LEU B 449 -19.52 -72.69 -10.37
CA LEU B 449 -19.66 -72.89 -11.81
C LEU B 449 -19.35 -71.58 -12.53
N TYR B 450 -19.35 -71.64 -13.86
CA TYR B 450 -19.16 -70.46 -14.68
C TYR B 450 -19.78 -70.68 -16.04
N ARG B 451 -20.18 -69.58 -16.67
CA ARG B 451 -20.83 -69.65 -17.98
C ARG B 451 -19.79 -69.83 -19.09
N LEU B 452 -20.18 -70.58 -20.12
CA LEU B 452 -19.30 -70.89 -21.24
C LEU B 452 -19.75 -70.22 -22.53
N PHE B 453 -20.99 -70.45 -22.95
CA PHE B 453 -21.47 -70.02 -24.25
C PHE B 453 -22.42 -68.83 -24.10
N ARG B 454 -22.17 -67.79 -24.88
CA ARG B 454 -23.03 -66.61 -24.92
C ARG B 454 -23.08 -66.07 -26.35
N LYS B 455 -24.15 -65.34 -26.65
CA LYS B 455 -24.34 -64.82 -28.00
C LYS B 455 -23.36 -63.70 -28.31
N SER B 456 -23.11 -62.81 -27.36
CA SER B 456 -22.24 -61.66 -27.58
C SER B 456 -21.54 -61.32 -26.28
N ASN B 457 -20.93 -60.14 -26.23
CA ASN B 457 -20.20 -59.66 -25.07
C ASN B 457 -20.94 -58.48 -24.46
N LEU B 458 -21.19 -58.55 -23.16
CA LEU B 458 -21.96 -57.55 -22.44
C LEU B 458 -21.07 -56.52 -21.76
N LYS B 459 -21.68 -55.37 -21.44
CA LYS B 459 -20.95 -54.25 -20.86
C LYS B 459 -20.51 -54.58 -19.43
N PRO B 460 -19.46 -53.91 -18.94
CA PRO B 460 -18.97 -54.22 -17.59
C PRO B 460 -20.04 -54.03 -16.53
N PHE B 461 -20.00 -54.92 -15.53
CA PHE B 461 -20.91 -54.88 -14.38
C PHE B 461 -22.37 -55.10 -14.81
N GLU B 462 -22.60 -56.20 -15.53
CA GLU B 462 -23.94 -56.68 -15.82
C GLU B 462 -24.04 -58.15 -15.44
N ARG B 463 -25.16 -58.52 -14.84
CA ARG B 463 -25.35 -59.85 -14.25
C ARG B 463 -26.51 -60.56 -14.93
N ASP B 464 -26.30 -61.83 -15.27
CA ASP B 464 -27.33 -62.66 -15.88
C ASP B 464 -27.36 -64.01 -15.20
N ILE B 465 -28.55 -64.58 -15.06
CA ILE B 465 -28.73 -65.85 -14.39
C ILE B 465 -29.24 -66.95 -15.32
N SER B 466 -29.84 -66.61 -16.47
CA SER B 466 -30.41 -67.61 -17.36
C SER B 466 -29.32 -68.55 -17.88
N THR B 467 -29.66 -69.84 -17.97
CA THR B 467 -28.74 -70.87 -18.43
C THR B 467 -29.26 -71.57 -19.68
N GLU B 468 -30.06 -70.86 -20.49
CA GLU B 468 -30.61 -71.45 -21.69
C GLU B 468 -29.50 -71.77 -22.68
N ILE B 469 -29.67 -72.87 -23.42
CA ILE B 469 -28.63 -73.36 -24.31
C ILE B 469 -28.37 -72.36 -25.43
N TYR B 470 -27.10 -72.12 -25.72
CA TYR B 470 -26.70 -71.20 -26.78
C TYR B 470 -26.51 -71.95 -28.09
N GLN B 471 -27.00 -71.36 -29.17
CA GLN B 471 -26.98 -71.99 -30.49
C GLN B 471 -25.65 -71.68 -31.16
N ALA B 472 -24.73 -72.66 -31.14
CA ALA B 472 -23.43 -72.47 -31.78
C ALA B 472 -23.58 -72.33 -33.29
N GLY B 473 -24.45 -73.15 -33.91
CA GLY B 473 -24.66 -73.09 -35.33
C GLY B 473 -25.73 -72.08 -35.71
N ASN B 474 -25.95 -71.97 -37.03
CA ASN B 474 -26.94 -71.04 -37.55
C ASN B 474 -28.37 -71.55 -37.40
N LYS B 475 -28.56 -72.85 -37.25
CA LYS B 475 -29.90 -73.41 -37.14
C LYS B 475 -30.43 -73.21 -35.72
N PRO B 476 -31.63 -72.65 -35.56
CA PRO B 476 -32.24 -72.58 -34.23
C PRO B 476 -32.54 -73.97 -33.69
N CYS B 477 -32.45 -74.12 -32.37
CA CYS B 477 -32.74 -75.36 -31.69
C CYS B 477 -33.67 -75.11 -30.52
N ASN B 478 -34.55 -76.07 -30.26
CA ASN B 478 -35.53 -75.96 -29.18
C ASN B 478 -35.67 -77.29 -28.47
N GLY B 479 -36.11 -77.23 -27.22
CA GLY B 479 -36.32 -78.43 -26.43
C GLY B 479 -35.23 -78.69 -25.41
N VAL B 480 -34.37 -79.66 -25.69
CA VAL B 480 -33.29 -80.04 -24.77
C VAL B 480 -31.97 -79.99 -25.51
N ALA B 481 -30.90 -80.42 -24.85
CA ALA B 481 -29.58 -80.43 -25.47
C ALA B 481 -29.57 -81.28 -26.74
N GLY B 482 -28.97 -80.74 -27.78
CA GLY B 482 -28.88 -81.44 -29.05
C GLY B 482 -27.73 -80.97 -29.91
N PHE B 483 -27.94 -80.89 -31.21
CA PHE B 483 -26.90 -80.46 -32.14
C PHE B 483 -26.84 -78.94 -32.18
N ASN B 484 -25.61 -78.42 -32.29
CA ASN B 484 -25.30 -76.99 -32.41
C ASN B 484 -25.68 -76.19 -31.17
N CYS B 485 -26.13 -76.82 -30.09
CA CYS B 485 -26.46 -76.11 -28.87
C CYS B 485 -26.34 -77.06 -27.69
N TYR B 486 -25.68 -76.59 -26.63
CA TYR B 486 -25.46 -77.37 -25.42
C TYR B 486 -25.57 -76.45 -24.22
N PHE B 487 -25.45 -77.03 -23.03
CA PHE B 487 -25.56 -76.27 -21.80
C PHE B 487 -24.38 -75.31 -21.66
N PRO B 488 -24.61 -74.00 -21.53
CA PRO B 488 -23.50 -73.04 -21.50
C PRO B 488 -22.79 -72.93 -20.16
N LEU B 489 -23.02 -73.85 -19.23
CA LEU B 489 -22.37 -73.80 -17.92
C LEU B 489 -21.69 -75.12 -17.61
N ARG B 490 -20.47 -75.04 -17.09
CA ARG B 490 -19.71 -76.21 -16.66
C ARG B 490 -19.18 -75.96 -15.26
N SER B 491 -19.38 -76.94 -14.37
CA SER B 491 -18.98 -76.78 -12.98
C SER B 491 -17.45 -76.83 -12.84
N TYR B 492 -16.93 -76.05 -11.91
CA TYR B 492 -15.51 -76.10 -11.60
C TYR B 492 -15.15 -77.44 -10.95
N SER B 493 -13.91 -77.86 -11.16
CA SER B 493 -13.37 -79.07 -10.57
C SER B 493 -12.26 -78.66 -9.61
N PHE B 494 -12.64 -78.41 -8.35
CA PHE B 494 -11.74 -77.83 -7.35
C PHE B 494 -11.66 -78.77 -6.16
N ARG B 495 -10.54 -79.48 -6.03
CA ARG B 495 -10.28 -80.36 -4.91
C ARG B 495 -8.85 -80.19 -4.46
N PRO B 496 -8.55 -80.49 -3.18
CA PRO B 496 -7.19 -80.20 -2.67
C PRO B 496 -6.08 -80.97 -3.36
N THR B 497 -6.36 -82.15 -3.90
CA THR B 497 -5.32 -82.94 -4.56
C THR B 497 -4.90 -82.33 -5.90
N TYR B 498 -5.62 -81.34 -6.40
CA TYR B 498 -5.24 -80.69 -7.65
C TYR B 498 -3.98 -79.86 -7.46
N GLY B 499 -3.30 -79.60 -8.57
CA GLY B 499 -2.01 -78.94 -8.54
C GLY B 499 -2.10 -77.44 -8.41
N VAL B 500 -0.95 -76.79 -8.57
CA VAL B 500 -0.86 -75.33 -8.44
C VAL B 500 -1.62 -74.68 -9.58
N GLY B 501 -2.40 -73.65 -9.26
CA GLY B 501 -3.22 -72.96 -10.23
C GLY B 501 -4.64 -73.45 -10.30
N HIS B 502 -4.92 -74.66 -9.82
CA HIS B 502 -6.28 -75.17 -9.73
C HIS B 502 -7.00 -74.70 -8.48
N GLN B 503 -6.29 -74.09 -7.53
CA GLN B 503 -6.91 -73.66 -6.29
C GLN B 503 -7.90 -72.53 -6.56
N PRO B 504 -9.13 -72.63 -6.06
CA PRO B 504 -10.03 -71.46 -6.11
C PRO B 504 -9.43 -70.30 -5.35
N TYR B 505 -9.59 -69.10 -5.90
CA TYR B 505 -9.08 -67.88 -5.28
C TYR B 505 -10.23 -66.93 -4.99
N ARG B 506 -10.28 -66.41 -3.76
CA ARG B 506 -11.26 -65.42 -3.39
C ARG B 506 -10.72 -64.03 -3.69
N VAL B 507 -11.39 -63.31 -4.59
CA VAL B 507 -10.95 -61.99 -5.03
C VAL B 507 -11.99 -60.98 -4.59
N VAL B 508 -11.53 -59.91 -3.95
CA VAL B 508 -12.39 -58.83 -3.50
C VAL B 508 -11.94 -57.55 -4.20
N VAL B 509 -12.88 -56.64 -4.43
CA VAL B 509 -12.64 -55.40 -5.17
C VAL B 509 -13.08 -54.23 -4.32
N LEU B 510 -12.22 -53.22 -4.20
CA LEU B 510 -12.54 -51.97 -3.52
C LEU B 510 -12.70 -50.87 -4.57
N SER B 511 -13.89 -50.27 -4.60
CA SER B 511 -14.19 -49.20 -5.55
C SER B 511 -14.85 -48.04 -4.81
N PHE B 512 -14.61 -46.83 -5.32
CA PHE B 512 -15.09 -45.63 -4.67
C PHE B 512 -15.04 -44.46 -5.64
N GLU B 513 -15.92 -43.49 -5.43
CA GLU B 513 -15.96 -42.28 -6.24
C GLU B 513 -15.15 -41.17 -5.56
N LEU B 514 -14.55 -40.31 -6.37
CA LEU B 514 -13.62 -39.29 -5.88
C LEU B 514 -14.33 -37.95 -5.75
N LEU B 515 -14.88 -37.68 -4.56
CA LEU B 515 -15.31 -36.35 -4.12
C LEU B 515 -16.23 -35.67 -5.15
N HIS B 516 -17.41 -36.26 -5.31
CA HIS B 516 -18.48 -35.59 -6.04
C HIS B 516 -19.80 -35.63 -5.26
N ALA B 517 -19.74 -35.93 -3.97
CA ALA B 517 -20.90 -35.96 -3.09
C ALA B 517 -20.40 -35.89 -1.66
N PRO B 518 -21.26 -35.55 -0.70
CA PRO B 518 -20.81 -35.48 0.70
C PRO B 518 -20.12 -36.76 1.16
N ALA B 519 -18.95 -36.59 1.76
CA ALA B 519 -18.13 -37.73 2.15
C ALA B 519 -18.77 -38.52 3.27
N THR B 520 -18.67 -39.84 3.20
CA THR B 520 -19.20 -40.75 4.21
C THR B 520 -18.14 -41.65 4.82
N VAL B 521 -17.15 -42.08 4.03
CA VAL B 521 -16.09 -42.97 4.50
C VAL B 521 -14.81 -42.16 4.62
N CYS B 522 -14.22 -42.16 5.81
CA CYS B 522 -12.99 -41.42 6.07
C CYS B 522 -12.10 -42.25 6.99
N GLY B 523 -10.82 -41.86 7.06
CA GLY B 523 -9.85 -42.60 7.83
C GLY B 523 -9.92 -42.30 9.31
N PRO B 524 -9.23 -43.12 10.10
CA PRO B 524 -9.24 -42.95 11.55
C PRO B 524 -8.20 -41.94 12.03
N LYS B 525 -8.39 -41.50 13.28
CA LYS B 525 -7.51 -40.53 13.92
C LYS B 525 -7.14 -41.04 15.31
N LYS B 526 -6.00 -40.56 15.81
CA LYS B 526 -5.46 -40.97 17.09
C LYS B 526 -5.21 -39.76 17.97
N SER B 527 -5.45 -39.91 19.27
CA SER B 527 -5.25 -38.84 20.24
C SER B 527 -4.06 -39.15 21.14
N THR B 528 -3.21 -38.16 21.36
CA THR B 528 -2.04 -38.31 22.23
C THR B 528 -1.95 -37.12 23.17
N ASN B 529 -1.85 -37.40 24.47
CA ASN B 529 -1.48 -36.44 25.50
C ASN B 529 -2.63 -35.47 25.80
N LEU B 530 -2.50 -34.69 26.87
CA LEU B 530 -3.55 -33.76 27.29
C LEU B 530 -2.90 -32.62 28.05
N VAL B 531 -3.58 -31.47 28.06
CA VAL B 531 -3.10 -30.28 28.74
C VAL B 531 -4.27 -29.59 29.43
N LYS B 532 -3.98 -28.93 30.56
CA LYS B 532 -4.97 -28.21 31.33
C LYS B 532 -4.40 -26.86 31.76
N ASN B 533 -5.11 -25.79 31.43
CA ASN B 533 -4.81 -24.43 31.90
C ASN B 533 -3.34 -24.06 31.64
N LYS B 534 -2.91 -24.22 30.40
CA LYS B 534 -1.53 -23.90 30.06
C LYS B 534 -1.42 -23.53 28.59
N CYS B 535 -0.44 -22.67 28.29
CA CYS B 535 -0.19 -22.18 26.95
C CYS B 535 0.81 -23.11 26.25
N VAL B 536 0.29 -24.02 25.43
CA VAL B 536 1.11 -24.94 24.67
C VAL B 536 0.58 -25.04 23.24
N ASN B 537 1.41 -25.56 22.36
CA ASN B 537 1.04 -25.72 20.96
C ASN B 537 0.21 -26.99 20.81
N PHE B 538 -1.02 -26.85 20.30
CA PHE B 538 -1.89 -27.99 20.09
C PHE B 538 -2.86 -27.67 18.95
N ASN B 539 -3.35 -28.73 18.31
CA ASN B 539 -4.36 -28.63 17.27
C ASN B 539 -5.61 -29.37 17.73
N PHE B 540 -6.73 -28.65 17.82
CA PHE B 540 -8.00 -29.22 18.27
C PHE B 540 -9.00 -29.17 17.12
N ASN B 541 -9.41 -30.36 16.65
CA ASN B 541 -10.42 -30.49 15.60
C ASN B 541 -10.05 -29.69 14.36
N GLY B 542 -8.76 -29.67 14.04
CA GLY B 542 -8.26 -28.92 12.91
C GLY B 542 -7.97 -27.46 13.18
N LEU B 543 -7.97 -27.04 14.44
CA LEU B 543 -7.70 -25.65 14.79
C LEU B 543 -6.55 -25.59 15.77
N LYS B 544 -5.51 -24.82 15.42
CA LYS B 544 -4.37 -24.63 16.31
C LYS B 544 -4.73 -23.65 17.43
N GLY B 545 -4.18 -23.89 18.61
CA GLY B 545 -4.44 -23.04 19.75
C GLY B 545 -3.36 -23.05 20.80
N THR B 546 -3.10 -21.90 21.42
CA THR B 546 -2.12 -21.81 22.50
C THR B 546 -2.65 -21.05 23.72
N GLY B 547 -3.95 -20.79 23.81
CA GLY B 547 -4.50 -20.08 24.95
C GLY B 547 -4.96 -21.05 26.04
N VAL B 548 -4.84 -20.62 27.29
CA VAL B 548 -5.14 -21.48 28.42
C VAL B 548 -6.65 -21.73 28.49
N LEU B 549 -7.04 -22.99 28.63
CA LEU B 549 -8.43 -23.34 28.81
C LEU B 549 -8.80 -23.24 30.28
N THR B 550 -9.93 -22.58 30.57
CA THR B 550 -10.36 -22.28 31.93
C THR B 550 -11.82 -22.66 32.11
N GLU B 551 -12.34 -22.41 33.31
CA GLU B 551 -13.73 -22.68 33.65
C GLU B 551 -14.41 -21.41 34.13
N SER B 552 -15.64 -21.19 33.68
CA SER B 552 -16.38 -19.98 34.02
C SER B 552 -17.88 -20.30 34.10
N ASN B 553 -18.65 -19.30 34.54
CA ASN B 553 -20.07 -19.49 34.77
C ASN B 553 -20.86 -19.81 33.50
N LYS B 554 -20.26 -19.59 32.33
CA LYS B 554 -20.96 -19.84 31.07
C LYS B 554 -21.29 -21.32 30.95
N LYS B 555 -22.38 -21.61 30.24
CA LYS B 555 -22.76 -22.98 29.93
C LYS B 555 -22.93 -23.11 28.43
N PHE B 556 -22.22 -24.05 27.83
CA PHE B 556 -22.38 -24.30 26.39
C PHE B 556 -23.59 -25.17 26.16
N LEU B 557 -24.44 -24.73 25.23
CA LEU B 557 -25.61 -25.52 24.87
C LEU B 557 -25.17 -26.79 24.17
N PRO B 558 -26.03 -27.82 24.14
CA PRO B 558 -25.63 -29.10 23.52
C PRO B 558 -25.11 -28.98 22.10
N PHE B 559 -25.38 -27.86 21.43
CA PHE B 559 -24.84 -27.63 20.09
C PHE B 559 -23.60 -26.76 20.08
N GLN B 560 -23.52 -25.79 21.00
CA GLN B 560 -22.37 -24.88 21.02
C GLN B 560 -21.07 -25.64 21.18
N GLN B 561 -20.08 -25.29 20.37
CA GLN B 561 -18.81 -26.02 20.36
C GLN B 561 -17.57 -25.14 20.32
N PHE B 562 -17.68 -23.85 19.99
CA PHE B 562 -16.51 -23.00 19.82
C PHE B 562 -16.84 -21.62 20.36
N GLY B 563 -15.80 -20.81 20.55
CA GLY B 563 -16.00 -19.45 21.01
C GLY B 563 -14.94 -18.53 20.46
N ARG B 564 -15.32 -17.27 20.25
CA ARG B 564 -14.42 -16.22 19.78
C ARG B 564 -14.60 -14.99 20.66
N ASP B 565 -13.79 -13.97 20.39
CA ASP B 565 -13.79 -12.76 21.21
C ASP B 565 -13.92 -11.50 20.37
N ILE B 566 -13.70 -10.34 20.99
CA ILE B 566 -13.82 -9.06 20.28
C ILE B 566 -12.86 -9.02 19.10
N ALA B 567 -11.62 -9.45 19.31
CA ALA B 567 -10.60 -9.46 18.26
C ALA B 567 -10.81 -10.55 17.21
N ASP B 568 -11.93 -11.27 17.26
CA ASP B 568 -12.25 -12.32 16.29
C ASP B 568 -11.21 -13.44 16.28
N THR B 569 -10.57 -13.68 17.42
CA THR B 569 -9.64 -14.78 17.57
C THR B 569 -10.21 -15.81 18.54
N THR B 570 -9.68 -17.03 18.46
CA THR B 570 -10.19 -18.14 19.24
C THR B 570 -10.08 -17.85 20.73
N ASP B 571 -11.19 -18.03 21.46
CA ASP B 571 -11.13 -17.89 22.91
C ASP B 571 -11.96 -18.93 23.67
N ALA B 572 -12.47 -19.97 23.00
CA ALA B 572 -13.23 -21.03 23.67
C ALA B 572 -13.48 -22.22 22.75
N VAL B 573 -13.15 -23.43 23.21
CA VAL B 573 -13.41 -24.65 22.45
C VAL B 573 -13.92 -25.74 23.38
N ARG B 574 -14.51 -26.76 22.77
CA ARG B 574 -14.91 -27.96 23.50
C ARG B 574 -13.72 -28.91 23.56
N ASP B 575 -13.41 -29.39 24.76
CA ASP B 575 -12.34 -30.36 24.90
C ASP B 575 -12.74 -31.65 24.19
N PRO B 576 -11.95 -32.13 23.24
CA PRO B 576 -12.27 -33.42 22.62
C PRO B 576 -12.25 -34.57 23.61
N GLN B 577 -11.34 -34.52 24.60
CA GLN B 577 -11.19 -35.65 25.51
C GLN B 577 -12.40 -35.82 26.43
N THR B 578 -12.86 -34.74 27.06
CA THR B 578 -14.00 -34.79 27.95
C THR B 578 -14.86 -33.56 27.66
N LEU B 579 -16.14 -33.63 28.01
CA LEU B 579 -17.14 -32.67 27.56
C LEU B 579 -17.25 -31.45 28.47
N GLU B 580 -16.16 -31.07 29.14
CA GLU B 580 -16.24 -29.96 30.09
C GLU B 580 -16.15 -28.60 29.39
N ILE B 581 -16.60 -27.56 30.10
CA ILE B 581 -16.65 -26.21 29.54
C ILE B 581 -15.24 -25.64 29.57
N LEU B 582 -14.84 -24.95 28.51
CA LEU B 582 -13.55 -24.31 28.49
C LEU B 582 -13.65 -22.87 28.00
N ASP B 583 -12.82 -22.01 28.59
CA ASP B 583 -12.57 -20.67 28.09
C ASP B 583 -11.08 -20.46 27.83
N ILE B 584 -10.77 -19.96 26.65
CA ILE B 584 -9.39 -19.88 26.16
C ILE B 584 -8.94 -18.42 26.14
N THR B 585 -7.71 -18.18 26.59
CA THR B 585 -7.04 -16.89 26.50
C THR B 585 -5.54 -17.16 26.56
N PRO B 586 -4.71 -16.40 25.82
CA PRO B 586 -3.28 -16.70 25.79
C PRO B 586 -2.56 -16.39 27.09
N CYS B 587 -1.25 -16.61 27.12
CA CYS B 587 -0.45 -16.41 28.32
C CYS B 587 -0.15 -14.91 28.48
N SER B 588 0.74 -14.59 29.40
CA SER B 588 1.02 -13.21 29.77
C SER B 588 2.19 -12.64 28.98
N PHE B 589 2.27 -11.31 28.95
CA PHE B 589 3.34 -10.58 28.30
C PHE B 589 3.79 -9.45 29.23
N GLY B 590 4.84 -8.74 28.83
CA GLY B 590 5.32 -7.63 29.62
C GLY B 590 6.17 -6.69 28.77
N GLY B 591 6.18 -5.43 29.18
CA GLY B 591 7.03 -4.44 28.52
C GLY B 591 8.41 -4.39 29.14
N VAL B 592 9.38 -5.04 28.50
CA VAL B 592 10.74 -5.08 29.03
C VAL B 592 11.40 -3.73 28.81
N SER B 593 11.54 -2.95 29.87
CA SER B 593 12.13 -1.62 29.82
C SER B 593 13.43 -1.62 30.62
N VAL B 594 14.49 -1.11 30.02
CA VAL B 594 15.82 -1.10 30.62
C VAL B 594 16.16 0.31 31.06
N ILE B 595 16.53 0.48 32.32
CA ILE B 595 16.98 1.76 32.86
C ILE B 595 18.49 1.69 33.03
N THR B 596 19.19 2.69 32.50
CA THR B 596 20.65 2.62 32.52
C THR B 596 21.25 4.01 32.36
N PRO B 597 22.38 4.29 33.02
CA PRO B 597 23.12 5.51 32.71
C PRO B 597 23.99 5.33 31.46
N GLY B 598 24.84 6.30 31.16
CA GLY B 598 25.69 6.21 30.00
C GLY B 598 26.59 4.99 30.05
N THR B 599 27.05 4.58 28.86
CA THR B 599 27.84 3.36 28.74
C THR B 599 29.15 3.45 29.50
N ASN B 600 29.83 4.60 29.39
CA ASN B 600 31.13 4.74 30.05
C ASN B 600 30.99 4.73 31.57
N THR B 601 29.91 5.34 32.08
CA THR B 601 29.79 5.55 33.52
C THR B 601 29.78 4.23 34.28
N SER B 602 28.97 3.27 33.82
CA SER B 602 28.86 1.98 34.50
C SER B 602 28.16 1.00 33.57
N ASN B 603 28.01 -0.23 34.06
CA ASN B 603 27.26 -1.26 33.36
C ASN B 603 26.03 -1.74 34.12
N GLN B 604 25.88 -1.37 35.38
CA GLN B 604 24.72 -1.77 36.16
C GLN B 604 23.46 -1.14 35.59
N VAL B 605 22.40 -1.94 35.47
CA VAL B 605 21.14 -1.52 34.88
C VAL B 605 20.00 -1.91 35.80
N ALA B 606 18.78 -1.56 35.40
CA ALA B 606 17.58 -1.93 36.10
C ALA B 606 16.46 -2.11 35.08
N VAL B 607 15.60 -3.09 35.32
CA VAL B 607 14.54 -3.47 34.39
C VAL B 607 13.19 -3.29 35.06
N LEU B 608 12.28 -2.62 34.37
CA LEU B 608 10.92 -2.42 34.85
C LEU B 608 9.95 -3.26 34.03
N TYR B 609 9.01 -3.90 34.70
CA TYR B 609 7.98 -4.72 34.07
C TYR B 609 6.65 -3.98 34.17
N GLN B 610 5.92 -3.94 33.05
CA GLN B 610 4.75 -3.09 32.91
C GLN B 610 3.48 -3.85 33.23
N GLY B 611 2.72 -3.36 34.21
CA GLY B 611 1.40 -3.87 34.49
C GLY B 611 1.33 -5.34 34.87
N VAL B 612 2.27 -5.81 35.68
CA VAL B 612 2.29 -7.19 36.14
C VAL B 612 2.51 -7.20 37.64
N ASN B 613 1.84 -8.14 38.32
CA ASN B 613 2.06 -8.31 39.75
C ASN B 613 3.50 -8.73 40.01
N CYS B 614 4.11 -8.12 41.04
CA CYS B 614 5.53 -8.32 41.28
C CYS B 614 5.87 -9.75 41.66
N THR B 615 4.91 -10.51 42.16
CA THR B 615 5.12 -11.91 42.52
C THR B 615 4.84 -12.86 41.38
N GLU B 616 4.46 -12.34 40.21
CA GLU B 616 4.15 -13.20 39.06
C GLU B 616 5.36 -13.43 38.16
N VAL B 617 6.30 -12.49 38.13
CA VAL B 617 7.49 -12.63 37.29
C VAL B 617 8.38 -13.78 37.74
N PRO B 618 8.41 -14.22 39.01
CA PRO B 618 9.12 -15.48 39.30
C PRO B 618 8.53 -16.68 38.59
N VAL B 619 7.21 -16.68 38.33
CA VAL B 619 6.59 -17.80 37.62
C VAL B 619 7.19 -17.95 36.23
N ALA B 620 7.60 -16.84 35.61
CA ALA B 620 8.20 -16.88 34.29
C ALA B 620 9.56 -17.56 34.26
N ILE B 621 10.16 -17.83 35.43
CA ILE B 621 11.48 -18.45 35.48
C ILE B 621 11.35 -19.93 35.19
N HIS B 622 11.52 -20.30 33.91
CA HIS B 622 11.47 -21.69 33.48
C HIS B 622 12.43 -21.85 32.31
N ALA B 623 13.02 -23.04 32.20
CA ALA B 623 14.03 -23.29 31.18
C ALA B 623 13.41 -23.20 29.79
N ASP B 624 14.05 -22.39 28.92
CA ASP B 624 13.63 -22.20 27.54
C ASP B 624 12.17 -21.76 27.46
N GLN B 625 11.77 -20.89 28.38
CA GLN B 625 10.41 -20.37 28.43
C GLN B 625 10.32 -18.88 28.19
N LEU B 626 11.44 -18.15 28.20
CA LEU B 626 11.44 -16.71 28.09
C LEU B 626 12.40 -16.26 26.99
N THR B 627 12.00 -15.22 26.27
CA THR B 627 12.98 -14.55 25.40
C THR B 627 14.11 -13.93 26.21
N PRO B 628 13.85 -13.22 27.33
CA PRO B 628 14.97 -12.85 28.22
C PRO B 628 15.50 -14.07 28.96
N THR B 629 16.71 -14.52 28.61
CA THR B 629 17.29 -15.70 29.22
C THR B 629 17.74 -15.45 30.66
N TRP B 630 17.99 -14.20 31.03
CA TRP B 630 18.53 -13.87 32.35
C TRP B 630 17.44 -13.99 33.41
N ARG B 631 16.98 -15.24 33.58
CA ARG B 631 15.96 -15.52 34.60
C ARG B 631 16.49 -15.26 36.00
N VAL B 632 17.80 -15.37 36.18
CA VAL B 632 18.42 -15.13 37.49
C VAL B 632 18.19 -13.68 37.93
N TYR B 633 18.04 -12.78 36.96
CA TYR B 633 17.76 -11.38 37.28
C TYR B 633 16.35 -11.19 37.83
N SER B 634 15.42 -12.07 37.44
CA SER B 634 14.04 -11.90 37.87
C SER B 634 13.91 -12.00 39.39
N THR B 635 14.61 -12.95 40.00
CA THR B 635 14.71 -13.06 41.45
C THR B 635 16.06 -12.53 41.88
N GLY B 636 16.07 -11.30 42.39
CA GLY B 636 17.30 -10.62 42.74
C GLY B 636 17.23 -9.87 44.05
N SER B 637 17.54 -8.58 44.01
CA SER B 637 17.57 -7.73 45.18
C SER B 637 16.17 -7.17 45.45
N ASN B 638 16.11 -6.18 46.34
CA ASN B 638 14.82 -5.60 46.73
C ASN B 638 14.06 -5.09 45.51
N VAL B 639 12.78 -5.42 45.45
CA VAL B 639 11.89 -5.00 44.37
C VAL B 639 10.83 -4.08 44.96
N PHE B 640 10.64 -2.91 44.37
CA PHE B 640 9.70 -1.91 44.86
C PHE B 640 8.55 -1.80 43.86
N GLN B 641 7.33 -2.02 44.35
CA GLN B 641 6.15 -1.98 43.50
C GLN B 641 5.74 -0.55 43.19
N THR B 642 5.36 -0.31 41.93
CA THR B 642 4.80 0.95 41.48
C THR B 642 3.48 0.68 40.80
N ARG B 643 2.78 1.76 40.41
CA ARG B 643 1.50 1.62 39.75
C ARG B 643 1.61 0.93 38.39
N ALA B 644 2.78 1.00 37.75
CA ALA B 644 3.00 0.33 36.48
C ALA B 644 3.78 -0.97 36.63
N GLY B 645 4.03 -1.41 37.85
CA GLY B 645 4.81 -2.61 38.11
C GLY B 645 6.03 -2.32 38.96
N CYS B 646 6.69 -3.41 39.36
CA CYS B 646 7.85 -3.33 40.23
C CYS B 646 9.12 -3.46 39.40
N LEU B 647 10.09 -2.60 39.68
CA LEU B 647 11.39 -2.66 39.03
C LEU B 647 12.35 -3.53 39.85
N ILE B 648 13.44 -3.93 39.21
CA ILE B 648 14.40 -4.85 39.79
C ILE B 648 15.79 -4.23 39.71
N GLY B 649 16.53 -4.27 40.82
CA GLY B 649 17.92 -3.87 40.83
C GLY B 649 18.21 -2.48 41.35
N ALA B 650 17.19 -1.75 41.81
CA ALA B 650 17.39 -0.41 42.33
C ALA B 650 16.76 -0.30 43.72
N GLU B 651 17.46 0.36 44.63
CA GLU B 651 16.97 0.56 45.99
C GLU B 651 16.17 1.85 46.06
N TYR B 652 15.13 1.83 46.90
CA TYR B 652 14.18 2.94 47.00
C TYR B 652 14.50 3.77 48.23
N VAL B 653 15.16 4.90 48.03
CA VAL B 653 15.27 5.92 49.07
C VAL B 653 13.95 6.68 49.09
N ASN B 654 13.71 7.44 50.16
CA ASN B 654 12.46 8.18 50.28
C ASN B 654 12.69 9.64 50.62
N ASN B 655 13.84 10.19 50.24
CA ASN B 655 14.02 11.63 50.19
C ASN B 655 13.57 12.12 48.82
N SER B 656 13.86 13.38 48.50
CA SER B 656 13.39 13.95 47.25
C SER B 656 14.52 14.69 46.54
N TYR B 657 14.48 14.65 45.22
CA TYR B 657 15.40 15.38 44.36
C TYR B 657 14.67 15.77 43.09
N GLU B 658 15.42 16.24 42.09
CA GLU B 658 14.86 16.46 40.76
C GLU B 658 14.84 15.16 39.98
N CYS B 659 14.14 15.18 38.85
CA CYS B 659 14.04 13.99 38.00
C CYS B 659 15.17 13.95 37.00
N ASP B 660 15.76 12.77 36.85
CA ASP B 660 16.81 12.52 35.87
C ASP B 660 16.37 11.58 34.77
N ILE B 661 15.79 10.43 35.14
CA ILE B 661 15.23 9.50 34.17
C ILE B 661 13.78 9.23 34.55
N PRO B 662 12.81 9.73 33.80
CA PRO B 662 11.41 9.52 34.17
C PRO B 662 11.00 8.05 34.08
N ILE B 663 10.05 7.67 34.92
CA ILE B 663 9.52 6.32 34.94
C ILE B 663 8.02 6.34 34.74
N GLY B 664 7.32 7.07 35.58
CA GLY B 664 5.87 7.16 35.53
C GLY B 664 5.28 7.17 36.93
N ALA B 665 4.09 7.76 37.04
CA ALA B 665 3.38 7.87 38.32
C ALA B 665 4.24 8.53 39.39
N GLY B 666 4.93 9.60 38.98
CA GLY B 666 5.74 10.37 39.91
C GLY B 666 6.94 9.64 40.46
N ILE B 667 7.61 8.83 39.65
CA ILE B 667 8.80 8.08 40.05
C ILE B 667 9.90 8.39 39.06
N CYS B 668 11.09 8.70 39.58
CA CYS B 668 12.26 8.98 38.74
C CYS B 668 13.49 8.34 39.36
N ALA B 669 14.31 7.72 38.52
CA ALA B 669 15.55 7.10 38.98
C ALA B 669 16.73 8.05 38.78
N SER B 670 17.87 7.68 39.36
CA SER B 670 19.07 8.49 39.28
C SER B 670 20.27 7.63 39.64
N TYR B 671 21.45 8.13 39.30
CA TYR B 671 22.72 7.48 39.62
C TYR B 671 23.45 8.35 40.63
N GLN B 672 23.67 7.81 41.83
CA GLN B 672 24.28 8.57 42.92
C GLN B 672 25.27 7.67 43.64
N THR B 673 25.72 8.11 44.81
CA THR B 673 26.66 7.35 45.62
C THR B 673 26.02 6.11 46.20
N SER B 686 31.19 3.41 46.51
CA SER B 686 29.74 3.24 46.61
C SER B 686 29.02 3.90 45.44
N GLN B 687 28.54 3.08 44.51
CA GLN B 687 27.77 3.55 43.37
C GLN B 687 26.65 2.57 43.09
N SER B 688 25.45 3.09 42.84
CA SER B 688 24.28 2.26 42.59
C SER B 688 23.22 3.11 41.91
N ILE B 689 22.02 2.54 41.75
CA ILE B 689 20.89 3.21 41.13
C ILE B 689 19.77 3.28 42.16
N ILE B 690 19.23 4.49 42.36
CA ILE B 690 18.22 4.74 43.38
C ILE B 690 16.97 5.28 42.71
N ALA B 691 15.81 4.85 43.21
CA ALA B 691 14.52 5.33 42.76
C ALA B 691 13.84 6.07 43.90
N TYR B 692 13.18 7.17 43.58
CA TYR B 692 12.59 8.05 44.59
C TYR B 692 11.33 8.67 44.02
N THR B 693 10.84 9.72 44.69
CA THR B 693 9.61 10.40 44.33
C THR B 693 9.91 11.83 43.90
N MET B 694 9.10 12.33 42.96
CA MET B 694 9.27 13.67 42.41
C MET B 694 9.25 14.75 43.49
N SER B 695 9.91 15.88 43.21
CA SER B 695 9.89 17.05 44.07
C SER B 695 9.43 18.24 43.26
N LEU B 696 8.47 19.00 43.79
CA LEU B 696 7.88 20.13 43.09
C LEU B 696 8.54 21.46 43.43
N GLY B 697 9.60 21.44 44.22
CA GLY B 697 10.32 22.65 44.57
C GLY B 697 10.23 22.97 46.04
N ALA B 698 10.98 23.99 46.44
CA ALA B 698 11.01 24.42 47.83
C ALA B 698 9.69 25.06 48.22
N GLU B 699 9.16 24.66 49.37
CA GLU B 699 7.92 25.23 49.86
C GLU B 699 8.15 26.64 50.40
N ASN B 700 7.11 27.48 50.30
CA ASN B 700 7.19 28.85 50.76
C ASN B 700 5.81 29.27 51.27
N SER B 701 5.81 30.21 52.21
CA SER B 701 4.57 30.74 52.77
C SER B 701 4.67 32.25 52.85
N VAL B 702 3.53 32.92 52.70
CA VAL B 702 3.45 34.37 52.72
C VAL B 702 2.44 34.78 53.79
N ALA B 703 2.82 35.77 54.60
CA ALA B 703 1.96 36.25 55.68
C ALA B 703 1.09 37.38 55.13
N TYR B 704 0.03 36.98 54.44
CA TYR B 704 -0.94 37.95 53.93
C TYR B 704 -1.66 38.60 55.10
N SER B 705 -1.78 39.93 55.06
CA SER B 705 -2.45 40.64 56.13
C SER B 705 -3.11 41.91 55.58
N ASN B 706 -4.30 42.17 56.11
CA ASN B 706 -5.07 43.37 55.74
C ASN B 706 -4.40 44.65 56.20
N ASN B 707 -3.55 44.57 57.23
CA ASN B 707 -2.79 45.75 57.67
C ASN B 707 -1.34 45.75 57.21
N SER B 708 -0.91 44.76 56.41
CA SER B 708 0.47 44.64 55.99
C SER B 708 0.60 44.89 54.50
N ILE B 709 1.63 45.63 54.10
CA ILE B 709 1.97 45.86 52.70
C ILE B 709 3.48 45.69 52.55
N ALA B 710 3.90 45.38 51.33
CA ALA B 710 5.31 45.22 51.00
C ALA B 710 5.67 46.06 49.79
N ILE B 711 6.86 46.65 49.82
CA ILE B 711 7.34 47.51 48.74
C ILE B 711 8.82 47.22 48.50
N PRO B 712 9.23 46.96 47.25
CA PRO B 712 10.64 46.74 46.97
C PRO B 712 11.46 48.00 47.19
N THR B 713 12.73 47.80 47.58
CA THR B 713 13.65 48.89 47.85
C THR B 713 14.83 48.93 46.88
N ASN B 714 14.97 47.94 46.02
CA ASN B 714 16.11 47.84 45.12
C ASN B 714 15.71 46.96 43.94
N PHE B 715 16.56 46.92 42.92
CA PHE B 715 16.25 46.17 41.71
C PHE B 715 17.52 45.56 41.15
N THR B 716 17.36 44.81 40.06
CA THR B 716 18.48 44.21 39.35
C THR B 716 18.09 44.02 37.89
N ILE B 717 19.09 43.88 37.04
CA ILE B 717 18.89 43.69 35.61
C ILE B 717 19.50 42.35 35.22
N SER B 718 18.71 41.51 34.56
CA SER B 718 19.13 40.18 34.17
C SER B 718 18.87 39.97 32.68
N VAL B 719 19.61 39.03 32.09
CA VAL B 719 19.51 38.69 30.68
C VAL B 719 19.18 37.22 30.56
N THR B 720 18.16 36.90 29.77
CA THR B 720 17.70 35.54 29.56
C THR B 720 17.72 35.22 28.07
N THR B 721 17.99 33.97 27.75
CA THR B 721 18.20 33.53 26.37
C THR B 721 17.08 32.59 25.93
N GLU B 722 16.69 32.73 24.66
CA GLU B 722 15.68 31.88 24.06
C GLU B 722 16.16 31.44 22.69
N ILE B 723 15.85 30.19 22.33
CA ILE B 723 16.29 29.61 21.07
C ILE B 723 15.06 29.09 20.32
N LEU B 724 15.03 29.33 19.01
CA LEU B 724 13.89 28.94 18.17
C LEU B 724 14.39 28.47 16.82
N PRO B 725 13.99 27.28 16.36
CA PRO B 725 14.31 26.87 15.00
C PRO B 725 13.53 27.69 13.98
N VAL B 726 14.14 27.86 12.80
CA VAL B 726 13.51 28.65 11.75
C VAL B 726 13.38 27.92 10.42
N SER B 727 14.21 26.92 10.12
CA SER B 727 14.13 26.23 8.84
C SER B 727 14.94 24.94 8.93
N MET B 728 14.67 24.05 7.99
CA MET B 728 15.39 22.77 7.88
C MET B 728 16.06 22.68 6.51
N THR B 729 16.63 21.51 6.21
CA THR B 729 17.40 21.29 5.00
C THR B 729 16.49 20.86 3.86
N LYS B 730 16.59 21.56 2.73
CA LYS B 730 15.82 21.18 1.54
C LYS B 730 16.35 19.86 0.99
N THR B 731 15.48 19.16 0.25
CA THR B 731 15.82 17.85 -0.27
C THR B 731 15.12 17.65 -1.61
N SER B 732 15.75 16.87 -2.48
CA SER B 732 15.19 16.56 -3.80
C SER B 732 15.67 15.17 -4.19
N VAL B 733 14.74 14.26 -4.42
CA VAL B 733 15.04 12.86 -4.73
C VAL B 733 14.33 12.48 -6.03
N ASP B 734 15.01 11.67 -6.85
CA ASP B 734 14.46 11.21 -8.12
C ASP B 734 13.87 9.82 -7.95
N CYS B 735 12.66 9.62 -8.47
CA CYS B 735 11.97 8.35 -8.28
C CYS B 735 12.65 7.22 -9.02
N THR B 736 12.89 7.38 -10.32
CA THR B 736 13.32 6.27 -11.15
C THR B 736 14.73 5.81 -10.80
N MET B 737 15.55 6.72 -10.30
CA MET B 737 16.90 6.33 -9.90
C MET B 737 16.88 5.38 -8.72
N TYR B 738 16.04 5.67 -7.71
CA TYR B 738 16.02 4.86 -6.51
C TYR B 738 15.29 3.53 -6.74
N ILE B 739 14.14 3.59 -7.40
CA ILE B 739 13.33 2.38 -7.60
C ILE B 739 14.02 1.42 -8.57
N CYS B 740 14.47 1.92 -9.72
CA CYS B 740 15.13 1.10 -10.72
C CYS B 740 16.54 1.65 -10.96
N GLY B 741 17.52 1.11 -10.25
CA GLY B 741 18.90 1.49 -10.43
C GLY B 741 19.51 0.76 -11.61
N ASP B 742 20.39 1.46 -12.33
CA ASP B 742 21.26 0.93 -13.41
C ASP B 742 20.56 -0.17 -14.22
N SER B 743 19.29 0.05 -14.55
CA SER B 743 18.52 -0.89 -15.35
C SER B 743 17.71 -0.14 -16.39
N THR B 744 17.43 -0.82 -17.50
CA THR B 744 16.65 -0.25 -18.58
C THR B 744 15.25 -0.84 -18.69
N GLU B 745 15.12 -2.16 -18.58
CA GLU B 745 13.81 -2.79 -18.64
C GLU B 745 12.98 -2.47 -17.39
N CYS B 746 13.64 -2.22 -16.25
CA CYS B 746 12.91 -1.82 -15.05
C CYS B 746 12.22 -0.48 -15.26
N SER B 747 12.91 0.46 -15.91
CA SER B 747 12.33 1.78 -16.14
C SER B 747 11.10 1.71 -17.04
N ASN B 748 11.09 0.77 -17.99
CA ASN B 748 9.94 0.63 -18.88
C ASN B 748 8.69 0.24 -18.12
N LEU B 749 8.81 -0.69 -17.17
CA LEU B 749 7.65 -1.16 -16.42
C LEU B 749 7.11 -0.05 -15.51
N LEU B 750 7.99 0.77 -14.95
CA LEU B 750 7.56 1.81 -14.01
C LEU B 750 6.64 2.82 -14.68
N LEU B 751 6.75 2.99 -16.01
CA LEU B 751 5.88 3.94 -16.70
C LEU B 751 4.43 3.51 -16.69
N GLN B 752 4.14 2.26 -16.36
CA GLN B 752 2.77 1.78 -16.31
C GLN B 752 2.07 2.06 -15.00
N TYR B 753 2.75 2.72 -14.05
CA TYR B 753 2.16 3.06 -12.76
C TYR B 753 1.64 4.48 -12.71
N GLY B 754 1.19 5.01 -13.85
CA GLY B 754 0.60 6.34 -13.88
C GLY B 754 1.63 7.44 -13.66
N SER B 755 1.12 8.58 -13.19
CA SER B 755 1.92 9.77 -12.92
C SER B 755 2.32 9.89 -11.47
N PHE B 756 2.63 8.77 -10.82
CA PHE B 756 2.90 8.76 -9.39
C PHE B 756 4.09 9.65 -9.04
N CYS B 757 5.17 9.55 -9.81
CA CYS B 757 6.40 10.26 -9.47
C CYS B 757 6.21 11.76 -9.55
N THR B 758 5.49 12.26 -10.56
CA THR B 758 5.29 13.69 -10.71
C THR B 758 4.60 14.26 -9.47
N GLN B 759 3.78 13.47 -8.80
CA GLN B 759 3.22 13.88 -7.52
C GLN B 759 4.30 14.04 -6.47
N LEU B 760 5.25 13.11 -6.42
CA LEU B 760 6.31 13.17 -5.41
C LEU B 760 7.22 14.38 -5.63
N LYS B 761 7.62 14.63 -6.88
CA LYS B 761 8.49 15.76 -7.17
C LYS B 761 7.81 17.08 -6.85
N ARG B 762 6.52 17.20 -7.18
CA ARG B 762 5.79 18.42 -6.89
C ARG B 762 5.64 18.64 -5.39
N ALA B 763 5.37 17.58 -4.64
CA ALA B 763 5.17 17.71 -3.20
C ALA B 763 6.44 18.22 -2.51
N LEU B 764 7.59 17.64 -2.86
CA LEU B 764 8.84 18.06 -2.25
C LEU B 764 9.21 19.48 -2.66
N THR B 765 8.89 19.86 -3.89
CA THR B 765 9.21 21.21 -4.37
C THR B 765 8.50 22.27 -3.53
N GLY B 766 7.24 22.02 -3.18
CA GLY B 766 6.51 22.98 -2.37
C GLY B 766 7.15 23.22 -1.01
N ILE B 767 7.81 22.20 -0.45
CA ILE B 767 8.52 22.39 0.80
C ILE B 767 9.76 23.27 0.57
N ALA B 768 10.47 23.05 -0.53
CA ALA B 768 11.70 23.78 -0.78
C ALA B 768 11.45 25.28 -0.89
N VAL B 769 10.41 25.67 -1.63
CA VAL B 769 10.09 27.09 -1.76
C VAL B 769 9.59 27.64 -0.43
N GLU B 770 8.84 26.83 0.33
CA GLU B 770 8.34 27.28 1.62
C GLU B 770 9.48 27.45 2.62
N GLN B 771 10.49 26.58 2.56
CA GLN B 771 11.60 26.65 3.50
C GLN B 771 12.42 27.92 3.37
N ASP B 772 12.31 28.64 2.26
CA ASP B 772 12.97 29.93 2.12
C ASP B 772 12.07 31.08 2.50
N LYS B 773 10.76 30.95 2.30
CA LYS B 773 9.83 32.00 2.68
C LYS B 773 9.84 32.26 4.18
N ASN B 774 10.17 31.23 4.98
CA ASN B 774 10.27 31.43 6.42
C ASN B 774 11.35 32.43 6.77
N THR B 775 12.50 32.36 6.10
CA THR B 775 13.59 33.29 6.38
C THR B 775 13.18 34.73 6.05
N GLN B 776 12.45 34.93 4.96
CA GLN B 776 12.02 36.27 4.57
C GLN B 776 11.16 36.91 5.64
N GLU B 777 10.23 36.14 6.22
CA GLU B 777 9.31 36.68 7.20
C GLU B 777 9.96 37.00 8.54
N VAL B 778 11.21 36.59 8.75
CA VAL B 778 11.87 36.80 10.04
C VAL B 778 12.89 37.92 9.95
N PHE B 779 13.85 37.79 9.03
CA PHE B 779 14.99 38.70 8.98
C PHE B 779 14.80 39.87 8.03
N ALA B 780 13.89 39.77 7.06
CA ALA B 780 13.69 40.81 6.06
C ALA B 780 12.56 41.76 6.41
N GLN B 781 12.33 42.03 7.70
CA GLN B 781 11.20 42.85 8.11
C GLN B 781 11.44 44.35 7.94
N VAL B 782 12.64 44.76 7.54
CA VAL B 782 12.94 46.17 7.31
C VAL B 782 13.52 46.32 5.90
N LYS B 783 13.31 47.50 5.33
CA LYS B 783 13.70 47.79 3.95
C LYS B 783 14.86 48.77 3.86
N GLN B 784 15.42 49.19 4.99
CA GLN B 784 16.55 50.11 5.01
C GLN B 784 17.69 49.47 5.80
N ILE B 785 18.87 49.43 5.18
CA ILE B 785 20.05 48.86 5.82
C ILE B 785 20.79 49.98 6.54
N TYR B 786 20.88 49.88 7.85
CA TYR B 786 21.60 50.85 8.66
C TYR B 786 22.97 50.31 9.05
N LYS B 787 23.88 51.24 9.38
CA LYS B 787 25.23 50.88 9.77
C LYS B 787 25.60 51.65 11.03
N THR B 788 26.28 50.97 11.94
CA THR B 788 26.60 51.56 13.24
C THR B 788 27.60 52.70 13.09
N PRO B 789 27.43 53.79 13.83
CA PRO B 789 28.42 54.86 13.80
C PRO B 789 29.73 54.38 14.40
N PRO B 790 30.86 54.95 13.97
CA PRO B 790 32.16 54.54 14.54
C PRO B 790 32.27 54.78 16.03
N ILE B 791 31.60 55.80 16.56
CA ILE B 791 31.65 56.08 17.99
C ILE B 791 30.89 54.99 18.74
N LYS B 792 31.51 54.44 19.78
CA LYS B 792 30.94 53.38 20.59
C LYS B 792 30.77 53.83 22.04
N TYR B 793 30.46 55.10 22.25
CA TYR B 793 30.22 55.65 23.58
C TYR B 793 28.71 55.83 23.76
N PHE B 794 28.04 54.77 24.20
CA PHE B 794 26.60 54.80 24.40
C PHE B 794 26.29 55.05 25.87
N GLY B 795 26.72 56.22 26.34
CA GLY B 795 26.45 56.64 27.70
C GLY B 795 27.00 55.70 28.76
N GLY B 796 28.14 55.08 28.47
CA GLY B 796 28.75 54.13 29.37
C GLY B 796 28.34 52.69 29.13
N PHE B 797 27.34 52.45 28.29
CA PHE B 797 26.94 51.09 27.96
C PHE B 797 27.89 50.52 26.91
N ASN B 798 28.40 49.31 27.18
CA ASN B 798 29.41 48.68 26.34
C ASN B 798 28.75 47.55 25.56
N PHE B 799 28.78 47.64 24.23
CA PHE B 799 28.08 46.71 23.35
C PHE B 799 29.05 45.90 22.49
N SER B 800 30.33 45.84 22.87
CA SER B 800 31.34 45.23 22.01
C SER B 800 31.09 43.75 21.74
N GLN B 801 30.33 43.07 22.60
CA GLN B 801 30.17 41.63 22.47
C GLN B 801 29.25 41.25 21.32
N ILE B 802 28.30 42.12 20.96
CA ILE B 802 27.26 41.76 19.99
C ILE B 802 27.39 42.48 18.67
N LEU B 803 28.20 43.53 18.58
CA LEU B 803 28.36 44.24 17.32
C LEU B 803 29.36 43.52 16.42
N PRO B 804 29.23 43.68 15.10
CA PRO B 804 30.16 43.02 14.18
C PRO B 804 31.60 43.47 14.41
N ASP B 805 32.52 42.53 14.19
CA ASP B 805 33.94 42.79 14.37
C ASP B 805 34.62 42.89 13.01
N PRO B 806 35.14 44.06 12.64
CA PRO B 806 35.81 44.19 11.34
C PRO B 806 37.01 43.28 11.17
N SER B 807 37.75 42.99 12.25
CA SER B 807 38.93 42.16 12.14
C SER B 807 38.58 40.75 11.68
N LYS B 808 37.47 40.22 12.16
CA LYS B 808 37.02 38.90 11.74
C LYS B 808 36.76 38.90 10.24
N PRO B 809 37.21 37.87 9.51
CA PRO B 809 36.96 37.86 8.05
C PRO B 809 35.49 37.95 7.68
N SER B 810 34.62 37.32 8.45
CA SER B 810 33.19 37.46 8.27
C SER B 810 32.67 38.61 9.13
N LYS B 811 31.48 39.09 8.79
CA LYS B 811 30.84 40.16 9.54
C LYS B 811 30.02 39.58 10.70
N ARG B 812 30.73 38.89 11.59
CA ARG B 812 30.11 38.19 12.72
C ARG B 812 30.62 38.78 14.03
N SER B 813 29.78 38.71 15.05
CA SER B 813 30.08 39.27 16.35
C SER B 813 30.82 38.25 17.22
N PHE B 814 31.11 38.64 18.46
CA PHE B 814 31.80 37.74 19.38
C PHE B 814 30.91 36.57 19.77
N ILE B 815 29.65 36.85 20.14
CA ILE B 815 28.75 35.80 20.58
C ILE B 815 28.44 34.85 19.42
N GLU B 816 28.24 35.39 18.22
CA GLU B 816 27.89 34.56 17.08
C GLU B 816 28.99 33.55 16.75
N ASP B 817 30.24 33.85 17.12
CA ASP B 817 31.33 32.92 16.86
C ASP B 817 31.14 31.61 17.62
N LEU B 818 30.70 31.68 18.88
CA LEU B 818 30.51 30.48 19.66
C LEU B 818 29.43 29.58 19.07
N LEU B 819 28.37 30.19 18.53
CA LEU B 819 27.23 29.41 18.04
C LEU B 819 27.63 28.53 16.86
N PHE B 820 28.48 29.04 15.97
CA PHE B 820 28.89 28.25 14.81
C PHE B 820 29.63 26.99 15.22
N ASN B 821 30.53 27.09 16.20
CA ASN B 821 31.29 25.93 16.63
C ASN B 821 30.44 24.92 17.38
N LYS B 822 29.36 25.38 18.02
CA LYS B 822 28.51 24.49 18.80
C LYS B 822 27.55 23.66 17.95
N VAL B 823 27.36 24.02 16.69
CA VAL B 823 26.45 23.31 15.80
C VAL B 823 27.24 22.79 14.61
N THR B 824 27.11 21.50 14.34
CA THR B 824 27.80 20.86 13.22
C THR B 824 26.79 20.40 12.18
N LEU B 825 27.09 20.70 10.93
CA LEU B 825 26.19 20.35 9.82
C LEU B 825 26.57 19.00 9.22
N LEU B 846 32.81 11.68 3.74
CA LEU B 846 32.66 10.36 3.14
C LEU B 846 31.29 9.77 3.49
N ILE B 847 30.69 10.26 4.58
CA ILE B 847 29.39 9.76 5.00
C ILE B 847 28.31 10.15 3.99
N CYS B 848 28.51 11.26 3.28
CA CYS B 848 27.58 11.66 2.22
C CYS B 848 27.96 11.10 0.86
N ALA B 849 29.10 10.41 0.75
CA ALA B 849 29.55 9.92 -0.54
C ALA B 849 28.70 8.79 -1.09
N GLN B 850 27.92 8.12 -0.24
CA GLN B 850 27.08 7.00 -0.69
C GLN B 850 25.67 7.44 -1.05
N LYS B 851 25.50 8.67 -1.55
CA LYS B 851 24.22 9.15 -2.05
C LYS B 851 24.13 9.02 -3.56
N PHE B 852 24.75 7.98 -4.11
CA PHE B 852 24.63 7.71 -5.54
C PHE B 852 23.20 7.32 -5.91
N LYS B 853 22.41 6.90 -4.93
CA LYS B 853 21.05 6.43 -5.20
C LYS B 853 20.14 7.55 -5.70
N GLY B 854 20.54 8.81 -5.56
CA GLY B 854 19.79 9.90 -6.14
C GLY B 854 19.23 10.89 -5.13
N LEU B 855 19.79 10.89 -3.93
CA LEU B 855 19.34 11.79 -2.86
C LEU B 855 20.31 12.95 -2.76
N THR B 856 19.81 14.16 -2.98
CA THR B 856 20.62 15.36 -3.00
C THR B 856 20.06 16.38 -2.02
N VAL B 857 20.89 17.38 -1.69
CA VAL B 857 20.50 18.46 -0.79
C VAL B 857 20.83 19.78 -1.48
N LEU B 858 19.80 20.60 -1.69
CA LEU B 858 19.99 21.89 -2.32
C LEU B 858 20.48 22.93 -1.31
N PRO B 859 21.18 23.95 -1.77
CA PRO B 859 21.65 25.00 -0.85
C PRO B 859 20.59 26.05 -0.63
N PRO B 860 20.60 26.72 0.52
CA PRO B 860 19.62 27.76 0.78
C PRO B 860 19.84 28.97 -0.11
N LEU B 861 18.75 29.71 -0.35
CA LEU B 861 18.81 30.88 -1.20
C LEU B 861 19.64 31.99 -0.55
N LEU B 862 19.41 32.25 0.73
CA LEU B 862 20.09 33.32 1.46
C LEU B 862 21.32 32.74 2.15
N THR B 863 22.50 33.22 1.76
CA THR B 863 23.73 32.77 2.37
C THR B 863 23.80 33.22 3.83
N ASP B 864 24.55 32.47 4.64
CA ASP B 864 24.66 32.78 6.07
C ASP B 864 25.28 34.15 6.28
N GLU B 865 26.29 34.51 5.48
CA GLU B 865 26.89 35.82 5.59
C GLU B 865 25.88 36.92 5.26
N MET B 866 25.04 36.68 4.25
CA MET B 866 24.00 37.65 3.92
C MET B 866 23.00 37.79 5.05
N ILE B 867 22.69 36.69 5.73
CA ILE B 867 21.78 36.73 6.86
C ILE B 867 22.33 37.61 7.97
N ALA B 868 23.63 37.45 8.27
CA ALA B 868 24.24 38.20 9.35
C ALA B 868 24.17 39.71 9.12
N GLN B 869 24.17 40.14 7.86
CA GLN B 869 24.07 41.56 7.57
C GLN B 869 22.71 42.13 7.96
N TYR B 870 21.64 41.34 7.75
CA TYR B 870 20.33 41.73 8.27
C TYR B 870 20.38 41.91 9.78
N THR B 871 21.02 40.97 10.48
CA THR B 871 21.13 41.06 11.94
C THR B 871 21.84 42.34 12.35
N SER B 872 22.88 42.73 11.60
CA SER B 872 23.59 43.96 11.92
C SER B 872 22.67 45.17 11.80
N ALA B 873 21.78 45.17 10.81
CA ALA B 873 20.86 46.29 10.64
C ALA B 873 19.93 46.43 11.84
N LEU B 874 19.41 45.32 12.35
CA LEU B 874 18.46 45.39 13.46
C LEU B 874 19.08 45.98 14.71
N LEU B 875 20.30 45.55 15.05
CA LEU B 875 20.97 46.13 16.22
C LEU B 875 21.33 47.58 15.98
N ALA B 876 21.71 47.93 14.75
CA ALA B 876 22.10 49.30 14.45
C ALA B 876 20.94 50.26 14.67
N GLY B 877 19.74 49.89 14.23
CA GLY B 877 18.60 50.77 14.37
C GLY B 877 18.03 50.81 15.79
N THR B 878 18.12 49.70 16.51
CA THR B 878 17.47 49.61 17.81
C THR B 878 18.21 50.37 18.91
N ILE B 879 19.43 50.84 18.65
CA ILE B 879 20.19 51.55 19.67
C ILE B 879 20.32 53.04 19.36
N THR B 880 20.31 53.44 18.09
CA THR B 880 20.41 54.85 17.74
C THR B 880 19.04 55.52 17.65
N SER B 881 18.13 54.93 16.88
CA SER B 881 16.80 55.48 16.68
C SER B 881 15.77 54.94 17.65
N GLY B 882 16.16 54.06 18.57
CA GLY B 882 15.22 53.49 19.52
C GLY B 882 14.31 52.47 18.88
N TRP B 883 13.02 52.81 18.76
CA TRP B 883 12.04 51.92 18.15
C TRP B 883 11.19 52.59 17.09
N THR B 884 11.36 53.90 16.84
CA THR B 884 10.51 54.61 15.90
C THR B 884 10.72 54.19 14.45
N PHE B 885 11.77 53.43 14.16
CA PHE B 885 12.01 52.96 12.79
C PHE B 885 11.12 51.79 12.40
N GLY B 886 10.33 51.26 13.34
CA GLY B 886 9.35 50.24 13.04
C GLY B 886 7.98 50.77 12.68
N ALA B 887 7.85 52.09 12.51
CA ALA B 887 6.58 52.68 12.13
C ALA B 887 6.73 53.76 11.06
N GLY B 888 7.92 53.92 10.48
CA GLY B 888 8.14 54.93 9.47
C GLY B 888 9.57 55.44 9.44
N ALA B 889 9.73 56.76 9.43
CA ALA B 889 11.06 57.35 9.42
C ALA B 889 11.78 57.08 10.75
N ALA B 890 13.10 57.05 10.69
CA ALA B 890 13.93 56.81 11.86
C ALA B 890 14.36 58.14 12.46
N LEU B 891 14.15 58.30 13.76
CA LEU B 891 14.47 59.52 14.49
C LEU B 891 15.45 59.18 15.61
N GLN B 892 16.52 59.97 15.72
CA GLN B 892 17.61 59.66 16.64
C GLN B 892 17.31 60.15 18.04
N ILE B 893 17.66 59.33 19.02
CA ILE B 893 17.51 59.65 20.44
C ILE B 893 18.81 59.26 21.15
N PRO B 894 19.32 60.05 22.08
CA PRO B 894 20.47 59.60 22.88
C PRO B 894 20.13 58.34 23.64
N PHE B 895 21.10 57.42 23.72
CA PHE B 895 20.83 56.12 24.33
C PHE B 895 20.53 56.26 25.81
N ALA B 896 21.20 57.19 26.50
CA ALA B 896 20.87 57.43 27.90
C ALA B 896 19.44 57.92 28.05
N MET B 897 18.99 58.80 27.16
CA MET B 897 17.61 59.28 27.21
C MET B 897 16.61 58.17 26.91
N GLN B 898 16.97 57.27 25.98
CA GLN B 898 16.01 56.23 25.57
C GLN B 898 15.65 55.31 26.72
N MET B 899 16.63 54.93 27.54
CA MET B 899 16.36 54.01 28.64
C MET B 899 15.34 54.59 29.63
N ALA B 900 15.27 55.92 29.73
CA ALA B 900 14.26 56.54 30.59
C ALA B 900 12.86 56.24 30.08
N TYR B 901 12.67 56.25 28.76
CA TYR B 901 11.35 55.98 28.19
C TYR B 901 10.88 54.57 28.53
N ARG B 902 11.79 53.59 28.46
CA ARG B 902 11.40 52.22 28.78
C ARG B 902 10.97 52.08 30.23
N PHE B 903 11.69 52.73 31.16
CA PHE B 903 11.25 52.74 32.55
C PHE B 903 9.91 53.43 32.72
N ASN B 904 9.63 54.44 31.89
CA ASN B 904 8.36 55.14 31.99
C ASN B 904 7.19 54.20 31.74
N GLY B 905 7.32 53.32 30.75
CA GLY B 905 6.26 52.36 30.47
C GLY B 905 6.13 51.26 31.49
N ILE B 906 7.20 50.96 32.23
CA ILE B 906 7.13 49.93 33.26
C ILE B 906 6.23 50.36 34.40
N GLY B 907 6.37 51.61 34.85
CA GLY B 907 5.59 52.10 35.97
C GLY B 907 6.42 52.89 36.95
N VAL B 908 7.71 53.01 36.68
CA VAL B 908 8.64 53.75 37.52
C VAL B 908 9.03 55.04 36.82
N THR B 909 9.12 56.12 37.58
CA THR B 909 9.41 57.42 37.01
C THR B 909 10.81 57.46 36.42
N GLN B 910 10.99 58.30 35.40
CA GLN B 910 12.25 58.39 34.68
C GLN B 910 13.38 58.94 35.52
N ASN B 911 13.07 59.64 36.63
CA ASN B 911 14.12 60.27 37.43
C ASN B 911 15.05 59.25 38.06
N VAL B 912 14.55 58.06 38.38
CA VAL B 912 15.36 57.07 39.10
C VAL B 912 16.54 56.61 38.26
N LEU B 913 16.40 56.62 36.93
CA LEU B 913 17.48 56.15 36.06
C LEU B 913 18.70 57.05 36.16
N TYR B 914 18.49 58.37 36.04
CA TYR B 914 19.61 59.30 36.05
C TYR B 914 20.31 59.29 37.41
N GLU B 915 19.57 59.08 38.49
CA GLU B 915 20.16 59.01 39.82
C GLU B 915 20.98 57.75 40.05
N ASN B 916 20.85 56.74 39.17
CA ASN B 916 21.60 55.50 39.32
C ASN B 916 22.21 55.06 38.00
N GLN B 917 22.66 56.01 37.18
CA GLN B 917 23.16 55.67 35.85
C GLN B 917 24.43 54.84 35.92
N LYS B 918 25.34 55.17 36.84
CA LYS B 918 26.66 54.55 36.84
C LYS B 918 26.58 53.06 37.16
N LEU B 919 25.88 52.70 38.24
CA LEU B 919 25.84 51.30 38.66
C LEU B 919 25.06 50.44 37.67
N ILE B 920 24.05 51.02 37.01
CA ILE B 920 23.27 50.26 36.03
C ILE B 920 24.16 49.82 34.87
N ALA B 921 25.02 50.73 34.39
CA ALA B 921 25.92 50.39 33.30
C ALA B 921 26.86 49.26 33.68
N ASN B 922 27.42 49.33 34.90
CA ASN B 922 28.25 48.25 35.40
C ASN B 922 27.44 46.97 35.57
N GLN B 923 26.21 47.09 36.08
CA GLN B 923 25.35 45.93 36.24
C GLN B 923 25.01 45.30 34.89
N PHE B 924 24.67 46.14 33.91
CA PHE B 924 24.26 45.62 32.61
C PHE B 924 25.44 45.06 31.83
N ASN B 925 26.56 45.78 31.82
CA ASN B 925 27.72 45.34 31.05
C ASN B 925 28.29 44.03 31.57
N SER B 926 28.29 43.84 32.89
CA SER B 926 28.73 42.57 33.45
C SER B 926 27.70 41.46 33.29
N ALA B 927 26.44 41.81 33.04
CA ALA B 927 25.40 40.80 32.88
C ALA B 927 25.65 39.94 31.64
N ILE B 928 26.04 40.58 30.53
CA ILE B 928 26.27 39.83 29.30
C ILE B 928 27.52 38.96 29.38
N GLY B 929 28.42 39.25 30.31
CA GLY B 929 29.62 38.44 30.43
C GLY B 929 29.34 37.00 30.80
N LYS B 930 28.33 36.78 31.66
CA LYS B 930 27.98 35.44 32.07
C LYS B 930 27.42 34.60 30.93
N ILE B 931 26.86 35.24 29.90
CA ILE B 931 26.30 34.50 28.77
C ILE B 931 27.39 33.77 28.02
N GLN B 932 28.52 34.44 27.80
CA GLN B 932 29.59 33.86 26.98
C GLN B 932 30.10 32.55 27.57
N ASP B 933 30.32 32.52 28.89
CA ASP B 933 30.73 31.26 29.52
C ASP B 933 29.58 30.27 29.61
N SER B 934 28.35 30.75 29.80
CA SER B 934 27.22 29.85 29.99
C SER B 934 26.99 28.95 28.79
N LEU B 935 27.07 29.52 27.58
CA LEU B 935 26.84 28.73 26.38
C LEU B 935 27.91 27.65 26.21
N SER B 936 29.18 28.03 26.41
CA SER B 936 30.27 27.08 26.21
C SER B 936 30.50 26.15 27.38
N SER B 937 29.95 26.47 28.56
CA SER B 937 30.16 25.61 29.73
C SER B 937 29.52 24.23 29.53
N THR B 938 28.30 24.20 28.99
CA THR B 938 27.58 22.95 28.78
C THR B 938 27.07 22.90 27.34
N ALA B 939 27.03 21.70 26.78
CA ALA B 939 26.60 21.50 25.41
C ALA B 939 25.09 21.29 25.28
N SER B 940 24.37 21.18 26.39
CA SER B 940 22.93 20.95 26.35
C SER B 940 22.14 22.20 25.99
N ALA B 941 22.79 23.36 25.96
CA ALA B 941 22.07 24.60 25.67
C ALA B 941 21.53 24.60 24.24
N LEU B 942 22.30 24.09 23.29
CA LEU B 942 21.93 24.12 21.87
C LEU B 942 21.23 22.84 21.43
N GLY B 943 20.50 22.18 22.32
CA GLY B 943 19.81 20.95 21.93
C GLY B 943 18.70 21.18 20.93
N LYS B 944 18.01 22.31 21.04
CA LYS B 944 16.85 22.56 20.17
C LYS B 944 17.25 22.64 18.70
N LEU B 945 18.36 23.30 18.40
CA LEU B 945 18.82 23.39 17.02
C LEU B 945 19.61 22.16 16.58
N GLN B 946 20.07 21.33 17.53
CA GLN B 946 20.91 20.20 17.16
C GLN B 946 20.08 19.07 16.55
N ASP B 947 18.91 18.80 17.10
CA ASP B 947 18.12 17.67 16.62
C ASP B 947 17.45 17.95 15.29
N VAL B 948 17.33 19.21 14.89
CA VAL B 948 16.73 19.54 13.60
C VAL B 948 17.55 18.95 12.46
N VAL B 949 18.88 19.11 12.53
CA VAL B 949 19.74 18.51 11.52
C VAL B 949 19.97 17.02 11.80
N ASN B 950 19.81 16.58 13.05
CA ASN B 950 19.97 15.17 13.37
C ASN B 950 18.89 14.33 12.70
N HIS B 951 17.64 14.80 12.72
CA HIS B 951 16.54 14.02 12.17
C HIS B 951 16.68 13.84 10.67
N ASN B 952 17.04 14.92 9.96
CA ASN B 952 17.14 14.83 8.50
C ASN B 952 18.22 13.84 8.08
N ALA B 953 19.38 13.89 8.73
CA ALA B 953 20.43 12.92 8.43
C ALA B 953 19.99 11.51 8.81
N GLN B 954 19.35 11.35 9.97
CA GLN B 954 18.93 10.03 10.42
C GLN B 954 17.84 9.45 9.52
N ALA B 955 16.90 10.30 9.07
CA ALA B 955 15.81 9.80 8.23
C ALA B 955 16.34 9.29 6.89
N LEU B 956 17.31 9.99 6.30
CA LEU B 956 17.86 9.56 5.02
C LEU B 956 18.62 8.24 5.16
N ASN B 957 19.30 8.04 6.29
CA ASN B 957 20.08 6.83 6.49
C ASN B 957 19.18 5.60 6.48
N THR B 958 18.01 5.68 7.11
CA THR B 958 17.08 4.55 7.09
C THR B 958 16.60 4.26 5.68
N LEU B 959 16.38 5.31 4.88
CA LEU B 959 15.90 5.13 3.51
C LEU B 959 16.92 4.37 2.67
N VAL B 960 18.21 4.71 2.81
CA VAL B 960 19.23 4.02 2.04
C VAL B 960 19.32 2.55 2.44
N LYS B 961 19.29 2.28 3.75
CA LYS B 961 19.30 0.90 4.21
C LYS B 961 18.01 0.17 3.86
N GLN B 962 16.94 0.92 3.58
CA GLN B 962 15.62 0.30 3.41
C GLN B 962 15.58 -0.60 2.18
N LEU B 963 16.23 -0.20 1.09
CA LEU B 963 16.08 -0.89 -0.19
C LEU B 963 16.66 -2.30 -0.17
N SER B 964 17.45 -2.66 0.84
CA SER B 964 18.05 -4.00 0.87
C SER B 964 17.03 -5.09 1.20
N SER B 965 15.82 -4.73 1.61
CA SER B 965 14.82 -5.72 1.97
C SER B 965 14.37 -6.50 0.75
N LYS B 966 14.14 -7.81 0.93
CA LYS B 966 13.71 -8.65 -0.17
C LYS B 966 12.28 -8.35 -0.60
N PHE B 967 11.43 -7.92 0.34
CA PHE B 967 10.01 -7.68 0.08
C PHE B 967 9.30 -8.91 -0.47
N GLY B 968 9.76 -10.10 -0.04
CA GLY B 968 9.21 -11.34 -0.52
C GLY B 968 9.76 -11.83 -1.83
N ALA B 969 10.64 -11.07 -2.48
CA ALA B 969 11.23 -11.50 -3.74
C ALA B 969 12.37 -12.46 -3.49
N ILE B 970 12.80 -13.14 -4.56
CA ILE B 970 13.85 -14.14 -4.45
C ILE B 970 15.20 -13.47 -4.15
N SER B 971 15.47 -12.32 -4.76
CA SER B 971 16.74 -11.65 -4.61
C SER B 971 16.54 -10.15 -4.46
N SER B 972 17.39 -9.53 -3.65
CA SER B 972 17.32 -8.09 -3.45
C SER B 972 17.91 -7.32 -4.64
N VAL B 973 18.96 -7.86 -5.26
CA VAL B 973 19.61 -7.18 -6.37
C VAL B 973 18.67 -7.18 -7.58
N LEU B 974 18.52 -6.00 -8.19
CA LEU B 974 17.44 -5.79 -9.14
C LEU B 974 17.64 -6.57 -10.44
N ASN B 975 18.83 -6.48 -11.03
CA ASN B 975 19.02 -7.00 -12.38
C ASN B 975 19.15 -8.52 -12.41
N ASP B 976 19.34 -9.16 -11.27
CA ASP B 976 19.50 -10.62 -11.24
C ASP B 976 18.26 -11.32 -11.75
N ILE B 977 17.08 -10.78 -11.47
CA ILE B 977 15.83 -11.41 -11.87
C ILE B 977 15.76 -11.54 -13.40
N PHE B 978 16.22 -10.51 -14.11
CA PHE B 978 16.20 -10.53 -15.57
C PHE B 978 17.28 -11.43 -16.15
N SER B 979 18.21 -11.93 -15.34
CA SER B 979 19.25 -12.84 -15.80
C SER B 979 19.01 -14.28 -15.37
N ARG B 980 17.90 -14.57 -14.68
CA ARG B 980 17.65 -15.91 -14.16
C ARG B 980 16.25 -16.43 -14.44
N LEU B 981 15.26 -15.57 -14.69
CA LEU B 981 13.87 -15.98 -14.76
C LEU B 981 13.27 -15.64 -16.12
N ASP B 982 12.29 -16.43 -16.52
CA ASP B 982 11.58 -16.20 -17.78
C ASP B 982 10.66 -15.00 -17.66
N LYS B 983 10.42 -14.34 -18.80
CA LYS B 983 9.62 -13.12 -18.81
C LYS B 983 8.16 -13.37 -18.46
N VAL B 984 7.67 -14.60 -18.62
CA VAL B 984 6.27 -14.88 -18.30
C VAL B 984 6.04 -14.80 -16.79
N GLU B 985 7.03 -15.21 -15.99
CA GLU B 985 6.89 -15.25 -14.54
C GLU B 985 7.64 -14.13 -13.83
N ALA B 986 8.69 -13.57 -14.44
CA ALA B 986 9.45 -12.51 -13.81
C ALA B 986 8.62 -11.27 -13.54
N GLU B 987 7.50 -11.10 -14.25
CA GLU B 987 6.63 -9.95 -13.99
C GLU B 987 6.07 -9.98 -12.57
N VAL B 988 5.66 -11.17 -12.10
CA VAL B 988 5.14 -11.28 -10.75
C VAL B 988 6.23 -10.97 -9.73
N GLN B 989 7.43 -11.52 -9.93
CA GLN B 989 8.53 -11.26 -9.01
C GLN B 989 8.93 -9.79 -9.03
N ILE B 990 9.00 -9.20 -10.23
CA ILE B 990 9.43 -7.81 -10.32
C ILE B 990 8.36 -6.87 -9.77
N ASP B 991 7.09 -7.26 -9.84
CA ASP B 991 6.03 -6.36 -9.40
C ASP B 991 5.99 -6.23 -7.88
N ARG B 992 6.16 -7.35 -7.17
CA ARG B 992 6.08 -7.32 -5.72
C ARG B 992 7.23 -6.51 -5.10
N LEU B 993 8.31 -6.30 -5.85
CA LEU B 993 9.43 -5.51 -5.34
C LEU B 993 9.33 -4.04 -5.71
N ILE B 994 8.77 -3.74 -6.88
CA ILE B 994 8.63 -2.35 -7.30
C ILE B 994 7.70 -1.60 -6.34
N THR B 995 6.56 -2.21 -6.01
CA THR B 995 5.60 -1.55 -5.13
C THR B 995 6.20 -1.31 -3.75
N GLY B 996 6.92 -2.29 -3.21
CA GLY B 996 7.49 -2.13 -1.88
C GLY B 996 8.47 -0.98 -1.79
N ARG B 997 9.39 -0.89 -2.75
CA ARG B 997 10.31 0.24 -2.79
C ARG B 997 9.56 1.55 -3.00
N LEU B 998 8.59 1.54 -3.92
CA LEU B 998 7.81 2.74 -4.20
C LEU B 998 7.02 3.18 -2.97
N GLN B 999 6.42 2.22 -2.25
CA GLN B 999 5.64 2.57 -1.07
C GLN B 999 6.52 3.17 0.02
N SER B 1000 7.77 2.73 0.11
CA SER B 1000 8.68 3.27 1.11
C SER B 1000 8.94 4.76 0.89
N LEU B 1001 9.05 5.17 -0.37
CA LEU B 1001 9.22 6.60 -0.67
C LEU B 1001 8.01 7.40 -0.22
N GLN B 1002 6.80 6.85 -0.43
CA GLN B 1002 5.58 7.56 -0.05
C GLN B 1002 5.55 7.86 1.44
N THR B 1003 6.03 6.93 2.26
CA THR B 1003 6.08 7.16 3.70
C THR B 1003 7.03 8.31 4.04
N TYR B 1004 8.19 8.35 3.38
CA TYR B 1004 9.18 9.38 3.69
C TYR B 1004 8.65 10.77 3.39
N VAL B 1005 7.96 10.94 2.26
CA VAL B 1005 7.43 12.24 1.89
C VAL B 1005 6.39 12.69 2.92
N THR B 1006 5.53 11.77 3.36
CA THR B 1006 4.51 12.12 4.35
C THR B 1006 5.15 12.61 5.65
N GLN B 1007 6.25 11.99 6.06
CA GLN B 1007 6.93 12.41 7.29
C GLN B 1007 7.45 13.83 7.17
N GLN B 1008 7.99 14.19 6.00
CA GLN B 1008 8.51 15.54 5.80
C GLN B 1008 7.41 16.58 5.90
N LEU B 1009 6.22 16.28 5.38
CA LEU B 1009 5.11 17.22 5.46
C LEU B 1009 4.76 17.54 6.90
N ILE B 1010 4.75 16.54 7.77
CA ILE B 1010 4.45 16.78 9.19
C ILE B 1010 5.53 17.66 9.81
N ARG B 1011 6.80 17.35 9.53
CA ARG B 1011 7.89 18.12 10.10
C ARG B 1011 7.87 19.56 9.58
N ALA B 1012 7.60 19.74 8.29
CA ALA B 1012 7.52 21.08 7.72
C ALA B 1012 6.39 21.88 8.35
N ALA B 1013 5.25 21.23 8.61
CA ALA B 1013 4.14 21.92 9.25
C ALA B 1013 4.50 22.40 10.64
N GLU B 1014 5.20 21.56 11.41
CA GLU B 1014 5.58 21.95 12.76
C GLU B 1014 6.56 23.12 12.75
N ILE B 1015 7.53 23.09 11.82
CA ILE B 1015 8.51 24.17 11.73
C ILE B 1015 7.82 25.48 11.35
N ARG B 1016 6.87 25.42 10.42
CA ARG B 1016 6.16 26.63 10.00
C ARG B 1016 5.47 27.29 11.18
N ALA B 1017 4.93 26.51 12.11
CA ALA B 1017 4.34 27.10 13.31
C ALA B 1017 5.40 27.80 14.16
N SER B 1018 6.57 27.18 14.29
CA SER B 1018 7.65 27.80 15.07
C SER B 1018 8.12 29.09 14.45
N ALA B 1019 8.22 29.13 13.12
CA ALA B 1019 8.69 30.34 12.44
C ALA B 1019 7.75 31.51 12.69
N ASN B 1020 6.45 31.27 12.64
CA ASN B 1020 5.48 32.34 12.91
C ASN B 1020 5.62 32.86 14.33
N LEU B 1021 5.83 31.95 15.29
CA LEU B 1021 6.07 32.38 16.67
C LEU B 1021 7.35 33.18 16.77
N ALA B 1022 8.40 32.77 16.05
CA ALA B 1022 9.65 33.51 16.07
C ALA B 1022 9.48 34.90 15.46
N ALA B 1023 8.72 34.99 14.35
CA ALA B 1023 8.51 36.28 13.70
C ALA B 1023 7.79 37.25 14.64
N THR B 1024 6.79 36.76 15.37
CA THR B 1024 6.08 37.62 16.32
C THR B 1024 7.02 38.12 17.40
N LYS B 1025 7.94 37.27 17.87
CA LYS B 1025 8.92 37.69 18.86
C LYS B 1025 9.77 38.84 18.34
N MET B 1026 10.21 38.75 17.08
CA MET B 1026 11.05 39.80 16.51
C MET B 1026 10.26 41.09 16.29
N SER B 1027 8.99 40.97 15.90
CA SER B 1027 8.19 42.14 15.59
C SER B 1027 7.69 42.87 16.83
N GLU B 1028 7.75 42.24 18.01
CA GLU B 1028 7.28 42.87 19.23
C GLU B 1028 8.38 43.11 20.24
N CYS B 1029 9.16 42.09 20.59
CA CYS B 1029 10.18 42.24 21.62
C CYS B 1029 11.39 43.03 21.16
N VAL B 1030 11.51 43.32 19.87
CA VAL B 1030 12.65 44.02 19.31
C VAL B 1030 12.26 45.41 18.81
N LEU B 1031 11.25 45.48 17.94
CA LEU B 1031 10.82 46.75 17.37
C LEU B 1031 9.99 47.58 18.32
N GLY B 1032 9.64 47.05 19.49
CA GLY B 1032 8.86 47.80 20.45
C GLY B 1032 8.98 47.21 21.83
N GLN B 1033 8.15 47.70 22.74
CA GLN B 1033 8.07 47.21 24.10
C GLN B 1033 6.70 46.59 24.32
N SER B 1034 6.68 45.35 24.83
CA SER B 1034 5.47 44.58 24.98
C SER B 1034 5.10 44.48 26.45
N LYS B 1035 3.84 44.78 26.76
CA LYS B 1035 3.31 44.63 28.11
C LYS B 1035 2.80 43.23 28.40
N ARG B 1036 2.87 42.31 27.42
CA ARG B 1036 2.46 40.93 27.63
C ARG B 1036 3.46 40.25 28.55
N VAL B 1037 3.05 40.03 29.80
CA VAL B 1037 3.93 39.41 30.77
C VAL B 1037 4.30 37.99 30.33
N ASP B 1038 5.55 37.62 30.57
CA ASP B 1038 6.06 36.28 30.25
C ASP B 1038 5.96 35.98 28.75
N PHE B 1039 6.35 36.96 27.94
CA PHE B 1039 6.44 36.73 26.50
C PHE B 1039 7.80 37.11 25.93
N CYS B 1040 8.41 38.20 26.43
CA CYS B 1040 9.73 38.63 26.02
C CYS B 1040 10.74 38.45 27.14
N GLY B 1041 10.61 37.37 27.90
CA GLY B 1041 11.46 37.09 29.04
C GLY B 1041 10.68 36.98 30.33
N LYS B 1042 11.41 36.62 31.38
CA LYS B 1042 10.84 36.47 32.71
C LYS B 1042 10.96 37.78 33.47
N GLY B 1043 9.84 38.28 33.98
CA GLY B 1043 9.80 39.58 34.63
C GLY B 1043 9.42 40.68 33.66
N TYR B 1044 9.48 41.91 34.17
CA TYR B 1044 9.16 43.07 33.35
C TYR B 1044 10.16 43.19 32.21
N HIS B 1045 9.67 43.55 31.03
CA HIS B 1045 10.46 43.56 29.81
C HIS B 1045 10.93 44.98 29.49
N LEU B 1046 12.18 45.08 29.04
CA LEU B 1046 12.76 46.35 28.62
C LEU B 1046 13.02 46.38 27.12
N MET B 1047 13.82 45.44 26.62
CA MET B 1047 14.26 45.41 25.24
C MET B 1047 14.99 44.09 25.01
N SER B 1048 15.20 43.76 23.74
CA SER B 1048 15.80 42.48 23.37
C SER B 1048 16.77 42.69 22.21
N PHE B 1049 17.56 41.65 21.95
CA PHE B 1049 18.57 41.67 20.89
C PHE B 1049 18.45 40.40 20.06
N PRO B 1050 18.45 40.50 18.73
CA PRO B 1050 18.50 39.31 17.89
C PRO B 1050 19.92 38.92 17.52
N GLN B 1051 20.13 37.60 17.41
CA GLN B 1051 21.41 37.05 16.99
C GLN B 1051 21.17 35.85 16.09
N SER B 1052 21.96 35.75 15.02
CA SER B 1052 21.77 34.67 14.06
C SER B 1052 22.33 33.36 14.60
N ALA B 1053 21.96 32.27 13.93
CA ALA B 1053 22.37 30.94 14.33
C ALA B 1053 22.18 30.00 13.13
N PRO B 1054 22.90 28.88 13.10
CA PRO B 1054 22.69 27.91 12.01
C PRO B 1054 21.32 27.27 12.12
N HIS B 1055 20.51 27.45 11.08
CA HIS B 1055 19.16 26.90 11.02
C HIS B 1055 18.29 27.35 12.19
N GLY B 1056 18.50 28.58 12.65
CA GLY B 1056 17.71 29.09 13.76
C GLY B 1056 18.11 30.50 14.10
N VAL B 1057 17.39 31.07 15.06
CA VAL B 1057 17.67 32.39 15.59
C VAL B 1057 17.65 32.31 17.11
N VAL B 1058 18.40 33.22 17.75
CA VAL B 1058 18.51 33.24 19.20
C VAL B 1058 18.33 34.67 19.68
N PHE B 1059 17.56 34.85 20.75
CA PHE B 1059 17.26 36.17 21.30
C PHE B 1059 18.01 36.39 22.61
N LEU B 1060 18.13 37.66 22.98
CA LEU B 1060 18.79 38.08 24.23
C LEU B 1060 17.85 39.04 24.93
N HIS B 1061 16.93 38.51 25.75
CA HIS B 1061 15.98 39.33 26.45
C HIS B 1061 16.63 40.05 27.62
N VAL B 1062 16.24 41.30 27.85
CA VAL B 1062 16.72 42.09 28.98
C VAL B 1062 15.51 42.46 29.82
N THR B 1063 15.59 42.16 31.12
CA THR B 1063 14.44 42.27 32.02
C THR B 1063 14.79 43.13 33.22
N TYR B 1064 13.83 43.25 34.13
CA TYR B 1064 13.97 44.05 35.34
C TYR B 1064 13.30 43.29 36.48
N VAL B 1065 14.04 43.07 37.57
CA VAL B 1065 13.54 42.27 38.68
C VAL B 1065 13.76 43.03 39.99
N PRO B 1066 12.71 43.25 40.79
CA PRO B 1066 12.90 43.92 42.07
C PRO B 1066 13.78 43.10 43.01
N ALA B 1067 14.63 43.81 43.75
CA ALA B 1067 15.52 43.20 44.73
C ALA B 1067 14.84 43.19 46.10
N GLN B 1068 15.63 43.01 47.16
CA GLN B 1068 15.11 42.90 48.52
C GLN B 1068 14.14 44.03 48.84
N GLU B 1069 13.21 43.74 49.76
CA GLU B 1069 12.10 44.63 50.07
C GLU B 1069 11.93 44.75 51.57
N LYS B 1070 11.03 45.65 51.97
CA LYS B 1070 10.65 45.82 53.36
C LYS B 1070 9.14 45.92 53.45
N ASN B 1071 8.60 45.47 54.58
CA ASN B 1071 7.16 45.50 54.82
C ASN B 1071 6.77 46.76 55.57
N PHE B 1072 5.55 47.22 55.33
CA PHE B 1072 5.04 48.46 55.91
C PHE B 1072 3.58 48.29 56.29
N THR B 1073 3.02 49.34 56.88
CA THR B 1073 1.60 49.38 57.24
C THR B 1073 0.95 50.53 56.49
N THR B 1074 -0.16 50.24 55.82
CA THR B 1074 -0.83 51.21 54.97
C THR B 1074 -2.32 51.23 55.26
N ALA B 1075 -3.01 52.20 54.66
CA ALA B 1075 -4.44 52.36 54.78
C ALA B 1075 -5.04 52.60 53.40
N PRO B 1076 -6.28 52.15 53.16
CA PRO B 1076 -6.89 52.34 51.84
C PRO B 1076 -7.10 53.80 51.48
N ALA B 1077 -7.38 54.66 52.45
CA ALA B 1077 -7.68 56.06 52.17
C ALA B 1077 -7.35 56.89 53.41
N ILE B 1078 -7.46 58.21 53.27
CA ILE B 1078 -7.10 59.15 54.32
C ILE B 1078 -8.17 60.23 54.40
N CYS B 1079 -8.43 60.72 55.61
CA CYS B 1079 -9.40 61.78 55.85
C CYS B 1079 -8.79 62.85 56.73
N HIS B 1080 -8.72 64.08 56.22
CA HIS B 1080 -8.18 65.21 56.98
C HIS B 1080 -9.23 66.26 57.28
N ASP B 1081 -9.87 66.84 56.26
CA ASP B 1081 -10.92 67.84 56.48
C ASP B 1081 -12.30 67.22 56.43
N GLY B 1082 -12.52 66.16 57.18
CA GLY B 1082 -13.82 65.49 57.21
C GLY B 1082 -14.23 64.90 55.88
N LYS B 1083 -13.28 64.76 54.96
CA LYS B 1083 -13.55 64.24 53.63
C LYS B 1083 -12.48 63.22 53.26
N ALA B 1084 -12.85 62.30 52.38
CA ALA B 1084 -11.97 61.22 51.97
C ALA B 1084 -11.05 61.68 50.85
N HIS B 1085 -9.78 61.28 50.94
CA HIS B 1085 -8.78 61.60 49.93
C HIS B 1085 -8.16 60.31 49.41
N PHE B 1086 -7.93 60.26 48.11
CA PHE B 1086 -7.34 59.09 47.47
C PHE B 1086 -6.12 59.52 46.68
N PRO B 1087 -5.09 58.67 46.61
CA PRO B 1087 -3.87 59.04 45.88
C PRO B 1087 -4.12 59.14 44.39
N ARG B 1088 -3.39 60.07 43.75
CA ARG B 1088 -3.43 60.15 42.30
C ARG B 1088 -2.85 58.88 41.67
N GLU B 1089 -1.72 58.42 42.19
CA GLU B 1089 -1.14 57.14 41.81
C GLU B 1089 -0.21 56.70 42.93
N GLY B 1090 0.03 55.40 43.01
CA GLY B 1090 0.76 54.84 44.12
C GLY B 1090 -0.15 54.61 45.32
N VAL B 1091 0.48 54.17 46.41
CA VAL B 1091 -0.25 53.80 47.62
C VAL B 1091 0.31 54.56 48.81
N PHE B 1092 -0.54 54.83 49.79
CA PHE B 1092 -0.10 55.41 51.04
C PHE B 1092 0.76 54.42 51.82
N VAL B 1093 1.57 54.94 52.72
CA VAL B 1093 2.49 54.11 53.49
C VAL B 1093 2.84 54.83 54.78
N SER B 1094 2.93 54.06 55.86
CA SER B 1094 3.32 54.57 57.17
C SER B 1094 4.42 53.70 57.74
N ASN B 1095 5.43 54.33 58.33
CA ASN B 1095 6.58 53.63 58.89
C ASN B 1095 6.48 53.50 60.41
N GLY B 1096 5.33 53.78 60.99
CA GLY B 1096 5.15 53.75 62.43
C GLY B 1096 5.16 55.11 63.10
N THR B 1097 5.51 56.17 62.38
CA THR B 1097 5.49 57.52 62.90
C THR B 1097 4.39 58.36 62.25
N HIS B 1098 4.39 58.43 60.92
CA HIS B 1098 3.34 59.12 60.17
C HIS B 1098 3.37 58.58 58.74
N TRP B 1099 2.55 59.18 57.89
CA TRP B 1099 2.22 58.60 56.60
C TRP B 1099 2.98 59.28 55.46
N PHE B 1100 3.00 58.59 54.32
CA PHE B 1100 3.68 59.06 53.11
C PHE B 1100 2.98 58.49 51.89
N VAL B 1101 3.34 59.04 50.73
CA VAL B 1101 2.91 58.51 49.44
C VAL B 1101 4.16 58.18 48.62
N THR B 1102 4.13 57.03 47.95
CA THR B 1102 5.32 56.54 47.26
C THR B 1102 4.90 55.82 45.98
N GLN B 1103 5.91 55.44 45.20
CA GLN B 1103 5.68 54.76 43.94
C GLN B 1103 5.21 53.33 44.17
N ARG B 1104 4.71 52.72 43.08
CA ARG B 1104 4.18 51.36 43.16
C ARG B 1104 5.28 50.30 43.20
N ASN B 1105 6.37 50.50 42.48
CA ASN B 1105 7.40 49.49 42.31
C ASN B 1105 8.76 49.91 42.84
N PHE B 1106 8.83 51.01 43.58
CA PHE B 1106 10.11 51.48 44.12
C PHE B 1106 9.84 52.32 45.35
N TYR B 1107 10.48 51.98 46.47
CA TYR B 1107 10.28 52.71 47.70
C TYR B 1107 10.88 54.11 47.57
N GLU B 1108 10.03 55.12 47.71
CA GLU B 1108 10.45 56.51 47.63
C GLU B 1108 9.41 57.37 48.32
N PRO B 1109 9.47 57.48 49.65
CA PRO B 1109 8.42 58.20 50.39
C PRO B 1109 8.39 59.68 50.01
N GLN B 1110 7.18 60.23 50.01
CA GLN B 1110 6.96 61.64 49.73
C GLN B 1110 5.93 62.18 50.70
N ILE B 1111 5.99 63.49 50.94
CA ILE B 1111 5.07 64.12 51.88
C ILE B 1111 3.68 64.17 51.25
N ILE B 1112 2.67 63.81 52.04
CA ILE B 1112 1.30 63.76 51.53
C ILE B 1112 0.81 65.18 51.26
N THR B 1113 0.45 65.44 50.01
CA THR B 1113 -0.05 66.74 49.61
C THR B 1113 -1.24 66.53 48.66
N THR B 1114 -2.17 67.48 48.69
CA THR B 1114 -3.34 67.39 47.81
C THR B 1114 -2.95 67.43 46.33
N ASP B 1115 -1.75 67.91 46.01
CA ASP B 1115 -1.26 67.80 44.65
C ASP B 1115 -1.13 66.34 44.24
N ASN B 1116 -0.82 65.46 45.19
CA ASN B 1116 -0.69 64.03 44.94
C ASN B 1116 -1.97 63.25 45.19
N THR B 1117 -3.03 63.90 45.67
CA THR B 1117 -4.28 63.23 46.03
C THR B 1117 -5.44 63.95 45.36
N PHE B 1118 -6.65 63.47 45.65
CA PHE B 1118 -7.88 64.09 45.17
C PHE B 1118 -9.02 63.70 46.10
N VAL B 1119 -9.92 64.65 46.34
CA VAL B 1119 -11.01 64.48 47.28
C VAL B 1119 -12.21 63.89 46.56
N SER B 1120 -12.95 63.03 47.27
CA SER B 1120 -14.17 62.43 46.72
C SER B 1120 -15.11 62.15 47.89
N GLY B 1121 -16.03 63.07 48.14
CA GLY B 1121 -17.05 62.87 49.14
C GLY B 1121 -16.54 62.87 50.58
N ASN B 1122 -17.44 62.49 51.48
CA ASN B 1122 -17.10 62.40 52.89
C ASN B 1122 -16.29 61.13 53.18
N CYS B 1123 -15.74 61.08 54.38
CA CYS B 1123 -14.82 60.02 54.79
C CYS B 1123 -15.42 59.10 55.85
N ASP B 1124 -16.71 58.82 55.75
CA ASP B 1124 -17.36 57.90 56.67
C ASP B 1124 -17.99 56.69 55.98
N VAL B 1125 -17.86 56.58 54.66
CA VAL B 1125 -18.41 55.45 53.92
C VAL B 1125 -17.36 54.37 53.67
N VAL B 1126 -16.12 54.79 53.41
CA VAL B 1126 -15.05 53.82 53.17
C VAL B 1126 -14.59 53.23 54.51
N ILE B 1127 -14.35 51.93 54.52
CA ILE B 1127 -13.89 51.23 55.71
C ILE B 1127 -12.37 51.26 55.74
N GLY B 1128 -11.82 51.19 56.94
CA GLY B 1128 -10.37 51.17 57.11
C GLY B 1128 -9.68 52.51 57.02
N ILE B 1129 -10.44 53.60 56.91
CA ILE B 1129 -9.82 54.92 56.82
C ILE B 1129 -9.18 55.27 58.16
N VAL B 1130 -8.14 56.10 58.11
CA VAL B 1130 -7.37 56.48 59.30
C VAL B 1130 -7.18 57.99 59.29
N ASN B 1131 -6.90 58.53 60.48
CA ASN B 1131 -6.80 59.96 60.67
C ASN B 1131 -5.35 60.44 60.50
N ASN B 1132 -5.19 61.54 59.79
CA ASN B 1132 -3.92 62.24 59.64
C ASN B 1132 -4.21 63.60 59.04
N THR B 1133 -3.17 64.35 58.72
CA THR B 1133 -3.30 65.67 58.11
C THR B 1133 -2.88 65.57 56.65
N VAL B 1134 -3.72 66.11 55.77
CA VAL B 1134 -3.46 66.11 54.33
C VAL B 1134 -3.33 67.57 53.89
N TYR B 1135 -2.11 67.97 53.56
CA TYR B 1135 -1.86 69.36 53.21
C TYR B 1135 -2.50 69.75 51.88
N ASP B 1136 -3.17 70.90 51.91
CA ASP B 1136 -3.79 71.47 50.73
C ASP B 1136 -2.72 71.98 49.76
N PRO B 1137 -3.08 72.18 48.49
CA PRO B 1137 -2.06 72.66 47.53
C PRO B 1137 -1.47 74.00 47.93
N LEU B 1138 -2.26 74.89 48.52
CA LEU B 1138 -1.82 76.24 48.78
C LEU B 1138 -1.01 76.39 50.06
N GLN B 1139 -1.10 75.45 51.01
CA GLN B 1139 -0.51 75.71 52.32
C GLN B 1139 1.01 75.91 52.30
N PRO B 1140 1.79 75.25 51.42
CA PRO B 1140 3.22 75.63 51.34
C PRO B 1140 3.39 77.10 51.00
N GLU B 1141 2.49 77.64 50.19
CA GLU B 1141 2.45 79.08 49.96
C GLU B 1141 1.82 79.81 51.15
N LEU B 1142 0.80 79.20 51.76
CA LEU B 1142 0.15 79.80 52.92
C LEU B 1142 1.16 80.13 54.02
N ASP B 1143 2.06 79.18 54.30
CA ASP B 1143 3.14 79.46 55.25
C ASP B 1143 4.07 80.53 54.72
N SER B 1144 4.31 80.54 53.40
CA SER B 1144 5.26 81.47 52.82
C SER B 1144 4.63 82.77 52.34
N PHE B 1145 3.31 82.82 52.17
CA PHE B 1145 2.66 84.02 51.65
C PHE B 1145 1.72 84.68 52.66
N LYS B 1146 0.86 83.91 53.32
CA LYS B 1146 -0.03 84.51 54.30
C LYS B 1146 0.76 85.08 55.48
N GLU B 1147 1.79 84.36 55.93
CA GLU B 1147 2.72 84.93 56.90
C GLU B 1147 3.46 86.12 56.30
N GLU B 1148 3.87 86.02 55.03
CA GLU B 1148 4.41 87.17 54.33
C GLU B 1148 3.37 88.28 54.24
N LEU B 1149 2.12 87.93 54.01
CA LEU B 1149 1.04 88.91 54.09
C LEU B 1149 0.84 89.40 55.52
N ASP B 1150 0.95 88.49 56.49
CA ASP B 1150 0.79 88.88 57.89
C ASP B 1150 1.90 89.82 58.33
N LYS B 1151 3.15 89.51 57.98
CA LYS B 1151 4.27 90.37 58.37
C LYS B 1151 4.22 91.72 57.66
N TYR B 1152 3.53 91.80 56.53
CA TYR B 1152 3.32 93.09 55.87
C TYR B 1152 2.22 93.92 56.51
N PHE B 1153 1.43 93.33 57.40
CA PHE B 1153 0.42 94.05 58.13
C PHE B 1153 0.89 94.56 59.48
N LYS B 1154 1.95 93.96 60.04
CA LYS B 1154 2.39 94.31 61.40
C LYS B 1154 3.51 95.32 61.42
N ASN B 1155 4.29 95.44 60.33
CA ASN B 1155 5.33 96.46 60.28
C ASN B 1155 4.78 97.87 60.13
N HIS B 1156 3.47 98.02 59.88
CA HIS B 1156 2.87 99.33 59.74
C HIS B 1156 2.05 99.77 60.94
N THR B 1157 1.62 98.83 61.79
CA THR B 1157 0.80 99.21 62.94
C THR B 1157 1.64 99.83 64.06
N SER B 1158 2.86 99.34 64.27
CA SER B 1158 3.72 99.86 65.33
C SER B 1158 4.14 101.31 65.07
N PRO B 1159 4.55 101.70 63.85
CA PRO B 1159 4.90 103.13 63.76
C PRO B 1159 3.68 104.02 63.52
N GLN C 14 7.73 -6.01 -70.88
CA GLN C 14 9.12 -6.41 -71.03
C GLN C 14 10.02 -5.41 -70.33
N CYS C 15 11.34 -5.52 -70.54
CA CYS C 15 12.30 -4.66 -69.86
C CYS C 15 13.35 -4.18 -70.84
N VAL C 16 13.66 -2.88 -70.78
CA VAL C 16 14.75 -2.28 -71.54
C VAL C 16 15.55 -1.40 -70.58
N ASN C 17 16.87 -1.50 -70.62
CA ASN C 17 17.71 -0.60 -69.85
C ASN C 17 17.53 0.83 -70.34
N LEU C 18 17.14 1.73 -69.44
CA LEU C 18 16.89 3.12 -69.82
C LEU C 18 18.17 3.81 -70.28
N THR C 19 19.26 3.64 -69.53
CA THR C 19 20.56 4.27 -69.81
C THR C 19 20.36 5.79 -69.84
N THR C 20 21.15 6.48 -70.67
CA THR C 20 21.09 7.94 -70.88
C THR C 20 20.78 8.70 -69.59
N ARG C 21 21.45 8.30 -68.51
CA ARG C 21 21.24 8.86 -67.19
C ARG C 21 22.42 9.76 -66.82
N THR C 22 22.11 10.94 -66.29
CA THR C 22 23.12 11.89 -65.84
C THR C 22 23.09 12.00 -64.32
N GLN C 23 24.25 12.28 -63.74
CA GLN C 23 24.42 12.34 -62.30
C GLN C 23 24.46 13.79 -61.84
N LEU C 24 23.57 14.13 -60.90
CA LEU C 24 23.48 15.47 -60.35
C LEU C 24 23.47 15.41 -58.83
N PRO C 25 23.96 16.45 -58.16
CA PRO C 25 23.97 16.46 -56.69
C PRO C 25 22.57 16.66 -56.14
N PRO C 26 22.34 16.28 -54.88
CA PRO C 26 21.03 16.50 -54.25
C PRO C 26 20.97 17.84 -53.52
N ALA C 27 19.79 18.15 -53.01
CA ALA C 27 19.55 19.38 -52.27
C ALA C 27 19.09 19.04 -50.85
N TYR C 28 19.20 20.03 -49.96
CA TYR C 28 18.88 19.84 -48.56
C TYR C 28 17.90 20.91 -48.10
N THR C 29 16.96 20.53 -47.23
CA THR C 29 15.97 21.46 -46.70
C THR C 29 15.64 21.03 -45.27
N ASN C 30 15.01 21.93 -44.52
CA ASN C 30 14.59 21.65 -43.16
C ASN C 30 13.08 21.42 -43.12
N SER C 31 12.66 20.41 -42.35
CA SER C 31 11.26 20.01 -42.26
C SER C 31 10.63 20.69 -41.05
N PHE C 32 9.79 21.69 -41.29
CA PHE C 32 9.24 22.48 -40.20
C PHE C 32 8.22 21.69 -39.38
N THR C 33 7.12 21.25 -40.01
CA THR C 33 6.00 20.67 -39.28
C THR C 33 5.59 19.30 -39.80
N ARG C 34 6.44 18.62 -40.57
CA ARG C 34 6.07 17.33 -41.11
C ARG C 34 6.30 16.22 -40.09
N GLY C 35 5.64 15.09 -40.34
CA GLY C 35 5.78 13.92 -39.49
C GLY C 35 4.68 13.70 -38.47
N VAL C 36 3.58 14.46 -38.54
CA VAL C 36 2.49 14.35 -37.60
C VAL C 36 1.33 13.61 -38.26
N TYR C 37 0.85 12.56 -37.60
CA TYR C 37 -0.25 11.76 -38.14
C TYR C 37 -1.07 11.21 -36.97
N TYR C 38 -2.20 10.60 -37.30
CA TYR C 38 -3.05 9.98 -36.30
C TYR C 38 -2.48 8.62 -35.89
N PRO C 39 -2.15 8.42 -34.62
CA PRO C 39 -1.48 7.17 -34.22
C PRO C 39 -2.40 6.00 -33.89
N ASP C 40 -3.70 6.22 -33.77
CA ASP C 40 -4.59 5.14 -33.33
C ASP C 40 -5.99 5.38 -33.87
N LYS C 41 -6.79 4.32 -33.85
CA LYS C 41 -8.17 4.36 -34.36
C LYS C 41 -9.14 4.59 -33.21
N VAL C 42 -9.08 5.79 -32.65
CA VAL C 42 -9.97 6.23 -31.58
C VAL C 42 -10.37 7.66 -31.85
N PHE C 43 -11.22 8.21 -30.96
CA PHE C 43 -11.72 9.57 -31.08
C PHE C 43 -11.42 10.32 -29.79
N ARG C 44 -10.68 11.42 -29.91
CA ARG C 44 -10.37 12.30 -28.79
C ARG C 44 -10.90 13.69 -29.10
N SER C 45 -11.13 14.48 -28.06
CA SER C 45 -11.74 15.80 -28.23
C SER C 45 -11.24 16.74 -27.15
N SER C 46 -10.61 17.84 -27.57
CA SER C 46 -10.25 18.95 -26.68
C SER C 46 -9.40 18.50 -25.51
N VAL C 47 -8.42 17.62 -25.77
CA VAL C 47 -7.50 17.15 -24.75
C VAL C 47 -6.08 17.21 -25.29
N LEU C 48 -5.12 17.26 -24.38
CA LEU C 48 -3.71 17.16 -24.69
C LEU C 48 -3.26 15.73 -24.43
N HIS C 49 -2.68 15.09 -25.46
CA HIS C 49 -2.33 13.67 -25.35
C HIS C 49 -0.85 13.49 -25.65
N SER C 50 -0.16 12.79 -24.76
CA SER C 50 1.26 12.51 -24.91
C SER C 50 1.44 11.07 -25.39
N THR C 51 2.28 10.89 -26.42
CA THR C 51 2.50 9.57 -26.98
C THR C 51 3.95 9.42 -27.38
N GLN C 52 4.37 8.17 -27.58
CA GLN C 52 5.73 7.84 -27.99
C GLN C 52 5.66 6.83 -29.12
N ASP C 53 6.28 7.15 -30.25
CA ASP C 53 6.27 6.27 -31.42
C ASP C 53 7.28 6.80 -32.42
N LEU C 54 7.33 6.18 -33.60
CA LEU C 54 8.22 6.64 -34.66
C LEU C 54 7.65 7.92 -35.28
N PHE C 55 8.52 8.92 -35.44
CA PHE C 55 8.10 10.20 -36.00
C PHE C 55 9.29 10.82 -36.73
N LEU C 56 9.02 11.96 -37.37
CA LEU C 56 10.04 12.74 -38.05
C LEU C 56 10.44 13.91 -37.17
N PRO C 57 11.71 14.04 -36.80
CA PRO C 57 12.12 15.19 -35.98
C PRO C 57 11.85 16.51 -36.68
N PHE C 58 11.45 17.51 -35.90
CA PHE C 58 11.19 18.83 -36.45
C PHE C 58 12.50 19.50 -36.87
N PHE C 59 12.42 20.29 -37.94
CA PHE C 59 13.59 21.00 -38.50
C PHE C 59 14.71 20.03 -38.87
N SER C 60 14.34 18.87 -39.39
CA SER C 60 15.31 17.86 -39.77
C SER C 60 15.70 18.02 -41.25
N ASN C 61 16.79 17.35 -41.62
CA ASN C 61 17.39 17.46 -42.95
C ASN C 61 16.65 16.55 -43.94
N VAL C 62 15.58 17.09 -44.49
CA VAL C 62 14.88 16.41 -45.58
C VAL C 62 15.66 16.63 -46.87
N THR C 63 15.87 15.55 -47.62
CA THR C 63 16.63 15.61 -48.86
C THR C 63 15.67 15.95 -50.00
N TRP C 64 15.90 17.09 -50.63
CA TRP C 64 15.09 17.53 -51.76
C TRP C 64 15.77 17.13 -53.08
N PHE C 65 14.97 16.58 -53.98
CA PHE C 65 15.42 16.14 -55.29
C PHE C 65 14.60 16.83 -56.36
N HIS C 66 15.28 17.13 -57.47
CA HIS C 66 14.72 17.89 -58.58
C HIS C 66 15.04 17.17 -59.89
N VAL C 67 14.01 16.96 -60.71
CA VAL C 67 14.14 16.24 -61.97
C VAL C 67 13.56 17.11 -63.07
N ILE C 68 14.33 17.33 -64.13
CA ILE C 68 13.87 18.09 -65.28
C ILE C 68 13.41 17.14 -66.38
N LYS C 75 15.66 16.34 -69.05
CA LYS C 75 17.08 16.06 -69.26
C LYS C 75 17.71 15.51 -67.98
N ARG C 76 16.86 15.15 -67.01
CA ARG C 76 17.31 14.64 -65.71
C ARG C 76 16.63 13.31 -65.45
N PHE C 77 17.42 12.28 -65.15
CA PHE C 77 16.92 10.97 -64.77
C PHE C 77 17.44 10.65 -63.39
N ASP C 78 16.57 10.77 -62.37
CA ASP C 78 16.94 10.51 -60.99
C ASP C 78 15.88 9.59 -60.35
N ASN C 79 16.10 8.29 -60.45
CA ASN C 79 15.32 7.29 -59.72
C ASN C 79 16.29 6.32 -59.04
N PRO C 80 17.09 6.81 -58.10
CA PRO C 80 18.09 5.95 -57.45
C PRO C 80 17.47 5.07 -56.38
N VAL C 81 18.23 4.04 -55.99
CA VAL C 81 17.80 3.21 -54.88
C VAL C 81 17.88 4.01 -53.60
N LEU C 82 16.79 3.99 -52.83
CA LEU C 82 16.72 4.77 -51.59
C LEU C 82 17.05 3.87 -50.40
N PRO C 83 18.03 4.24 -49.59
CA PRO C 83 18.28 3.48 -48.35
C PRO C 83 17.06 3.54 -47.44
N PHE C 84 16.78 2.44 -46.76
CA PHE C 84 15.61 2.29 -45.90
C PHE C 84 16.06 2.11 -44.47
N ASN C 85 15.44 2.88 -43.56
CA ASN C 85 15.80 2.83 -42.14
C ASN C 85 14.53 3.05 -41.32
N ASP C 86 13.91 1.95 -40.89
CA ASP C 86 12.81 1.96 -39.94
C ASP C 86 11.61 2.76 -40.41
N GLY C 87 11.36 2.79 -41.71
CA GLY C 87 10.25 3.57 -42.23
C GLY C 87 10.70 4.90 -42.79
N VAL C 88 9.96 5.40 -43.78
CA VAL C 88 10.35 6.60 -44.50
C VAL C 88 9.15 7.52 -44.71
N TYR C 89 9.45 8.77 -45.06
CA TYR C 89 8.44 9.76 -45.39
C TYR C 89 8.82 10.42 -46.72
N PHE C 90 7.91 10.37 -47.69
CA PHE C 90 8.17 10.86 -49.04
C PHE C 90 7.09 11.85 -49.44
N ALA C 91 7.49 13.05 -49.85
CA ALA C 91 6.56 14.09 -50.28
C ALA C 91 6.90 14.50 -51.70
N SER C 92 5.95 15.17 -52.35
CA SER C 92 6.14 15.63 -53.73
C SER C 92 5.27 16.83 -54.01
N ILE C 93 5.87 17.85 -54.63
CA ILE C 93 5.15 19.00 -55.16
C ILE C 93 4.95 18.74 -56.66
N GLU C 94 3.71 18.50 -57.05
CA GLU C 94 3.41 17.88 -58.33
C GLU C 94 2.14 18.46 -58.94
N LYS C 95 2.09 18.38 -60.27
CA LYS C 95 0.98 18.89 -61.08
C LYS C 95 0.56 17.96 -62.21
N SER C 96 1.40 17.02 -62.63
CA SER C 96 1.18 16.29 -63.87
C SER C 96 1.02 14.79 -63.72
N ASN C 97 0.97 14.28 -62.48
CA ASN C 97 0.76 12.82 -62.25
C ASN C 97 1.91 12.01 -62.88
N ILE C 98 3.16 12.39 -62.59
CA ILE C 98 4.31 11.58 -63.10
C ILE C 98 4.35 10.21 -62.42
N ILE C 99 4.12 10.15 -61.10
CA ILE C 99 4.23 8.86 -60.34
C ILE C 99 3.07 7.92 -60.71
N ARG C 100 3.34 6.62 -60.83
CA ARG C 100 2.27 5.64 -61.16
C ARG C 100 2.04 4.68 -59.97
N GLY C 101 2.94 3.72 -59.74
CA GLY C 101 2.72 2.70 -58.69
C GLY C 101 4.00 2.08 -58.17
N TRP C 102 3.93 1.37 -57.04
CA TRP C 102 5.16 0.79 -56.42
C TRP C 102 5.16 -0.74 -56.59
N ILE C 103 6.22 -1.30 -57.18
CA ILE C 103 6.33 -2.78 -57.34
C ILE C 103 7.61 -3.23 -56.62
N PHE C 104 7.57 -4.26 -55.78
CA PHE C 104 8.80 -4.59 -55.01
C PHE C 104 8.89 -6.03 -54.49
N GLY C 105 10.05 -6.68 -54.64
CA GLY C 105 10.31 -7.99 -54.10
C GLY C 105 11.67 -8.08 -53.42
N THR C 106 12.33 -9.24 -53.48
CA THR C 106 13.62 -9.37 -52.81
C THR C 106 14.71 -10.03 -53.68
N THR C 107 14.32 -10.88 -54.63
CA THR C 107 15.30 -11.57 -55.47
C THR C 107 15.14 -11.33 -56.95
N LEU C 108 14.09 -10.60 -57.37
CA LEU C 108 13.94 -10.12 -58.74
C LEU C 108 13.86 -11.26 -59.76
N ASP C 109 13.33 -12.42 -59.36
CA ASP C 109 13.35 -13.58 -60.27
C ASP C 109 12.05 -14.38 -60.26
N SER C 110 10.96 -13.86 -59.70
CA SER C 110 9.66 -14.53 -59.65
C SER C 110 9.71 -15.86 -58.91
N LYS C 111 10.70 -16.04 -58.02
CA LYS C 111 10.73 -17.19 -57.13
C LYS C 111 10.46 -16.82 -55.69
N THR C 112 10.52 -15.54 -55.35
CA THR C 112 10.22 -15.04 -54.02
C THR C 112 9.05 -14.06 -54.11
N GLN C 113 8.14 -14.16 -53.15
CA GLN C 113 6.91 -13.38 -53.19
C GLN C 113 7.21 -11.88 -53.10
N SER C 114 6.29 -11.09 -53.61
CA SER C 114 6.52 -9.66 -53.84
C SER C 114 5.18 -8.96 -53.85
N LEU C 115 5.24 -7.64 -53.73
CA LEU C 115 4.06 -6.79 -53.65
C LEU C 115 3.87 -6.04 -54.96
N LEU C 116 2.65 -6.08 -55.50
CA LEU C 116 2.33 -5.33 -56.74
C LEU C 116 1.31 -4.23 -56.42
N ILE C 117 1.71 -2.96 -56.48
CA ILE C 117 0.72 -1.86 -56.30
C ILE C 117 0.62 -1.12 -57.63
N VAL C 118 -0.58 -1.07 -58.23
CA VAL C 118 -0.74 -0.42 -59.56
C VAL C 118 -1.77 0.70 -59.46
N ASN C 119 -1.43 1.91 -59.91
CA ASN C 119 -2.40 3.04 -59.93
C ASN C 119 -2.35 3.70 -61.30
N ASN C 120 -2.87 3.03 -62.33
CA ASN C 120 -2.78 3.58 -63.72
C ASN C 120 -3.89 4.61 -63.95
N ALA C 121 -5.15 4.18 -64.00
CA ALA C 121 -6.25 5.11 -64.25
C ALA C 121 -7.37 4.98 -63.23
N THR C 122 -7.90 3.79 -63.02
CA THR C 122 -8.98 3.58 -62.08
C THR C 122 -8.78 2.43 -61.10
N ASN C 123 -7.93 1.45 -61.41
CA ASN C 123 -7.65 0.38 -60.46
C ASN C 123 -6.67 0.85 -59.39
N VAL C 124 -6.79 0.26 -58.21
CA VAL C 124 -5.69 0.21 -57.24
C VAL C 124 -5.61 -1.25 -56.81
N VAL C 125 -4.74 -2.01 -57.45
CA VAL C 125 -4.67 -3.45 -57.26
C VAL C 125 -3.42 -3.78 -56.45
N ILE C 126 -3.63 -4.62 -55.43
CA ILE C 126 -2.60 -5.06 -54.51
C ILE C 126 -2.53 -6.57 -54.64
N LYS C 127 -1.34 -7.08 -54.98
CA LYS C 127 -1.19 -8.49 -55.32
C LYS C 127 0.09 -9.03 -54.69
N VAL C 128 -0.05 -10.01 -53.80
CA VAL C 128 1.09 -10.66 -53.16
C VAL C 128 1.41 -11.92 -53.97
N CYS C 129 2.42 -11.82 -54.83
CA CYS C 129 2.78 -12.92 -55.72
C CYS C 129 4.24 -12.77 -56.08
N GLU C 130 4.88 -13.87 -56.50
CA GLU C 130 6.26 -13.77 -56.95
C GLU C 130 6.33 -12.96 -58.23
N PHE C 131 7.37 -12.14 -58.34
CA PHE C 131 7.50 -11.24 -59.48
C PHE C 131 8.95 -11.20 -59.94
N GLN C 132 9.16 -11.36 -61.25
CA GLN C 132 10.50 -11.30 -61.83
C GLN C 132 10.81 -9.85 -62.18
N PHE C 133 11.79 -9.28 -61.51
CA PHE C 133 12.12 -7.87 -61.66
C PHE C 133 13.36 -7.69 -62.50
N CYS C 134 13.56 -6.46 -62.96
CA CYS C 134 14.61 -6.13 -63.91
C CYS C 134 15.56 -5.08 -63.32
N ASN C 135 16.64 -4.81 -64.05
CA ASN C 135 17.57 -3.75 -63.66
C ASN C 135 16.91 -2.39 -63.83
N ASP C 136 16.29 -2.14 -64.98
CA ASP C 136 15.66 -0.85 -65.29
C ASP C 136 14.27 -1.06 -65.87
N PRO C 137 13.26 -1.45 -65.06
CA PRO C 137 11.88 -1.55 -65.56
C PRO C 137 11.29 -0.14 -65.73
N PHE C 138 10.74 0.17 -66.90
CA PHE C 138 10.23 1.54 -67.16
C PHE C 138 8.78 1.49 -67.63
N LEU C 139 8.02 2.55 -67.36
CA LEU C 139 6.58 2.60 -67.77
C LEU C 139 6.27 3.96 -68.41
N ASP C 140 6.94 5.01 -67.94
CA ASP C 140 6.65 6.39 -68.45
C ASP C 140 6.98 6.48 -69.95
N HIS C 141 8.14 5.96 -70.35
CA HIS C 141 8.66 6.19 -71.72
C HIS C 141 7.55 5.97 -72.75
N LYS C 142 7.18 7.01 -73.49
CA LYS C 142 6.14 6.87 -74.55
C LYS C 142 6.22 8.07 -75.52
N ASN C 143 6.87 7.89 -76.66
CA ASN C 143 6.99 8.97 -77.68
C ASN C 143 7.65 10.19 -77.04
N ASN C 144 8.09 10.10 -75.77
CA ASN C 144 8.89 11.13 -75.08
C ASN C 144 8.08 12.40 -74.81
N LYS C 145 6.85 12.47 -75.31
CA LYS C 145 5.99 13.62 -75.07
C LYS C 145 4.56 13.23 -74.72
N SER C 146 4.20 11.94 -74.83
CA SER C 146 2.86 11.46 -74.54
C SER C 146 2.90 10.63 -73.27
N TRP C 147 2.17 11.08 -72.24
CA TRP C 147 2.20 10.36 -70.93
C TRP C 147 1.36 9.08 -71.01
N MET C 148 2.01 7.92 -71.08
CA MET C 148 1.28 6.63 -71.14
C MET C 148 2.04 5.58 -70.30
N GLU C 149 1.32 4.60 -69.75
CA GLU C 149 1.97 3.52 -68.96
C GLU C 149 2.51 2.47 -69.93
N SER C 150 3.35 2.91 -70.87
CA SER C 150 3.90 1.98 -71.90
C SER C 150 4.66 0.83 -71.22
N GLU C 151 4.62 -0.37 -71.80
CA GLU C 151 5.30 -1.55 -71.22
C GLU C 151 4.67 -1.87 -69.86
N PHE C 152 3.34 -1.82 -69.76
CA PHE C 152 2.67 -2.17 -68.51
C PHE C 152 3.27 -3.40 -67.86
N ARG C 153 3.81 -4.33 -68.66
CA ARG C 153 4.31 -5.60 -68.15
C ARG C 153 5.82 -5.45 -67.91
N VAL C 154 6.17 -5.00 -66.71
CA VAL C 154 7.56 -4.95 -66.29
C VAL C 154 7.93 -6.16 -65.43
N TYR C 155 6.95 -6.81 -64.80
CA TYR C 155 7.17 -8.07 -64.11
C TYR C 155 6.86 -9.20 -65.09
N SER C 156 7.88 -9.98 -65.43
CA SER C 156 7.76 -10.92 -66.55
C SER C 156 6.99 -12.18 -66.18
N SER C 157 7.16 -12.70 -64.96
CA SER C 157 6.59 -13.98 -64.61
C SER C 157 6.21 -14.00 -63.13
N ALA C 158 5.60 -15.11 -62.71
CA ALA C 158 5.11 -15.27 -61.34
C ALA C 158 5.13 -16.75 -60.98
N ASN C 159 5.04 -17.02 -59.68
CA ASN C 159 5.06 -18.40 -59.18
C ASN C 159 3.79 -18.78 -58.44
N ASN C 160 3.37 -18.00 -57.43
CA ASN C 160 2.22 -18.36 -56.61
C ASN C 160 1.67 -17.11 -55.95
N CYS C 161 0.42 -16.77 -56.28
CA CYS C 161 -0.20 -15.54 -55.83
C CYS C 161 -1.19 -15.83 -54.71
N THR C 162 -1.14 -15.01 -53.65
CA THR C 162 -1.94 -15.26 -52.45
C THR C 162 -2.97 -14.15 -52.19
N PHE C 163 -2.56 -12.90 -52.11
CA PHE C 163 -3.40 -11.80 -51.66
C PHE C 163 -3.76 -10.90 -52.83
N GLU C 164 -5.05 -10.55 -52.94
CA GLU C 164 -5.54 -9.65 -53.96
C GLU C 164 -6.52 -8.66 -53.33
N TYR C 165 -6.33 -7.38 -53.64
CA TYR C 165 -7.16 -6.32 -53.05
C TYR C 165 -7.35 -5.20 -54.07
N VAL C 166 -8.59 -4.76 -54.25
CA VAL C 166 -8.93 -3.70 -55.20
C VAL C 166 -9.48 -2.51 -54.43
N SER C 167 -8.95 -1.32 -54.71
CA SER C 167 -9.39 -0.10 -54.05
C SER C 167 -9.35 1.06 -55.04
N GLN C 168 -10.03 2.14 -54.65
CA GLN C 168 -10.26 3.27 -55.52
C GLN C 168 -8.99 4.08 -55.74
N PRO C 169 -8.86 4.76 -56.89
CA PRO C 169 -7.68 5.59 -57.13
C PRO C 169 -7.77 6.94 -56.43
N PHE C 170 -6.80 7.81 -56.70
CA PHE C 170 -6.72 9.12 -56.06
C PHE C 170 -7.02 10.21 -57.09
N LEU C 171 -6.90 11.46 -56.64
CA LEU C 171 -7.17 12.63 -57.48
C LEU C 171 -5.86 13.09 -58.11
N MET C 172 -5.72 12.83 -59.41
CA MET C 172 -4.54 13.23 -60.17
C MET C 172 -4.98 14.18 -61.29
N ASP C 173 -4.03 14.52 -62.16
CA ASP C 173 -4.27 15.36 -63.32
C ASP C 173 -3.98 14.57 -64.60
N LEU C 174 -4.31 15.17 -65.73
CA LEU C 174 -4.20 14.52 -67.02
C LEU C 174 -3.12 15.19 -67.88
N GLU C 175 -2.61 14.40 -68.84
CA GLU C 175 -1.61 14.86 -69.81
C GLU C 175 -0.32 15.26 -69.12
N GLY C 176 0.68 15.69 -69.90
CA GLY C 176 1.96 16.09 -69.34
C GLY C 176 2.36 17.51 -69.70
N LYS C 177 2.62 18.34 -68.70
CA LYS C 177 3.04 19.71 -68.93
C LYS C 177 3.85 20.16 -67.72
N GLN C 178 4.57 21.27 -67.91
CA GLN C 178 5.50 21.78 -66.91
C GLN C 178 5.03 23.14 -66.42
N GLY C 179 4.99 23.33 -65.10
CA GLY C 179 4.68 24.61 -64.53
C GLY C 179 3.45 24.63 -63.64
N ASN C 180 3.43 25.57 -62.69
CA ASN C 180 2.29 25.78 -61.79
C ASN C 180 1.95 24.50 -61.02
N PHE C 181 2.95 24.00 -60.29
CA PHE C 181 2.79 22.77 -59.51
C PHE C 181 2.01 23.07 -58.23
N LYS C 182 0.68 23.14 -58.40
CA LYS C 182 -0.19 23.48 -57.28
C LYS C 182 -0.31 22.32 -56.29
N ASN C 183 -0.35 21.08 -56.80
CA ASN C 183 -0.71 19.97 -55.93
C ASN C 183 0.46 19.54 -55.05
N LEU C 184 0.14 19.04 -53.86
CA LEU C 184 1.12 18.50 -52.94
C LEU C 184 0.63 17.16 -52.42
N ARG C 185 1.52 16.18 -52.37
CA ARG C 185 1.20 14.90 -51.78
C ARG C 185 2.29 14.54 -50.79
N GLU C 186 1.89 13.81 -49.74
CA GLU C 186 2.83 13.38 -48.72
C GLU C 186 2.39 12.03 -48.19
N PHE C 187 3.32 11.09 -48.14
CA PHE C 187 3.06 9.75 -47.67
C PHE C 187 4.12 9.37 -46.66
N VAL C 188 3.75 8.50 -45.73
CA VAL C 188 4.71 7.89 -44.81
C VAL C 188 4.46 6.39 -44.78
N PHE C 189 5.53 5.62 -44.95
CA PHE C 189 5.50 4.17 -44.99
C PHE C 189 6.21 3.62 -43.76
N LYS C 190 5.54 2.71 -43.05
CA LYS C 190 6.04 2.16 -41.81
C LYS C 190 5.92 0.64 -41.84
N ASN C 191 6.86 -0.02 -41.17
CA ASN C 191 6.89 -1.48 -41.09
C ASN C 191 6.90 -1.93 -39.62
N ILE C 192 5.83 -2.57 -39.19
CA ILE C 192 5.68 -3.05 -37.82
C ILE C 192 5.27 -4.52 -37.85
N ASP C 193 6.18 -5.39 -37.41
CA ASP C 193 5.93 -6.82 -37.28
C ASP C 193 5.25 -7.39 -38.52
N GLY C 194 5.95 -7.28 -39.64
CA GLY C 194 5.38 -7.74 -40.91
C GLY C 194 4.38 -6.80 -41.52
N TYR C 195 3.47 -6.25 -40.73
CA TYR C 195 2.48 -5.32 -41.23
C TYR C 195 3.14 -4.09 -41.86
N PHE C 196 2.61 -3.65 -42.99
CA PHE C 196 3.14 -2.50 -43.71
C PHE C 196 2.04 -1.47 -43.83
N LYS C 197 2.23 -0.33 -43.17
CA LYS C 197 1.19 0.69 -43.05
C LYS C 197 1.58 1.93 -43.86
N ILE C 198 0.60 2.54 -44.51
CA ILE C 198 0.80 3.73 -45.32
C ILE C 198 -0.16 4.81 -44.84
N TYR C 199 0.36 6.00 -44.57
CA TYR C 199 -0.46 7.17 -44.29
C TYR C 199 -0.26 8.18 -45.41
N SER C 200 -1.35 8.86 -45.80
CA SER C 200 -1.33 9.73 -46.97
C SER C 200 -2.03 11.04 -46.68
N LYS C 201 -1.64 12.07 -47.43
CA LYS C 201 -2.29 13.37 -47.38
C LYS C 201 -2.06 14.09 -48.70
N HIS C 202 -3.10 14.75 -49.20
CA HIS C 202 -3.05 15.47 -50.47
C HIS C 202 -3.66 16.85 -50.29
N THR C 203 -2.86 17.89 -50.56
CA THR C 203 -3.31 19.27 -50.41
C THR C 203 -3.17 20.01 -51.73
N PRO C 204 -4.26 20.53 -52.29
CA PRO C 204 -4.16 21.28 -53.56
C PRO C 204 -3.93 22.77 -53.33
N ILE C 205 -3.53 23.44 -54.41
CA ILE C 205 -3.38 24.90 -54.46
C ILE C 205 -2.49 25.38 -53.32
N LEU C 206 -1.30 24.81 -53.21
CA LEU C 206 -0.33 25.31 -52.24
C LEU C 206 0.12 26.70 -52.66
N VAL C 207 0.01 27.66 -51.73
CA VAL C 207 0.26 29.06 -52.06
C VAL C 207 1.75 29.29 -52.33
N ARG C 208 2.62 28.62 -51.59
CA ARG C 208 4.05 28.89 -51.68
C ARG C 208 4.63 28.44 -53.02
N GLU C 209 5.72 29.07 -53.41
CA GLU C 209 6.40 28.89 -54.69
C GLU C 209 7.05 27.51 -54.78
N PRO C 210 7.60 27.12 -55.94
CA PRO C 210 8.35 25.87 -56.02
C PRO C 210 9.50 25.85 -55.03
N GLU C 211 9.83 24.65 -54.55
CA GLU C 211 10.64 24.45 -53.34
C GLU C 211 9.84 25.10 -52.22
N ASP C 212 10.44 25.90 -51.35
CA ASP C 212 9.71 26.66 -50.33
C ASP C 212 8.71 25.77 -49.59
N LEU C 213 9.23 24.81 -48.85
CA LEU C 213 8.40 23.81 -48.20
C LEU C 213 7.37 24.50 -47.31
N PRO C 214 6.07 24.22 -47.48
CA PRO C 214 5.04 24.98 -46.75
C PRO C 214 5.18 24.81 -45.24
N GLN C 215 4.90 25.91 -44.53
CA GLN C 215 4.99 25.95 -43.08
C GLN C 215 3.62 25.83 -42.43
N GLY C 216 2.72 25.07 -43.04
CA GLY C 216 1.39 24.89 -42.50
C GLY C 216 1.21 23.53 -41.87
N PHE C 217 0.66 23.51 -40.65
CA PHE C 217 0.48 22.25 -39.94
C PHE C 217 -0.54 21.37 -40.66
N SER C 218 -0.24 20.08 -40.74
CA SER C 218 -1.10 19.14 -41.43
C SER C 218 -1.00 17.77 -40.76
N ALA C 219 -2.07 16.99 -40.86
CA ALA C 219 -2.12 15.64 -40.34
C ALA C 219 -2.17 14.63 -41.47
N LEU C 220 -2.03 13.35 -41.11
CA LEU C 220 -2.08 12.25 -42.06
C LEU C 220 -3.02 11.19 -41.54
N GLU C 221 -4.10 10.92 -42.29
CA GLU C 221 -5.07 9.89 -41.92
C GLU C 221 -4.60 8.52 -42.35
N PRO C 222 -5.00 7.46 -41.64
CA PRO C 222 -4.52 6.11 -41.98
C PRO C 222 -5.13 5.58 -43.27
N LEU C 223 -4.34 5.55 -44.34
CA LEU C 223 -4.81 5.04 -45.62
C LEU C 223 -5.12 3.55 -45.57
N VAL C 224 -4.10 2.72 -45.36
CA VAL C 224 -4.28 1.28 -45.39
C VAL C 224 -3.05 0.57 -44.80
N ASP C 225 -3.30 -0.55 -44.14
CA ASP C 225 -2.25 -1.49 -43.73
C ASP C 225 -2.40 -2.78 -44.53
N LEU C 226 -1.26 -3.40 -44.83
CA LEU C 226 -1.23 -4.65 -45.59
C LEU C 226 -0.38 -5.66 -44.82
N PRO C 227 -0.94 -6.82 -44.47
CA PRO C 227 -0.25 -7.85 -43.66
C PRO C 227 0.47 -8.94 -44.46
N ILE C 228 1.63 -8.59 -45.01
CA ILE C 228 2.39 -9.55 -45.82
C ILE C 228 3.28 -10.43 -44.94
N GLY C 229 4.07 -9.82 -44.06
CA GLY C 229 4.90 -10.59 -43.16
C GLY C 229 6.25 -11.01 -43.71
N ILE C 230 6.95 -10.08 -44.35
CA ILE C 230 8.31 -10.30 -44.83
C ILE C 230 9.17 -9.12 -44.39
N ASN C 231 10.47 -9.23 -44.65
CA ASN C 231 11.37 -8.11 -44.40
C ASN C 231 11.34 -7.14 -45.59
N ILE C 232 11.53 -5.87 -45.28
CA ILE C 232 11.47 -4.82 -46.30
C ILE C 232 12.63 -3.84 -46.09
N THR C 233 13.58 -3.86 -47.02
CA THR C 233 14.60 -2.82 -47.10
C THR C 233 14.87 -2.46 -48.55
N ARG C 234 14.06 -2.94 -49.49
CA ARG C 234 14.31 -2.76 -50.92
C ARG C 234 12.95 -2.66 -51.62
N PHE C 235 12.48 -1.43 -51.81
CA PHE C 235 11.34 -1.16 -52.66
C PHE C 235 11.60 0.12 -53.43
N GLN C 236 10.91 0.30 -54.56
CA GLN C 236 11.15 1.49 -55.42
C GLN C 236 9.89 1.80 -56.23
N THR C 237 9.55 3.10 -56.36
CA THR C 237 8.34 3.52 -57.13
C THR C 237 8.58 3.43 -58.64
N LEU C 238 7.51 3.24 -59.41
CA LEU C 238 7.63 3.15 -60.89
C LEU C 238 6.67 4.19 -61.50
N LEU C 239 7.15 5.41 -61.74
CA LEU C 239 6.29 6.49 -62.29
C LEU C 239 6.00 6.22 -63.78
N ALA C 240 4.96 6.85 -64.32
CA ALA C 240 4.60 6.68 -65.75
C ALA C 240 4.07 8.00 -66.31
N SER C 251 11.28 3.90 -78.80
CA SER C 251 11.05 4.86 -77.73
C SER C 251 11.19 4.20 -76.36
N SER C 252 11.75 2.99 -76.34
CA SER C 252 11.94 2.27 -75.09
C SER C 252 12.88 3.02 -74.16
N SER C 253 13.94 3.61 -74.70
CA SER C 253 14.89 4.41 -73.95
C SER C 253 14.87 5.84 -74.48
N GLY C 254 14.75 6.81 -73.58
CA GLY C 254 14.73 8.23 -74.00
C GLY C 254 13.35 8.85 -73.83
N TRP C 255 13.05 9.35 -72.62
CA TRP C 255 11.76 10.03 -72.38
C TRP C 255 12.01 11.50 -71.99
N THR C 256 11.30 12.44 -72.62
CA THR C 256 11.44 13.87 -72.27
C THR C 256 10.50 14.20 -71.10
N ALA C 257 11.02 14.84 -70.05
CA ALA C 257 10.20 15.17 -68.90
C ALA C 257 10.35 16.64 -68.54
N GLY C 258 9.51 17.09 -67.61
CA GLY C 258 9.52 18.44 -67.13
C GLY C 258 9.98 18.55 -65.70
N ALA C 259 9.67 19.69 -65.09
CA ALA C 259 10.06 19.93 -63.70
C ALA C 259 9.34 18.97 -62.76
N ALA C 260 10.02 18.59 -61.70
CA ALA C 260 9.47 17.69 -60.69
C ALA C 260 10.30 17.84 -59.43
N ALA C 261 9.63 18.06 -58.30
CA ALA C 261 10.29 18.28 -57.03
C ALA C 261 9.72 17.33 -55.99
N TYR C 262 10.59 16.61 -55.28
CA TYR C 262 10.13 15.72 -54.23
C TYR C 262 11.12 15.72 -53.07
N TYR C 263 10.67 15.18 -51.94
CA TYR C 263 11.41 15.23 -50.69
C TYR C 263 11.40 13.84 -50.05
N VAL C 264 12.52 13.49 -49.41
CA VAL C 264 12.64 12.21 -48.73
C VAL C 264 13.21 12.45 -47.33
N GLY C 265 12.64 11.77 -46.34
CA GLY C 265 13.09 11.91 -44.97
C GLY C 265 12.94 10.60 -44.22
N TYR C 266 13.67 10.50 -43.11
CA TYR C 266 13.73 9.29 -42.31
C TYR C 266 13.07 9.51 -40.95
N LEU C 267 12.53 8.43 -40.39
CA LEU C 267 11.85 8.47 -39.11
C LEU C 267 12.72 7.83 -38.03
N GLN C 268 12.37 8.13 -36.77
CA GLN C 268 13.04 7.53 -35.63
C GLN C 268 12.12 7.67 -34.42
N PRO C 269 12.33 6.87 -33.37
CA PRO C 269 11.45 6.94 -32.21
C PRO C 269 11.59 8.26 -31.47
N ARG C 270 10.46 8.81 -31.06
CA ARG C 270 10.40 10.08 -30.33
C ARG C 270 9.14 10.07 -29.46
N THR C 271 9.00 11.12 -28.66
CA THR C 271 7.83 11.34 -27.82
C THR C 271 7.25 12.70 -28.16
N PHE C 272 5.98 12.73 -28.57
CA PHE C 272 5.31 13.96 -28.96
C PHE C 272 4.11 14.21 -28.06
N LEU C 273 3.61 15.45 -28.12
CA LEU C 273 2.36 15.82 -27.48
C LEU C 273 1.46 16.46 -28.53
N LEU C 274 0.18 16.11 -28.50
CA LEU C 274 -0.79 16.51 -29.50
C LEU C 274 -1.93 17.27 -28.85
N LYS C 275 -2.35 18.35 -29.51
CA LYS C 275 -3.44 19.20 -29.06
C LYS C 275 -4.67 18.90 -29.90
N TYR C 276 -5.78 18.56 -29.24
CA TYR C 276 -7.04 18.26 -29.91
C TYR C 276 -8.02 19.40 -29.70
N ASN C 277 -8.90 19.59 -30.68
CA ASN C 277 -9.94 20.60 -30.61
C ASN C 277 -11.30 19.93 -30.42
N GLU C 278 -12.30 20.75 -30.09
CA GLU C 278 -13.65 20.23 -29.92
C GLU C 278 -14.22 19.70 -31.24
N ASN C 279 -13.68 20.14 -32.37
CA ASN C 279 -14.13 19.63 -33.66
C ASN C 279 -13.66 18.20 -33.92
N GLY C 280 -12.71 17.69 -33.13
CA GLY C 280 -12.27 16.32 -33.25
C GLY C 280 -11.08 16.07 -34.13
N THR C 281 -10.31 17.09 -34.50
CA THR C 281 -9.17 16.94 -35.37
C THR C 281 -7.93 17.53 -34.72
N ILE C 282 -6.77 16.99 -35.09
CA ILE C 282 -5.50 17.48 -34.57
C ILE C 282 -5.21 18.86 -35.14
N THR C 283 -4.88 19.80 -34.27
CA THR C 283 -4.59 21.16 -34.68
C THR C 283 -3.17 21.62 -34.38
N ASP C 284 -2.47 20.97 -33.44
CA ASP C 284 -1.12 21.38 -33.10
C ASP C 284 -0.39 20.21 -32.45
N ALA C 285 0.94 20.28 -32.49
CA ALA C 285 1.78 19.27 -31.88
C ALA C 285 3.06 19.93 -31.39
N VAL C 286 3.70 19.28 -30.43
CA VAL C 286 4.94 19.79 -29.85
C VAL C 286 5.87 18.62 -29.53
N ASP C 287 7.16 18.81 -29.80
CA ASP C 287 8.17 17.83 -29.50
C ASP C 287 8.55 17.88 -28.02
N CYS C 288 9.14 16.80 -27.53
CA CYS C 288 9.56 16.70 -26.15
C CYS C 288 11.06 16.49 -25.99
N ALA C 289 11.80 16.37 -27.10
CA ALA C 289 13.25 16.14 -27.02
C ALA C 289 14.00 17.00 -28.03
N LEU C 290 13.49 18.19 -28.34
CA LEU C 290 14.13 19.09 -29.29
C LEU C 290 14.92 20.19 -28.59
N ASP C 291 14.27 20.97 -27.73
CA ASP C 291 14.88 22.10 -27.06
C ASP C 291 14.48 22.05 -25.59
N PRO C 292 15.27 22.68 -24.71
CA PRO C 292 14.87 22.73 -23.29
C PRO C 292 13.52 23.36 -23.07
N LEU C 293 13.15 24.36 -23.87
CA LEU C 293 11.81 24.92 -23.78
C LEU C 293 10.76 23.88 -24.13
N SER C 294 11.00 23.10 -25.18
CA SER C 294 10.09 22.00 -25.50
C SER C 294 10.10 20.95 -24.38
N GLU C 295 11.26 20.73 -23.76
CA GLU C 295 11.34 19.78 -22.66
C GLU C 295 10.44 20.20 -21.51
N THR C 296 10.50 21.48 -21.10
CA THR C 296 9.66 21.92 -20.00
C THR C 296 8.20 22.02 -20.41
N LYS C 297 7.92 22.30 -21.69
CA LYS C 297 6.55 22.26 -22.18
C LYS C 297 5.97 20.86 -22.05
N CYS C 298 6.75 19.84 -22.41
CA CYS C 298 6.31 18.46 -22.24
C CYS C 298 6.16 18.11 -20.76
N THR C 299 7.08 18.59 -19.93
CA THR C 299 7.03 18.27 -18.51
C THR C 299 5.78 18.84 -17.85
N LEU C 300 5.43 20.08 -18.18
CA LEU C 300 4.29 20.73 -17.55
C LEU C 300 2.96 20.39 -18.19
N LYS C 301 2.96 19.61 -19.28
CA LYS C 301 1.74 19.22 -19.99
C LYS C 301 0.92 20.44 -20.40
N SER C 302 1.61 21.52 -20.79
CA SER C 302 0.95 22.73 -21.23
C SER C 302 1.75 23.36 -22.36
N PHE C 303 1.05 24.07 -23.25
CA PHE C 303 1.69 24.72 -24.38
C PHE C 303 2.26 26.08 -24.03
N THR C 304 1.92 26.64 -22.88
CA THR C 304 2.44 27.93 -22.44
C THR C 304 2.92 27.82 -21.01
N VAL C 305 4.11 28.34 -20.74
CA VAL C 305 4.69 28.34 -19.41
C VAL C 305 4.76 29.79 -18.92
N GLU C 306 5.01 29.95 -17.62
CA GLU C 306 5.11 31.26 -17.00
C GLU C 306 6.53 31.45 -16.47
N LYS C 307 6.89 32.72 -16.28
CA LYS C 307 8.24 33.08 -15.85
C LYS C 307 8.57 32.41 -14.53
N GLY C 308 9.72 31.76 -14.47
CA GLY C 308 10.15 31.07 -13.27
C GLY C 308 11.07 29.92 -13.61
N ILE C 309 11.58 29.29 -12.56
CA ILE C 309 12.46 28.14 -12.68
C ILE C 309 11.62 26.86 -12.67
N TYR C 310 12.08 25.86 -13.41
CA TYR C 310 11.38 24.58 -13.47
C TYR C 310 12.41 23.46 -13.54
N GLN C 311 11.99 22.28 -13.13
CA GLN C 311 12.81 21.08 -13.25
C GLN C 311 12.45 20.31 -14.51
N THR C 312 13.40 19.52 -14.99
CA THR C 312 13.23 18.74 -16.22
C THR C 312 13.82 17.35 -15.97
N SER C 313 14.04 16.61 -17.05
CA SER C 313 14.66 15.30 -16.94
C SER C 313 16.07 15.44 -16.36
N ASN C 314 16.64 14.31 -15.95
CA ASN C 314 17.91 14.30 -15.26
C ASN C 314 19.06 14.03 -16.23
N PHE C 315 20.27 14.19 -15.70
CA PHE C 315 21.47 14.04 -16.50
C PHE C 315 22.01 12.63 -16.37
N ARG C 316 22.56 12.12 -17.46
CA ARG C 316 23.11 10.76 -17.47
C ARG C 316 24.15 10.66 -18.57
N VAL C 317 25.03 9.66 -18.43
CA VAL C 317 26.04 9.35 -19.44
C VAL C 317 25.87 7.90 -19.85
N GLN C 318 25.71 7.66 -21.15
CA GLN C 318 25.53 6.30 -21.64
C GLN C 318 26.86 5.55 -21.64
N PRO C 319 26.83 4.23 -21.45
CA PRO C 319 28.06 3.43 -21.56
C PRO C 319 28.56 3.38 -22.99
N THR C 320 29.86 3.12 -23.13
CA THR C 320 30.53 3.12 -24.42
C THR C 320 30.60 1.74 -25.07
N GLU C 321 31.06 0.75 -24.30
CA GLU C 321 31.20 -0.63 -24.81
C GLU C 321 30.78 -1.62 -23.71
N SER C 322 31.24 -2.87 -23.80
CA SER C 322 30.90 -3.90 -22.78
C SER C 322 32.09 -4.84 -22.58
N ILE C 323 32.23 -5.42 -21.39
CA ILE C 323 33.35 -6.37 -21.11
C ILE C 323 32.81 -7.57 -20.33
N VAL C 324 33.46 -8.74 -20.47
CA VAL C 324 33.03 -9.96 -19.74
C VAL C 324 34.26 -10.85 -19.50
N ARG C 325 34.30 -11.56 -18.37
CA ARG C 325 35.46 -12.42 -18.02
C ARG C 325 34.97 -13.79 -17.55
N PHE C 326 35.53 -14.87 -18.09
CA PHE C 326 35.14 -16.24 -17.67
C PHE C 326 36.40 -17.06 -17.36
N PRO C 327 36.44 -17.78 -16.21
CA PRO C 327 37.60 -18.63 -15.88
C PRO C 327 37.87 -19.63 -16.99
N ASN C 328 39.13 -19.72 -17.45
CA ASN C 328 39.49 -20.65 -18.55
C ASN C 328 39.63 -22.06 -17.98
N ILE C 329 38.71 -22.96 -18.33
CA ILE C 329 38.77 -24.34 -17.84
C ILE C 329 38.60 -25.32 -18.99
N THR C 330 37.48 -25.24 -19.72
CA THR C 330 37.27 -25.98 -20.96
C THR C 330 37.53 -27.47 -20.79
N ASN C 331 36.67 -28.11 -19.98
CA ASN C 331 36.82 -29.54 -19.71
C ASN C 331 35.60 -30.38 -20.08
N LEU C 332 34.48 -29.76 -20.48
CA LEU C 332 33.37 -30.46 -21.13
C LEU C 332 32.80 -31.58 -20.24
N CYS C 333 32.13 -31.14 -19.16
CA CYS C 333 31.49 -31.99 -18.16
C CYS C 333 30.80 -33.20 -18.80
N PRO C 334 30.95 -34.39 -18.22
CA PRO C 334 30.37 -35.62 -18.81
C PRO C 334 28.93 -35.87 -18.35
N PHE C 335 28.01 -35.03 -18.81
CA PHE C 335 26.59 -35.28 -18.55
C PHE C 335 26.10 -36.52 -19.28
N ASP C 336 26.48 -36.67 -20.55
CA ASP C 336 26.04 -37.82 -21.33
C ASP C 336 26.52 -39.13 -20.72
N GLU C 337 27.69 -39.10 -20.06
CA GLU C 337 28.14 -40.27 -19.32
C GLU C 337 27.18 -40.62 -18.20
N VAL C 338 26.71 -39.61 -17.47
CA VAL C 338 25.78 -39.83 -16.37
C VAL C 338 24.42 -40.27 -16.89
N PHE C 339 23.91 -39.56 -17.90
CA PHE C 339 22.58 -39.86 -18.41
C PHE C 339 22.52 -41.24 -19.07
N ASN C 340 23.55 -41.60 -19.82
CA ASN C 340 23.60 -42.88 -20.51
C ASN C 340 24.24 -43.99 -19.68
N ALA C 341 24.17 -43.87 -18.35
CA ALA C 341 24.72 -44.91 -17.49
C ALA C 341 23.95 -46.21 -17.67
N THR C 342 24.68 -47.32 -17.57
CA THR C 342 24.06 -48.63 -17.81
C THR C 342 23.08 -48.99 -16.69
N ARG C 343 23.44 -48.72 -15.44
CA ARG C 343 22.65 -49.12 -14.29
C ARG C 343 22.29 -47.91 -13.43
N PHE C 344 21.05 -47.87 -12.98
CA PHE C 344 20.57 -46.86 -12.04
C PHE C 344 20.16 -47.55 -10.75
N ALA C 345 20.63 -47.01 -9.62
CA ALA C 345 20.41 -47.63 -8.32
C ALA C 345 18.96 -47.45 -7.89
N SER C 346 18.62 -48.12 -6.78
CA SER C 346 17.27 -48.09 -6.25
C SER C 346 16.96 -46.70 -5.67
N VAL C 347 15.71 -46.53 -5.22
CA VAL C 347 15.27 -45.25 -4.70
C VAL C 347 16.00 -44.91 -3.41
N TYR C 348 16.05 -45.87 -2.47
CA TYR C 348 16.68 -45.62 -1.18
C TYR C 348 18.20 -45.55 -1.26
N ALA C 349 18.79 -45.91 -2.40
CA ALA C 349 20.24 -45.92 -2.58
C ALA C 349 20.64 -45.00 -3.72
N TRP C 350 20.07 -43.80 -3.75
CA TRP C 350 20.38 -42.83 -4.81
C TRP C 350 21.87 -42.49 -4.80
N ASN C 351 22.47 -42.46 -5.98
CA ASN C 351 23.90 -42.23 -6.11
C ASN C 351 24.16 -40.74 -6.30
N ARG C 352 25.12 -40.22 -5.53
CA ARG C 352 25.51 -38.82 -5.59
C ARG C 352 26.79 -38.68 -6.39
N LYS C 353 26.80 -37.71 -7.31
CA LYS C 353 27.90 -37.54 -8.25
C LYS C 353 28.48 -36.14 -8.14
N ARG C 354 29.78 -36.05 -8.41
CA ARG C 354 30.53 -34.80 -8.29
C ARG C 354 30.86 -34.25 -9.67
N ILE C 355 30.63 -32.96 -9.86
CA ILE C 355 31.01 -32.26 -11.08
C ILE C 355 31.79 -31.01 -10.69
N SER C 356 32.97 -30.83 -11.29
CA SER C 356 33.82 -29.69 -10.94
C SER C 356 34.77 -29.38 -12.08
N ASN C 357 35.00 -28.08 -12.30
CA ASN C 357 36.01 -27.58 -13.23
C ASN C 357 35.82 -28.13 -14.64
N CYS C 358 34.67 -27.80 -15.22
CA CYS C 358 34.40 -28.18 -16.61
C CYS C 358 33.31 -27.25 -17.15
N VAL C 359 33.25 -27.19 -18.49
CA VAL C 359 32.30 -26.31 -19.17
C VAL C 359 31.06 -27.12 -19.52
N ALA C 360 29.89 -26.62 -19.13
CA ALA C 360 28.64 -27.35 -19.24
C ALA C 360 27.80 -26.77 -20.37
N ASP C 361 27.38 -27.63 -21.28
CA ASP C 361 26.42 -27.28 -22.33
C ASP C 361 25.15 -28.09 -22.11
N TYR C 362 24.02 -27.40 -21.99
CA TYR C 362 22.75 -28.07 -21.74
C TYR C 362 21.96 -28.34 -23.01
N SER C 363 22.47 -27.93 -24.18
CA SER C 363 21.79 -28.23 -25.43
C SER C 363 21.78 -29.73 -25.70
N VAL C 364 22.88 -30.42 -25.40
CA VAL C 364 22.96 -31.86 -25.61
C VAL C 364 21.95 -32.59 -24.73
N LEU C 365 21.58 -32.00 -23.60
CA LEU C 365 20.52 -32.58 -22.77
C LEU C 365 19.18 -32.53 -23.49
N TYR C 366 18.91 -31.44 -24.21
CA TYR C 366 17.62 -31.25 -24.87
C TYR C 366 17.43 -32.18 -26.07
N ASN C 367 18.50 -32.77 -26.59
CA ASN C 367 18.40 -33.53 -27.83
C ASN C 367 17.50 -34.75 -27.70
N LEU C 368 17.57 -35.44 -26.57
CA LEU C 368 16.84 -36.69 -26.41
C LEU C 368 15.34 -36.43 -26.33
N ALA C 369 14.58 -37.21 -27.10
CA ALA C 369 13.14 -36.96 -27.22
C ALA C 369 12.35 -37.12 -25.93
N PRO C 370 12.47 -38.23 -25.16
CA PRO C 370 11.46 -38.49 -24.12
C PRO C 370 11.60 -37.63 -22.88
N PHE C 371 12.41 -36.58 -22.92
CA PHE C 371 12.48 -35.62 -21.81
C PHE C 371 11.27 -34.69 -21.83
N PHE C 372 10.09 -35.29 -21.67
CA PHE C 372 8.84 -34.55 -21.67
C PHE C 372 8.50 -33.95 -20.31
N THR C 373 9.27 -34.27 -19.27
CA THR C 373 9.08 -33.71 -17.93
C THR C 373 10.35 -32.91 -17.61
N PHE C 374 10.31 -31.61 -17.89
CA PHE C 374 11.47 -30.75 -17.70
C PHE C 374 10.98 -29.37 -17.27
N LYS C 375 10.93 -29.15 -15.96
CA LYS C 375 10.51 -27.88 -15.39
C LYS C 375 11.45 -27.53 -14.24
N CYS C 376 11.83 -26.25 -14.14
CA CYS C 376 12.77 -25.81 -13.13
C CYS C 376 12.20 -24.63 -12.35
N TYR C 377 12.62 -24.53 -11.08
CA TYR C 377 12.06 -23.57 -10.14
C TYR C 377 12.93 -22.32 -10.01
N GLY C 378 14.19 -22.48 -9.62
CA GLY C 378 15.05 -21.35 -9.33
C GLY C 378 15.51 -20.57 -10.54
N VAL C 379 15.57 -21.22 -11.71
CA VAL C 379 16.03 -20.58 -12.94
C VAL C 379 15.12 -20.99 -14.09
N SER C 380 15.08 -20.15 -15.11
CA SER C 380 14.35 -20.49 -16.33
C SER C 380 15.14 -21.50 -17.13
N PRO C 381 14.51 -22.56 -17.63
CA PRO C 381 15.26 -23.62 -18.32
C PRO C 381 16.04 -23.13 -19.54
N THR C 382 15.60 -22.07 -20.19
CA THR C 382 16.23 -21.58 -21.40
C THR C 382 17.41 -20.65 -21.15
N LYS C 383 17.72 -20.36 -19.89
CA LYS C 383 18.81 -19.45 -19.55
C LYS C 383 19.95 -20.15 -18.80
N LEU C 384 20.06 -21.47 -18.93
CA LEU C 384 21.12 -22.20 -18.25
C LEU C 384 22.47 -22.08 -18.97
N ASN C 385 22.51 -21.50 -20.16
CA ASN C 385 23.74 -21.46 -20.96
C ASN C 385 24.59 -20.22 -20.71
N ASP C 386 24.16 -19.33 -19.82
CA ASP C 386 24.94 -18.13 -19.51
C ASP C 386 24.97 -17.88 -18.02
N LEU C 387 25.17 -18.93 -17.24
CA LEU C 387 25.27 -18.81 -15.79
C LEU C 387 26.41 -19.68 -15.28
N CYS C 388 26.92 -19.33 -14.11
CA CYS C 388 28.01 -20.05 -13.47
C CYS C 388 27.59 -20.49 -12.08
N PHE C 389 28.07 -21.66 -11.67
CA PHE C 389 27.70 -22.25 -10.39
C PHE C 389 28.95 -22.52 -9.57
N THR C 390 28.73 -22.93 -8.33
CA THR C 390 29.83 -23.27 -7.42
C THR C 390 29.88 -24.74 -7.04
N ASN C 391 28.75 -25.45 -7.07
CA ASN C 391 28.73 -26.88 -6.81
C ASN C 391 27.51 -27.47 -7.47
N VAL C 392 27.67 -28.64 -8.09
CA VAL C 392 26.61 -29.30 -8.83
C VAL C 392 26.47 -30.73 -8.32
N TYR C 393 25.23 -31.22 -8.30
CA TYR C 393 24.94 -32.56 -7.85
C TYR C 393 23.98 -33.23 -8.81
N ALA C 394 24.23 -34.51 -9.10
CA ALA C 394 23.38 -35.32 -9.95
C ALA C 394 23.01 -36.59 -9.20
N ASP C 395 21.72 -36.90 -9.15
CA ASP C 395 21.21 -38.09 -8.49
C ASP C 395 20.31 -38.85 -9.46
N SER C 396 20.44 -40.17 -9.49
CA SER C 396 19.71 -41.01 -10.42
C SER C 396 19.09 -42.19 -9.69
N PHE C 397 17.88 -42.55 -10.11
CA PHE C 397 17.17 -43.73 -9.62
C PHE C 397 15.96 -43.95 -10.53
N VAL C 398 15.17 -44.98 -10.24
CA VAL C 398 13.99 -45.32 -11.03
C VAL C 398 12.82 -45.56 -10.10
N ILE C 399 11.66 -45.04 -10.48
CA ILE C 399 10.42 -45.15 -9.70
C ILE C 399 9.28 -45.51 -10.64
N ARG C 400 8.08 -45.65 -10.08
CA ARG C 400 6.89 -45.89 -10.88
C ARG C 400 6.52 -44.65 -11.68
N GLY C 401 5.67 -44.87 -12.69
CA GLY C 401 5.21 -43.76 -13.51
C GLY C 401 4.31 -42.79 -12.77
N ASP C 402 3.47 -43.29 -11.87
CA ASP C 402 2.50 -42.43 -11.18
C ASP C 402 3.09 -41.70 -9.99
N GLU C 403 4.33 -42.00 -9.60
CA GLU C 403 4.96 -41.36 -8.45
C GLU C 403 5.99 -40.30 -8.87
N VAL C 404 6.10 -40.00 -10.16
CA VAL C 404 7.00 -38.95 -10.61
C VAL C 404 6.52 -37.59 -10.14
N ARG C 405 5.20 -37.37 -10.17
CA ARG C 405 4.64 -36.13 -9.68
C ARG C 405 4.98 -35.90 -8.22
N GLN C 406 5.17 -36.97 -7.45
CA GLN C 406 5.49 -36.86 -6.03
C GLN C 406 6.89 -36.31 -5.79
N ILE C 407 7.74 -36.28 -6.81
CA ILE C 407 9.14 -35.88 -6.62
C ILE C 407 9.24 -34.41 -6.24
N ALA C 408 8.35 -33.58 -6.79
CA ALA C 408 8.44 -32.14 -6.57
C ALA C 408 8.33 -31.81 -5.08
N PRO C 409 9.00 -30.75 -4.63
CA PRO C 409 8.98 -30.42 -3.19
C PRO C 409 7.59 -30.05 -2.71
N GLY C 410 7.30 -30.43 -1.47
CA GLY C 410 6.05 -30.04 -0.84
C GLY C 410 5.03 -31.15 -0.70
N GLN C 411 4.94 -32.01 -1.71
CA GLN C 411 3.92 -33.05 -1.71
C GLN C 411 4.22 -34.10 -0.64
N THR C 412 3.16 -34.56 0.03
CA THR C 412 3.25 -35.57 1.06
C THR C 412 2.81 -36.92 0.50
N GLY C 413 3.50 -37.97 0.89
CA GLY C 413 3.17 -39.30 0.40
C GLY C 413 4.18 -40.32 0.91
N ASN C 414 4.19 -41.47 0.23
CA ASN C 414 5.06 -42.56 0.63
C ASN C 414 6.51 -42.30 0.20
N ILE C 415 6.73 -42.15 -1.11
CA ILE C 415 8.10 -42.02 -1.61
C ILE C 415 8.71 -40.69 -1.20
N ALA C 416 7.89 -39.66 -0.99
CA ALA C 416 8.40 -38.32 -0.67
C ALA C 416 8.56 -38.09 0.82
N ASP C 417 8.25 -39.06 1.66
CA ASP C 417 8.42 -38.92 3.10
C ASP C 417 9.25 -40.04 3.71
N TYR C 418 9.48 -41.13 3.00
CA TYR C 418 10.18 -42.28 3.56
C TYR C 418 11.50 -42.61 2.85
N ASN C 419 11.66 -42.21 1.59
CA ASN C 419 12.82 -42.61 0.80
C ASN C 419 13.69 -41.45 0.38
N TYR C 420 13.13 -40.43 -0.26
CA TYR C 420 13.93 -39.33 -0.78
C TYR C 420 13.02 -38.12 -1.00
N LYS C 421 13.46 -36.97 -0.49
CA LYS C 421 12.67 -35.75 -0.61
C LYS C 421 13.59 -34.56 -0.72
N LEU C 422 13.03 -33.43 -1.16
CA LEU C 422 13.76 -32.20 -1.38
C LEU C 422 13.33 -31.13 -0.38
N PRO C 423 14.21 -30.20 -0.03
CA PRO C 423 13.82 -29.10 0.87
C PRO C 423 12.85 -28.14 0.20
N ASP C 424 12.15 -27.39 1.04
CA ASP C 424 11.13 -26.46 0.53
C ASP C 424 11.76 -25.35 -0.31
N ASP C 425 12.97 -24.94 0.01
CA ASP C 425 13.68 -23.88 -0.71
C ASP C 425 14.68 -24.44 -1.70
N PHE C 426 14.36 -25.58 -2.31
CA PHE C 426 15.27 -26.25 -3.23
C PHE C 426 15.48 -25.42 -4.48
N THR C 427 16.72 -25.45 -4.99
CA THR C 427 17.09 -24.77 -6.22
C THR C 427 17.69 -25.80 -7.17
N GLY C 428 17.21 -25.80 -8.42
CA GLY C 428 17.52 -26.81 -9.41
C GLY C 428 16.24 -27.36 -9.97
N CYS C 429 16.32 -28.56 -10.56
CA CYS C 429 15.13 -29.18 -11.13
C CYS C 429 15.42 -30.65 -11.44
N VAL C 430 14.38 -31.33 -11.94
CA VAL C 430 14.40 -32.76 -12.18
C VAL C 430 14.16 -33.02 -13.66
N ILE C 431 14.61 -34.18 -14.13
CA ILE C 431 14.35 -34.66 -15.48
C ILE C 431 13.97 -36.13 -15.39
N ALA C 432 12.94 -36.53 -16.13
CA ALA C 432 12.49 -37.91 -16.14
C ALA C 432 12.08 -38.31 -17.55
N TRP C 433 12.20 -39.60 -17.85
CA TRP C 433 11.82 -40.12 -19.16
C TRP C 433 11.54 -41.61 -19.04
N ASN C 434 10.79 -42.12 -20.01
CA ASN C 434 10.41 -43.52 -20.00
C ASN C 434 11.58 -44.43 -20.34
N SER C 435 11.65 -45.57 -19.65
CA SER C 435 12.73 -46.53 -19.89
C SER C 435 12.20 -47.97 -19.86
N ASN C 436 10.94 -48.18 -20.26
CA ASN C 436 10.40 -49.53 -20.26
C ASN C 436 11.09 -50.41 -21.30
N LYS C 437 11.63 -49.81 -22.36
CA LYS C 437 12.37 -50.60 -23.35
C LYS C 437 13.64 -51.19 -22.75
N LEU C 438 14.21 -50.54 -21.74
CA LEU C 438 15.46 -50.98 -21.13
C LEU C 438 15.24 -51.74 -19.83
N ASP C 439 14.55 -51.12 -18.86
CA ASP C 439 14.44 -51.72 -17.54
C ASP C 439 13.36 -52.78 -17.47
N SER C 440 12.20 -52.52 -18.08
CA SER C 440 11.10 -53.47 -18.01
C SER C 440 11.44 -54.74 -18.77
N LYS C 441 11.01 -55.88 -18.24
CA LYS C 441 11.32 -57.18 -18.80
C LYS C 441 10.05 -58.01 -18.93
N VAL C 442 10.02 -58.86 -19.97
CA VAL C 442 8.89 -59.77 -20.13
C VAL C 442 8.83 -60.75 -18.98
N SER C 443 9.99 -61.30 -18.57
CA SER C 443 10.04 -62.17 -17.41
C SER C 443 9.98 -61.44 -16.09
N GLY C 444 10.32 -60.16 -16.08
CA GLY C 444 10.25 -59.36 -14.86
C GLY C 444 11.59 -59.07 -14.23
N ASN C 445 11.95 -57.79 -14.17
CA ASN C 445 13.16 -57.35 -13.49
C ASN C 445 12.81 -57.03 -12.04
N TYR C 446 13.42 -57.78 -11.11
CA TYR C 446 13.07 -57.70 -9.69
C TYR C 446 14.27 -57.33 -8.85
N ASN C 447 15.00 -56.30 -9.26
CA ASN C 447 16.14 -55.79 -8.50
C ASN C 447 15.91 -54.38 -7.99
N TYR C 448 14.66 -53.90 -8.02
CA TYR C 448 14.31 -52.56 -7.59
C TYR C 448 13.39 -52.66 -6.38
N LEU C 449 13.80 -52.06 -5.27
CA LEU C 449 13.05 -52.12 -4.03
C LEU C 449 12.88 -50.71 -3.47
N TYR C 450 12.18 -50.62 -2.33
CA TYR C 450 11.83 -49.34 -1.73
C TYR C 450 11.22 -49.63 -0.36
N ARG C 451 11.09 -48.59 0.46
CA ARG C 451 10.61 -48.73 1.82
C ARG C 451 9.14 -48.37 1.94
N LEU C 452 8.43 -49.10 2.79
CA LEU C 452 7.05 -48.80 3.14
C LEU C 452 6.87 -48.40 4.60
N PHE C 453 7.69 -48.96 5.49
CA PHE C 453 7.54 -48.77 6.92
C PHE C 453 8.80 -48.14 7.49
N ARG C 454 8.61 -47.15 8.37
CA ARG C 454 9.72 -46.52 9.06
C ARG C 454 9.20 -45.94 10.36
N LYS C 455 10.12 -45.69 11.29
CA LYS C 455 9.73 -45.14 12.59
C LYS C 455 9.10 -43.76 12.43
N SER C 456 9.68 -42.92 11.57
CA SER C 456 9.15 -41.59 11.31
C SER C 456 9.72 -41.10 9.98
N ASN C 457 9.12 -40.03 9.46
CA ASN C 457 9.64 -39.40 8.26
C ASN C 457 11.01 -38.79 8.54
N LEU C 458 11.74 -38.52 7.46
CA LEU C 458 13.11 -38.08 7.54
C LEU C 458 13.30 -36.80 6.73
N LYS C 459 14.24 -35.97 7.21
CA LYS C 459 14.52 -34.69 6.57
C LYS C 459 15.15 -34.92 5.21
N PRO C 460 15.13 -33.92 4.32
CA PRO C 460 15.69 -34.13 2.98
C PRO C 460 17.20 -34.36 3.02
N PHE C 461 17.67 -35.13 2.03
CA PHE C 461 19.08 -35.22 1.66
C PHE C 461 19.94 -36.05 2.62
N GLU C 462 19.43 -37.16 3.14
CA GLU C 462 20.28 -38.18 3.75
C GLU C 462 19.79 -39.57 3.35
N ARG C 463 20.48 -40.59 3.85
CA ARG C 463 20.28 -41.97 3.45
C ARG C 463 19.59 -42.76 4.55
N ASP C 464 19.13 -43.96 4.19
CA ASP C 464 18.57 -44.91 5.16
C ASP C 464 18.79 -46.31 4.62
N ILE C 465 19.80 -46.99 5.14
CA ILE C 465 20.23 -48.29 4.62
C ILE C 465 19.78 -49.44 5.51
N SER C 466 19.72 -49.23 6.82
CA SER C 466 19.41 -50.31 7.75
C SER C 466 18.05 -50.93 7.42
N THR C 467 18.03 -52.27 7.37
CA THR C 467 16.84 -53.01 6.97
C THR C 467 16.25 -53.82 8.12
N GLU C 468 16.38 -53.31 9.34
CA GLU C 468 15.74 -53.96 10.48
C GLU C 468 14.22 -53.86 10.34
N ILE C 469 13.53 -54.97 10.67
CA ILE C 469 12.09 -55.03 10.47
C ILE C 469 11.40 -53.98 11.33
N TYR C 470 10.23 -53.53 10.86
CA TYR C 470 9.45 -52.51 11.53
C TYR C 470 8.24 -53.16 12.20
N GLN C 471 8.04 -52.83 13.47
CA GLN C 471 6.95 -53.38 14.27
C GLN C 471 5.96 -52.28 14.61
N ALA C 472 4.66 -52.62 14.58
CA ALA C 472 3.60 -51.69 14.92
C ALA C 472 2.91 -52.02 16.24
N GLY C 473 2.83 -53.29 16.60
CA GLY C 473 2.19 -53.67 17.85
C GLY C 473 3.12 -53.51 19.05
N ASN C 474 2.52 -53.64 20.24
CA ASN C 474 3.28 -53.52 21.47
C ASN C 474 4.13 -54.75 21.76
N LYS C 475 3.80 -55.89 21.18
CA LYS C 475 4.57 -57.11 21.41
C LYS C 475 5.96 -56.97 20.80
N PRO C 476 7.02 -57.26 21.56
CA PRO C 476 8.37 -57.13 20.99
C PRO C 476 8.67 -58.21 19.97
N CYS C 477 8.73 -57.83 18.70
CA CYS C 477 8.97 -58.78 17.61
C CYS C 477 10.48 -58.87 17.35
N ASN C 478 11.03 -60.06 17.55
CA ASN C 478 12.44 -60.32 17.32
C ASN C 478 12.60 -61.35 16.21
N GLY C 479 13.83 -61.48 15.72
CA GLY C 479 14.11 -62.47 14.70
C GLY C 479 13.62 -62.09 13.31
N VAL C 480 12.56 -62.77 12.86
CA VAL C 480 12.07 -62.62 11.50
C VAL C 480 10.63 -62.11 11.52
N ALA C 481 10.04 -61.96 10.34
CA ALA C 481 8.72 -61.36 10.22
C ALA C 481 7.67 -62.17 10.95
N GLY C 482 6.74 -61.47 11.59
CA GLY C 482 5.62 -62.08 12.28
C GLY C 482 4.42 -61.19 12.18
N PHE C 483 3.53 -61.28 13.16
CA PHE C 483 2.35 -60.41 13.18
C PHE C 483 2.70 -59.05 13.73
N ASN C 484 2.21 -58.00 13.05
CA ASN C 484 2.47 -56.61 13.41
C ASN C 484 3.96 -56.28 13.38
N CYS C 485 4.72 -57.02 12.57
CA CYS C 485 6.15 -56.73 12.39
C CYS C 485 6.54 -57.29 11.02
N TYR C 486 6.68 -56.42 10.03
CA TYR C 486 6.83 -56.82 8.64
C TYR C 486 8.19 -56.40 8.11
N PHE C 487 8.48 -56.81 6.87
CA PHE C 487 9.74 -56.44 6.24
C PHE C 487 9.60 -55.06 5.61
N PRO C 488 10.54 -54.14 5.89
CA PRO C 488 10.40 -52.78 5.36
C PRO C 488 10.53 -52.69 3.85
N LEU C 489 11.06 -53.72 3.18
CA LEU C 489 11.40 -53.65 1.77
C LEU C 489 10.40 -54.46 0.95
N ARG C 490 9.80 -53.81 -0.05
CA ARG C 490 9.02 -54.48 -1.08
C ARG C 490 9.65 -54.15 -2.44
N SER C 491 9.44 -55.04 -3.41
CA SER C 491 10.08 -54.94 -4.71
C SER C 491 9.09 -54.46 -5.77
N TYR C 492 9.63 -53.82 -6.80
CA TYR C 492 8.86 -53.41 -7.97
C TYR C 492 8.75 -54.54 -8.98
N SER C 493 7.61 -54.59 -9.65
CA SER C 493 7.38 -55.50 -10.78
C SER C 493 7.17 -54.64 -12.02
N PHE C 494 8.10 -54.77 -12.98
CA PHE C 494 8.10 -53.95 -14.20
C PHE C 494 7.81 -54.88 -15.38
N ARG C 495 6.53 -54.96 -15.76
CA ARG C 495 6.10 -55.81 -16.86
C ARG C 495 5.48 -54.97 -17.97
N PRO C 496 5.74 -55.30 -19.24
CA PRO C 496 5.14 -54.54 -20.34
C PRO C 496 3.62 -54.63 -20.38
N THR C 497 3.02 -55.64 -19.74
CA THR C 497 1.56 -55.76 -19.73
C THR C 497 0.90 -54.63 -18.96
N TYR C 498 1.64 -53.96 -18.07
CA TYR C 498 1.10 -52.82 -17.35
C TYR C 498 0.89 -51.64 -18.29
N GLY C 499 -0.09 -50.80 -17.96
CA GLY C 499 -0.37 -49.61 -18.72
C GLY C 499 0.55 -48.45 -18.36
N VAL C 500 0.26 -47.30 -18.95
CA VAL C 500 1.04 -46.11 -18.68
C VAL C 500 0.88 -45.70 -17.22
N GLY C 501 2.00 -45.33 -16.59
CA GLY C 501 2.02 -45.00 -15.19
C GLY C 501 2.61 -46.08 -14.30
N HIS C 502 2.86 -47.27 -14.84
CA HIS C 502 3.52 -48.34 -14.09
C HIS C 502 4.86 -48.75 -14.67
N GLN C 503 5.15 -48.41 -15.93
CA GLN C 503 6.44 -48.71 -16.49
C GLN C 503 7.52 -47.86 -15.82
N PRO C 504 8.76 -48.34 -15.78
CA PRO C 504 9.82 -47.59 -15.10
C PRO C 504 10.13 -46.29 -15.82
N TYR C 505 10.32 -45.22 -15.03
CA TYR C 505 10.82 -43.95 -15.54
C TYR C 505 12.15 -43.66 -14.86
N ARG C 506 13.18 -43.42 -15.67
CA ARG C 506 14.48 -43.01 -15.16
C ARG C 506 14.43 -41.51 -14.85
N VAL C 507 14.83 -41.15 -13.63
CA VAL C 507 14.70 -39.78 -13.15
C VAL C 507 16.06 -39.29 -12.65
N VAL C 508 16.38 -38.04 -12.97
CA VAL C 508 17.61 -37.40 -12.54
C VAL C 508 17.27 -36.01 -12.00
N VAL C 509 17.86 -35.66 -10.86
CA VAL C 509 17.63 -34.37 -10.22
C VAL C 509 18.96 -33.62 -10.15
N LEU C 510 18.91 -32.33 -10.43
CA LEU C 510 20.08 -31.46 -10.43
C LEU C 510 19.91 -30.39 -9.36
N SER C 511 20.95 -30.19 -8.56
CA SER C 511 20.95 -29.16 -7.53
C SER C 511 22.24 -28.36 -7.63
N PHE C 512 22.15 -27.06 -7.33
CA PHE C 512 23.29 -26.17 -7.48
C PHE C 512 23.00 -24.85 -6.77
N GLU C 513 24.04 -24.26 -6.21
CA GLU C 513 23.96 -22.95 -5.57
C GLU C 513 24.31 -21.87 -6.60
N LEU C 514 23.98 -20.62 -6.27
CA LEU C 514 24.10 -19.51 -7.22
C LEU C 514 24.83 -18.34 -6.59
N LEU C 515 26.05 -18.09 -7.07
CA LEU C 515 26.75 -16.81 -6.90
C LEU C 515 26.99 -16.46 -5.43
N HIS C 516 27.67 -17.38 -4.73
CA HIS C 516 28.13 -17.09 -3.38
C HIS C 516 29.50 -17.66 -3.09
N ALA C 517 30.26 -18.01 -4.12
CA ALA C 517 31.59 -18.60 -3.95
C ALA C 517 32.33 -18.49 -5.28
N PRO C 518 33.67 -18.64 -5.27
CA PRO C 518 34.40 -18.71 -6.54
C PRO C 518 33.85 -19.80 -7.46
N ALA C 519 33.34 -19.39 -8.62
CA ALA C 519 32.65 -20.34 -9.49
C ALA C 519 33.61 -21.40 -10.02
N THR C 520 33.14 -22.65 -10.01
CA THR C 520 33.89 -23.78 -10.53
C THR C 520 33.28 -24.39 -11.79
N VAL C 521 31.99 -24.16 -12.03
CA VAL C 521 31.31 -24.64 -13.22
C VAL C 521 30.72 -23.45 -13.95
N CYS C 522 30.98 -23.36 -15.26
CA CYS C 522 30.53 -22.22 -16.05
C CYS C 522 30.02 -22.71 -17.40
N GLY C 523 29.16 -21.89 -18.01
CA GLY C 523 28.58 -22.22 -19.29
C GLY C 523 29.46 -21.81 -20.45
N PRO C 524 29.03 -22.12 -21.68
CA PRO C 524 29.83 -21.79 -22.87
C PRO C 524 29.78 -20.29 -23.16
N LYS C 525 30.93 -19.64 -23.09
CA LYS C 525 31.03 -18.22 -23.35
C LYS C 525 32.49 -17.92 -23.67
N LYS C 526 32.77 -16.66 -24.02
CA LYS C 526 34.11 -16.24 -24.41
C LYS C 526 34.52 -15.03 -23.57
N SER C 527 35.84 -14.85 -23.44
CA SER C 527 36.38 -13.75 -22.66
C SER C 527 36.66 -12.55 -23.54
N THR C 528 37.01 -11.43 -22.91
CA THR C 528 37.32 -10.19 -23.60
C THR C 528 38.22 -9.34 -22.72
N ASN C 529 39.14 -8.62 -23.36
CA ASN C 529 40.08 -7.78 -22.63
C ASN C 529 39.34 -6.73 -21.80
N LEU C 530 39.76 -6.59 -20.54
CA LEU C 530 39.11 -5.66 -19.63
C LEU C 530 39.47 -4.22 -19.98
N VAL C 531 38.69 -3.30 -19.42
CA VAL C 531 38.86 -1.87 -19.67
C VAL C 531 38.95 -1.15 -18.32
N LYS C 532 39.84 -0.17 -18.24
CA LYS C 532 40.05 0.60 -17.02
C LYS C 532 39.62 2.05 -17.24
N ASN C 533 38.86 2.58 -16.28
CA ASN C 533 38.46 3.99 -16.27
C ASN C 533 37.66 4.35 -17.51
N LYS C 534 36.53 3.68 -17.67
CA LYS C 534 35.62 3.96 -18.78
C LYS C 534 34.25 3.37 -18.46
N CYS C 535 33.21 4.11 -18.79
CA CYS C 535 31.84 3.66 -18.58
C CYS C 535 31.54 2.53 -19.55
N VAL C 536 31.44 1.30 -19.03
CA VAL C 536 31.25 0.11 -19.85
C VAL C 536 30.07 -0.68 -19.29
N ASN C 537 29.75 -1.78 -19.96
CA ASN C 537 28.73 -2.72 -19.51
C ASN C 537 29.46 -4.01 -19.12
N PHE C 538 29.93 -4.06 -17.88
CA PHE C 538 30.70 -5.19 -17.41
C PHE C 538 29.79 -6.38 -17.12
N ASN C 539 30.36 -7.59 -17.29
CA ASN C 539 29.70 -8.84 -16.90
C ASN C 539 30.77 -9.70 -16.26
N PHE C 540 30.95 -9.54 -14.95
CA PHE C 540 31.95 -10.29 -14.21
C PHE C 540 31.28 -11.50 -13.59
N ASN C 541 31.35 -12.63 -14.29
CA ASN C 541 30.88 -13.92 -13.78
C ASN C 541 29.39 -13.89 -13.45
N GLY C 542 28.62 -13.11 -14.21
CA GLY C 542 27.18 -13.00 -14.02
C GLY C 542 26.70 -11.69 -13.45
N LEU C 543 27.61 -10.84 -12.97
CA LEU C 543 27.23 -9.57 -12.33
C LEU C 543 27.04 -8.51 -13.41
N LYS C 544 25.90 -8.55 -14.07
CA LYS C 544 25.56 -7.52 -15.04
C LYS C 544 25.40 -6.17 -14.34
N GLY C 545 25.92 -5.12 -14.97
CA GLY C 545 25.82 -3.80 -14.40
C GLY C 545 26.54 -2.79 -15.27
N THR C 546 26.52 -1.54 -14.82
CA THR C 546 27.15 -0.44 -15.53
C THR C 546 27.94 0.42 -14.54
N GLY C 547 29.13 0.82 -14.95
CA GLY C 547 29.97 1.64 -14.10
C GLY C 547 31.34 1.83 -14.71
N VAL C 548 32.23 2.41 -13.91
CA VAL C 548 33.62 2.64 -14.28
C VAL C 548 34.51 1.87 -13.32
N LEU C 549 35.49 1.16 -13.86
CA LEU C 549 36.34 0.29 -13.07
C LEU C 549 37.65 0.99 -12.73
N THR C 550 38.07 0.85 -11.47
CA THR C 550 39.30 1.45 -10.97
C THR C 550 40.06 0.43 -10.13
N GLU C 551 41.30 0.77 -9.81
CA GLU C 551 42.11 -0.05 -8.92
C GLU C 551 41.65 0.13 -7.48
N SER C 552 41.38 -0.98 -6.81
CA SER C 552 40.92 -0.96 -5.42
C SER C 552 42.03 -1.49 -4.52
N ASN C 553 42.32 -0.78 -3.45
CA ASN C 553 43.40 -1.13 -2.54
C ASN C 553 42.96 -2.04 -1.41
N LYS C 554 41.68 -2.41 -1.35
CA LYS C 554 41.22 -3.33 -0.32
C LYS C 554 41.68 -4.76 -0.63
N LYS C 555 41.99 -5.50 0.42
CA LYS C 555 42.52 -6.85 0.32
C LYS C 555 41.44 -7.85 0.69
N PHE C 556 40.95 -8.61 -0.27
CA PHE C 556 40.05 -9.71 0.03
C PHE C 556 40.78 -10.80 0.80
N LEU C 557 40.03 -11.52 1.63
CA LEU C 557 40.57 -12.66 2.32
C LEU C 557 40.75 -13.81 1.33
N PRO C 558 41.60 -14.80 1.66
CA PRO C 558 41.92 -15.86 0.69
C PRO C 558 40.73 -16.69 0.22
N PHE C 559 39.52 -16.38 0.72
CA PHE C 559 38.34 -17.15 0.32
C PHE C 559 37.25 -16.26 -0.25
N GLN C 560 37.15 -15.03 0.25
CA GLN C 560 36.07 -14.14 -0.18
C GLN C 560 36.26 -13.73 -1.64
N GLN C 561 35.15 -13.38 -2.28
CA GLN C 561 35.15 -13.00 -3.69
C GLN C 561 34.39 -11.71 -3.99
N PHE C 562 33.48 -11.27 -3.13
CA PHE C 562 32.65 -10.12 -3.41
C PHE C 562 32.70 -9.13 -2.26
N GLY C 563 32.58 -7.85 -2.58
CA GLY C 563 32.51 -6.79 -1.59
C GLY C 563 31.15 -6.13 -1.62
N ARG C 564 30.65 -5.74 -0.45
CA ARG C 564 29.33 -5.14 -0.32
C ARG C 564 29.39 -3.93 0.59
N ASP C 565 28.35 -3.11 0.52
CA ASP C 565 28.27 -1.89 1.31
C ASP C 565 26.98 -1.84 2.11
N ILE C 566 26.67 -0.68 2.70
CA ILE C 566 25.47 -0.53 3.53
C ILE C 566 24.22 -0.85 2.72
N ALA C 567 24.18 -0.41 1.46
CA ALA C 567 23.02 -0.65 0.61
C ALA C 567 22.88 -2.11 0.21
N ASP C 568 23.87 -2.96 0.52
CA ASP C 568 23.88 -4.37 0.14
C ASP C 568 23.85 -4.53 -1.38
N THR C 569 24.68 -3.74 -2.06
CA THR C 569 24.89 -3.85 -3.49
C THR C 569 26.37 -4.07 -3.76
N THR C 570 26.67 -4.94 -4.72
CA THR C 570 28.06 -5.31 -4.98
C THR C 570 28.84 -4.12 -5.53
N ASP C 571 30.01 -3.88 -4.94
CA ASP C 571 30.87 -2.79 -5.39
C ASP C 571 32.34 -3.19 -5.52
N ALA C 572 32.77 -4.33 -4.96
CA ALA C 572 34.15 -4.79 -5.05
C ALA C 572 34.14 -6.22 -5.56
N VAL C 573 34.88 -6.47 -6.64
CA VAL C 573 34.94 -7.79 -7.26
C VAL C 573 36.39 -8.13 -7.57
N ARG C 574 36.64 -9.42 -7.76
CA ARG C 574 37.95 -9.94 -8.11
C ARG C 574 37.87 -10.63 -9.46
N ASP C 575 38.77 -10.23 -10.37
CA ASP C 575 38.73 -10.77 -11.73
C ASP C 575 39.09 -12.26 -11.71
N PRO C 576 38.30 -13.11 -12.37
CA PRO C 576 38.59 -14.56 -12.34
C PRO C 576 39.87 -14.94 -13.07
N GLN C 577 40.01 -14.53 -14.34
CA GLN C 577 41.12 -15.00 -15.15
C GLN C 577 42.46 -14.50 -14.61
N THR C 578 42.53 -13.22 -14.25
CA THR C 578 43.74 -12.65 -13.64
C THR C 578 43.38 -12.13 -12.25
N LEU C 579 44.18 -12.51 -11.26
CA LEU C 579 43.83 -12.31 -9.86
C LEU C 579 44.23 -10.90 -9.44
N GLU C 580 43.25 -10.00 -9.40
CA GLU C 580 43.43 -8.67 -8.81
C GLU C 580 42.06 -8.14 -8.41
N ILE C 581 42.06 -7.13 -7.56
CA ILE C 581 40.85 -6.58 -6.97
C ILE C 581 40.50 -5.28 -7.68
N LEU C 582 39.24 -5.13 -8.06
CA LEU C 582 38.73 -3.93 -8.71
C LEU C 582 37.64 -3.30 -7.85
N ASP C 583 37.16 -2.14 -8.29
CA ASP C 583 36.08 -1.43 -7.62
C ASP C 583 35.05 -0.99 -8.65
N ILE C 584 33.79 -0.95 -8.24
CA ILE C 584 32.67 -0.61 -9.12
C ILE C 584 31.96 0.60 -8.54
N THR C 585 31.86 1.67 -9.35
CA THR C 585 31.12 2.87 -8.99
C THR C 585 30.37 3.34 -10.23
N PRO C 586 29.16 3.87 -10.08
CA PRO C 586 28.37 4.26 -11.25
C PRO C 586 28.92 5.50 -11.94
N CYS C 587 28.49 5.70 -13.18
CA CYS C 587 28.93 6.83 -13.97
C CYS C 587 28.37 8.14 -13.42
N SER C 588 28.90 9.24 -13.93
CA SER C 588 28.49 10.56 -13.47
C SER C 588 27.07 10.87 -13.94
N PHE C 589 26.38 11.69 -13.15
CA PHE C 589 25.00 12.10 -13.43
C PHE C 589 24.70 13.33 -12.59
N GLY C 590 23.49 13.85 -12.73
CA GLY C 590 23.08 15.01 -11.97
C GLY C 590 21.70 15.45 -12.37
N GLY C 591 21.28 16.59 -11.80
CA GLY C 591 20.01 17.19 -12.11
C GLY C 591 20.14 18.36 -13.05
N VAL C 592 19.05 18.64 -13.77
CA VAL C 592 19.02 19.70 -14.77
C VAL C 592 17.78 20.55 -14.52
N SER C 593 17.98 21.88 -14.46
CA SER C 593 16.89 22.83 -14.32
C SER C 593 17.07 23.94 -15.34
N VAL C 594 15.94 24.48 -15.81
CA VAL C 594 15.95 25.51 -16.84
C VAL C 594 15.46 26.82 -16.24
N ILE C 595 15.92 27.92 -16.83
CA ILE C 595 15.49 29.27 -16.44
C ILE C 595 14.83 29.91 -17.65
N THR C 596 13.59 30.35 -17.48
CA THR C 596 12.85 30.92 -18.58
C THR C 596 12.05 32.14 -18.11
N PRO C 597 11.93 33.16 -18.95
CA PRO C 597 10.97 34.24 -18.68
C PRO C 597 9.58 33.86 -19.15
N GLY C 598 8.64 34.80 -19.12
CA GLY C 598 7.31 34.52 -19.65
C GLY C 598 7.36 34.11 -21.10
N THR C 599 6.43 33.24 -21.48
CA THR C 599 6.42 32.71 -22.85
C THR C 599 6.22 33.84 -23.87
N ASN C 600 5.31 34.76 -23.57
CA ASN C 600 5.09 35.89 -24.48
C ASN C 600 6.32 36.79 -24.54
N THR C 601 7.01 36.96 -23.41
CA THR C 601 8.10 37.93 -23.34
C THR C 601 9.22 37.58 -24.31
N SER C 602 9.62 36.31 -24.35
CA SER C 602 10.72 35.86 -25.20
C SER C 602 10.68 34.34 -25.27
N ASN C 603 11.67 33.76 -25.94
CA ASN C 603 11.82 32.32 -26.03
C ASN C 603 13.18 31.81 -25.58
N GLN C 604 14.15 32.69 -25.35
CA GLN C 604 15.46 32.27 -24.89
C GLN C 604 15.39 31.71 -23.48
N VAL C 605 16.21 30.69 -23.22
CA VAL C 605 16.24 30.02 -21.93
C VAL C 605 17.69 29.87 -21.48
N ALA C 606 17.86 29.64 -20.17
CA ALA C 606 19.16 29.39 -19.58
C ALA C 606 19.09 28.10 -18.79
N VAL C 607 20.07 27.23 -18.98
CA VAL C 607 20.08 25.89 -18.40
C VAL C 607 21.07 25.87 -17.24
N LEU C 608 20.61 25.33 -16.10
CA LEU C 608 21.43 25.18 -14.91
C LEU C 608 21.69 23.71 -14.65
N TYR C 609 22.91 23.42 -14.19
CA TYR C 609 23.31 22.07 -13.80
C TYR C 609 23.46 22.02 -12.29
N GLN C 610 22.82 21.04 -11.67
CA GLN C 610 22.65 21.01 -10.22
C GLN C 610 23.95 20.58 -9.54
N GLY C 611 24.73 21.56 -9.07
CA GLY C 611 25.85 21.30 -8.19
C GLY C 611 26.94 20.40 -8.74
N VAL C 612 27.36 20.65 -9.98
CA VAL C 612 28.42 19.86 -10.61
C VAL C 612 29.55 20.80 -11.00
N ASN C 613 30.79 20.33 -10.84
CA ASN C 613 31.94 21.09 -11.29
C ASN C 613 31.83 21.35 -12.79
N CYS C 614 32.11 22.58 -13.20
CA CYS C 614 31.71 23.05 -14.52
C CYS C 614 32.57 22.46 -15.64
N THR C 615 33.68 21.81 -15.33
CA THR C 615 34.54 21.21 -16.34
C THR C 615 34.21 19.74 -16.60
N GLU C 616 33.18 19.20 -15.97
CA GLU C 616 32.81 17.80 -16.14
C GLU C 616 31.79 17.58 -17.25
N VAL C 617 30.76 18.41 -17.33
CA VAL C 617 29.75 18.28 -18.37
C VAL C 617 30.32 18.56 -19.77
N PRO C 618 31.37 19.38 -19.96
CA PRO C 618 31.98 19.45 -21.30
C PRO C 618 32.50 18.11 -21.78
N VAL C 619 33.02 17.27 -20.87
CA VAL C 619 33.46 15.93 -21.26
C VAL C 619 32.29 15.12 -21.78
N ALA C 620 31.09 15.35 -21.25
CA ALA C 620 29.90 14.63 -21.67
C ALA C 620 29.45 15.01 -23.08
N ILE C 621 30.02 16.06 -23.67
CA ILE C 621 29.58 16.54 -24.97
C ILE C 621 30.07 15.59 -26.06
N HIS C 622 29.19 14.68 -26.49
CA HIS C 622 29.48 13.74 -27.57
C HIS C 622 28.19 13.04 -27.95
N ALA C 623 28.00 12.81 -29.24
CA ALA C 623 26.74 12.29 -29.75
C ALA C 623 26.48 10.87 -29.26
N ASP C 624 25.20 10.58 -29.01
CA ASP C 624 24.74 9.25 -28.59
C ASP C 624 25.39 8.80 -27.29
N GLN C 625 25.79 9.76 -26.45
CA GLN C 625 26.35 9.47 -25.14
C GLN C 625 25.53 10.06 -24.00
N LEU C 626 24.68 11.04 -24.26
CA LEU C 626 23.86 11.69 -23.25
C LEU C 626 22.39 11.37 -23.49
N THR C 627 21.68 11.06 -22.41
CA THR C 627 20.24 10.82 -22.53
C THR C 627 19.50 12.04 -23.06
N PRO C 628 19.74 13.28 -22.58
CA PRO C 628 19.12 14.44 -23.25
C PRO C 628 19.77 14.70 -24.60
N THR C 629 19.04 14.43 -25.68
CA THR C 629 19.60 14.56 -27.02
C THR C 629 19.80 16.01 -27.44
N TRP C 630 19.25 16.96 -26.70
CA TRP C 630 19.39 18.37 -27.05
C TRP C 630 20.74 18.93 -26.60
N ARG C 631 21.83 18.31 -27.06
CA ARG C 631 23.17 18.76 -26.72
C ARG C 631 23.59 20.01 -27.48
N VAL C 632 22.79 20.47 -28.45
CA VAL C 632 23.18 21.61 -29.28
C VAL C 632 23.38 22.86 -28.44
N TYR C 633 22.69 22.96 -27.30
CA TYR C 633 22.80 24.13 -26.44
C TYR C 633 24.08 24.13 -25.62
N SER C 634 24.66 22.96 -25.38
CA SER C 634 25.84 22.86 -24.51
C SER C 634 27.00 23.73 -25.01
N THR C 635 27.09 23.94 -26.32
CA THR C 635 28.09 24.85 -26.88
C THR C 635 27.47 26.24 -27.06
N GLY C 636 27.01 26.79 -25.95
CA GLY C 636 26.29 28.05 -25.94
C GLY C 636 27.18 29.23 -25.59
N SER C 637 26.64 30.15 -24.79
CA SER C 637 27.34 31.38 -24.45
C SER C 637 28.34 31.13 -23.31
N ASN C 638 28.87 32.21 -22.75
CA ASN C 638 29.85 32.09 -21.68
C ASN C 638 29.21 31.54 -20.42
N VAL C 639 29.91 30.62 -19.76
CA VAL C 639 29.40 29.96 -18.56
C VAL C 639 29.77 30.79 -17.33
N PHE C 640 29.10 30.52 -16.22
CA PHE C 640 29.43 31.16 -14.95
C PHE C 640 29.20 30.15 -13.83
N GLN C 641 30.20 29.97 -12.98
CA GLN C 641 30.16 28.97 -11.93
C GLN C 641 29.63 29.58 -10.64
N THR C 642 28.68 28.89 -10.01
CA THR C 642 28.12 29.27 -8.71
C THR C 642 28.32 28.12 -7.72
N ARG C 643 27.84 28.33 -6.50
CA ARG C 643 27.94 27.29 -5.48
C ARG C 643 27.04 26.09 -5.76
N ALA C 644 26.07 26.24 -6.66
CA ALA C 644 25.15 25.17 -7.02
C ALA C 644 25.33 24.75 -8.47
N GLY C 645 26.58 24.64 -8.92
CA GLY C 645 26.86 24.34 -10.31
C GLY C 645 26.93 25.58 -11.15
N CYS C 646 27.29 25.38 -12.42
CA CYS C 646 27.44 26.48 -13.37
C CYS C 646 26.29 26.46 -14.36
N LEU C 647 25.73 27.63 -14.63
CA LEU C 647 24.64 27.79 -15.58
C LEU C 647 25.19 28.34 -16.90
N ILE C 648 24.44 28.06 -17.97
CA ILE C 648 24.85 28.43 -19.32
C ILE C 648 23.72 29.23 -19.96
N GLY C 649 24.07 30.37 -20.57
CA GLY C 649 23.11 31.19 -21.27
C GLY C 649 22.86 32.56 -20.66
N ALA C 650 23.49 32.89 -19.53
CA ALA C 650 23.30 34.17 -18.88
C ALA C 650 24.66 34.82 -18.64
N GLU C 651 24.72 36.13 -18.84
CA GLU C 651 25.94 36.90 -18.60
C GLU C 651 25.95 37.41 -17.17
N TYR C 652 27.05 37.16 -16.46
CA TYR C 652 27.17 37.53 -15.06
C TYR C 652 27.65 38.97 -14.95
N VAL C 653 26.69 39.90 -14.99
CA VAL C 653 26.96 41.29 -14.66
C VAL C 653 27.16 41.37 -13.15
N ASN C 654 27.75 42.45 -12.66
CA ASN C 654 28.04 42.57 -11.23
C ASN C 654 27.50 43.86 -10.65
N ASN C 655 26.37 44.33 -11.16
CA ASN C 655 25.64 45.42 -10.52
C ASN C 655 24.51 44.84 -9.67
N SER C 656 23.94 45.69 -8.81
CA SER C 656 22.96 45.26 -7.84
C SER C 656 21.54 45.54 -8.33
N TYR C 657 20.63 44.61 -8.04
CA TYR C 657 19.23 44.72 -8.43
C TYR C 657 18.39 43.95 -7.42
N GLU C 658 17.10 43.82 -7.71
CA GLU C 658 16.19 43.05 -6.89
C GLU C 658 15.99 41.66 -7.49
N CYS C 659 15.80 40.68 -6.61
CA CYS C 659 15.66 39.30 -7.06
C CYS C 659 14.33 39.08 -7.76
N ASP C 660 14.37 38.39 -8.89
CA ASP C 660 13.18 37.99 -9.62
C ASP C 660 13.04 36.48 -9.70
N ILE C 661 14.07 35.78 -10.16
CA ILE C 661 14.07 34.32 -10.22
C ILE C 661 15.17 33.79 -9.30
N PRO C 662 14.82 33.24 -8.14
CA PRO C 662 15.85 32.72 -7.24
C PRO C 662 16.60 31.55 -7.85
N ILE C 663 17.89 31.46 -7.51
CA ILE C 663 18.75 30.41 -8.02
C ILE C 663 19.37 29.66 -6.85
N GLY C 664 20.05 30.39 -5.98
CA GLY C 664 20.72 29.82 -4.83
C GLY C 664 22.02 30.55 -4.58
N ALA C 665 22.46 30.55 -3.31
CA ALA C 665 23.69 31.23 -2.89
C ALA C 665 23.67 32.71 -3.28
N GLY C 666 22.52 33.35 -3.09
CA GLY C 666 22.38 34.78 -3.35
C GLY C 666 22.53 35.17 -4.80
N ILE C 667 22.06 34.34 -5.73
CA ILE C 667 22.09 34.63 -7.15
C ILE C 667 20.65 34.62 -7.66
N CYS C 668 20.29 35.66 -8.41
CA CYS C 668 18.95 35.76 -9.01
C CYS C 668 19.07 36.27 -10.43
N ALA C 669 18.43 35.58 -11.36
CA ALA C 669 18.43 35.97 -12.76
C ALA C 669 17.22 36.86 -13.06
N SER C 670 17.25 37.48 -14.22
CA SER C 670 16.19 38.38 -14.66
C SER C 670 16.28 38.52 -16.18
N TYR C 671 15.44 39.37 -16.75
CA TYR C 671 15.38 39.60 -18.19
C TYR C 671 15.52 41.10 -18.45
N GLN C 672 16.72 41.52 -18.86
CA GLN C 672 16.98 42.93 -19.10
C GLN C 672 17.50 43.16 -20.52
N THR C 673 17.92 44.39 -20.82
CA THR C 673 18.42 44.72 -22.14
C THR C 673 19.78 44.07 -22.39
N SER C 686 16.63 43.90 -28.41
CA SER C 686 17.89 43.96 -27.67
C SER C 686 17.69 43.60 -26.22
N GLN C 687 17.25 42.36 -25.98
CA GLN C 687 17.01 41.85 -24.64
C GLN C 687 17.67 40.49 -24.49
N SER C 688 18.03 40.15 -23.25
CA SER C 688 18.70 38.89 -22.97
C SER C 688 18.47 38.52 -21.51
N ILE C 689 18.97 37.34 -21.13
CA ILE C 689 18.86 36.84 -19.76
C ILE C 689 20.17 37.10 -19.05
N ILE C 690 20.10 37.76 -17.90
CA ILE C 690 21.27 38.13 -17.13
C ILE C 690 21.10 37.65 -15.69
N ALA C 691 22.23 37.48 -15.01
CA ALA C 691 22.26 37.10 -13.61
C ALA C 691 23.13 38.09 -12.83
N TYR C 692 22.89 38.16 -11.52
CA TYR C 692 23.58 39.13 -10.69
C TYR C 692 23.52 38.65 -9.24
N THR C 693 24.03 39.48 -8.33
CA THR C 693 23.96 39.23 -6.90
C THR C 693 22.87 40.09 -6.28
N MET C 694 22.09 39.49 -5.38
CA MET C 694 20.96 40.18 -4.78
C MET C 694 21.40 41.41 -4.00
N SER C 695 20.57 42.44 -4.02
CA SER C 695 20.77 43.64 -3.22
C SER C 695 19.68 43.67 -2.15
N LEU C 696 20.10 43.71 -0.89
CA LEU C 696 19.14 43.65 0.21
C LEU C 696 18.27 44.89 0.27
N GLY C 697 18.68 45.99 -0.36
CA GLY C 697 17.95 47.24 -0.35
C GLY C 697 18.87 48.42 -0.20
N ALA C 698 18.27 49.60 -0.32
CA ALA C 698 19.02 50.85 -0.24
C ALA C 698 19.61 51.05 1.16
N GLU C 699 20.93 51.02 1.27
CA GLU C 699 21.58 51.29 2.54
C GLU C 699 21.37 52.73 2.95
N ASN C 700 21.30 52.95 4.27
CA ASN C 700 20.99 54.29 4.79
C ASN C 700 21.59 54.38 6.19
N SER C 701 22.60 55.24 6.35
CA SER C 701 23.19 55.49 7.65
C SER C 701 22.45 56.61 8.37
N VAL C 702 22.61 56.66 9.68
CA VAL C 702 21.97 57.68 10.52
C VAL C 702 23.05 58.30 11.39
N ALA C 703 22.83 59.57 11.76
CA ALA C 703 23.77 60.32 12.59
C ALA C 703 23.25 60.33 14.01
N TYR C 704 24.01 59.74 14.94
CA TYR C 704 23.65 59.66 16.34
C TYR C 704 24.57 60.57 17.14
N SER C 705 23.99 61.54 17.83
CA SER C 705 24.74 62.45 18.69
C SER C 705 24.20 62.36 20.10
N ASN C 706 25.11 62.38 21.07
CA ASN C 706 24.76 62.25 22.48
C ASN C 706 24.11 63.50 23.05
N ASN C 707 23.82 64.52 22.22
CA ASN C 707 23.07 65.67 22.69
C ASN C 707 22.08 66.18 21.65
N SER C 708 21.65 65.35 20.71
CA SER C 708 20.76 65.76 19.65
C SER C 708 19.44 64.99 19.73
N ILE C 709 18.46 65.44 18.94
CA ILE C 709 17.13 64.86 18.93
C ILE C 709 16.40 65.27 17.66
N ALA C 710 15.45 64.45 17.22
CA ALA C 710 14.61 64.77 16.08
C ALA C 710 13.15 64.53 16.45
N ILE C 711 12.26 65.33 15.87
CA ILE C 711 10.84 65.28 16.20
C ILE C 711 10.01 65.55 14.95
N PRO C 712 9.01 64.73 14.64
CA PRO C 712 8.17 65.00 13.48
C PRO C 712 7.30 66.23 13.69
N THR C 713 7.00 66.91 12.58
CA THR C 713 6.16 68.10 12.59
C THR C 713 4.91 67.93 11.74
N ASN C 714 4.67 66.75 11.19
CA ASN C 714 3.53 66.50 10.33
C ASN C 714 3.29 64.99 10.30
N PHE C 715 2.13 64.60 9.78
CA PHE C 715 1.75 63.20 9.76
C PHE C 715 1.06 62.87 8.46
N THR C 716 0.78 61.58 8.26
CA THR C 716 0.05 61.09 7.10
C THR C 716 -0.70 59.82 7.51
N ILE C 717 -1.80 59.55 6.81
CA ILE C 717 -2.63 58.39 7.08
C ILE C 717 -2.69 57.52 5.83
N SER C 718 -2.42 56.23 5.99
CA SER C 718 -2.42 55.28 4.90
C SER C 718 -3.42 54.15 5.18
N VAL C 719 -3.67 53.36 4.15
CA VAL C 719 -4.59 52.23 4.24
C VAL C 719 -3.90 51.01 3.63
N THR C 720 -3.94 49.89 4.36
CA THR C 720 -3.26 48.66 3.94
C THR C 720 -4.26 47.52 3.89
N THR C 721 -4.03 46.60 2.96
CA THR C 721 -4.89 45.44 2.77
C THR C 721 -4.27 44.20 3.41
N GLU C 722 -5.08 43.15 3.50
CA GLU C 722 -4.65 41.90 4.10
C GLU C 722 -5.64 40.81 3.70
N ILE C 723 -5.12 39.64 3.34
CA ILE C 723 -5.92 38.53 2.84
C ILE C 723 -5.55 37.27 3.62
N LEU C 724 -6.57 36.53 4.07
CA LEU C 724 -6.38 35.29 4.81
C LEU C 724 -7.46 34.30 4.42
N PRO C 725 -7.08 33.09 4.00
CA PRO C 725 -8.10 32.07 3.72
C PRO C 725 -8.80 31.63 4.99
N VAL C 726 -10.06 31.20 4.83
CA VAL C 726 -10.87 30.84 5.98
C VAL C 726 -11.34 29.39 5.87
N SER C 727 -11.53 28.89 4.64
CA SER C 727 -12.10 27.57 4.48
C SER C 727 -11.75 27.03 3.10
N MET C 728 -11.84 25.70 2.97
CA MET C 728 -11.63 24.99 1.73
C MET C 728 -12.97 24.47 1.21
N THR C 729 -12.93 23.71 0.11
CA THR C 729 -14.12 23.18 -0.51
C THR C 729 -14.39 21.77 0.03
N LYS C 730 -15.58 21.58 0.60
CA LYS C 730 -15.95 20.27 1.11
C LYS C 730 -16.15 19.29 -0.05
N THR C 731 -15.84 18.03 0.21
CA THR C 731 -15.93 17.00 -0.81
C THR C 731 -16.26 15.66 -0.19
N SER C 732 -16.80 14.76 -1.01
CA SER C 732 -17.11 13.41 -0.58
C SER C 732 -16.80 12.45 -1.73
N VAL C 733 -16.52 11.20 -1.37
CA VAL C 733 -16.08 10.19 -2.33
C VAL C 733 -16.93 8.93 -2.15
N ASP C 734 -17.39 8.37 -3.26
CA ASP C 734 -18.13 7.11 -3.25
C ASP C 734 -17.15 5.95 -3.41
N CYS C 735 -17.14 5.06 -2.41
CA CYS C 735 -16.17 3.97 -2.35
C CYS C 735 -16.27 2.99 -3.51
N THR C 736 -17.37 2.25 -3.58
CA THR C 736 -17.44 1.09 -4.46
C THR C 736 -17.36 1.49 -5.94
N MET C 737 -18.07 2.56 -6.31
CA MET C 737 -18.17 2.91 -7.74
C MET C 737 -16.82 3.34 -8.29
N TYR C 738 -16.02 4.07 -7.51
CA TYR C 738 -14.71 4.49 -7.97
C TYR C 738 -13.81 3.29 -8.23
N ILE C 739 -13.81 2.32 -7.32
CA ILE C 739 -12.95 1.15 -7.48
C ILE C 739 -13.55 0.17 -8.47
N CYS C 740 -14.85 -0.13 -8.35
CA CYS C 740 -15.54 -1.10 -9.22
C CYS C 740 -16.62 -0.33 -9.96
N GLY C 741 -16.27 0.22 -11.12
CA GLY C 741 -17.24 0.94 -11.91
C GLY C 741 -18.28 -0.01 -12.47
N ASP C 742 -19.56 0.29 -12.17
CA ASP C 742 -20.74 -0.38 -12.73
C ASP C 742 -20.53 -1.87 -12.97
N SER C 743 -19.88 -2.54 -12.02
CA SER C 743 -19.57 -3.96 -12.12
C SER C 743 -20.10 -4.68 -10.89
N THR C 744 -20.73 -5.83 -11.10
CA THR C 744 -21.26 -6.63 -10.02
C THR C 744 -20.29 -7.70 -9.53
N GLU C 745 -19.49 -8.28 -10.42
CA GLU C 745 -18.49 -9.26 -10.02
C GLU C 745 -17.26 -8.63 -9.39
N CYS C 746 -17.05 -7.33 -9.60
CA CYS C 746 -15.95 -6.66 -8.92
C CYS C 746 -16.32 -6.30 -7.48
N SER C 747 -17.61 -6.03 -7.23
CA SER C 747 -18.02 -5.56 -5.91
C SER C 747 -17.83 -6.62 -4.84
N ASN C 748 -18.33 -7.84 -5.08
CA ASN C 748 -18.28 -8.87 -4.05
C ASN C 748 -16.83 -9.24 -3.71
N LEU C 749 -15.96 -9.25 -4.72
CA LEU C 749 -14.54 -9.48 -4.44
C LEU C 749 -13.97 -8.34 -3.58
N LEU C 750 -14.44 -7.12 -3.80
CA LEU C 750 -13.98 -5.98 -3.01
C LEU C 750 -14.39 -6.13 -1.54
N LEU C 751 -15.53 -6.77 -1.29
CA LEU C 751 -16.00 -6.92 0.09
C LEU C 751 -15.04 -7.74 0.94
N GLN C 752 -14.21 -8.58 0.32
CA GLN C 752 -13.25 -9.38 1.08
C GLN C 752 -12.15 -8.54 1.71
N TYR C 753 -11.99 -7.29 1.26
CA TYR C 753 -10.93 -6.43 1.79
C TYR C 753 -11.31 -5.74 3.08
N GLY C 754 -12.54 -5.93 3.57
CA GLY C 754 -12.92 -5.45 4.88
C GLY C 754 -13.51 -4.05 4.93
N SER C 755 -13.24 -3.36 6.04
CA SER C 755 -13.80 -2.04 6.33
C SER C 755 -12.82 -0.92 6.01
N PHE C 756 -12.06 -1.07 4.93
CA PHE C 756 -11.03 -0.08 4.61
C PHE C 756 -11.63 1.29 4.33
N CYS C 757 -12.75 1.34 3.60
CA CYS C 757 -13.29 2.62 3.17
C CYS C 757 -14.51 3.05 3.96
N THR C 758 -14.84 2.37 5.06
CA THR C 758 -15.74 2.98 6.03
C THR C 758 -15.03 4.05 6.84
N GLN C 759 -13.69 4.05 6.80
CA GLN C 759 -12.92 5.13 7.39
C GLN C 759 -12.97 6.39 6.52
N LEU C 760 -12.95 6.20 5.20
CA LEU C 760 -12.96 7.35 4.29
C LEU C 760 -14.22 8.19 4.47
N LYS C 761 -15.37 7.52 4.61
CA LYS C 761 -16.60 8.26 4.94
C LYS C 761 -16.47 8.94 6.29
N ARG C 762 -15.88 8.25 7.26
CA ARG C 762 -15.69 8.84 8.59
C ARG C 762 -14.65 9.95 8.55
N ALA C 763 -13.52 9.72 7.88
CA ALA C 763 -12.44 10.70 7.88
C ALA C 763 -12.84 11.99 7.16
N LEU C 764 -13.45 11.86 5.97
CA LEU C 764 -13.79 13.03 5.19
C LEU C 764 -14.86 13.87 5.88
N THR C 765 -15.84 13.22 6.52
CA THR C 765 -16.87 13.95 7.24
C THR C 765 -16.30 14.78 8.37
N GLY C 766 -15.15 14.39 8.93
CA GLY C 766 -14.47 15.24 9.89
C GLY C 766 -14.04 16.56 9.29
N ILE C 767 -13.57 16.52 8.03
CA ILE C 767 -13.20 17.75 7.34
C ILE C 767 -14.43 18.55 6.99
N ALA C 768 -15.50 17.89 6.53
CA ALA C 768 -16.70 18.59 6.10
C ALA C 768 -17.34 19.37 7.25
N VAL C 769 -17.45 18.73 8.41
CA VAL C 769 -18.03 19.41 9.57
C VAL C 769 -17.13 20.56 10.01
N GLU C 770 -15.82 20.36 9.92
CA GLU C 770 -14.88 21.38 10.39
C GLU C 770 -15.00 22.66 9.57
N GLN C 771 -15.17 22.55 8.25
CA GLN C 771 -15.23 23.74 7.41
C GLN C 771 -16.47 24.58 7.70
N ASP C 772 -17.54 23.97 8.20
CA ASP C 772 -18.71 24.74 8.61
C ASP C 772 -18.53 25.39 9.97
N LYS C 773 -17.44 25.07 10.68
CA LYS C 773 -17.16 25.66 11.98
C LYS C 773 -16.23 26.86 11.87
N ASN C 774 -15.23 26.81 10.99
CA ASN C 774 -14.29 27.90 10.86
C ASN C 774 -14.99 29.19 10.43
N THR C 775 -15.88 29.10 9.44
CA THR C 775 -16.61 30.27 9.00
C THR C 775 -17.48 30.85 10.10
N GLN C 776 -18.02 29.99 10.97
CA GLN C 776 -18.87 30.43 12.06
C GLN C 776 -18.08 31.00 13.22
N GLU C 777 -16.78 30.76 13.29
CA GLU C 777 -15.94 31.26 14.37
C GLU C 777 -15.25 32.58 14.03
N VAL C 778 -15.46 33.10 12.81
CA VAL C 778 -14.86 34.36 12.41
C VAL C 778 -15.88 35.47 12.22
N PHE C 779 -17.08 35.17 11.71
CA PHE C 779 -18.06 36.19 11.39
C PHE C 779 -19.19 36.30 12.40
N ALA C 780 -19.35 35.31 13.27
CA ALA C 780 -20.51 35.23 14.16
C ALA C 780 -20.19 35.62 15.59
N GLN C 781 -19.36 36.64 15.79
CA GLN C 781 -19.02 37.10 17.12
C GLN C 781 -20.00 38.12 17.68
N VAL C 782 -21.01 38.52 16.92
CA VAL C 782 -22.02 39.47 17.37
C VAL C 782 -23.39 38.81 17.25
N LYS C 783 -24.22 39.00 18.28
CA LYS C 783 -25.55 38.40 18.31
C LYS C 783 -26.66 39.42 18.07
N GLN C 784 -26.32 40.63 17.65
CA GLN C 784 -27.30 41.67 17.34
C GLN C 784 -26.98 42.22 15.97
N ILE C 785 -27.94 42.11 15.04
CA ILE C 785 -27.73 42.56 13.67
C ILE C 785 -28.04 44.04 13.57
N TYR C 786 -27.03 44.88 13.80
CA TYR C 786 -27.21 46.32 13.68
C TYR C 786 -27.30 46.73 12.22
N LYS C 787 -27.92 47.88 11.98
CA LYS C 787 -28.06 48.44 10.65
C LYS C 787 -27.61 49.89 10.65
N THR C 788 -27.03 50.31 9.53
CA THR C 788 -26.53 51.67 9.41
C THR C 788 -27.69 52.66 9.21
N PRO C 789 -27.59 53.86 9.77
CA PRO C 789 -28.64 54.86 9.54
C PRO C 789 -28.61 55.32 8.09
N PRO C 790 -29.76 55.77 7.57
CA PRO C 790 -29.77 56.27 6.18
C PRO C 790 -28.88 57.46 5.95
N ILE C 791 -28.71 58.33 6.96
CA ILE C 791 -27.85 59.50 6.81
C ILE C 791 -26.38 59.06 6.87
N LYS C 792 -25.58 59.56 5.93
CA LYS C 792 -24.18 59.18 5.80
C LYS C 792 -23.27 60.40 5.95
N TYR C 793 -23.57 61.27 6.90
CA TYR C 793 -22.76 62.46 7.18
C TYR C 793 -22.06 62.25 8.51
N PHE C 794 -20.89 61.62 8.46
CA PHE C 794 -20.09 61.35 9.66
C PHE C 794 -19.04 62.43 9.85
N GLY C 795 -19.51 63.68 9.93
CA GLY C 795 -18.63 64.80 10.17
C GLY C 795 -17.65 65.09 9.05
N GLY C 796 -17.89 64.53 7.87
CA GLY C 796 -17.01 64.76 6.74
C GLY C 796 -16.47 63.50 6.12
N PHE C 797 -16.27 62.46 6.94
CA PHE C 797 -15.78 61.19 6.43
C PHE C 797 -16.80 60.55 5.49
N ASN C 798 -16.29 59.88 4.45
CA ASN C 798 -17.12 59.33 3.39
C ASN C 798 -16.92 57.81 3.36
N PHE C 799 -17.84 57.08 3.98
CA PHE C 799 -17.78 55.62 4.03
C PHE C 799 -18.60 54.94 2.94
N SER C 800 -19.19 55.71 2.02
CA SER C 800 -20.07 55.13 1.01
C SER C 800 -19.34 54.11 0.14
N GLN C 801 -18.02 54.17 0.10
CA GLN C 801 -17.26 53.23 -0.73
C GLN C 801 -17.45 51.78 -0.27
N ILE C 802 -17.55 51.55 1.03
CA ILE C 802 -17.58 50.19 1.57
C ILE C 802 -18.93 49.83 2.17
N LEU C 803 -19.90 50.74 2.15
CA LEU C 803 -21.23 50.38 2.64
C LEU C 803 -21.99 49.58 1.58
N PRO C 804 -22.92 48.71 1.99
CA PRO C 804 -23.69 47.95 1.02
C PRO C 804 -24.51 48.85 0.11
N ASP C 805 -24.70 48.39 -1.13
CA ASP C 805 -25.40 49.15 -2.14
C ASP C 805 -26.79 48.57 -2.38
N PRO C 806 -27.86 49.30 -2.03
CA PRO C 806 -29.21 48.77 -2.28
C PRO C 806 -29.54 48.58 -3.75
N SER C 807 -28.94 49.38 -4.64
CA SER C 807 -29.26 49.27 -6.06
C SER C 807 -28.88 47.90 -6.61
N LYS C 808 -27.73 47.38 -6.21
CA LYS C 808 -27.34 46.04 -6.63
C LYS C 808 -28.33 45.02 -6.06
N PRO C 809 -28.71 44.00 -6.84
CA PRO C 809 -29.65 42.99 -6.31
C PRO C 809 -29.15 42.31 -5.04
N SER C 810 -27.86 42.05 -4.95
CA SER C 810 -27.27 41.55 -3.72
C SER C 810 -26.84 42.71 -2.83
N LYS C 811 -26.72 42.43 -1.54
CA LYS C 811 -26.31 43.43 -0.56
C LYS C 811 -24.80 43.46 -0.41
N ARG C 812 -24.10 43.66 -1.53
CA ARG C 812 -22.65 43.65 -1.58
C ARG C 812 -22.14 45.07 -1.82
N SER C 813 -21.08 45.45 -1.09
CA SER C 813 -20.50 46.76 -1.24
C SER C 813 -19.72 46.84 -2.55
N PHE C 814 -19.11 48.02 -2.78
CA PHE C 814 -18.37 48.23 -4.02
C PHE C 814 -17.11 47.36 -4.06
N ILE C 815 -16.33 47.36 -2.99
CA ILE C 815 -15.09 46.60 -2.96
C ILE C 815 -15.37 45.11 -2.99
N GLU C 816 -16.44 44.68 -2.33
CA GLU C 816 -16.76 43.25 -2.28
C GLU C 816 -17.09 42.69 -3.66
N ASP C 817 -17.60 43.53 -4.56
CA ASP C 817 -17.93 43.07 -5.90
C ASP C 817 -16.69 42.82 -6.75
N LEU C 818 -15.63 43.63 -6.55
CA LEU C 818 -14.40 43.43 -7.30
C LEU C 818 -13.75 42.10 -6.97
N LEU C 819 -13.85 41.68 -5.71
CA LEU C 819 -13.21 40.44 -5.29
C LEU C 819 -13.78 39.23 -6.01
N PHE C 820 -15.10 39.19 -6.17
CA PHE C 820 -15.72 38.04 -6.84
C PHE C 820 -15.29 37.94 -8.29
N ASN C 821 -15.20 39.07 -8.99
CA ASN C 821 -14.78 39.06 -10.38
C ASN C 821 -13.30 38.66 -10.54
N LYS C 822 -12.49 38.85 -9.51
CA LYS C 822 -11.07 38.54 -9.57
C LYS C 822 -10.75 37.11 -9.17
N VAL C 823 -11.75 36.32 -8.76
CA VAL C 823 -11.55 34.95 -8.32
C VAL C 823 -12.35 34.03 -9.23
N THR C 824 -11.68 33.02 -9.79
CA THR C 824 -12.30 32.08 -10.71
C THR C 824 -12.50 30.75 -10.00
N LEU C 825 -13.72 30.23 -10.06
CA LEU C 825 -14.04 28.94 -9.44
C LEU C 825 -14.03 27.83 -10.49
N LEU C 846 -17.08 22.02 -18.62
CA LEU C 846 -17.03 20.60 -18.94
C LEU C 846 -16.20 19.83 -17.92
N ILE C 847 -15.49 20.58 -17.07
CA ILE C 847 -14.65 19.94 -16.04
C ILE C 847 -15.51 19.17 -15.05
N CYS C 848 -16.78 19.56 -14.88
CA CYS C 848 -17.65 18.85 -13.96
C CYS C 848 -18.25 17.61 -14.62
N ALA C 849 -17.39 16.79 -15.21
CA ALA C 849 -17.74 15.43 -15.61
C ALA C 849 -17.29 14.42 -14.57
N GLN C 850 -16.57 14.85 -13.54
CA GLN C 850 -16.15 13.99 -12.45
C GLN C 850 -17.30 13.51 -11.60
N LYS C 851 -18.49 14.11 -11.76
CA LYS C 851 -19.68 13.61 -11.06
C LYS C 851 -19.94 12.15 -11.40
N PHE C 852 -19.56 11.71 -12.60
CA PHE C 852 -19.84 10.36 -13.04
C PHE C 852 -18.94 9.33 -12.38
N LYS C 853 -17.91 9.75 -11.65
CA LYS C 853 -17.04 8.84 -10.92
C LYS C 853 -17.20 8.97 -9.41
N GLY C 854 -18.33 9.54 -8.97
CA GLY C 854 -18.62 9.63 -7.55
C GLY C 854 -17.82 10.65 -6.79
N LEU C 855 -17.28 11.67 -7.45
CA LEU C 855 -16.54 12.72 -6.77
C LEU C 855 -17.47 13.91 -6.51
N THR C 856 -18.37 13.71 -5.56
CA THR C 856 -19.36 14.73 -5.23
C THR C 856 -18.72 15.91 -4.51
N VAL C 857 -19.36 17.06 -4.63
CA VAL C 857 -18.95 18.28 -3.95
C VAL C 857 -20.16 18.83 -3.21
N LEU C 858 -19.98 19.14 -1.92
CA LEU C 858 -21.07 19.60 -1.08
C LEU C 858 -21.04 21.11 -0.93
N PRO C 859 -22.18 21.73 -0.69
CA PRO C 859 -22.22 23.18 -0.51
C PRO C 859 -22.03 23.57 0.94
N PRO C 860 -21.52 24.76 1.22
CA PRO C 860 -21.36 25.18 2.61
C PRO C 860 -22.69 25.45 3.29
N LEU C 861 -22.67 25.39 4.62
CA LEU C 861 -23.89 25.65 5.39
C LEU C 861 -24.32 27.11 5.25
N LEU C 862 -23.39 28.04 5.42
CA LEU C 862 -23.67 29.46 5.27
C LEU C 862 -23.32 29.86 3.83
N THR C 863 -24.33 30.05 3.00
CA THR C 863 -24.11 30.51 1.65
C THR C 863 -23.71 31.98 1.66
N ASP C 864 -23.25 32.47 0.50
CA ASP C 864 -22.58 33.75 0.44
C ASP C 864 -23.50 34.92 0.82
N GLU C 865 -24.82 34.74 0.70
CA GLU C 865 -25.72 35.89 0.81
C GLU C 865 -25.77 36.44 2.24
N MET C 866 -25.91 35.58 3.25
CA MET C 866 -25.90 36.11 4.62
C MET C 866 -24.50 36.20 5.20
N ILE C 867 -23.48 35.73 4.50
CA ILE C 867 -22.11 35.95 4.97
C ILE C 867 -21.79 37.44 4.97
N ALA C 868 -22.19 38.15 3.91
CA ALA C 868 -22.03 39.60 3.89
C ALA C 868 -22.90 40.27 4.94
N GLN C 869 -24.00 39.63 5.34
CA GLN C 869 -24.88 40.22 6.34
C GLN C 869 -24.17 40.40 7.67
N TYR C 870 -23.38 39.41 8.08
CA TYR C 870 -22.50 39.59 9.24
C TYR C 870 -21.54 40.75 9.01
N THR C 871 -20.93 40.81 7.82
CA THR C 871 -19.97 41.87 7.53
C THR C 871 -20.63 43.24 7.61
N SER C 872 -21.87 43.35 7.15
CA SER C 872 -22.61 44.60 7.28
C SER C 872 -22.83 44.95 8.74
N ALA C 873 -23.14 43.96 9.57
CA ALA C 873 -23.38 44.22 10.99
C ALA C 873 -22.12 44.73 11.69
N LEU C 874 -20.98 44.08 11.43
CA LEU C 874 -19.73 44.53 12.04
C LEU C 874 -19.37 45.93 11.57
N LEU C 875 -19.53 46.21 10.28
CA LEU C 875 -19.19 47.54 9.76
C LEU C 875 -20.11 48.61 10.34
N ALA C 876 -21.40 48.29 10.48
CA ALA C 876 -22.34 49.27 11.01
C ALA C 876 -22.10 49.52 12.49
N GLY C 877 -21.82 48.47 13.27
CA GLY C 877 -21.65 48.62 14.70
C GLY C 877 -20.31 49.20 15.14
N THR C 878 -19.36 49.34 14.23
CA THR C 878 -18.06 49.90 14.57
C THR C 878 -17.93 51.37 14.18
N ILE C 879 -18.97 51.97 13.61
CA ILE C 879 -18.94 53.38 13.26
C ILE C 879 -19.94 54.21 14.04
N THR C 880 -20.94 53.61 14.67
CA THR C 880 -21.91 54.34 15.48
C THR C 880 -21.76 54.09 16.96
N SER C 881 -21.13 52.99 17.36
CA SER C 881 -20.96 52.65 18.77
C SER C 881 -19.49 52.51 19.17
N GLY C 882 -18.56 52.87 18.28
CA GLY C 882 -17.15 52.71 18.57
C GLY C 882 -16.75 51.26 18.75
N TRP C 883 -16.22 50.93 19.92
CA TRP C 883 -15.84 49.57 20.25
C TRP C 883 -16.60 48.98 21.43
N THR C 884 -17.43 49.78 22.11
CA THR C 884 -18.11 49.30 23.30
C THR C 884 -19.11 48.20 22.97
N PHE C 885 -19.62 48.16 21.74
CA PHE C 885 -20.61 47.15 21.37
C PHE C 885 -20.05 45.73 21.41
N GLY C 886 -18.73 45.57 21.45
CA GLY C 886 -18.10 44.28 21.58
C GLY C 886 -17.90 43.82 23.01
N ALA C 887 -18.41 44.58 23.99
CA ALA C 887 -18.26 44.22 25.39
C ALA C 887 -19.58 44.28 26.15
N GLY C 888 -20.71 44.36 25.45
CA GLY C 888 -22.01 44.39 26.11
C GLY C 888 -23.01 45.28 25.41
N ALA C 889 -23.63 46.19 26.16
CA ALA C 889 -24.62 47.09 25.59
C ALA C 889 -23.94 48.12 24.69
N ALA C 890 -24.49 48.32 23.50
CA ALA C 890 -23.96 49.30 22.57
C ALA C 890 -24.29 50.73 23.04
N LEU C 891 -23.32 51.62 22.87
CA LEU C 891 -23.46 53.01 23.28
C LEU C 891 -23.07 53.91 22.12
N GLN C 892 -23.99 54.78 21.71
CA GLN C 892 -23.71 55.67 20.59
C GLN C 892 -22.78 56.80 20.99
N ILE C 893 -21.89 57.16 20.07
CA ILE C 893 -20.89 58.21 20.26
C ILE C 893 -20.72 58.94 18.93
N PRO C 894 -20.63 60.26 18.92
CA PRO C 894 -20.39 60.97 17.65
C PRO C 894 -19.07 60.52 17.03
N PHE C 895 -19.13 60.16 15.75
CA PHE C 895 -17.94 59.64 15.07
C PHE C 895 -16.85 60.70 14.99
N ALA C 896 -17.23 61.95 14.72
CA ALA C 896 -16.26 63.02 14.61
C ALA C 896 -15.41 63.17 15.87
N MET C 897 -16.00 62.89 17.03
CA MET C 897 -15.27 62.96 18.30
C MET C 897 -14.74 61.61 18.76
N GLN C 898 -15.20 60.51 18.14
CA GLN C 898 -14.66 59.19 18.49
C GLN C 898 -13.19 59.09 18.14
N MET C 899 -12.78 59.72 17.03
CA MET C 899 -11.38 59.70 16.63
C MET C 899 -10.48 60.31 17.69
N ALA C 900 -11.01 61.17 18.56
CA ALA C 900 -10.20 61.77 19.61
C ALA C 900 -9.68 60.71 20.57
N TYR C 901 -10.51 59.74 20.92
CA TYR C 901 -10.07 58.66 21.80
C TYR C 901 -8.95 57.86 21.17
N ARG C 902 -9.08 57.56 19.87
CA ARG C 902 -8.03 56.79 19.19
C ARG C 902 -6.71 57.55 19.15
N PHE C 903 -6.77 58.86 18.89
CA PHE C 903 -5.55 59.66 18.90
C PHE C 903 -4.94 59.70 20.30
N ASN C 904 -5.78 59.73 21.34
CA ASN C 904 -5.25 59.69 22.70
C ASN C 904 -4.52 58.39 22.98
N GLY C 905 -5.04 57.27 22.47
CA GLY C 905 -4.37 56.00 22.67
C GLY C 905 -3.02 55.93 21.99
N ILE C 906 -2.89 56.57 20.82
CA ILE C 906 -1.62 56.56 20.11
C ILE C 906 -0.54 57.27 20.91
N GLY C 907 -0.87 58.43 21.48
CA GLY C 907 0.08 59.17 22.27
C GLY C 907 0.01 60.67 22.07
N VAL C 908 -0.73 61.10 21.06
CA VAL C 908 -0.90 62.52 20.77
C VAL C 908 -2.16 63.02 21.46
N THR C 909 -2.10 64.26 21.94
CA THR C 909 -3.25 64.86 22.61
C THR C 909 -4.39 65.06 21.61
N GLN C 910 -5.62 65.00 22.13
CA GLN C 910 -6.81 65.05 21.30
C GLN C 910 -6.99 66.39 20.59
N ASN C 911 -6.27 67.43 21.00
CA ASN C 911 -6.41 68.73 20.36
C ASN C 911 -5.99 68.69 18.90
N VAL C 912 -5.01 67.84 18.57
CA VAL C 912 -4.46 67.81 17.22
C VAL C 912 -5.52 67.44 16.20
N LEU C 913 -6.42 66.52 16.57
CA LEU C 913 -7.44 66.06 15.64
C LEU C 913 -8.35 67.20 15.19
N TYR C 914 -8.78 68.04 16.14
CA TYR C 914 -9.76 69.06 15.82
C TYR C 914 -9.19 70.15 14.92
N GLU C 915 -7.91 70.51 15.12
CA GLU C 915 -7.32 71.58 14.31
C GLU C 915 -7.25 71.20 12.85
N ASN C 916 -7.19 69.91 12.53
CA ASN C 916 -7.02 69.45 11.15
C ASN C 916 -8.14 68.51 10.73
N GLN C 917 -9.37 68.76 11.21
CA GLN C 917 -10.48 67.86 10.88
C GLN C 917 -10.75 67.83 9.38
N LYS C 918 -10.74 69.00 8.74
CA LYS C 918 -10.95 69.03 7.28
C LYS C 918 -9.77 68.40 6.54
N LEU C 919 -8.55 68.67 7.00
CA LEU C 919 -7.37 68.10 6.33
C LEU C 919 -7.33 66.59 6.49
N ILE C 920 -7.62 66.08 7.69
CA ILE C 920 -7.49 64.66 7.94
C ILE C 920 -8.55 63.88 7.16
N ALA C 921 -9.75 64.43 7.02
CA ALA C 921 -10.80 63.74 6.28
C ALA C 921 -10.46 63.63 4.80
N ASN C 922 -9.94 64.70 4.20
CA ASN C 922 -9.59 64.67 2.78
C ASN C 922 -8.48 63.67 2.52
N GLN C 923 -7.47 63.62 3.38
CA GLN C 923 -6.37 62.69 3.18
C GLN C 923 -6.83 61.25 3.30
N PHE C 924 -7.69 60.96 4.28
CA PHE C 924 -8.21 59.60 4.43
C PHE C 924 -9.15 59.25 3.27
N ASN C 925 -9.98 60.19 2.84
CA ASN C 925 -10.91 59.92 1.74
C ASN C 925 -10.16 59.60 0.46
N SER C 926 -9.07 60.32 0.18
CA SER C 926 -8.27 60.03 -1.00
C SER C 926 -7.57 58.68 -0.89
N ALA C 927 -7.19 58.28 0.33
CA ALA C 927 -6.47 57.02 0.50
C ALA C 927 -7.32 55.82 0.10
N ILE C 928 -8.59 55.81 0.51
CA ILE C 928 -9.44 54.66 0.23
C ILE C 928 -9.73 54.56 -1.27
N GLY C 929 -9.73 55.69 -1.98
CA GLY C 929 -9.99 55.65 -3.41
C GLY C 929 -8.95 54.88 -4.19
N LYS C 930 -7.68 55.01 -3.80
CA LYS C 930 -6.61 54.31 -4.50
C LYS C 930 -6.70 52.81 -4.32
N ILE C 931 -7.31 52.35 -3.23
CA ILE C 931 -7.39 50.92 -2.96
C ILE C 931 -8.20 50.21 -4.04
N GLN C 932 -9.26 50.85 -4.52
CA GLN C 932 -10.13 50.22 -5.50
C GLN C 932 -9.37 49.85 -6.78
N ASP C 933 -8.63 50.80 -7.35
CA ASP C 933 -7.90 50.53 -8.58
C ASP C 933 -6.64 49.71 -8.33
N SER C 934 -5.93 49.97 -7.23
CA SER C 934 -4.68 49.27 -6.97
C SER C 934 -4.90 47.77 -6.75
N LEU C 935 -6.06 47.40 -6.20
CA LEU C 935 -6.36 45.98 -5.99
C LEU C 935 -6.42 45.23 -7.31
N SER C 936 -7.00 45.83 -8.33
CA SER C 936 -7.10 45.23 -9.65
C SER C 936 -5.92 45.56 -10.55
N SER C 937 -4.93 46.31 -10.05
CA SER C 937 -3.78 46.67 -10.87
C SER C 937 -2.87 45.47 -11.07
N THR C 938 -2.35 44.91 -9.97
CA THR C 938 -1.49 43.74 -10.05
C THR C 938 -2.31 42.46 -9.93
N ALA C 939 -1.90 41.44 -10.69
CA ALA C 939 -2.63 40.18 -10.73
C ALA C 939 -2.27 39.24 -9.58
N SER C 940 -1.22 39.53 -8.83
CA SER C 940 -0.76 38.66 -7.75
C SER C 940 -1.33 39.05 -6.39
N ALA C 941 -2.22 40.05 -6.34
CA ALA C 941 -2.78 40.47 -5.06
C ALA C 941 -3.62 39.35 -4.43
N LEU C 942 -4.42 38.65 -5.24
CA LEU C 942 -5.26 37.57 -4.77
C LEU C 942 -4.58 36.21 -4.85
N GLY C 943 -3.24 36.18 -4.81
CA GLY C 943 -2.53 34.92 -4.93
C GLY C 943 -2.82 33.96 -3.80
N LYS C 944 -2.90 34.47 -2.57
CA LYS C 944 -3.14 33.61 -1.42
C LYS C 944 -4.51 32.95 -1.44
N LEU C 945 -5.44 33.47 -2.24
CA LEU C 945 -6.75 32.85 -2.42
C LEU C 945 -6.86 32.08 -3.72
N GLN C 946 -6.14 32.50 -4.76
CA GLN C 946 -6.24 31.81 -6.04
C GLN C 946 -5.70 30.39 -5.96
N ASP C 947 -4.64 30.18 -5.18
CA ASP C 947 -4.06 28.83 -5.08
C ASP C 947 -4.97 27.88 -4.33
N VAL C 948 -5.80 28.40 -3.41
CA VAL C 948 -6.69 27.53 -2.64
C VAL C 948 -7.69 26.83 -3.56
N VAL C 949 -8.36 27.59 -4.43
CA VAL C 949 -9.28 26.98 -5.37
C VAL C 949 -8.53 26.16 -6.42
N ASN C 950 -7.26 26.49 -6.67
CA ASN C 950 -6.46 25.71 -7.61
C ASN C 950 -6.08 24.35 -7.03
N HIS C 951 -5.56 24.35 -5.80
CA HIS C 951 -5.14 23.10 -5.17
C HIS C 951 -6.32 22.15 -4.98
N ASN C 952 -7.43 22.67 -4.47
CA ASN C 952 -8.60 21.84 -4.21
C ASN C 952 -9.32 21.42 -5.49
N ALA C 953 -8.93 21.94 -6.64
CA ALA C 953 -9.45 21.49 -7.92
C ALA C 953 -8.45 20.68 -8.73
N GLN C 954 -7.17 21.06 -8.69
CA GLN C 954 -6.15 20.32 -9.43
C GLN C 954 -5.95 18.92 -8.87
N ALA C 955 -6.05 18.76 -7.54
CA ALA C 955 -5.83 17.45 -6.94
C ALA C 955 -6.88 16.44 -7.39
N LEU C 956 -8.10 16.89 -7.67
CA LEU C 956 -9.13 15.98 -8.14
C LEU C 956 -8.79 15.42 -9.51
N ASN C 957 -8.16 16.23 -10.36
CA ASN C 957 -7.83 15.79 -11.72
C ASN C 957 -6.86 14.61 -11.69
N THR C 958 -5.84 14.68 -10.82
CA THR C 958 -4.88 13.59 -10.71
C THR C 958 -5.56 12.31 -10.24
N LEU C 959 -6.53 12.42 -9.32
CA LEU C 959 -7.26 11.24 -8.85
C LEU C 959 -8.03 10.59 -9.99
N VAL C 960 -8.68 11.41 -10.82
CA VAL C 960 -9.44 10.87 -11.95
C VAL C 960 -8.50 10.27 -12.99
N LYS C 961 -7.43 10.99 -13.31
CA LYS C 961 -6.49 10.53 -14.32
C LYS C 961 -5.73 9.28 -13.90
N GLN C 962 -5.65 9.01 -12.59
CA GLN C 962 -4.85 7.87 -12.13
C GLN C 962 -5.46 6.54 -12.54
N LEU C 963 -6.78 6.44 -12.56
CA LEU C 963 -7.41 5.16 -12.86
C LEU C 963 -7.27 4.73 -14.32
N SER C 964 -6.57 5.48 -15.16
CA SER C 964 -6.34 5.08 -16.54
C SER C 964 -5.06 4.27 -16.72
N SER C 965 -4.30 4.06 -15.65
CA SER C 965 -3.05 3.32 -15.72
C SER C 965 -3.31 1.83 -15.54
N LYS C 966 -2.45 1.02 -16.15
CA LYS C 966 -2.64 -0.43 -16.14
C LYS C 966 -2.25 -1.05 -14.80
N PHE C 967 -1.24 -0.49 -14.12
CA PHE C 967 -0.73 -1.05 -12.86
C PHE C 967 -0.29 -2.49 -13.01
N GLY C 968 0.31 -2.83 -14.14
CA GLY C 968 0.84 -4.16 -14.37
C GLY C 968 -0.15 -5.19 -14.86
N ALA C 969 -1.39 -4.80 -15.15
CA ALA C 969 -2.38 -5.71 -15.69
C ALA C 969 -2.35 -5.67 -17.21
N ILE C 970 -3.33 -6.31 -17.85
CA ILE C 970 -3.40 -6.29 -19.31
C ILE C 970 -4.05 -5.00 -19.80
N SER C 971 -5.27 -4.73 -19.34
CA SER C 971 -6.02 -3.56 -19.78
C SER C 971 -6.47 -2.76 -18.57
N SER C 972 -6.86 -1.51 -18.82
CA SER C 972 -7.29 -0.59 -17.78
C SER C 972 -8.80 -0.61 -17.57
N VAL C 973 -9.52 -1.49 -18.25
CA VAL C 973 -10.98 -1.58 -18.14
C VAL C 973 -11.34 -2.93 -17.53
N LEU C 974 -12.32 -2.91 -16.63
CA LEU C 974 -12.68 -4.12 -15.90
C LEU C 974 -13.50 -5.08 -16.77
N ASN C 975 -14.32 -4.54 -17.66
CA ASN C 975 -15.32 -5.36 -18.35
C ASN C 975 -14.67 -6.42 -19.24
N ASP C 976 -13.63 -6.07 -19.98
CA ASP C 976 -13.06 -7.00 -20.95
C ASP C 976 -12.38 -8.17 -20.26
N ILE C 977 -11.80 -7.95 -19.08
CA ILE C 977 -11.05 -9.00 -18.40
C ILE C 977 -11.96 -10.17 -18.05
N PHE C 978 -13.13 -9.87 -17.48
CA PHE C 978 -14.07 -10.94 -17.13
C PHE C 978 -14.71 -11.59 -18.35
N SER C 979 -14.72 -10.89 -19.49
CA SER C 979 -15.30 -11.43 -20.71
C SER C 979 -14.26 -12.09 -21.62
N ARG C 980 -13.01 -12.18 -21.17
CA ARG C 980 -11.95 -12.78 -21.97
C ARG C 980 -11.12 -13.82 -21.25
N LEU C 981 -11.08 -13.83 -19.92
CA LEU C 981 -10.24 -14.76 -19.17
C LEU C 981 -11.10 -15.52 -18.17
N ASP C 982 -10.69 -16.75 -17.89
CA ASP C 982 -11.45 -17.61 -17.00
C ASP C 982 -11.43 -17.09 -15.57
N LYS C 983 -12.49 -17.43 -14.82
CA LYS C 983 -12.67 -16.89 -13.48
C LYS C 983 -11.63 -17.39 -12.48
N VAL C 984 -10.95 -18.50 -12.78
CA VAL C 984 -10.05 -19.10 -11.79
C VAL C 984 -8.83 -18.21 -11.55
N GLU C 985 -8.27 -17.63 -12.61
CA GLU C 985 -7.10 -16.79 -12.48
C GLU C 985 -7.37 -15.32 -12.79
N ALA C 986 -8.58 -14.97 -13.23
CA ALA C 986 -8.91 -13.56 -13.43
C ALA C 986 -8.78 -12.77 -12.14
N GLU C 987 -8.92 -13.44 -11.00
CA GLU C 987 -8.71 -12.79 -9.71
C GLU C 987 -7.27 -12.35 -9.49
N VAL C 988 -6.33 -12.85 -10.30
CA VAL C 988 -4.94 -12.42 -10.16
C VAL C 988 -4.74 -11.04 -10.77
N GLN C 989 -5.21 -10.85 -12.01
CA GLN C 989 -5.09 -9.55 -12.65
C GLN C 989 -5.91 -8.49 -11.93
N ILE C 990 -7.13 -8.84 -11.51
CA ILE C 990 -7.98 -7.89 -10.80
C ILE C 990 -7.34 -7.47 -9.48
N ASP C 991 -6.82 -8.44 -8.73
CA ASP C 991 -6.16 -8.12 -7.47
C ASP C 991 -4.94 -7.22 -7.69
N ARG C 992 -4.28 -7.36 -8.84
CA ARG C 992 -3.19 -6.46 -9.18
C ARG C 992 -3.68 -5.04 -9.45
N LEU C 993 -4.96 -4.88 -9.78
CA LEU C 993 -5.53 -3.58 -10.08
C LEU C 993 -6.28 -2.96 -8.91
N ILE C 994 -6.92 -3.78 -8.07
CA ILE C 994 -7.63 -3.26 -6.91
C ILE C 994 -6.66 -2.58 -5.96
N THR C 995 -5.52 -3.23 -5.68
CA THR C 995 -4.52 -2.64 -4.81
C THR C 995 -3.86 -1.42 -5.43
N GLY C 996 -3.97 -1.25 -6.74
CA GLY C 996 -3.40 -0.08 -7.40
C GLY C 996 -4.25 1.15 -7.19
N ARG C 997 -5.53 1.06 -7.55
CA ARG C 997 -6.44 2.19 -7.36
C ARG C 997 -6.61 2.52 -5.88
N LEU C 998 -6.75 1.48 -5.05
CA LEU C 998 -7.00 1.70 -3.62
C LEU C 998 -5.87 2.48 -2.97
N GLN C 999 -4.63 2.11 -3.26
CA GLN C 999 -3.49 2.81 -2.68
C GLN C 999 -3.45 4.26 -3.16
N SER C 1000 -3.81 4.51 -4.42
CA SER C 1000 -3.85 5.87 -4.93
C SER C 1000 -4.94 6.70 -4.27
N LEU C 1001 -5.92 6.05 -3.64
CA LEU C 1001 -6.99 6.79 -2.96
C LEU C 1001 -6.57 7.20 -1.56
N GLN C 1002 -5.94 6.31 -0.80
CA GLN C 1002 -5.48 6.65 0.54
C GLN C 1002 -4.41 7.72 0.51
N THR C 1003 -3.69 7.88 -0.60
CA THR C 1003 -2.77 9.00 -0.72
C THR C 1003 -3.54 10.33 -0.74
N TYR C 1004 -4.66 10.37 -1.47
CA TYR C 1004 -5.42 11.61 -1.58
C TYR C 1004 -5.97 12.06 -0.23
N VAL C 1005 -6.52 11.14 0.55
CA VAL C 1005 -7.13 11.52 1.82
C VAL C 1005 -6.06 12.02 2.78
N THR C 1006 -4.85 11.43 2.73
CA THR C 1006 -3.76 11.90 3.58
C THR C 1006 -3.39 13.34 3.24
N GLN C 1007 -3.35 13.67 1.95
CA GLN C 1007 -3.04 15.04 1.54
C GLN C 1007 -4.09 16.02 2.08
N GLN C 1008 -5.36 15.61 2.08
CA GLN C 1008 -6.42 16.50 2.54
C GLN C 1008 -6.25 16.82 4.02
N LEU C 1009 -5.86 15.84 4.83
CA LEU C 1009 -5.67 16.08 6.26
C LEU C 1009 -4.60 17.12 6.52
N ILE C 1010 -3.48 17.06 5.78
CA ILE C 1010 -2.40 18.02 5.99
C ILE C 1010 -2.88 19.44 5.69
N ARG C 1011 -3.54 19.61 4.54
CA ARG C 1011 -4.03 20.94 4.18
C ARG C 1011 -5.09 21.43 5.15
N ALA C 1012 -6.01 20.54 5.56
CA ALA C 1012 -7.06 20.94 6.49
C ALA C 1012 -6.48 21.36 7.83
N ALA C 1013 -5.47 20.64 8.31
CA ALA C 1013 -4.82 21.01 9.57
C ALA C 1013 -4.08 22.33 9.46
N GLU C 1014 -3.76 22.77 8.25
CA GLU C 1014 -3.09 24.05 8.05
C GLU C 1014 -4.07 25.21 7.97
N ILE C 1015 -5.21 25.02 7.32
CA ILE C 1015 -6.21 26.09 7.21
C ILE C 1015 -6.73 26.48 8.58
N ARG C 1016 -6.97 25.48 9.45
CA ARG C 1016 -7.40 25.76 10.82
C ARG C 1016 -6.40 26.65 11.55
N ALA C 1017 -5.10 26.42 11.32
CA ALA C 1017 -4.09 27.27 11.93
C ALA C 1017 -4.11 28.68 11.37
N SER C 1018 -4.76 28.90 10.22
CA SER C 1018 -4.90 30.22 9.63
C SER C 1018 -6.22 30.90 9.99
N ALA C 1019 -7.30 30.12 10.10
CA ALA C 1019 -8.59 30.69 10.49
C ALA C 1019 -8.54 31.24 11.90
N ASN C 1020 -7.89 30.50 12.82
CA ASN C 1020 -7.78 30.96 14.20
C ASN C 1020 -7.03 32.28 14.29
N LEU C 1021 -5.96 32.42 13.51
CA LEU C 1021 -5.24 33.69 13.46
C LEU C 1021 -6.14 34.80 12.94
N ALA C 1022 -6.93 34.50 11.91
CA ALA C 1022 -7.87 35.49 11.38
C ALA C 1022 -8.93 35.85 12.41
N ALA C 1023 -9.37 34.88 13.21
CA ALA C 1023 -10.36 35.16 14.24
C ALA C 1023 -9.82 36.15 15.27
N THR C 1024 -8.56 35.98 15.67
CA THR C 1024 -7.96 36.93 16.60
C THR C 1024 -7.83 38.31 15.98
N LYS C 1025 -7.50 38.36 14.68
CA LYS C 1025 -7.40 39.64 14.00
C LYS C 1025 -8.73 40.38 14.01
N MET C 1026 -9.82 39.68 13.72
CA MET C 1026 -11.14 40.30 13.76
C MET C 1026 -11.51 40.70 15.19
N SER C 1027 -11.16 39.87 16.17
CA SER C 1027 -11.50 40.17 17.56
C SER C 1027 -10.76 41.40 18.05
N GLU C 1028 -9.48 41.55 17.71
CA GLU C 1028 -8.65 42.61 18.26
C GLU C 1028 -8.60 43.84 17.36
N CYS C 1029 -8.17 43.66 16.11
CA CYS C 1029 -7.94 44.81 15.23
C CYS C 1029 -9.23 45.50 14.80
N VAL C 1030 -10.40 44.91 15.06
CA VAL C 1030 -11.68 45.49 14.69
C VAL C 1030 -12.44 45.98 15.91
N LEU C 1031 -12.71 45.09 16.86
CA LEU C 1031 -13.49 45.43 18.06
C LEU C 1031 -12.70 46.26 19.06
N GLY C 1032 -11.51 46.72 18.72
CA GLY C 1032 -10.74 47.52 19.66
C GLY C 1032 -9.46 48.03 19.03
N GLN C 1033 -8.64 48.67 19.85
CA GLN C 1033 -7.35 49.18 19.44
C GLN C 1033 -6.25 48.36 20.11
N SER C 1034 -5.34 47.84 19.30
CA SER C 1034 -4.29 46.94 19.79
C SER C 1034 -2.98 47.69 19.89
N LYS C 1035 -2.30 47.54 21.03
CA LYS C 1035 -1.01 48.17 21.25
C LYS C 1035 0.15 47.36 20.66
N ARG C 1036 -0.11 46.16 20.16
CA ARG C 1036 0.94 45.35 19.56
C ARG C 1036 1.43 45.98 18.27
N VAL C 1037 2.70 45.77 17.97
CA VAL C 1037 3.35 46.41 16.83
C VAL C 1037 3.23 45.49 15.61
N ASP C 1038 2.75 46.07 14.51
CA ASP C 1038 2.63 45.42 13.20
C ASP C 1038 1.58 44.31 13.19
N PHE C 1039 0.91 44.05 14.32
CA PHE C 1039 -0.11 43.00 14.33
C PHE C 1039 -1.31 43.39 13.47
N CYS C 1040 -1.66 44.68 13.43
CA CYS C 1040 -2.77 45.14 12.59
C CYS C 1040 -2.28 46.15 11.57
N GLY C 1041 -1.16 45.86 10.94
CA GLY C 1041 -0.63 46.74 9.90
C GLY C 1041 0.56 47.55 10.37
N LYS C 1042 1.38 47.97 9.42
CA LYS C 1042 2.56 48.77 9.73
C LYS C 1042 2.15 50.16 10.22
N GLY C 1043 2.87 50.67 11.20
CA GLY C 1043 2.57 51.95 11.79
C GLY C 1043 1.57 51.83 12.93
N TYR C 1044 1.37 52.96 13.61
CA TYR C 1044 0.43 52.99 14.72
C TYR C 1044 -0.98 52.73 14.22
N HIS C 1045 -1.72 51.89 14.96
CA HIS C 1045 -3.00 51.39 14.52
C HIS C 1045 -4.13 52.26 15.05
N LEU C 1046 -5.12 52.52 14.19
CA LEU C 1046 -6.29 53.30 14.55
C LEU C 1046 -7.59 52.52 14.47
N MET C 1047 -7.81 51.78 13.38
CA MET C 1047 -9.04 51.02 13.19
C MET C 1047 -8.83 50.07 12.01
N SER C 1048 -9.88 49.32 11.67
CA SER C 1048 -9.87 48.40 10.55
C SER C 1048 -11.29 47.99 10.24
N PHE C 1049 -11.54 47.63 8.98
CA PHE C 1049 -12.85 47.19 8.55
C PHE C 1049 -12.74 45.85 7.83
N PRO C 1050 -13.67 44.94 8.05
CA PRO C 1050 -13.64 43.65 7.36
C PRO C 1050 -14.48 43.67 6.08
N GLN C 1051 -14.08 42.80 5.15
CA GLN C 1051 -14.80 42.60 3.90
C GLN C 1051 -14.79 41.12 3.55
N SER C 1052 -15.93 40.62 3.08
CA SER C 1052 -16.04 39.21 2.74
C SER C 1052 -15.34 38.92 1.41
N ALA C 1053 -15.06 37.65 1.18
CA ALA C 1053 -14.33 37.20 0.00
C ALA C 1053 -14.57 35.70 -0.17
N PRO C 1054 -14.41 35.18 -1.38
CA PRO C 1054 -14.55 33.73 -1.58
C PRO C 1054 -13.48 32.96 -0.81
N HIS C 1055 -13.94 32.12 0.11
CA HIS C 1055 -13.04 31.27 0.91
C HIS C 1055 -11.99 32.09 1.64
N GLY C 1056 -12.39 33.25 2.14
CA GLY C 1056 -11.46 34.09 2.86
C GLY C 1056 -12.09 35.41 3.25
N VAL C 1057 -11.27 36.25 3.88
CA VAL C 1057 -11.67 37.57 4.35
C VAL C 1057 -10.59 38.57 3.97
N VAL C 1058 -10.99 39.83 3.83
CA VAL C 1058 -10.09 40.91 3.47
C VAL C 1058 -10.21 42.02 4.51
N PHE C 1059 -9.08 42.47 5.04
CA PHE C 1059 -9.05 43.52 6.04
C PHE C 1059 -8.54 44.82 5.42
N LEU C 1060 -9.02 45.94 5.96
CA LEU C 1060 -8.61 47.27 5.53
C LEU C 1060 -8.12 48.04 6.76
N HIS C 1061 -6.82 48.01 7.02
CA HIS C 1061 -6.26 48.68 8.18
C HIS C 1061 -6.06 50.16 7.91
N VAL C 1062 -6.32 50.97 8.93
CA VAL C 1062 -6.08 52.41 8.88
C VAL C 1062 -5.02 52.73 9.91
N THR C 1063 -3.89 53.28 9.47
CA THR C 1063 -2.72 53.46 10.32
C THR C 1063 -2.24 54.91 10.27
N TYR C 1064 -1.57 55.31 11.34
CA TYR C 1064 -1.01 56.65 11.47
C TYR C 1064 0.49 56.60 11.26
N VAL C 1065 1.01 57.51 10.45
CA VAL C 1065 2.43 57.53 10.11
C VAL C 1065 2.95 58.96 10.16
N PRO C 1066 4.05 59.23 10.87
CA PRO C 1066 4.58 60.59 10.92
C PRO C 1066 5.21 61.01 9.60
N ALA C 1067 5.01 62.28 9.25
CA ALA C 1067 5.57 62.86 8.04
C ALA C 1067 6.94 63.48 8.36
N GLN C 1068 7.44 64.34 7.47
CA GLN C 1068 8.77 64.93 7.58
C GLN C 1068 9.04 65.56 8.96
N GLU C 1069 10.31 65.69 9.31
CA GLU C 1069 10.70 66.07 10.66
C GLU C 1069 11.84 67.08 10.60
N LYS C 1070 12.22 67.57 11.78
CA LYS C 1070 13.36 68.48 11.93
C LYS C 1070 14.15 68.06 13.16
N ASN C 1071 15.45 68.34 13.13
CA ASN C 1071 16.34 67.99 14.23
C ASN C 1071 16.49 69.15 15.19
N PHE C 1072 16.65 68.83 16.47
CA PHE C 1072 16.73 69.81 17.55
C PHE C 1072 17.86 69.45 18.49
N THR C 1073 17.99 70.24 19.56
CA THR C 1073 18.95 69.99 20.62
C THR C 1073 18.18 69.81 21.93
N THR C 1074 18.54 68.77 22.68
CA THR C 1074 17.78 68.37 23.86
C THR C 1074 18.70 68.26 25.07
N ALA C 1075 18.10 68.35 26.26
CA ALA C 1075 18.78 68.17 27.52
C ALA C 1075 17.93 67.28 28.41
N PRO C 1076 18.56 66.36 29.15
CA PRO C 1076 17.77 65.41 29.96
C PRO C 1076 16.91 66.06 31.02
N ALA C 1077 17.37 67.14 31.64
CA ALA C 1077 16.65 67.73 32.76
C ALA C 1077 16.94 69.23 32.80
N ILE C 1078 16.59 69.87 33.91
CA ILE C 1078 16.79 71.31 34.08
C ILE C 1078 16.88 71.61 35.57
N CYS C 1079 17.81 72.49 35.92
CA CYS C 1079 18.04 72.89 37.31
C CYS C 1079 17.86 74.39 37.43
N HIS C 1080 16.92 74.82 38.28
CA HIS C 1080 16.70 76.24 38.50
C HIS C 1080 17.02 76.65 39.94
N ASP C 1081 16.34 76.09 40.93
CA ASP C 1081 16.62 76.41 42.33
C ASP C 1081 17.51 75.34 42.96
N GLY C 1082 18.67 75.13 42.33
CA GLY C 1082 19.63 74.16 42.82
C GLY C 1082 19.15 72.72 42.82
N LYS C 1083 17.96 72.49 42.26
CA LYS C 1083 17.36 71.17 42.22
C LYS C 1083 16.91 70.86 40.80
N ALA C 1084 17.11 69.62 40.38
CA ALA C 1084 16.76 69.22 39.03
C ALA C 1084 15.25 69.10 38.87
N HIS C 1085 14.78 69.27 37.64
CA HIS C 1085 13.38 69.10 37.30
C HIS C 1085 13.26 68.12 36.14
N PHE C 1086 12.15 67.40 36.11
CA PHE C 1086 11.88 66.42 35.07
C PHE C 1086 10.47 66.65 34.54
N PRO C 1087 10.27 66.53 33.23
CA PRO C 1087 8.93 66.78 32.68
C PRO C 1087 7.93 65.72 33.12
N ARG C 1088 6.67 66.15 33.25
CA ARG C 1088 5.60 65.19 33.52
C ARG C 1088 5.46 64.22 32.36
N GLU C 1089 5.55 64.73 31.13
CA GLU C 1089 5.57 63.91 29.93
C GLU C 1089 6.23 64.71 28.81
N GLY C 1090 6.70 64.01 27.80
CA GLY C 1090 7.38 64.66 26.70
C GLY C 1090 8.88 64.72 26.87
N VAL C 1091 9.50 65.80 26.41
CA VAL C 1091 10.95 65.94 26.47
C VAL C 1091 11.28 67.43 26.40
N PHE C 1092 12.43 67.81 26.99
CA PHE C 1092 12.90 69.18 26.93
C PHE C 1092 13.60 69.40 25.59
N VAL C 1093 13.18 70.43 24.86
CA VAL C 1093 13.66 70.67 23.51
C VAL C 1093 13.97 72.16 23.35
N SER C 1094 15.04 72.48 22.64
CA SER C 1094 15.41 73.86 22.34
C SER C 1094 15.92 73.97 20.92
N ASN C 1095 15.66 75.11 20.30
CA ASN C 1095 16.18 75.40 18.97
C ASN C 1095 17.50 76.17 19.02
N GLY C 1096 18.02 76.45 20.21
CA GLY C 1096 19.27 77.18 20.34
C GLY C 1096 19.12 78.47 21.13
N THR C 1097 18.03 79.19 20.93
CA THR C 1097 17.82 80.45 21.65
C THR C 1097 17.36 80.19 23.08
N HIS C 1098 16.20 79.55 23.23
CA HIS C 1098 15.72 79.13 24.54
C HIS C 1098 15.00 77.78 24.39
N TRP C 1099 14.48 77.28 25.50
CA TRP C 1099 14.04 75.90 25.59
C TRP C 1099 12.51 75.82 25.59
N PHE C 1100 12.03 74.60 25.32
CA PHE C 1100 10.59 74.31 25.32
C PHE C 1100 10.39 72.85 25.69
N VAL C 1101 9.14 72.51 25.97
CA VAL C 1101 8.73 71.13 26.21
C VAL C 1101 7.57 70.80 25.28
N THR C 1102 7.58 69.59 24.72
CA THR C 1102 6.61 69.24 23.69
C THR C 1102 6.34 67.75 23.75
N GLN C 1103 5.32 67.33 23.00
CA GLN C 1103 4.93 65.93 22.93
C GLN C 1103 6.01 65.10 22.23
N ARG C 1104 5.92 63.78 22.42
CA ARG C 1104 6.96 62.89 21.91
C ARG C 1104 7.02 62.92 20.39
N ASN C 1105 5.87 62.86 19.72
CA ASN C 1105 5.82 62.66 18.28
C ASN C 1105 4.99 63.73 17.59
N PHE C 1106 5.03 64.96 18.10
CA PHE C 1106 4.43 66.10 17.42
C PHE C 1106 4.95 67.39 18.01
N TYR C 1107 5.38 68.31 17.15
CA TYR C 1107 6.04 69.54 17.59
C TYR C 1107 4.98 70.55 18.02
N GLU C 1108 4.74 70.63 19.33
CA GLU C 1108 3.84 71.62 19.92
C GLU C 1108 4.56 72.25 21.10
N PRO C 1109 5.53 73.12 20.83
CA PRO C 1109 6.35 73.66 21.93
C PRO C 1109 5.53 74.55 22.86
N GLN C 1110 5.90 74.50 24.14
CA GLN C 1110 5.27 75.33 25.16
C GLN C 1110 6.34 75.82 26.12
N ILE C 1111 6.05 76.93 26.80
CA ILE C 1111 6.96 77.48 27.79
C ILE C 1111 7.05 76.52 28.97
N ILE C 1112 8.28 76.28 29.44
CA ILE C 1112 8.47 75.39 30.58
C ILE C 1112 7.72 75.94 31.78
N THR C 1113 6.84 75.13 32.35
CA THR C 1113 6.05 75.54 33.50
C THR C 1113 6.05 74.40 34.50
N THR C 1114 6.14 74.75 35.79
CA THR C 1114 6.32 73.73 36.82
C THR C 1114 5.12 72.79 36.93
N ASP C 1115 3.95 73.19 36.44
CA ASP C 1115 2.85 72.23 36.36
C ASP C 1115 3.15 71.13 35.36
N ASN C 1116 3.94 71.43 34.33
CA ASN C 1116 4.35 70.43 33.34
C ASN C 1116 5.53 69.59 33.81
N THR C 1117 6.14 69.92 34.95
CA THR C 1117 7.31 69.23 35.45
C THR C 1117 7.09 68.84 36.91
N PHE C 1118 8.06 68.14 37.48
CA PHE C 1118 8.07 67.83 38.89
C PHE C 1118 9.51 67.85 39.39
N VAL C 1119 9.73 68.50 40.52
CA VAL C 1119 11.07 68.73 41.06
C VAL C 1119 11.34 67.72 42.17
N SER C 1120 12.51 67.10 42.12
CA SER C 1120 12.92 66.14 43.14
C SER C 1120 14.43 65.91 43.02
N GLY C 1121 15.12 66.02 44.15
CA GLY C 1121 16.54 65.76 44.20
C GLY C 1121 17.39 66.94 43.79
N ASN C 1122 18.65 66.96 44.24
CA ASN C 1122 19.56 68.03 43.87
C ASN C 1122 20.02 67.85 42.42
N CYS C 1123 20.46 68.95 41.83
CA CYS C 1123 20.87 68.98 40.41
C CYS C 1123 22.39 68.89 40.26
N ASP C 1124 23.06 68.17 41.16
CA ASP C 1124 24.50 67.97 41.08
C ASP C 1124 24.90 66.56 40.66
N VAL C 1125 23.97 65.61 40.68
CA VAL C 1125 24.29 64.21 40.38
C VAL C 1125 23.89 63.88 38.95
N VAL C 1126 22.86 64.58 38.44
CA VAL C 1126 22.36 64.30 37.09
C VAL C 1126 23.39 64.78 36.08
N ILE C 1127 23.80 63.87 35.19
CA ILE C 1127 24.79 64.19 34.17
C ILE C 1127 24.11 64.85 32.98
N GLY C 1128 24.77 65.84 32.39
CA GLY C 1128 24.26 66.51 31.22
C GLY C 1128 23.18 67.54 31.46
N ILE C 1129 22.98 67.96 32.71
CA ILE C 1129 21.96 68.96 33.00
C ILE C 1129 22.38 70.31 32.41
N VAL C 1130 21.40 71.20 32.27
CA VAL C 1130 21.60 72.50 31.65
C VAL C 1130 20.96 73.57 32.53
N ASN C 1131 21.36 74.82 32.30
CA ASN C 1131 20.92 75.95 33.10
C ASN C 1131 19.85 76.74 32.37
N ASN C 1132 18.75 77.01 33.06
CA ASN C 1132 17.68 77.89 32.58
C ASN C 1132 16.75 78.14 33.75
N THR C 1133 15.86 79.13 33.56
CA THR C 1133 14.89 79.48 34.58
C THR C 1133 13.56 78.78 34.29
N VAL C 1134 12.96 78.24 35.35
CA VAL C 1134 11.67 77.56 35.25
C VAL C 1134 10.60 78.52 35.72
N TYR C 1135 9.41 78.39 35.14
CA TYR C 1135 8.28 79.23 35.48
C TYR C 1135 7.27 78.41 36.27
N ASP C 1136 6.96 78.87 37.47
CA ASP C 1136 5.89 78.26 38.25
C ASP C 1136 4.55 78.64 37.63
N PRO C 1137 3.62 77.69 37.47
CA PRO C 1137 2.25 78.07 37.08
C PRO C 1137 1.59 78.93 38.12
N LEU C 1138 2.17 79.03 39.31
CA LEU C 1138 1.71 79.88 40.38
C LEU C 1138 2.42 81.23 40.40
N GLN C 1139 3.42 81.43 39.55
CA GLN C 1139 3.90 82.80 39.33
C GLN C 1139 2.79 83.70 38.80
N PRO C 1140 2.00 83.30 37.80
CA PRO C 1140 0.78 84.08 37.51
C PRO C 1140 -0.18 84.11 38.67
N GLU C 1141 -0.03 83.20 39.65
CA GLU C 1141 -0.74 83.31 40.91
C GLU C 1141 0.03 84.07 41.98
N LEU C 1142 1.36 84.17 41.87
CA LEU C 1142 2.13 84.97 42.81
C LEU C 1142 2.75 86.19 42.14
N ASP C 1143 3.55 86.02 41.08
CA ASP C 1143 4.22 87.15 40.46
C ASP C 1143 3.22 88.15 39.88
N SER C 1144 2.03 87.67 39.51
CA SER C 1144 0.97 88.54 39.00
C SER C 1144 -0.06 88.91 40.07
N PHE C 1145 0.05 88.37 41.28
CA PHE C 1145 -0.79 88.81 42.38
C PHE C 1145 -0.01 89.40 43.54
N LYS C 1146 1.25 88.97 43.74
CA LYS C 1146 2.10 89.69 44.67
C LYS C 1146 2.28 91.13 44.19
N GLU C 1147 2.37 91.34 42.88
CA GLU C 1147 2.41 92.69 42.33
C GLU C 1147 1.10 93.43 42.60
N GLU C 1148 -0.05 92.75 42.44
CA GLU C 1148 -1.31 93.37 42.80
C GLU C 1148 -1.37 93.64 44.30
N LEU C 1149 -0.91 92.69 45.10
CA LEU C 1149 -0.78 92.93 46.53
C LEU C 1149 0.22 94.04 46.82
N ASP C 1150 1.33 94.07 46.06
CA ASP C 1150 2.24 95.21 46.14
C ASP C 1150 1.57 96.48 45.64
N LYS C 1151 0.77 96.37 44.57
CA LYS C 1151 0.03 97.53 44.07
C LYS C 1151 -0.94 98.05 45.13
N TYR C 1152 -1.62 97.15 45.82
CA TYR C 1152 -2.47 97.56 46.94
C TYR C 1152 -1.64 98.07 48.10
N PHE C 1153 -0.54 97.39 48.42
CA PHE C 1153 0.26 97.78 49.58
C PHE C 1153 0.90 99.14 49.40
N LYS C 1154 1.38 99.45 48.19
CA LYS C 1154 1.88 100.79 47.93
C LYS C 1154 0.78 101.82 48.11
N ASN C 1155 -0.43 101.51 47.66
CA ASN C 1155 -1.60 102.34 47.95
C ASN C 1155 -2.02 102.22 49.41
N HIS C 1156 -1.55 101.19 50.12
CA HIS C 1156 -1.89 100.98 51.52
C HIS C 1156 -0.84 101.52 52.48
N THR C 1157 0.44 101.48 52.12
CA THR C 1157 1.49 102.00 52.97
C THR C 1157 1.74 103.49 52.75
N SER C 1158 1.22 104.07 51.67
CA SER C 1158 1.38 105.50 51.46
C SER C 1158 0.74 106.36 52.55
N PRO C 1159 -0.48 106.09 53.04
CA PRO C 1159 -0.97 106.96 54.11
C PRO C 1159 -0.26 106.73 55.44
N GLN D 1 -17.88 -49.22 -56.96
CA GLN D 1 -16.97 -49.90 -56.06
C GLN D 1 -15.79 -50.48 -56.86
N ILE D 2 -14.66 -50.69 -56.18
CA ILE D 2 -13.38 -50.97 -56.81
C ILE D 2 -13.25 -52.46 -57.11
N THR D 3 -12.87 -52.78 -58.34
CA THR D 3 -12.46 -54.10 -58.75
C THR D 3 -11.05 -54.03 -59.31
N LEU D 4 -10.20 -54.94 -58.87
CA LEU D 4 -8.83 -55.07 -59.35
C LEU D 4 -8.77 -56.26 -60.28
N LYS D 5 -8.39 -56.03 -61.54
CA LYS D 5 -8.39 -57.07 -62.57
C LYS D 5 -7.00 -57.17 -63.18
N GLU D 6 -6.50 -58.41 -63.29
CA GLU D 6 -5.18 -58.68 -63.83
C GLU D 6 -5.32 -59.26 -65.24
N SER D 7 -4.44 -58.84 -66.14
CA SER D 7 -4.46 -59.28 -67.53
C SER D 7 -3.04 -59.45 -68.04
N GLY D 8 -2.80 -60.55 -68.74
CA GLY D 8 -1.50 -60.82 -69.34
C GLY D 8 -1.35 -62.27 -69.74
N PRO D 9 -0.27 -62.58 -70.45
CA PRO D 9 -0.04 -63.98 -70.84
C PRO D 9 0.24 -64.86 -69.64
N THR D 10 -0.15 -66.12 -69.75
CA THR D 10 0.03 -67.11 -68.70
C THR D 10 1.25 -67.99 -68.93
N LEU D 11 1.55 -68.33 -70.17
CA LEU D 11 2.70 -69.16 -70.52
C LEU D 11 3.76 -68.27 -71.18
N VAL D 12 4.98 -68.34 -70.65
CA VAL D 12 6.09 -67.52 -71.13
C VAL D 12 7.33 -68.37 -71.26
N LYS D 13 8.09 -68.12 -72.33
CA LYS D 13 9.40 -68.73 -72.55
C LYS D 13 10.43 -68.03 -71.66
N PRO D 14 11.30 -68.79 -70.98
CA PRO D 14 12.22 -68.13 -70.02
C PRO D 14 13.07 -67.04 -70.61
N THR D 15 13.52 -67.19 -71.87
CA THR D 15 14.32 -66.12 -72.49
C THR D 15 13.47 -64.88 -72.74
N GLN D 16 12.18 -65.07 -73.04
CA GLN D 16 11.30 -63.93 -73.29
C GLN D 16 10.97 -63.21 -71.99
N THR D 17 10.63 -61.93 -72.11
CA THR D 17 10.22 -61.12 -70.98
C THR D 17 8.71 -61.15 -70.81
N LEU D 18 8.25 -60.69 -69.65
CA LEU D 18 6.84 -60.73 -69.28
C LEU D 18 6.30 -59.32 -69.03
N THR D 19 5.07 -59.10 -69.44
CA THR D 19 4.33 -57.88 -69.16
C THR D 19 3.00 -58.24 -68.53
N LEU D 20 2.52 -57.39 -67.62
CA LEU D 20 1.28 -57.62 -66.92
C LEU D 20 0.58 -56.28 -66.71
N THR D 21 -0.75 -56.31 -66.65
CA THR D 21 -1.52 -55.10 -66.45
C THR D 21 -2.57 -55.35 -65.38
N CYS D 22 -2.88 -54.30 -64.63
CA CYS D 22 -3.95 -54.34 -63.64
C CYS D 22 -4.83 -53.12 -63.91
N ASN D 23 -6.08 -53.39 -64.30
CA ASN D 23 -7.02 -52.33 -64.68
C ASN D 23 -7.96 -52.06 -63.51
N PHE D 24 -7.45 -51.36 -62.51
CA PHE D 24 -8.27 -51.00 -61.36
C PHE D 24 -9.41 -50.11 -61.80
N SER D 25 -10.62 -50.41 -61.32
CA SER D 25 -11.78 -49.60 -61.64
C SER D 25 -12.58 -49.35 -60.38
N GLY D 26 -12.72 -48.07 -60.00
CA GLY D 26 -13.45 -47.71 -58.81
C GLY D 26 -12.76 -46.76 -57.85
N PHE D 27 -11.48 -46.45 -58.03
CA PHE D 27 -10.88 -45.31 -57.34
C PHE D 27 -10.04 -44.52 -58.33
N SER D 28 -9.99 -43.22 -58.13
CA SER D 28 -8.97 -42.40 -58.79
C SER D 28 -7.66 -42.56 -58.04
N LEU D 29 -6.64 -43.09 -58.72
CA LEU D 29 -5.35 -43.32 -58.07
C LEU D 29 -4.67 -42.02 -57.69
N ASN D 30 -5.06 -40.90 -58.30
CA ASN D 30 -4.43 -39.62 -58.05
C ASN D 30 -4.73 -39.07 -56.66
N THR D 31 -5.68 -39.65 -55.93
CA THR D 31 -6.00 -39.16 -54.60
C THR D 31 -4.80 -39.26 -53.67
N TYR D 32 -4.58 -38.21 -52.88
CA TYR D 32 -3.41 -38.10 -52.03
C TYR D 32 -3.51 -39.10 -50.88
N GLY D 33 -2.60 -40.07 -50.84
CA GLY D 33 -2.51 -41.00 -49.74
C GLY D 33 -2.75 -42.47 -50.08
N VAL D 34 -2.98 -42.83 -51.35
CA VAL D 34 -3.31 -44.20 -51.72
C VAL D 34 -2.27 -44.71 -52.71
N GLY D 35 -1.82 -45.95 -52.51
CA GLY D 35 -0.90 -46.61 -53.41
C GLY D 35 -1.46 -47.90 -53.95
N VAL D 36 -0.65 -48.56 -54.78
CA VAL D 36 -1.04 -49.86 -55.33
C VAL D 36 0.23 -50.70 -55.56
N GLY D 37 0.15 -51.98 -55.19
CA GLY D 37 1.29 -52.86 -55.23
C GLY D 37 0.96 -54.21 -55.84
N TRP D 38 2.00 -55.03 -55.97
CA TRP D 38 1.89 -56.34 -56.60
C TRP D 38 2.43 -57.41 -55.67
N ILE D 39 1.69 -58.51 -55.55
CA ILE D 39 2.08 -59.63 -54.70
C ILE D 39 1.97 -60.92 -55.49
N ARG D 40 3.02 -61.74 -55.46
CA ARG D 40 2.99 -63.05 -56.11
C ARG D 40 3.15 -64.14 -55.07
N GLN D 41 2.54 -65.28 -55.35
CA GLN D 41 2.61 -66.47 -54.50
C GLN D 41 2.93 -67.68 -55.36
N PRO D 42 4.15 -68.20 -55.30
CA PRO D 42 4.47 -69.43 -56.00
C PRO D 42 3.73 -70.61 -55.39
N PRO D 43 3.31 -71.58 -56.19
CA PRO D 43 2.63 -72.76 -55.63
C PRO D 43 3.55 -73.54 -54.70
N GLY D 44 2.97 -74.03 -53.60
CA GLY D 44 3.70 -74.80 -52.63
C GLY D 44 4.38 -74.00 -51.55
N LYS D 45 4.52 -72.69 -51.73
CA LYS D 45 5.19 -71.85 -50.73
C LYS D 45 4.36 -70.61 -50.40
N ALA D 46 4.95 -69.66 -49.69
CA ALA D 46 4.24 -68.47 -49.23
C ALA D 46 4.12 -67.47 -50.37
N LEU D 47 3.66 -66.27 -50.04
CA LEU D 47 3.53 -65.18 -51.00
C LEU D 47 4.90 -64.52 -51.19
N GLU D 48 4.93 -63.44 -51.98
CA GLU D 48 6.16 -62.68 -52.18
C GLU D 48 5.79 -61.30 -52.70
N TRP D 49 6.20 -60.26 -51.97
CA TRP D 49 5.93 -58.90 -52.42
C TRP D 49 6.85 -58.53 -53.58
N LEU D 50 6.28 -57.85 -54.58
CA LEU D 50 7.03 -57.43 -55.76
C LEU D 50 7.44 -55.96 -55.70
N ALA D 51 6.46 -55.07 -55.62
CA ALA D 51 6.71 -53.63 -55.71
C ALA D 51 5.40 -52.90 -55.40
N LEU D 52 5.49 -51.58 -55.33
CA LEU D 52 4.32 -50.74 -55.16
C LEU D 52 4.65 -49.32 -55.61
N ILE D 53 3.61 -48.62 -56.08
CA ILE D 53 3.73 -47.26 -56.59
C ILE D 53 2.73 -46.38 -55.86
N TYR D 54 3.10 -45.12 -55.66
CA TYR D 54 2.31 -44.16 -54.92
C TYR D 54 1.49 -43.29 -55.85
N TRP D 55 0.59 -42.50 -55.26
CA TRP D 55 -0.29 -41.64 -56.03
C TRP D 55 0.50 -40.55 -56.76
N ASP D 56 1.51 -39.97 -56.11
CA ASP D 56 2.24 -38.82 -56.63
C ASP D 56 3.50 -39.22 -57.40
N GLY D 57 3.49 -40.38 -58.06
CA GLY D 57 4.63 -40.81 -58.84
C GLY D 57 5.87 -41.15 -58.04
N ASP D 58 5.69 -41.83 -56.90
CA ASP D 58 6.80 -42.36 -56.12
C ASP D 58 6.73 -43.88 -56.17
N GLU D 59 7.84 -44.50 -56.58
CA GLU D 59 7.87 -45.93 -56.89
C GLU D 59 8.81 -46.64 -55.93
N ARG D 60 8.34 -47.75 -55.36
CA ARG D 60 9.13 -48.60 -54.49
C ARG D 60 9.11 -50.01 -55.03
N TYR D 61 10.28 -50.58 -55.28
CA TYR D 61 10.40 -51.94 -55.79
C TYR D 61 10.97 -52.86 -54.72
N GLY D 62 10.97 -54.16 -55.02
CA GLY D 62 11.53 -55.15 -54.13
C GLY D 62 13.04 -55.01 -54.02
N PRO D 63 13.60 -55.46 -52.90
CA PRO D 63 15.06 -55.33 -52.70
C PRO D 63 15.88 -56.13 -53.69
N PHE D 64 15.32 -57.18 -54.28
CA PHE D 64 16.06 -58.03 -55.20
C PHE D 64 15.73 -57.77 -56.67
N PHE D 65 14.53 -57.30 -56.96
CA PHE D 65 14.00 -57.23 -58.33
C PHE D 65 13.95 -55.81 -58.86
N LYS D 66 14.88 -54.94 -58.43
CA LYS D 66 14.84 -53.56 -58.86
C LYS D 66 14.98 -53.44 -60.38
N ASN D 67 15.96 -54.15 -60.96
CA ASN D 67 16.12 -54.11 -62.40
C ASN D 67 15.09 -54.98 -63.11
N LYS D 68 14.67 -56.08 -62.47
CA LYS D 68 13.77 -57.03 -63.13
C LYS D 68 12.40 -56.41 -63.42
N VAL D 69 11.86 -55.63 -62.49
CA VAL D 69 10.51 -55.11 -62.63
C VAL D 69 10.58 -53.62 -62.94
N THR D 70 9.59 -53.14 -63.69
CA THR D 70 9.36 -51.72 -63.86
C THR D 70 7.87 -51.47 -63.81
N ILE D 71 7.47 -50.34 -63.22
CA ILE D 71 6.06 -50.04 -63.02
C ILE D 71 5.73 -48.71 -63.67
N ALA D 72 4.48 -48.58 -64.12
CA ALA D 72 3.99 -47.32 -64.65
C ALA D 72 2.49 -47.27 -64.47
N LYS D 73 1.95 -46.06 -64.46
CA LYS D 73 0.53 -45.85 -64.22
C LYS D 73 -0.06 -44.95 -65.29
N ASP D 74 -1.36 -45.11 -65.52
CA ASP D 74 -2.12 -44.28 -66.46
C ASP D 74 -3.50 -44.06 -65.84
N THR D 75 -3.66 -42.91 -65.18
CA THR D 75 -4.92 -42.60 -64.51
C THR D 75 -6.02 -42.22 -65.49
N SER D 76 -5.66 -41.84 -66.72
CA SER D 76 -6.67 -41.52 -67.72
C SER D 76 -7.52 -42.74 -68.06
N LYS D 77 -6.87 -43.89 -68.26
CA LYS D 77 -7.57 -45.14 -68.46
C LYS D 77 -7.62 -46.00 -67.20
N ASN D 78 -7.08 -45.50 -66.08
CA ASN D 78 -7.15 -46.19 -64.78
C ASN D 78 -6.50 -47.57 -64.85
N GLN D 79 -5.25 -47.60 -65.27
CA GLN D 79 -4.51 -48.86 -65.42
C GLN D 79 -3.10 -48.71 -64.85
N VAL D 80 -2.50 -49.86 -64.54
CA VAL D 80 -1.11 -49.91 -64.11
C VAL D 80 -0.43 -51.06 -64.84
N VAL D 81 0.80 -50.84 -65.28
CA VAL D 81 1.55 -51.80 -66.09
C VAL D 81 2.85 -52.15 -65.37
N LEU D 82 3.15 -53.45 -65.34
CA LEU D 82 4.33 -53.99 -64.67
C LEU D 82 5.10 -54.88 -65.64
N THR D 83 6.42 -54.74 -65.67
CA THR D 83 7.28 -55.52 -66.55
C THR D 83 8.27 -56.33 -65.72
N MET D 84 8.34 -57.63 -66.01
CA MET D 84 9.18 -58.59 -65.32
C MET D 84 10.12 -59.22 -66.33
N THR D 85 11.36 -59.49 -65.92
CA THR D 85 12.39 -59.94 -66.84
C THR D 85 13.08 -61.20 -66.33
N ASN D 86 13.71 -61.92 -67.27
CA ASN D 86 14.50 -63.13 -67.04
C ASN D 86 13.94 -64.00 -65.90
N MET D 87 12.65 -64.32 -66.01
CA MET D 87 11.97 -65.11 -65.00
C MET D 87 12.51 -66.55 -65.00
N ASP D 88 12.15 -67.28 -63.95
CA ASP D 88 12.62 -68.62 -63.68
C ASP D 88 11.45 -69.54 -63.39
N PRO D 89 11.63 -70.86 -63.51
CA PRO D 89 10.56 -71.78 -63.12
C PRO D 89 10.13 -71.62 -61.68
N VAL D 90 11.05 -71.26 -60.78
CA VAL D 90 10.67 -70.95 -59.40
C VAL D 90 9.81 -69.70 -59.36
N ASP D 91 10.04 -68.76 -60.29
CA ASP D 91 9.28 -67.52 -60.31
C ASP D 91 7.82 -67.71 -60.71
N THR D 92 7.48 -68.88 -61.27
CA THR D 92 6.09 -69.16 -61.61
C THR D 92 5.20 -69.04 -60.39
N ALA D 93 4.10 -68.30 -60.51
CA ALA D 93 3.34 -67.92 -59.33
C ALA D 93 1.98 -67.35 -59.74
N THR D 94 1.10 -67.23 -58.76
CA THR D 94 -0.15 -66.50 -58.92
C THR D 94 0.09 -65.04 -58.53
N TYR D 95 -0.32 -64.13 -59.41
CA TYR D 95 -0.04 -62.71 -59.23
C TYR D 95 -1.32 -61.94 -58.92
N TYR D 96 -1.18 -60.98 -58.00
CA TYR D 96 -2.27 -60.16 -57.49
C TYR D 96 -1.84 -58.70 -57.56
N CYS D 97 -2.80 -57.83 -57.85
CA CYS D 97 -2.60 -56.38 -57.74
C CYS D 97 -3.55 -55.86 -56.67
N ALA D 98 -3.04 -54.98 -55.81
CA ALA D 98 -3.71 -54.67 -54.56
C ALA D 98 -3.59 -53.20 -54.19
N ARG D 99 -4.69 -52.62 -53.69
CA ARG D 99 -4.64 -51.30 -53.11
C ARG D 99 -3.84 -51.31 -51.82
N HIS D 100 -3.13 -50.22 -51.56
CA HIS D 100 -2.24 -50.11 -50.40
C HIS D 100 -2.50 -48.80 -49.66
N LEU D 101 -2.67 -48.89 -48.35
CA LEU D 101 -2.79 -47.75 -47.47
C LEU D 101 -1.82 -47.90 -46.31
N ILE D 102 -1.62 -46.81 -45.58
CA ILE D 102 -0.67 -46.79 -44.47
C ILE D 102 -1.25 -47.50 -43.24
N PRO D 103 -2.45 -47.11 -42.73
CA PRO D 103 -2.97 -47.81 -41.55
C PRO D 103 -3.31 -49.27 -41.83
N THR D 104 -4.10 -49.51 -42.88
CA THR D 104 -4.37 -50.86 -43.37
C THR D 104 -3.40 -51.13 -44.51
N ILE D 105 -2.46 -52.05 -44.28
CA ILE D 105 -1.39 -52.30 -45.24
C ILE D 105 -1.98 -52.62 -46.62
N PHE D 106 -2.76 -53.68 -46.70
CA PHE D 106 -3.40 -54.09 -47.93
C PHE D 106 -4.86 -54.44 -47.61
N ASP D 107 -5.79 -53.89 -48.38
CA ASP D 107 -7.21 -54.04 -48.08
C ASP D 107 -7.94 -54.93 -49.08
N TYR D 108 -7.88 -54.59 -50.37
CA TYR D 108 -8.65 -55.28 -51.40
C TYR D 108 -7.68 -55.87 -52.41
N TRP D 109 -7.82 -57.16 -52.70
CA TRP D 109 -6.92 -57.84 -53.62
C TRP D 109 -7.67 -58.26 -54.88
N GLY D 110 -6.99 -58.13 -56.03
CA GLY D 110 -7.54 -58.64 -57.26
C GLY D 110 -7.52 -60.16 -57.30
N GLN D 111 -8.29 -60.72 -58.24
CA GLN D 111 -8.45 -62.17 -58.28
C GLN D 111 -7.13 -62.86 -58.67
N GLY D 112 -6.33 -62.21 -59.49
CA GLY D 112 -5.01 -62.72 -59.82
C GLY D 112 -4.98 -63.57 -61.08
N THR D 113 -3.77 -63.79 -61.58
CA THR D 113 -3.56 -64.66 -62.74
C THR D 113 -2.39 -65.58 -62.48
N LEU D 114 -2.50 -66.82 -62.98
CA LEU D 114 -1.40 -67.77 -62.91
C LEU D 114 -0.33 -67.46 -63.96
N VAL D 115 0.93 -67.64 -63.58
CA VAL D 115 2.05 -67.48 -64.49
C VAL D 115 2.94 -68.71 -64.38
N THR D 116 3.22 -69.33 -65.51
CA THR D 116 4.07 -70.51 -65.60
C THR D 116 5.07 -70.33 -66.72
N VAL D 117 6.21 -71.02 -66.60
CA VAL D 117 7.31 -70.91 -67.54
C VAL D 117 7.49 -72.26 -68.24
N SER D 118 7.44 -72.25 -69.57
CA SER D 118 7.67 -73.43 -70.39
C SER D 118 7.86 -72.96 -71.83
N SER D 119 8.00 -73.93 -72.73
CA SER D 119 8.18 -73.62 -74.14
C SER D 119 6.86 -73.75 -74.90
N SER E 1 12.34 -65.66 -46.20
CA SER E 1 13.01 -64.57 -45.50
C SER E 1 13.36 -64.98 -44.07
N ALA E 2 13.38 -64.00 -43.16
CA ALA E 2 13.67 -64.24 -41.76
C ALA E 2 12.41 -64.29 -40.91
N LEU E 3 11.24 -64.36 -41.52
CA LEU E 3 9.97 -64.41 -40.81
C LEU E 3 9.33 -65.78 -40.99
N THR E 4 8.72 -66.29 -39.93
CA THR E 4 8.16 -67.63 -39.92
C THR E 4 6.71 -67.57 -39.44
N GLN E 5 6.01 -68.70 -39.61
CA GLN E 5 4.65 -68.88 -39.11
C GLN E 5 4.29 -70.35 -39.12
N PRO E 6 3.79 -70.91 -38.02
CA PRO E 6 3.29 -72.29 -38.05
C PRO E 6 2.15 -72.42 -39.06
N ALA E 7 2.13 -73.56 -39.76
CA ALA E 7 1.22 -73.73 -40.89
C ALA E 7 -0.12 -74.32 -40.47
N SER E 8 -0.11 -75.37 -39.65
CA SER E 8 -1.32 -76.13 -39.35
C SER E 8 -1.71 -75.98 -37.90
N VAL E 9 -3.01 -75.78 -37.66
CA VAL E 9 -3.59 -75.75 -36.34
C VAL E 9 -4.92 -76.51 -36.39
N SER E 10 -5.24 -77.20 -35.31
CA SER E 10 -6.41 -78.07 -35.26
C SER E 10 -7.22 -77.78 -34.01
N GLY E 11 -8.51 -78.08 -34.07
CA GLY E 11 -9.41 -77.90 -32.94
C GLY E 11 -10.73 -78.61 -33.13
N SER E 12 -11.78 -78.12 -32.47
CA SER E 12 -13.10 -78.69 -32.56
C SER E 12 -14.13 -77.60 -32.82
N PRO E 13 -15.19 -77.91 -33.58
CA PRO E 13 -16.21 -76.88 -33.85
C PRO E 13 -16.96 -76.49 -32.59
N GLY E 14 -17.32 -75.22 -32.52
CA GLY E 14 -18.03 -74.68 -31.39
C GLY E 14 -17.17 -74.16 -30.27
N GLN E 15 -15.88 -74.52 -30.25
CA GLN E 15 -14.95 -74.06 -29.23
C GLN E 15 -14.06 -72.97 -29.81
N SER E 16 -13.05 -72.56 -29.03
CA SER E 16 -12.11 -71.54 -29.45
C SER E 16 -10.73 -72.15 -29.66
N ILE E 17 -10.03 -71.66 -30.68
CA ILE E 17 -8.70 -72.15 -31.01
C ILE E 17 -7.88 -70.98 -31.54
N THR E 18 -6.56 -71.06 -31.35
CA THR E 18 -5.70 -69.93 -31.68
C THR E 18 -4.47 -70.43 -32.45
N ILE E 19 -3.91 -69.50 -33.23
CA ILE E 19 -2.67 -69.70 -33.97
C ILE E 19 -1.83 -68.44 -33.77
N SER E 20 -0.55 -68.53 -34.10
CA SER E 20 0.35 -67.39 -33.92
C SER E 20 1.29 -67.28 -35.12
N CYS E 21 1.74 -66.05 -35.37
CA CYS E 21 2.81 -65.77 -36.31
C CYS E 21 3.97 -65.14 -35.52
N THR E 22 5.18 -65.64 -35.74
CA THR E 22 6.34 -65.24 -34.95
C THR E 22 7.49 -64.85 -35.86
N GLY E 23 8.32 -63.94 -35.37
CA GLY E 23 9.50 -63.50 -36.10
C GLY E 23 10.55 -62.97 -35.16
N THR E 24 11.25 -61.92 -35.60
CA THR E 24 12.27 -61.25 -34.81
C THR E 24 11.82 -59.84 -34.51
N SER E 25 12.02 -59.39 -33.27
CA SER E 25 11.54 -58.08 -32.84
C SER E 25 12.27 -56.96 -33.58
N SER E 26 13.56 -57.16 -33.88
CA SER E 26 14.34 -56.10 -34.50
C SER E 26 13.81 -55.73 -35.89
N ASP E 27 13.48 -56.74 -36.69
CA ASP E 27 13.03 -56.47 -38.06
C ASP E 27 11.66 -55.81 -38.07
N VAL E 28 10.72 -56.32 -37.27
CA VAL E 28 9.39 -55.73 -37.24
C VAL E 28 9.43 -54.34 -36.62
N GLY E 29 10.33 -54.12 -35.67
CA GLY E 29 10.47 -52.83 -35.04
C GLY E 29 9.54 -52.64 -33.86
N GLY E 30 9.68 -51.46 -33.23
CA GLY E 30 8.83 -51.14 -32.10
C GLY E 30 7.36 -51.02 -32.47
N SER E 31 7.09 -50.40 -33.62
CA SER E 31 5.73 -50.22 -34.10
C SER E 31 5.30 -51.51 -34.81
N ASN E 32 4.14 -52.04 -34.42
CA ASN E 32 3.77 -53.39 -34.83
C ASN E 32 3.08 -53.40 -36.19
N TYR E 33 1.91 -52.78 -36.28
CA TYR E 33 1.03 -52.88 -37.45
C TYR E 33 0.73 -54.34 -37.78
N VAL E 34 0.28 -55.09 -36.77
CA VAL E 34 -0.06 -56.50 -37.00
C VAL E 34 -1.32 -56.57 -37.84
N SER E 35 -1.30 -57.47 -38.83
CA SER E 35 -2.42 -57.64 -39.74
C SER E 35 -2.59 -59.12 -40.06
N TRP E 36 -3.85 -59.51 -40.30
CA TRP E 36 -4.19 -60.91 -40.55
C TRP E 36 -5.24 -60.98 -41.65
N TYR E 37 -5.03 -61.89 -42.59
CA TYR E 37 -5.92 -62.11 -43.71
C TYR E 37 -6.38 -63.56 -43.72
N GLN E 38 -7.55 -63.80 -44.31
CA GLN E 38 -8.07 -65.14 -44.48
C GLN E 38 -8.16 -65.46 -45.97
N HIS E 39 -8.05 -66.74 -46.30
CA HIS E 39 -8.10 -67.17 -47.70
C HIS E 39 -8.68 -68.57 -47.74
N HIS E 40 -9.95 -68.67 -48.10
CA HIS E 40 -10.51 -69.92 -48.60
C HIS E 40 -10.14 -70.08 -50.07
N PRO E 41 -10.04 -71.31 -50.56
CA PRO E 41 -9.64 -71.51 -51.96
C PRO E 41 -10.64 -70.92 -52.94
N ASP E 42 -10.13 -70.65 -54.14
CA ASP E 42 -10.89 -70.29 -55.34
C ASP E 42 -11.35 -68.84 -55.39
N ARG E 43 -10.87 -67.97 -54.49
CA ARG E 43 -11.05 -66.53 -54.65
C ARG E 43 -10.10 -65.79 -53.72
N ALA E 44 -9.90 -64.51 -54.02
CA ALA E 44 -8.82 -63.74 -53.44
C ALA E 44 -9.03 -63.52 -51.94
N PRO E 45 -7.94 -63.45 -51.18
CA PRO E 45 -8.06 -63.18 -49.74
C PRO E 45 -8.50 -61.76 -49.45
N LYS E 46 -9.07 -61.56 -48.25
CA LYS E 46 -9.46 -60.26 -47.76
C LYS E 46 -8.89 -60.08 -46.35
N LEU E 47 -9.06 -58.88 -45.80
CA LEU E 47 -8.47 -58.52 -44.52
C LEU E 47 -9.45 -58.70 -43.39
N LEU E 48 -8.99 -59.32 -42.31
CA LEU E 48 -9.78 -59.47 -41.09
C LEU E 48 -9.18 -58.77 -39.88
N ILE E 49 -7.86 -58.55 -39.85
CA ILE E 49 -7.22 -57.70 -38.85
C ILE E 49 -6.30 -56.72 -39.55
N TYR E 50 -6.43 -55.43 -39.23
CA TYR E 50 -5.54 -54.40 -39.73
C TYR E 50 -4.75 -53.69 -38.64
N GLU E 51 -5.27 -53.65 -37.42
CA GLU E 51 -4.57 -53.07 -36.27
C GLU E 51 -4.69 -54.00 -35.08
N VAL E 52 -4.04 -53.63 -33.98
CA VAL E 52 -4.00 -54.49 -32.80
C VAL E 52 -5.42 -54.73 -32.28
N THR E 53 -5.85 -55.99 -32.33
CA THR E 53 -7.20 -56.40 -31.95
C THR E 53 -8.24 -55.45 -32.56
N ASN E 54 -8.19 -55.34 -33.89
CA ASN E 54 -9.04 -54.41 -34.61
C ASN E 54 -9.53 -55.07 -35.90
N ARG E 55 -10.79 -54.81 -36.24
CA ARG E 55 -11.43 -55.42 -37.40
C ARG E 55 -12.25 -54.37 -38.14
N PRO E 56 -12.11 -54.25 -39.46
CA PRO E 56 -12.83 -53.20 -40.19
C PRO E 56 -14.31 -53.49 -40.38
N SER E 57 -14.98 -52.67 -41.17
CA SER E 57 -16.40 -52.87 -41.47
C SER E 57 -16.62 -54.23 -42.13
N GLY E 58 -17.81 -54.77 -41.94
CA GLY E 58 -18.08 -56.15 -42.31
C GLY E 58 -17.51 -57.06 -41.24
N VAL E 59 -18.02 -56.94 -40.03
CA VAL E 59 -17.39 -57.52 -38.85
C VAL E 59 -17.81 -58.97 -38.68
N SER E 60 -16.96 -59.73 -37.99
CA SER E 60 -17.25 -61.09 -37.54
C SER E 60 -16.68 -61.17 -36.12
N ASN E 61 -17.56 -60.95 -35.14
CA ASN E 61 -17.12 -60.72 -33.76
C ASN E 61 -16.36 -61.92 -33.18
N ARG E 62 -16.52 -63.11 -33.76
CA ARG E 62 -15.78 -64.27 -33.29
C ARG E 62 -14.27 -64.10 -33.48
N PHE E 63 -13.84 -63.21 -34.36
CA PHE E 63 -12.43 -62.97 -34.57
C PHE E 63 -11.82 -62.26 -33.38
N SER E 64 -10.56 -62.57 -33.08
CA SER E 64 -9.85 -61.79 -32.07
C SER E 64 -8.36 -61.90 -32.31
N GLY E 65 -7.62 -60.89 -31.85
CA GLY E 65 -6.18 -60.88 -31.99
C GLY E 65 -5.51 -60.27 -30.78
N SER E 66 -4.22 -60.56 -30.65
CA SER E 66 -3.43 -60.06 -29.53
C SER E 66 -1.96 -60.08 -29.90
N LYS E 67 -1.27 -58.97 -29.66
CA LYS E 67 0.13 -58.82 -30.05
C LYS E 67 1.01 -59.00 -28.82
N SER E 68 1.76 -60.11 -28.78
CA SER E 68 2.69 -60.38 -27.71
C SER E 68 4.04 -59.74 -28.03
N ALA E 69 5.07 -60.09 -27.27
CA ALA E 69 6.37 -59.44 -27.40
C ALA E 69 6.92 -59.55 -28.82
N ASN E 70 6.99 -60.78 -29.34
CA ASN E 70 7.50 -61.02 -30.68
C ASN E 70 6.54 -61.78 -31.58
N THR E 71 5.30 -61.99 -31.14
CA THR E 71 4.35 -62.80 -31.88
C THR E 71 3.03 -62.05 -32.02
N ALA E 72 2.21 -62.50 -32.95
CA ALA E 72 0.83 -62.04 -33.08
C ALA E 72 -0.09 -63.25 -33.10
N SER E 73 -1.05 -63.28 -32.18
CA SER E 73 -1.92 -64.43 -31.98
C SER E 73 -3.32 -64.10 -32.48
N LEU E 74 -3.88 -65.02 -33.26
CA LEU E 74 -5.24 -64.92 -33.78
C LEU E 74 -6.07 -66.03 -33.15
N THR E 75 -7.21 -65.66 -32.56
CA THR E 75 -8.06 -66.57 -31.82
C THR E 75 -9.47 -66.53 -32.40
N ILE E 76 -10.09 -67.70 -32.50
CA ILE E 76 -11.40 -67.87 -33.10
C ILE E 76 -12.30 -68.58 -32.10
N SER E 77 -13.52 -68.07 -31.95
CA SER E 77 -14.51 -68.63 -31.05
C SER E 77 -15.74 -69.09 -31.83
N GLY E 78 -16.35 -70.18 -31.37
CA GLY E 78 -17.52 -70.72 -32.03
C GLY E 78 -17.26 -71.14 -33.46
N LEU E 79 -16.44 -72.17 -33.64
CA LEU E 79 -16.02 -72.58 -34.97
C LEU E 79 -17.17 -73.20 -35.75
N GLN E 80 -17.17 -72.98 -37.06
CA GLN E 80 -18.11 -73.61 -37.98
C GLN E 80 -17.32 -74.06 -39.21
N ALA E 81 -18.04 -74.41 -40.27
CA ALA E 81 -17.43 -75.01 -41.45
C ALA E 81 -16.53 -74.05 -42.23
N GLU E 82 -16.55 -72.76 -41.92
CA GLU E 82 -15.79 -71.78 -42.68
C GLU E 82 -14.35 -71.65 -42.22
N ASP E 83 -13.93 -72.39 -41.21
CA ASP E 83 -12.57 -72.28 -40.70
C ASP E 83 -11.53 -72.99 -41.57
N GLU E 84 -11.95 -73.93 -42.41
CA GLU E 84 -11.03 -74.75 -43.20
C GLU E 84 -10.45 -73.89 -44.32
N ALA E 85 -9.50 -73.04 -43.96
CA ALA E 85 -8.87 -72.12 -44.91
C ALA E 85 -7.47 -71.81 -44.41
N ASP E 86 -6.75 -70.96 -45.15
CA ASP E 86 -5.40 -70.58 -44.79
C ASP E 86 -5.39 -69.11 -44.37
N TYR E 87 -4.81 -68.82 -43.22
CA TYR E 87 -4.80 -67.49 -42.65
C TYR E 87 -3.38 -66.96 -42.60
N TYR E 88 -3.17 -65.79 -43.18
CA TYR E 88 -1.84 -65.22 -43.37
C TYR E 88 -1.60 -64.09 -42.37
N CYS E 89 -0.43 -64.11 -41.73
CA CYS E 89 0.06 -62.98 -40.95
C CYS E 89 0.75 -61.97 -41.85
N SER E 90 0.82 -60.72 -41.40
CA SER E 90 1.46 -59.67 -42.18
C SER E 90 1.79 -58.50 -41.27
N SER E 91 3.08 -58.18 -41.14
CA SER E 91 3.53 -57.07 -40.31
C SER E 91 4.58 -56.25 -41.05
N TYR E 92 4.58 -54.94 -40.79
CA TYR E 92 5.61 -54.07 -41.35
C TYR E 92 6.99 -54.44 -40.80
N THR E 93 8.00 -54.30 -41.64
CA THR E 93 9.39 -54.54 -41.27
C THR E 93 10.23 -53.31 -41.59
N THR E 94 11.48 -53.32 -41.12
CA THR E 94 12.34 -52.15 -41.20
C THR E 94 13.22 -52.15 -42.45
N THR E 95 14.06 -53.18 -42.60
CA THR E 95 15.01 -53.21 -43.70
C THR E 95 14.32 -53.33 -45.05
N SER E 96 13.15 -53.95 -45.09
CA SER E 96 12.36 -54.08 -46.31
C SER E 96 10.88 -54.06 -45.95
N THR E 97 10.06 -53.82 -46.96
CA THR E 97 8.61 -53.80 -46.77
C THR E 97 8.00 -55.19 -47.01
N HIS E 98 8.55 -56.19 -46.32
CA HIS E 98 8.25 -57.58 -46.57
C HIS E 98 7.41 -58.15 -45.43
N ILE E 99 6.66 -59.21 -45.76
CA ILE E 99 5.91 -59.97 -44.75
C ILE E 99 6.33 -61.43 -44.86
N LEU E 100 6.17 -62.01 -46.05
CA LEU E 100 6.70 -63.33 -46.38
C LEU E 100 6.33 -64.40 -45.36
N PHE E 101 5.06 -64.39 -44.92
CA PHE E 101 4.58 -65.41 -43.98
C PHE E 101 3.91 -66.54 -44.74
N GLY E 102 4.17 -67.77 -44.27
CA GLY E 102 3.61 -68.94 -44.93
C GLY E 102 2.10 -69.01 -44.86
N GLY E 103 1.52 -68.54 -43.78
CA GLY E 103 0.09 -68.63 -43.58
C GLY E 103 -0.30 -69.82 -42.73
N GLY E 104 -1.46 -69.72 -42.09
CA GLY E 104 -1.91 -70.78 -41.20
C GLY E 104 -3.18 -71.47 -41.64
N THR E 105 -3.06 -72.73 -42.03
CA THR E 105 -4.24 -73.53 -42.34
C THR E 105 -4.87 -74.05 -41.06
N LYS E 106 -6.19 -74.27 -41.10
CA LYS E 106 -6.95 -74.67 -39.93
C LYS E 106 -7.59 -76.03 -40.15
N LEU E 107 -7.67 -76.79 -39.08
CA LEU E 107 -8.28 -78.12 -39.09
C LEU E 107 -9.38 -78.18 -38.03
N THR E 108 -10.41 -78.97 -38.32
CA THR E 108 -11.52 -79.13 -37.38
C THR E 108 -12.24 -80.43 -37.72
N VAL E 109 -13.01 -80.91 -36.74
CA VAL E 109 -13.78 -82.15 -36.91
C VAL E 109 -14.90 -82.21 -35.88
#